data_6F5P
#
_entry.id   6F5P
#
_cell.length_a   185.700
_cell.length_b   185.700
_cell.length_c   597.590
_cell.angle_alpha   90.00
_cell.angle_beta   90.00
_cell.angle_gamma   90.00
#
_symmetry.space_group_name_H-M   'P 43 21 2'
#
loop_
_entity.id
_entity.type
_entity.pdbx_description
1 polymer 'Polymerase acidic protein'
2 polymer 'RNA-directed RNA polymerase catalytic subunit'
3 polymer 'Polymerase basic protein 2'
4 polymer 'DNA-directed RNA polymerase subunit'
5 polymer ALA-ALA-ALA-ALA-ALA-ALA-ALA-ALA-ALA-ALA
6 non-polymer 'MAGNESIUM ION'
#
loop_
_entity_poly.entity_id
_entity_poly.type
_entity_poly.pdbx_seq_one_letter_code
_entity_poly.pdbx_strand_id
1 'polypeptide(L)'
;MSKTFAEIAEAFLEPEAVRIAKEAVEEYGDHERKIIQIGIHFQVCCMFCDEYLSTNGSDRFVLIEGRKRGTAVSLQNELC
KSYDLEPLPFLCDIFDREEKQFVEIGITRKADDSYFQSKFGKLGNSCKIFVFSYDGRLDKNCEGPMEEQKLRIFSFLATA
ADFLRKENMFNEIFLPDNEETIIEMKKGKTFLELRDESVPLPFQTYEQMKDYCEKFKGNPRELASKVSQMQSNIKLPIKH
YEQNKFRQIRLPKGPMAPYTHKFLMEEAWMFTKISDPERSRAGEILIDFFKKGNLSAIRPKDKPLQGKYPIHYKNLWNQI
KAAIADRTMVINENDHSEFLGGIGRASKKIPEISLTQDVITTEGLKQSENKLPEPRSFPRWFNAEWMWAIKDSDLTGWVP
MAEYPPADNELEDYAEHLNKTMEGVLQGTNCAREMGKCILTVGALMTECRLFPGKIKVVPIYARSKERKSMQEGLPVPSE
MDCLFGICVKSKSHLNKDDGMYTIITFEFSIREPNLEKHQKYTVFEAGHTTVRMKKGESVIGREVPLYLYCRTTALSKIK
NDWLSKARRCFITTMDTVETICLRESAKAEENLVEKTLNEKQMWIGKKNGELIAQPLREALRVQLVQQFYFCIYNDSQLE
GFCNEQKKILMALEGDKKNKSSFGFNPEGLLEKIEECLINNPMCLFMAQRLNELVIEASKRGAKFFKTD
;
A,D
2 'polypeptide(L)'
;MEINPYLMFLNNDVTSLISTTYPYTGPPPMSHGSSTKYTLETIKRTYDYSRTSVEKTSKVFNIPRRKFCNCLEDKDELVK
PTGNVDISSLLGLAEMMEKRMGEGFFKHCVMEAETEILKMHFSRLTEGRQTYDWTSERNMPAATALQLTVDAIKETEGPF
KGTTMLEYCNKMIEMLDWKEIKFKKVKTVVRREKDKRSGKEIKTKVPVMGIDSIKHDEFLIRALTINTMAKDGERGKLQR
RAIATPGMIVRPFSKIVETVAQKICEKLKESGLPVGGNEKKAKLKTTVTSLNARMNSDQFAVNITGDNSKWNECQQPEAY
LALLAYITKDSSDLMKDLCSVAPVLFCNKFVKLGQGIRLSNKRKTKEVIIKAEKMGKYKNLMREEYKNLFEPLEKYIQKD
VCFLPGGMLMGMFNMLSTVLGVSTLCYMDEELKAKGCFWTGLQSSDDFVLFAVASNWSNIHWTIRRFNAVCKLIGINMSL
EKSYGSLPELFEFTSMFFDGEFVSNLAMELPAFTTAGVNEGVDFTAAMSIIKTNMINNSLSPSTALMALRICLQEFRATY
RVHPWDSRVKGGRMKIINEFIKTIENKDGLLIADGGKLMNNISTLHIPEEVLKFEKMDEQYRNRVFNPKNPFTNFDKTID
IFRAHGPIRVEENEAVVSTHSFRTRANRTLLNTDMRAMMAEEKRYQMVCDMFKSVFESADINPPIGAMSIGEAIEEKLLE
RAKMKRDIGAIEDSEYEEIKDIIRDAKKARLESR
;
B,C
3 'polypeptide(L)'
;MSLLLTIAKEYKRLCQDAKAAQMMTVGTVSNYTTFKKWTTSRKEKNPSLRMRWAMSSKFPIIANKRMLEEAQIPKEHNNV
ALWEDTEDVSKRDHVLASASCINYWNFCGPCVNNSEVIKEVYKSRFGRLERRKEIMWKELRFTLVDRQRRRVDTQPVEQR
LRTGEIKDLQMWTLFEDEAPLASKFILDNYGLVKEMRSKFANKPLNKEVVAHMLEKQFNPESRFLPVFGAIRPERMELIH
ALGGETWIQEANTAGISNVDQRKNDIRAVCRKVCLAANASIMNAKSKLVEYIKSTSMRIGETERKLEELILETDDVSPEV
TLCKSALGGQLGKTLSFGPMLLKKISGSGVKVKDTVYIQGVRAVQFEYWSEQEEFYGEYKSATALFSRKERSLEWITIGG
GINEDRKRLLAMCMIFCRDGDYFKDAPATITMADLSTKLGREIPYQYVMMNWIQKSEDNLEALLYSRGIVETNPGKMGSS
MGIDGSKRAIKSLRAVTIQSGKIDMPESKEKIHLELSDNLEAFDSSGRIVATILDLPSDKKVTFQDVSFQHPDLAVLRDE
KTAITKGYEALIKRLGTGDNDIPSLIAKKDYLSLYNLPEVKLMAPLIRPNRKGVYSRVARKLVSTQVTTGHYSLHELIKV
LPFTYFAPKQGMFEGRLFFSNDSFVEPGVNNNVFSWSKADSSKIYCHGIAIRVPLVVGDEHMDTSLALLEGFSVCENDPR
APMVTRQDLIDVGFGQKVRLFVGQGSVRTFKRTASQRAASSDVNKNVKKIKMSN
;
E,F
4 'polypeptide(L)' YSPT(SEP)PSYSPT(SEP)PSYSPT(SEP)PSYSPT(SEP)PS G
5 'polypeptide(L)' AAAAAAAAAA H
#
loop_
_chem_comp.id
_chem_comp.type
_chem_comp.name
_chem_comp.formula
MG non-polymer 'MAGNESIUM ION' 'Mg 2'
#
# COMPACT_ATOMS: atom_id res chain seq x y z
N MET A 1 50.62 12.78 19.27
CA MET A 1 50.53 14.21 19.00
C MET A 1 51.32 15.02 20.02
N SER A 2 51.82 16.18 19.58
CA SER A 2 52.61 17.07 20.43
C SER A 2 51.76 18.28 20.80
N LYS A 3 51.65 18.55 22.10
CA LYS A 3 50.77 19.60 22.60
C LYS A 3 51.43 20.97 22.75
N THR A 4 52.76 21.06 22.69
CA THR A 4 53.45 22.32 22.95
C THR A 4 54.64 22.48 22.01
N PHE A 5 55.13 23.72 21.93
CA PHE A 5 56.24 24.02 21.04
C PHE A 5 57.55 23.47 21.57
N ALA A 6 57.77 23.58 22.88
CA ALA A 6 58.98 23.00 23.48
C ALA A 6 59.07 21.50 23.22
N GLU A 7 57.91 20.83 23.18
CA GLU A 7 57.89 19.41 22.85
C GLU A 7 58.40 19.18 21.42
N ILE A 8 57.88 19.95 20.46
CA ILE A 8 58.29 19.79 19.07
C ILE A 8 59.77 20.06 18.92
N ALA A 9 60.25 21.17 19.49
CA ALA A 9 61.65 21.55 19.35
C ALA A 9 62.55 20.50 19.99
N GLU A 10 62.35 20.22 21.28
CA GLU A 10 63.22 19.27 21.98
C GLU A 10 63.11 17.87 21.42
N ALA A 11 62.05 17.57 20.66
CA ALA A 11 61.92 16.23 20.08
C ALA A 11 63.00 15.97 19.03
N PHE A 12 63.06 16.80 18.00
CA PHE A 12 64.03 16.60 16.92
C PHE A 12 65.35 17.34 17.12
N LEU A 13 65.42 18.28 18.04
CA LEU A 13 66.58 19.14 18.20
C LEU A 13 67.37 18.74 19.44
N GLU A 14 68.47 19.45 19.69
CA GLU A 14 69.25 19.16 20.87
C GLU A 14 68.65 19.86 22.09
N PRO A 15 68.61 19.20 23.24
CA PRO A 15 67.85 19.76 24.38
C PRO A 15 68.34 21.11 24.85
N GLU A 16 69.66 21.29 24.99
CA GLU A 16 70.18 22.57 25.45
C GLU A 16 70.12 23.62 24.36
N ALA A 17 70.21 23.21 23.09
CA ALA A 17 70.11 24.16 21.98
C ALA A 17 68.74 24.84 21.93
N VAL A 18 67.71 24.20 22.46
CA VAL A 18 66.38 24.81 22.48
C VAL A 18 66.32 25.93 23.51
N ARG A 19 67.05 25.78 24.62
CA ARG A 19 66.97 26.77 25.70
C ARG A 19 67.40 28.16 25.22
N ILE A 20 68.39 28.22 24.33
CA ILE A 20 68.80 29.51 23.77
C ILE A 20 67.67 30.09 22.91
N ALA A 21 66.98 29.23 22.16
CA ALA A 21 65.84 29.71 21.39
C ALA A 21 64.76 30.27 22.32
N LYS A 22 64.43 29.55 23.39
CA LYS A 22 63.42 30.04 24.32
C LYS A 22 63.83 31.39 24.93
N GLU A 23 65.08 31.49 25.40
CA GLU A 23 65.52 32.70 26.09
C GLU A 23 65.56 33.90 25.15
N ALA A 24 66.21 33.74 24.00
CA ALA A 24 66.27 34.84 23.04
C ALA A 24 64.88 35.21 22.55
N VAL A 25 64.01 34.22 22.37
CA VAL A 25 62.63 34.43 21.99
C VAL A 25 61.79 35.10 23.08
N GLU A 26 62.24 35.09 24.33
CA GLU A 26 61.42 35.68 25.38
C GLU A 26 61.41 37.21 25.31
N GLU A 27 62.55 37.82 25.01
CA GLU A 27 62.75 39.25 25.25
C GLU A 27 62.94 40.05 23.98
N TYR A 28 63.97 39.76 23.19
CA TYR A 28 64.30 40.59 22.04
C TYR A 28 63.14 40.66 21.05
N GLY A 29 62.64 39.50 20.61
CA GLY A 29 61.34 39.41 19.95
C GLY A 29 60.32 38.62 20.75
N ASP A 30 59.03 38.76 20.43
CA ASP A 30 57.93 38.14 21.17
C ASP A 30 57.11 37.05 20.45
N HIS A 31 57.69 36.14 19.68
CA HIS A 31 56.90 35.10 19.01
C HIS A 31 57.10 33.71 19.61
N GLU A 32 56.00 32.97 19.82
CA GLU A 32 56.08 31.69 20.53
C GLU A 32 56.62 30.55 19.68
N ARG A 33 56.15 30.41 18.44
CA ARG A 33 56.51 29.25 17.62
C ARG A 33 57.89 29.38 17.00
N LYS A 34 58.31 30.61 16.66
CA LYS A 34 59.50 30.81 15.86
C LYS A 34 60.76 30.28 16.51
N ILE A 35 60.72 29.87 17.78
CA ILE A 35 61.88 29.21 18.36
C ILE A 35 62.40 28.15 17.40
N ILE A 36 61.48 27.35 16.84
CA ILE A 36 61.89 26.24 15.98
C ILE A 36 62.74 26.75 14.84
N GLN A 37 62.31 27.86 14.21
CA GLN A 37 63.10 28.44 13.13
C GLN A 37 64.53 28.69 13.58
N ILE A 38 64.70 29.49 14.64
CA ILE A 38 66.07 29.77 15.06
C ILE A 38 66.67 28.52 15.68
N GLY A 39 65.81 27.62 16.21
CA GLY A 39 66.31 26.35 16.68
C GLY A 39 67.07 25.60 15.62
N ILE A 40 66.66 25.74 14.35
CA ILE A 40 67.50 25.27 13.26
C ILE A 40 68.74 26.14 13.15
N HIS A 41 68.55 27.44 12.89
CA HIS A 41 69.65 28.32 12.53
C HIS A 41 70.75 28.30 13.58
N PHE A 42 70.37 28.51 14.83
CA PHE A 42 71.34 28.49 15.92
C PHE A 42 72.19 27.23 15.87
N GLN A 43 71.54 26.06 15.83
CA GLN A 43 72.32 24.83 15.84
C GLN A 43 73.15 24.70 14.57
N VAL A 44 72.61 25.17 13.45
CA VAL A 44 73.33 25.20 12.18
C VAL A 44 74.68 25.87 12.35
N CYS A 45 74.76 26.87 13.23
CA CYS A 45 76.03 27.56 13.43
C CYS A 45 76.99 26.74 14.27
N CYS A 46 76.48 26.07 15.32
CA CYS A 46 77.36 25.48 16.33
C CYS A 46 78.21 24.37 15.73
N MET A 47 77.58 23.39 15.07
CA MET A 47 78.32 22.35 14.40
C MET A 47 79.32 22.93 13.40
N PHE A 48 78.98 24.09 12.83
CA PHE A 48 79.89 24.77 11.91
C PHE A 48 81.20 25.10 12.62
N CYS A 49 81.10 25.67 13.82
CA CYS A 49 82.23 26.34 14.44
C CYS A 49 83.23 25.37 15.09
N ASP A 50 82.72 24.35 15.80
CA ASP A 50 83.52 23.72 16.84
C ASP A 50 84.67 22.87 16.31
N GLU A 51 84.37 21.79 15.59
CA GLU A 51 85.39 20.75 15.53
C GLU A 51 86.71 21.22 14.93
N TYR A 52 86.76 22.45 14.42
CA TYR A 52 87.94 23.00 13.76
C TYR A 52 88.60 24.04 14.66
N LEU A 53 89.91 23.86 14.89
CA LEU A 53 90.75 24.75 15.69
C LEU A 53 91.99 25.04 14.86
N SER A 54 92.45 26.29 14.83
CA SER A 54 93.51 26.65 13.90
C SER A 54 94.83 26.65 14.67
N THR A 55 95.52 25.50 14.61
CA THR A 55 96.92 25.27 15.00
C THR A 55 97.29 26.04 16.27
N ASN A 56 96.33 26.22 17.17
CA ASN A 56 96.56 27.04 18.36
C ASN A 56 95.51 26.69 19.41
N GLY A 57 95.80 27.09 20.64
CA GLY A 57 94.80 26.93 21.70
C GLY A 57 93.49 27.60 21.37
N SER A 58 93.54 28.76 20.71
CA SER A 58 92.34 29.47 20.33
C SER A 58 91.61 28.75 19.20
N ASP A 59 90.28 28.84 19.23
CA ASP A 59 89.44 28.18 18.25
C ASP A 59 89.42 28.95 16.93
N ARG A 60 89.04 28.23 15.88
CA ARG A 60 88.98 28.78 14.53
C ARG A 60 87.94 29.89 14.43
N PHE A 61 86.74 29.64 14.95
CA PHE A 61 85.61 30.55 14.82
C PHE A 61 85.12 30.97 16.19
N VAL A 62 84.37 32.09 16.22
CA VAL A 62 83.73 32.59 17.43
C VAL A 62 82.28 32.95 17.09
N LEU A 63 81.37 32.65 18.01
CA LEU A 63 79.92 32.70 17.76
C LEU A 63 79.33 33.91 18.46
N ILE A 64 78.82 34.86 17.68
CA ILE A 64 78.15 36.03 18.23
C ILE A 64 76.63 35.94 18.22
N GLU A 65 76.06 34.89 17.60
CA GLU A 65 74.60 34.86 17.40
C GLU A 65 73.85 34.48 18.67
N GLY A 66 74.25 33.38 19.31
CA GLY A 66 73.51 32.88 20.45
C GLY A 66 73.62 33.71 21.71
N ARG A 67 74.54 34.68 21.72
CA ARG A 67 74.80 35.48 22.91
C ARG A 67 73.73 36.56 23.06
N LYS A 68 73.88 37.38 24.08
CA LYS A 68 72.95 38.46 24.34
C LYS A 68 73.27 39.64 23.42
N ARG A 69 72.24 40.42 23.10
CA ARG A 69 72.34 41.51 22.13
C ARG A 69 73.41 42.54 22.52
N GLY A 70 73.20 43.23 23.64
CA GLY A 70 74.13 44.26 24.07
C GLY A 70 75.54 43.75 24.24
N THR A 71 75.70 42.49 24.67
CA THR A 71 77.03 41.91 24.75
C THR A 71 77.59 41.60 23.37
N ALA A 72 76.73 41.15 22.45
CA ALA A 72 77.16 40.84 21.10
C ALA A 72 77.65 42.09 20.38
N VAL A 73 77.12 43.26 20.72
CA VAL A 73 77.58 44.51 20.09
C VAL A 73 79.05 44.75 20.42
N SER A 74 79.37 44.79 21.73
CA SER A 74 80.76 45.04 22.14
C SER A 74 81.69 43.92 21.66
N LEU A 75 81.23 42.67 21.75
CA LEU A 75 82.04 41.57 21.26
C LEU A 75 82.25 41.65 19.75
N GLN A 76 81.37 42.34 19.03
CA GLN A 76 81.61 42.62 17.62
C GLN A 76 82.55 43.80 17.43
N ASN A 77 82.65 44.71 18.41
CA ASN A 77 83.66 45.77 18.35
C ASN A 77 85.06 45.23 18.64
N GLU A 78 85.15 44.13 19.39
CA GLU A 78 86.42 43.44 19.56
C GLU A 78 87.09 43.17 18.22
N LEU A 79 86.29 42.81 17.21
CA LEU A 79 86.87 42.52 15.89
C LEU A 79 87.46 43.76 15.25
N CYS A 80 86.85 44.93 15.50
CA CYS A 80 87.48 46.18 15.05
C CYS A 80 88.81 46.41 15.76
N LYS A 81 88.94 45.95 17.01
CA LYS A 81 90.25 46.02 17.63
C LYS A 81 91.24 45.06 16.99
N SER A 82 90.87 43.78 16.86
CA SER A 82 91.83 42.77 16.43
C SER A 82 92.23 42.95 14.96
N TYR A 83 91.27 42.87 14.04
CA TYR A 83 91.57 42.85 12.62
C TYR A 83 91.36 44.19 11.92
N ASP A 84 90.86 45.20 12.63
CA ASP A 84 90.72 46.57 12.12
C ASP A 84 89.84 46.65 10.86
N LEU A 85 88.94 45.70 10.66
CA LEU A 85 88.03 45.73 9.53
C LEU A 85 86.88 46.70 9.80
N GLU A 86 86.24 47.13 8.71
CA GLU A 86 85.11 48.06 8.80
C GLU A 86 84.06 47.56 9.78
N PRO A 87 83.57 48.43 10.68
CA PRO A 87 82.53 48.01 11.64
C PRO A 87 81.15 47.89 11.02
N LEU A 88 80.84 46.74 10.42
CA LEU A 88 79.58 46.56 9.72
C LEU A 88 78.39 46.86 10.63
N PRO A 89 77.35 47.53 10.12
CA PRO A 89 76.18 47.82 10.98
C PRO A 89 75.39 46.58 11.34
N PHE A 90 75.27 45.63 10.41
CA PHE A 90 74.49 44.42 10.67
C PHE A 90 75.31 43.43 11.48
N LEU A 91 74.72 42.92 12.55
CA LEU A 91 75.41 41.96 13.42
C LEU A 91 75.37 40.57 12.79
N CYS A 92 76.55 40.01 12.51
CA CYS A 92 76.63 38.71 11.87
C CYS A 92 76.69 37.59 12.91
N ASP A 93 76.68 36.35 12.41
CA ASP A 93 76.62 35.20 13.31
C ASP A 93 77.99 34.83 13.87
N ILE A 94 79.00 34.72 13.00
CA ILE A 94 80.24 34.03 13.33
C ILE A 94 81.42 34.81 12.73
N PHE A 95 82.55 34.78 13.44
CA PHE A 95 83.78 35.41 12.98
C PHE A 95 84.91 34.38 12.90
N ASP A 96 85.56 34.32 11.75
CA ASP A 96 86.64 33.38 11.47
C ASP A 96 87.98 34.02 11.77
N ARG A 97 88.85 33.31 12.48
CA ARG A 97 90.20 33.79 12.74
C ARG A 97 91.23 33.29 11.73
N GLU A 98 90.93 32.24 10.94
CA GLU A 98 91.79 31.87 9.82
C GLU A 98 91.59 32.82 8.65
N GLU A 99 90.34 32.97 8.23
CA GLU A 99 89.99 33.82 7.10
C GLU A 99 89.84 35.28 7.49
N LYS A 100 89.70 35.56 8.80
CA LYS A 100 89.68 36.93 9.32
C LYS A 100 88.56 37.76 8.69
N GLN A 101 87.42 37.14 8.45
CA GLN A 101 86.33 37.81 7.75
C GLN A 101 84.99 37.50 8.41
N PHE A 102 83.98 38.27 8.00
CA PHE A 102 82.62 38.12 8.52
C PHE A 102 81.95 36.91 7.90
N VAL A 103 81.21 36.17 8.74
CA VAL A 103 80.49 34.97 8.30
C VAL A 103 79.07 35.03 8.82
N GLU A 104 78.10 34.81 7.93
CA GLU A 104 76.70 34.72 8.31
C GLU A 104 76.04 33.60 7.50
N ILE A 105 75.08 32.92 8.12
CA ILE A 105 74.48 31.72 7.56
C ILE A 105 72.98 31.90 7.50
N GLY A 106 72.40 31.85 6.30
CA GLY A 106 70.97 31.77 6.13
C GLY A 106 70.52 30.35 5.84
N ILE A 107 69.24 30.10 6.08
CA ILE A 107 68.59 28.83 5.76
C ILE A 107 67.22 29.13 5.19
N THR A 108 66.94 28.67 3.96
CA THR A 108 65.69 28.95 3.28
C THR A 108 65.06 27.67 2.76
N ARG A 109 63.73 27.67 2.72
CA ARG A 109 62.99 26.53 2.18
C ARG A 109 62.91 26.58 0.66
N LYS A 110 62.67 27.76 0.08
CA LYS A 110 62.43 27.90 -1.34
C LYS A 110 63.75 27.78 -2.11
N ALA A 111 63.68 27.99 -3.43
CA ALA A 111 64.88 28.05 -4.25
C ALA A 111 65.84 29.09 -3.71
N ASP A 112 67.13 28.76 -3.70
CA ASP A 112 68.12 29.52 -2.93
C ASP A 112 68.22 30.97 -3.40
N ASP A 113 67.99 31.23 -4.69
CA ASP A 113 68.16 32.59 -5.22
C ASP A 113 67.28 33.58 -4.49
N SER A 114 66.02 33.19 -4.20
CA SER A 114 65.05 34.13 -3.64
C SER A 114 65.58 34.77 -2.37
N TYR A 115 66.13 33.97 -1.45
CA TYR A 115 66.66 34.54 -0.22
C TYR A 115 68.07 35.11 -0.40
N PHE A 116 68.92 34.43 -1.20
CA PHE A 116 70.30 34.89 -1.30
C PHE A 116 70.37 36.28 -1.91
N GLN A 117 69.47 36.63 -2.82
CA GLN A 117 69.45 38.00 -3.30
C GLN A 117 69.04 38.97 -2.20
N SER A 118 68.25 38.51 -1.22
CA SER A 118 67.85 39.37 -0.11
C SER A 118 69.03 39.64 0.82
N LYS A 119 69.67 38.58 1.31
CA LYS A 119 70.77 38.78 2.26
C LYS A 119 71.97 39.42 1.57
N PHE A 120 72.28 38.98 0.34
CA PHE A 120 73.31 39.63 -0.46
C PHE A 120 72.97 41.09 -0.72
N GLY A 121 71.69 41.41 -0.87
CA GLY A 121 71.30 42.80 -0.95
C GLY A 121 71.61 43.54 0.35
N LYS A 122 71.43 42.87 1.49
CA LYS A 122 71.71 43.52 2.77
C LYS A 122 73.20 43.81 2.94
N LEU A 123 74.03 42.77 2.96
CA LEU A 123 75.43 42.93 3.35
C LEU A 123 76.43 42.98 2.19
N GLY A 124 76.00 42.76 0.96
CA GLY A 124 76.92 42.78 -0.16
C GLY A 124 78.06 41.77 -0.03
N ASN A 125 79.22 42.13 -0.56
CA ASN A 125 80.42 41.31 -0.49
C ASN A 125 81.21 41.51 0.79
N SER A 126 80.74 42.38 1.68
CA SER A 126 81.51 42.70 2.89
C SER A 126 81.65 41.50 3.82
N CYS A 127 80.82 40.47 3.65
CA CYS A 127 80.83 39.30 4.52
C CYS A 127 80.78 38.03 3.68
N LYS A 128 81.28 36.94 4.25
CA LYS A 128 81.06 35.63 3.65
C LYS A 128 79.66 35.16 4.02
N ILE A 129 78.82 34.96 3.00
CA ILE A 129 77.40 34.69 3.20
C ILE A 129 77.09 33.32 2.60
N PHE A 130 76.66 32.39 3.45
CA PHE A 130 76.38 31.02 3.05
C PHE A 130 74.90 30.74 3.26
N VAL A 131 74.19 30.44 2.17
CA VAL A 131 72.75 30.24 2.20
C VAL A 131 72.47 28.79 1.79
N PHE A 132 71.88 28.02 2.70
CA PHE A 132 71.58 26.62 2.48
C PHE A 132 70.07 26.41 2.34
N SER A 133 69.72 25.45 1.51
CA SER A 133 68.35 24.94 1.42
C SER A 133 68.30 23.56 2.04
N TYR A 134 67.16 23.24 2.65
CA TYR A 134 67.00 21.94 3.28
C TYR A 134 67.10 20.80 2.27
N ASP A 135 66.69 21.05 1.03
CA ASP A 135 66.63 20.00 0.00
C ASP A 135 67.99 19.65 -0.59
N GLY A 136 69.04 20.38 -0.25
CA GLY A 136 70.35 20.17 -0.84
C GLY A 136 70.78 21.24 -1.81
N ARG A 137 69.88 22.16 -2.18
CA ARG A 137 70.28 23.32 -2.96
C ARG A 137 71.29 24.16 -2.18
N LEU A 138 72.21 24.79 -2.90
CA LEU A 138 73.30 25.53 -2.30
C LEU A 138 73.45 26.88 -2.96
N ASP A 139 73.51 27.94 -2.16
CA ASP A 139 73.91 29.26 -2.64
C ASP A 139 74.97 29.81 -1.69
N LYS A 140 75.94 30.52 -2.23
CA LYS A 140 77.11 30.88 -1.45
C LYS A 140 77.71 32.20 -1.94
N ASN A 141 78.57 32.76 -1.11
CA ASN A 141 79.50 33.80 -1.52
C ASN A 141 80.68 33.12 -2.20
N CYS A 142 81.77 33.87 -2.41
CA CYS A 142 82.87 33.41 -3.26
C CYS A 142 83.36 32.02 -2.86
N GLU A 143 83.73 31.83 -1.60
CA GLU A 143 84.33 30.57 -1.16
C GLU A 143 83.42 29.86 -0.17
N GLY A 144 83.37 28.53 -0.29
CA GLY A 144 82.55 27.72 0.58
C GLY A 144 83.32 27.13 1.74
N PRO A 145 82.61 26.69 2.78
CA PRO A 145 83.26 26.06 3.92
C PRO A 145 83.89 24.73 3.53
N MET A 146 84.73 24.22 4.44
CA MET A 146 85.49 23.01 4.17
C MET A 146 84.55 21.82 3.97
N GLU A 147 85.07 20.80 3.28
CA GLU A 147 84.24 19.74 2.71
C GLU A 147 83.52 18.91 3.77
N GLU A 148 84.05 18.82 4.99
CA GLU A 148 83.42 18.01 6.01
C GLU A 148 82.17 18.67 6.58
N GLN A 149 82.29 19.95 6.97
CA GLN A 149 81.16 20.64 7.57
C GLN A 149 80.01 20.80 6.58
N LYS A 150 80.32 20.97 5.29
CA LYS A 150 79.27 20.93 4.26
C LYS A 150 78.43 19.67 4.41
N LEU A 151 79.10 18.53 4.40
CA LEU A 151 78.39 17.24 4.44
C LEU A 151 77.56 17.12 5.70
N ARG A 152 78.15 17.43 6.86
CA ARG A 152 77.41 17.25 8.11
C ARG A 152 76.21 18.19 8.19
N ILE A 153 76.39 19.46 7.88
CA ILE A 153 75.30 20.43 7.99
C ILE A 153 74.19 20.10 6.99
N PHE A 154 74.55 19.61 5.79
CA PHE A 154 73.54 19.26 4.81
C PHE A 154 72.74 18.04 5.25
N SER A 155 73.42 17.02 5.79
CA SER A 155 72.71 15.86 6.31
C SER A 155 71.73 16.28 7.41
N PHE A 156 72.18 17.11 8.35
CA PHE A 156 71.30 17.56 9.41
C PHE A 156 70.09 18.32 8.85
N LEU A 157 70.33 19.28 7.96
CA LEU A 157 69.22 20.05 7.40
C LEU A 157 68.24 19.16 6.65
N ALA A 158 68.73 18.11 6.00
CA ALA A 158 67.84 17.18 5.33
C ALA A 158 66.96 16.42 6.32
N THR A 159 67.57 15.86 7.37
CA THR A 159 66.77 15.12 8.36
C THR A 159 65.74 16.03 9.02
N ALA A 160 66.16 17.23 9.43
CA ALA A 160 65.22 18.17 10.01
C ALA A 160 64.09 18.51 9.05
N ALA A 161 64.42 18.66 7.76
CA ALA A 161 63.39 18.88 6.76
C ALA A 161 62.38 17.74 6.73
N ASP A 162 62.86 16.49 6.81
CA ASP A 162 61.95 15.36 6.81
C ASP A 162 61.06 15.35 8.05
N PHE A 163 61.60 15.75 9.20
CA PHE A 163 60.77 15.85 10.40
C PHE A 163 59.69 16.91 10.23
N LEU A 164 60.06 18.08 9.71
CA LEU A 164 59.07 19.13 9.49
C LEU A 164 57.99 18.66 8.51
N ARG A 165 58.38 17.89 7.48
CA ARG A 165 57.39 17.33 6.56
C ARG A 165 56.46 16.37 7.28
N LYS A 166 57.00 15.55 8.19
CA LYS A 166 56.15 14.63 8.93
C LYS A 166 55.17 15.37 9.84
N GLU A 167 55.59 16.52 10.39
CA GLU A 167 54.68 17.33 11.21
C GLU A 167 54.01 18.45 10.42
N ASN A 168 54.36 18.63 9.15
CA ASN A 168 53.65 19.52 8.22
C ASN A 168 53.65 20.97 8.70
N MET A 169 54.83 21.47 9.06
CA MET A 169 55.04 22.89 9.34
C MET A 169 56.00 23.44 8.29
N PHE A 170 55.48 24.24 7.36
CA PHE A 170 56.30 24.71 6.25
C PHE A 170 56.20 26.21 5.99
N ASN A 171 55.01 26.69 5.59
CA ASN A 171 54.87 28.11 5.28
C ASN A 171 55.16 28.99 6.50
N GLU A 172 54.93 28.45 7.70
CA GLU A 172 55.18 29.23 8.91
C GLU A 172 56.66 29.41 9.19
N ILE A 173 57.51 28.50 8.71
CA ILE A 173 58.94 28.56 8.98
C ILE A 173 59.69 29.47 8.02
N PHE A 174 58.98 30.12 7.10
CA PHE A 174 59.59 30.91 6.04
C PHE A 174 60.34 32.11 6.64
N LEU A 175 61.25 32.65 5.84
CA LEU A 175 62.19 33.68 6.26
C LEU A 175 61.46 34.92 6.79
N PRO A 176 62.06 35.63 7.74
CA PRO A 176 61.30 36.69 8.46
C PRO A 176 60.83 37.83 7.57
N ASP A 177 61.78 38.41 6.87
CA ASP A 177 61.59 39.42 5.84
C ASP A 177 60.53 39.12 4.77
N ASN A 178 60.45 37.89 4.29
CA ASN A 178 59.47 37.56 3.26
C ASN A 178 58.11 37.28 3.87
N GLU A 179 57.98 36.14 4.57
CA GLU A 179 56.69 35.67 5.06
C GLU A 179 56.36 36.04 6.50
N GLU A 180 57.31 36.49 7.32
CA GLU A 180 56.94 36.69 8.73
C GLU A 180 56.05 37.91 8.88
N THR A 181 56.28 38.95 8.08
CA THR A 181 55.47 40.16 8.18
C THR A 181 53.97 39.84 8.04
N ILE A 182 53.64 38.81 7.28
CA ILE A 182 52.26 38.39 7.01
C ILE A 182 51.82 37.26 7.97
N ILE A 183 52.21 37.34 9.23
CA ILE A 183 51.63 36.43 10.23
C ILE A 183 50.20 36.81 10.64
N GLU A 184 49.69 37.94 10.13
CA GLU A 184 48.42 38.48 10.58
C GLU A 184 47.24 37.69 10.01
N MET A 185 46.10 37.80 10.70
CA MET A 185 44.87 37.16 10.26
C MET A 185 44.19 38.03 9.20
N LYS A 186 43.79 37.41 8.09
CA LYS A 186 43.19 38.16 6.99
C LYS A 186 41.90 38.84 7.43
N LYS A 187 41.82 40.14 7.20
CA LYS A 187 40.66 40.93 7.61
C LYS A 187 39.94 41.42 6.35
N GLY A 188 38.77 40.84 6.09
CA GLY A 188 37.90 41.34 5.04
C GLY A 188 36.92 42.37 5.57
N LYS A 189 36.54 43.30 4.69
CA LYS A 189 35.60 44.34 5.11
C LYS A 189 34.24 43.75 5.46
N THR A 190 33.83 42.69 4.74
CA THR A 190 32.62 41.99 5.10
C THR A 190 32.71 41.41 6.51
N PHE A 191 33.81 40.73 6.81
CA PHE A 191 33.98 40.13 8.13
C PHE A 191 34.13 41.20 9.21
N LEU A 192 34.84 42.29 8.91
CA LEU A 192 35.03 43.33 9.92
C LEU A 192 33.72 44.04 10.22
N GLU A 193 32.90 44.30 9.20
CA GLU A 193 31.57 44.84 9.44
C GLU A 193 30.73 43.88 10.27
N LEU A 194 30.68 42.61 9.85
CA LEU A 194 29.92 41.59 10.57
C LEU A 194 30.32 41.55 12.03
N ARG A 195 31.63 41.51 12.29
CA ARG A 195 32.13 41.50 13.66
C ARG A 195 31.78 42.78 14.40
N ASP A 196 31.75 43.92 13.70
CA ASP A 196 31.50 45.19 14.35
C ASP A 196 30.04 45.40 14.72
N GLU A 197 29.10 44.79 14.00
CA GLU A 197 27.71 44.81 14.43
C GLU A 197 27.28 43.55 15.18
N SER A 198 28.19 42.62 15.45
CA SER A 198 27.86 41.42 16.20
C SER A 198 28.04 41.55 17.70
N VAL A 199 28.58 42.68 18.18
CA VAL A 199 29.01 42.78 19.57
C VAL A 199 27.79 42.92 20.48
N PRO A 200 27.79 42.29 21.66
CA PRO A 200 26.62 42.38 22.54
C PRO A 200 26.42 43.74 23.18
N LEU A 201 27.52 44.38 23.62
CA LEU A 201 27.45 45.51 24.52
C LEU A 201 26.84 46.74 23.85
N PRO A 202 26.48 47.77 24.64
CA PRO A 202 26.17 49.07 24.05
C PRO A 202 27.24 49.58 23.12
N PHE A 203 28.50 49.19 23.35
CA PHE A 203 29.56 49.52 22.40
C PHE A 203 29.27 48.90 21.05
N GLN A 204 29.57 49.62 19.99
CA GLN A 204 29.41 49.08 18.66
C GLN A 204 30.71 48.57 18.07
N THR A 205 31.70 49.45 17.88
CA THR A 205 32.99 49.02 17.37
C THR A 205 33.54 47.88 18.22
N TYR A 206 34.09 46.86 17.54
CA TYR A 206 34.65 45.71 18.26
C TYR A 206 35.77 46.13 19.20
N GLU A 207 36.49 47.20 18.87
CA GLU A 207 37.63 47.62 19.67
C GLU A 207 37.23 47.99 21.09
N GLN A 208 36.03 48.55 21.28
CA GLN A 208 35.60 48.93 22.62
C GLN A 208 35.27 47.71 23.45
N MET A 209 34.58 46.73 22.86
CA MET A 209 34.35 45.46 23.56
C MET A 209 35.67 44.77 23.89
N LYS A 210 36.63 44.82 22.95
CA LYS A 210 37.96 44.27 23.21
C LYS A 210 38.62 44.96 24.40
N ASP A 211 38.50 46.29 24.48
CA ASP A 211 39.10 47.02 25.60
C ASP A 211 38.44 46.64 26.92
N TYR A 212 37.10 46.58 26.93
CA TYR A 212 36.41 46.22 28.17
C TYR A 212 36.71 44.78 28.58
N CYS A 213 37.05 43.91 27.62
CA CYS A 213 37.42 42.55 27.95
C CYS A 213 38.84 42.49 28.54
N GLU A 214 39.83 42.91 27.75
CA GLU A 214 41.22 42.82 28.19
C GLU A 214 41.46 43.56 29.50
N LYS A 215 40.79 44.70 29.70
CA LYS A 215 41.01 45.54 30.87
C LYS A 215 40.06 45.20 32.03
N PHE A 216 39.27 44.14 31.90
CA PHE A 216 38.26 43.83 32.90
C PHE A 216 38.88 43.36 34.21
N LYS A 217 38.45 43.97 35.31
CA LYS A 217 38.69 43.47 36.67
C LYS A 217 37.37 43.51 37.43
N GLY A 218 36.85 42.34 37.78
CA GLY A 218 35.57 42.27 38.47
C GLY A 218 35.66 42.61 39.94
N ASN A 219 34.74 43.44 40.42
CA ASN A 219 34.54 43.75 41.82
C ASN A 219 33.58 42.75 42.45
N PRO A 220 33.53 42.65 43.82
CA PRO A 220 32.59 41.73 44.49
C PRO A 220 31.18 42.31 44.61
N ARG A 221 30.61 42.75 43.49
CA ARG A 221 29.26 43.28 43.42
C ARG A 221 28.24 42.24 42.97
N GLU A 222 28.69 41.03 42.62
CA GLU A 222 27.79 39.96 42.24
C GLU A 222 27.11 39.31 43.43
N LEU A 223 27.48 39.69 44.66
CA LEU A 223 26.72 39.27 45.82
C LEU A 223 25.38 40.01 45.89
N ALA A 224 25.40 41.32 45.66
CA ALA A 224 24.16 42.07 45.59
C ALA A 224 23.42 41.80 44.30
N SER A 225 24.15 41.59 43.19
CA SER A 225 23.52 41.17 41.96
C SER A 225 22.85 39.81 42.12
N LYS A 226 23.47 38.93 42.90
CA LYS A 226 22.92 37.59 43.10
C LYS A 226 21.79 37.58 44.12
N VAL A 227 21.80 38.49 45.08
CA VAL A 227 20.69 38.57 46.03
C VAL A 227 19.50 39.27 45.40
N SER A 228 19.73 40.26 44.53
CA SER A 228 18.62 40.85 43.78
C SER A 228 18.08 39.86 42.75
N GLN A 229 18.97 39.07 42.13
CA GLN A 229 18.52 37.97 41.30
C GLN A 229 17.74 36.95 42.11
N MET A 230 18.11 36.77 43.38
CA MET A 230 17.38 35.88 44.27
C MET A 230 16.00 36.44 44.60
N GLN A 231 15.91 37.74 44.84
CA GLN A 231 14.61 38.37 45.08
C GLN A 231 13.73 38.27 43.84
N SER A 232 14.33 38.44 42.67
CA SER A 232 13.56 38.29 41.43
C SER A 232 13.10 36.85 41.25
N ASN A 233 13.93 35.88 41.63
CA ASN A 233 13.53 34.48 41.56
C ASN A 233 12.96 34.13 42.92
N ILE A 234 11.64 34.17 43.03
CA ILE A 234 11.02 34.02 44.34
C ILE A 234 10.91 32.54 44.69
N LYS A 235 10.69 31.70 43.70
CA LYS A 235 10.14 30.38 43.92
C LYS A 235 11.22 29.31 44.04
N LEU A 236 10.76 28.07 43.98
CA LEU A 236 11.43 26.78 44.11
C LEU A 236 12.18 26.47 45.40
N PRO A 237 11.64 26.77 46.58
CA PRO A 237 12.00 25.97 47.74
C PRO A 237 11.21 24.68 47.68
N ILE A 238 11.80 23.60 48.15
CA ILE A 238 11.15 22.32 47.94
C ILE A 238 11.24 21.44 49.18
N LYS A 239 10.11 20.80 49.49
CA LYS A 239 9.96 19.92 50.62
C LYS A 239 9.22 18.68 50.15
N HIS A 240 9.79 17.50 50.43
CA HIS A 240 9.11 16.27 50.06
C HIS A 240 7.78 16.14 50.78
N TYR A 241 7.81 16.19 52.11
CA TYR A 241 6.61 15.95 52.91
C TYR A 241 5.48 16.90 52.52
N GLU A 242 5.81 18.08 52.00
CA GLU A 242 4.80 19.01 51.52
C GLU A 242 4.09 18.46 50.29
N GLN A 243 4.85 18.05 49.27
CA GLN A 243 4.31 17.51 48.04
C GLN A 243 4.24 15.99 48.03
N ASN A 244 4.52 15.34 49.17
CA ASN A 244 4.71 13.89 49.19
C ASN A 244 3.57 13.11 48.56
N LYS A 245 2.41 13.73 48.39
CA LYS A 245 1.29 13.06 47.73
C LYS A 245 1.64 12.71 46.28
N PHE A 246 2.21 13.66 45.54
CA PHE A 246 2.44 13.55 44.10
C PHE A 246 1.14 13.32 43.33
N ARG A 247 0.01 13.69 43.94
CA ARG A 247 -1.34 13.47 43.40
C ARG A 247 -1.48 12.07 42.81
N GLN A 248 -0.89 11.09 43.48
CA GLN A 248 -0.76 9.73 42.95
C GLN A 248 -0.13 9.79 41.57
N ILE A 249 -0.81 9.26 40.55
CA ILE A 249 -0.38 9.37 39.17
C ILE A 249 -1.63 9.55 38.31
N ARG A 250 -1.60 10.51 37.40
CA ARG A 250 -2.74 10.74 36.53
C ARG A 250 -2.78 9.70 35.41
N LEU A 251 -3.99 9.25 35.06
CA LEU A 251 -4.18 8.24 34.04
C LEU A 251 -5.25 8.68 33.07
N PRO A 252 -5.07 8.43 31.76
CA PRO A 252 -6.06 8.87 30.77
C PRO A 252 -7.34 8.06 30.86
N LYS A 253 -8.42 8.67 30.38
CA LYS A 253 -9.74 8.05 30.35
C LYS A 253 -10.28 8.05 28.93
N GLY A 254 -10.98 6.97 28.58
CA GLY A 254 -11.48 6.78 27.23
C GLY A 254 -11.70 5.32 26.93
N PRO A 255 -11.65 4.94 25.66
CA PRO A 255 -11.77 3.52 25.30
C PRO A 255 -10.55 2.74 25.79
N MET A 256 -10.76 1.44 26.00
CA MET A 256 -9.68 0.60 26.50
C MET A 256 -8.61 0.41 25.43
N ALA A 257 -7.35 0.39 25.86
CA ALA A 257 -6.24 0.33 24.93
C ALA A 257 -6.30 -0.98 24.14
N PRO A 258 -5.98 -0.96 22.84
CA PRO A 258 -6.08 -2.17 22.03
C PRO A 258 -4.82 -3.02 22.07
N TYR A 259 -4.78 -4.05 21.23
CA TYR A 259 -3.64 -4.96 21.14
C TYR A 259 -2.69 -4.42 20.08
N THR A 260 -1.54 -3.91 20.51
CA THR A 260 -0.60 -3.28 19.60
C THR A 260 0.48 -4.22 19.08
N HIS A 261 0.59 -5.43 19.62
CA HIS A 261 1.62 -6.35 19.17
C HIS A 261 1.29 -6.86 17.77
N LYS A 262 2.32 -6.96 16.93
CA LYS A 262 2.14 -7.40 15.55
C LYS A 262 1.57 -8.81 15.47
N PHE A 263 1.69 -9.60 16.54
CA PHE A 263 1.15 -10.94 16.60
C PHE A 263 0.33 -11.11 17.86
N LEU A 264 -0.53 -12.14 17.86
CA LEU A 264 -1.32 -12.48 19.02
C LEU A 264 -0.56 -13.49 19.86
N MET A 265 -0.63 -13.30 21.18
CA MET A 265 0.15 -14.15 22.09
C MET A 265 -0.72 -15.20 22.78
N GLU A 266 -1.55 -14.73 23.71
CA GLU A 266 -2.29 -15.65 24.59
C GLU A 266 -3.27 -16.51 23.81
N GLU A 267 -4.05 -15.89 22.93
CA GLU A 267 -5.11 -16.57 22.20
C GLU A 267 -4.62 -17.27 20.94
N ALA A 268 -3.36 -17.09 20.56
CA ALA A 268 -2.85 -17.66 19.33
C ALA A 268 -2.85 -19.19 19.38
N TRP A 269 -3.03 -19.81 18.23
CA TRP A 269 -3.17 -21.25 18.11
C TRP A 269 -2.06 -21.81 17.25
N MET A 270 -1.70 -23.08 17.51
CA MET A 270 -0.54 -23.71 16.90
C MET A 270 -0.96 -24.89 16.03
N PHE A 271 -0.12 -25.18 15.03
CA PHE A 271 -0.28 -26.36 14.18
C PHE A 271 1.05 -27.10 14.16
N THR A 272 1.08 -28.32 14.71
CA THR A 272 2.33 -29.04 14.93
C THR A 272 2.70 -29.88 13.71
N LYS A 273 3.97 -29.80 13.31
CA LYS A 273 4.52 -30.62 12.24
C LYS A 273 5.91 -31.08 12.61
N ILE A 274 6.15 -32.39 12.57
CA ILE A 274 7.49 -32.92 12.83
C ILE A 274 8.37 -32.62 11.62
N SER A 275 9.47 -31.91 11.85
CA SER A 275 10.25 -31.31 10.78
C SER A 275 11.32 -32.25 10.26
N ASP A 276 11.51 -32.24 8.94
CA ASP A 276 12.60 -32.87 8.20
C ASP A 276 13.75 -31.88 8.02
N PRO A 277 15.00 -32.30 8.19
CA PRO A 277 16.11 -31.35 8.04
C PRO A 277 16.20 -30.76 6.65
N GLU A 278 16.06 -31.58 5.60
CA GLU A 278 16.16 -31.08 4.24
C GLU A 278 14.84 -30.47 3.74
N ARG A 279 13.70 -30.90 4.30
CA ARG A 279 12.43 -30.29 3.91
C ARG A 279 12.24 -28.94 4.59
N SER A 280 12.52 -28.87 5.89
CA SER A 280 12.32 -27.64 6.64
C SER A 280 13.48 -26.66 6.53
N ARG A 281 14.61 -27.08 5.94
CA ARG A 281 15.75 -26.17 5.79
C ARG A 281 15.37 -24.93 5.02
N ALA A 282 14.45 -25.05 4.06
CA ALA A 282 13.98 -23.87 3.34
C ALA A 282 13.23 -22.93 4.26
N GLY A 283 12.23 -23.46 4.98
CA GLY A 283 11.38 -22.66 5.84
C GLY A 283 10.32 -21.87 5.10
N GLU A 284 10.50 -21.66 3.80
CA GLU A 284 9.42 -21.19 2.93
C GLU A 284 8.53 -22.35 2.51
N ILE A 285 9.15 -23.49 2.20
CA ILE A 285 8.41 -24.70 1.84
C ILE A 285 7.70 -25.31 3.03
N LEU A 286 7.99 -24.83 4.24
CA LEU A 286 7.35 -25.36 5.44
C LEU A 286 5.83 -25.35 5.31
N ILE A 287 5.27 -24.24 4.81
CA ILE A 287 3.82 -24.19 4.62
C ILE A 287 3.38 -25.05 3.45
N ASP A 288 4.24 -25.22 2.44
CA ASP A 288 3.87 -26.08 1.32
C ASP A 288 3.72 -27.53 1.78
N PHE A 289 4.55 -27.97 2.72
CA PHE A 289 4.37 -29.27 3.32
C PHE A 289 3.28 -29.27 4.38
N PHE A 290 2.96 -28.10 4.95
CA PHE A 290 1.81 -28.00 5.86
C PHE A 290 0.50 -28.21 5.10
N LYS A 291 0.42 -27.70 3.87
CA LYS A 291 -0.83 -27.75 3.12
C LYS A 291 -1.24 -29.16 2.75
N LYS A 292 -0.27 -30.06 2.58
CA LYS A 292 -0.59 -31.47 2.38
C LYS A 292 -1.33 -32.07 3.56
N GLY A 293 -1.36 -31.38 4.69
CA GLY A 293 -2.18 -31.77 5.84
C GLY A 293 -3.57 -31.17 5.77
N ASN A 294 -4.13 -30.90 6.94
CA ASN A 294 -5.50 -30.42 7.07
C ASN A 294 -5.64 -28.91 6.90
N LEU A 295 -4.53 -28.18 6.79
CA LEU A 295 -4.60 -26.72 6.74
C LEU A 295 -5.39 -26.23 5.53
N SER A 296 -5.26 -26.92 4.40
CA SER A 296 -5.87 -26.43 3.16
C SER A 296 -7.39 -26.39 3.20
N ALA A 297 -8.02 -27.18 4.07
CA ALA A 297 -9.47 -27.28 4.06
C ALA A 297 -10.15 -26.10 4.76
N ILE A 298 -9.46 -25.44 5.68
CA ILE A 298 -10.11 -24.42 6.50
C ILE A 298 -10.47 -23.21 5.65
N ARG A 299 -11.73 -22.81 5.71
CA ARG A 299 -12.21 -21.63 5.01
C ARG A 299 -13.16 -20.85 5.91
N PRO A 300 -13.05 -19.53 5.96
CA PRO A 300 -13.99 -18.73 6.75
C PRO A 300 -15.30 -18.49 6.00
N LYS A 301 -16.34 -18.23 6.78
CA LYS A 301 -17.62 -17.82 6.22
C LYS A 301 -17.59 -16.34 5.85
N ASP A 302 -18.50 -15.97 4.94
CA ASP A 302 -18.54 -14.59 4.44
C ASP A 302 -18.91 -13.60 5.54
N LYS A 303 -19.67 -14.03 6.55
CA LYS A 303 -20.13 -13.10 7.57
C LYS A 303 -19.23 -13.21 8.81
N PRO A 304 -18.32 -12.28 9.03
CA PRO A 304 -17.42 -12.35 10.18
C PRO A 304 -18.05 -11.81 11.46
N LEU A 305 -17.44 -12.21 12.58
CA LEU A 305 -17.68 -11.52 13.84
C LEU A 305 -16.66 -10.40 13.99
N GLN A 306 -17.15 -9.17 14.22
CA GLN A 306 -16.29 -8.04 14.60
C GLN A 306 -15.33 -7.63 13.48
N GLY A 307 -15.67 -7.92 12.23
CA GLY A 307 -14.80 -7.55 11.11
C GLY A 307 -15.03 -6.14 10.60
N LYS A 308 -13.93 -5.47 10.24
CA LYS A 308 -13.99 -4.18 9.55
C LYS A 308 -14.11 -4.28 8.04
N TYR A 309 -13.35 -5.17 7.41
CA TYR A 309 -13.30 -5.29 5.95
C TYR A 309 -13.36 -6.77 5.56
N PRO A 310 -14.51 -7.41 5.75
CA PRO A 310 -14.57 -8.88 5.60
C PRO A 310 -14.25 -9.42 4.21
N ILE A 311 -14.89 -8.88 3.17
CA ILE A 311 -14.81 -9.51 1.85
C ILE A 311 -13.39 -9.42 1.30
N HIS A 312 -12.74 -8.28 1.53
CA HIS A 312 -11.35 -8.11 1.14
C HIS A 312 -10.47 -9.21 1.75
N TYR A 313 -10.52 -9.35 3.08
CA TYR A 313 -9.70 -10.33 3.76
C TYR A 313 -10.01 -11.75 3.31
N LYS A 314 -11.29 -12.05 3.07
CA LYS A 314 -11.66 -13.39 2.62
C LYS A 314 -11.07 -13.69 1.25
N ASN A 315 -11.22 -12.75 0.31
CA ASN A 315 -10.63 -12.92 -1.02
C ASN A 315 -9.12 -13.11 -0.91
N LEU A 316 -8.46 -12.28 -0.09
CA LEU A 316 -7.01 -12.42 0.05
C LEU A 316 -6.64 -13.79 0.62
N TRP A 317 -7.42 -14.29 1.57
CA TRP A 317 -7.17 -15.62 2.11
C TRP A 317 -7.25 -16.67 1.01
N ASN A 318 -8.28 -16.59 0.15
CA ASN A 318 -8.38 -17.51 -0.97
C ASN A 318 -7.20 -17.37 -1.92
N GLN A 319 -6.67 -16.15 -2.09
CA GLN A 319 -5.49 -15.97 -2.93
C GLN A 319 -4.25 -16.60 -2.30
N ILE A 320 -4.16 -16.58 -0.97
CA ILE A 320 -3.05 -17.25 -0.29
C ILE A 320 -3.15 -18.75 -0.49
N LYS A 321 -4.34 -19.32 -0.26
CA LYS A 321 -4.50 -20.76 -0.40
C LYS A 321 -4.25 -21.20 -1.84
N ALA A 322 -4.70 -20.42 -2.81
CA ALA A 322 -4.47 -20.76 -4.21
C ALA A 322 -2.99 -20.61 -4.56
N ALA A 323 -2.31 -19.62 -3.99
CA ALA A 323 -0.89 -19.43 -4.28
C ALA A 323 -0.06 -20.57 -3.71
N ILE A 324 -0.30 -20.94 -2.46
CA ILE A 324 0.48 -21.99 -1.79
C ILE A 324 0.53 -23.26 -2.62
N ALA A 325 -0.56 -23.57 -3.33
CA ALA A 325 -0.56 -24.74 -4.20
C ALA A 325 0.50 -24.65 -5.28
N ASP A 326 0.53 -23.53 -6.02
CA ASP A 326 1.49 -23.37 -7.11
C ASP A 326 2.82 -22.84 -6.59
N ARG A 327 2.85 -21.56 -6.19
CA ARG A 327 4.04 -20.95 -5.63
C ARG A 327 3.60 -19.83 -4.70
N THR A 328 4.45 -19.52 -3.72
CA THR A 328 4.02 -18.73 -2.57
C THR A 328 3.91 -17.24 -2.87
N MET A 329 4.17 -16.82 -4.11
CA MET A 329 3.89 -15.44 -4.51
C MET A 329 2.44 -15.30 -4.93
N VAL A 330 1.78 -14.27 -4.42
CA VAL A 330 0.42 -13.93 -4.84
C VAL A 330 0.52 -13.05 -6.09
N ILE A 331 -0.17 -13.43 -7.15
CA ILE A 331 -0.26 -12.59 -8.33
C ILE A 331 -1.63 -11.92 -8.26
N ASN A 332 -1.66 -10.72 -7.69
CA ASN A 332 -2.74 -9.76 -7.85
C ASN A 332 -2.08 -8.39 -7.88
N GLU A 333 -2.12 -7.70 -9.02
CA GLU A 333 -1.55 -6.36 -9.02
C GLU A 333 -2.53 -5.29 -8.55
N ASN A 334 -3.84 -5.51 -8.72
CA ASN A 334 -4.82 -4.53 -8.27
C ASN A 334 -5.13 -4.66 -6.78
N ASP A 335 -5.05 -5.86 -6.23
CA ASP A 335 -5.50 -6.09 -4.86
C ASP A 335 -4.59 -5.40 -3.85
N HIS A 336 -3.27 -5.47 -4.05
CA HIS A 336 -2.35 -4.94 -3.05
C HIS A 336 -2.32 -3.42 -3.05
N SER A 337 -2.63 -2.78 -4.18
CA SER A 337 -2.52 -1.33 -4.28
C SER A 337 -3.44 -0.62 -3.28
N GLU A 338 -4.62 -1.19 -3.02
CA GLU A 338 -5.53 -0.57 -2.06
C GLU A 338 -5.15 -0.91 -0.63
N PHE A 339 -4.70 -2.14 -0.40
CA PHE A 339 -4.36 -2.57 0.96
C PHE A 339 -3.09 -1.92 1.47
N LEU A 340 -2.16 -1.56 0.57
CA LEU A 340 -0.89 -1.10 1.10
C LEU A 340 -1.02 0.33 1.63
N GLY A 341 0.05 0.78 2.29
CA GLY A 341 -0.02 2.01 3.06
C GLY A 341 -0.92 1.93 4.29
N GLY A 342 -1.33 0.73 4.70
CA GLY A 342 -2.30 0.59 5.77
C GLY A 342 -3.66 1.11 5.35
N ILE A 343 -4.12 0.64 4.19
CA ILE A 343 -5.26 1.21 3.47
C ILE A 343 -4.92 2.66 3.16
N GLY A 344 -3.63 2.96 3.11
CA GLY A 344 -3.19 4.29 2.69
C GLY A 344 -3.36 4.47 1.20
N ARG A 345 -3.94 5.59 0.81
CA ARG A 345 -4.22 5.90 -0.59
C ARG A 345 -3.12 6.79 -1.14
N ALA A 346 -2.75 6.56 -2.40
CA ALA A 346 -1.78 7.42 -3.06
C ALA A 346 -2.48 8.70 -3.49
N SER A 347 -2.03 9.82 -2.94
CA SER A 347 -2.70 11.10 -3.11
C SER A 347 -2.01 11.89 -4.22
N LYS A 348 -2.78 12.34 -5.20
CA LYS A 348 -2.21 13.06 -6.33
C LYS A 348 -1.77 14.46 -5.90
N LYS A 349 -0.63 14.89 -6.44
CA LYS A 349 0.02 16.12 -6.04
C LYS A 349 -0.10 17.15 -7.16
N ILE A 350 -0.59 18.33 -6.81
CA ILE A 350 -0.77 19.44 -7.75
C ILE A 350 0.31 20.47 -7.49
N PRO A 351 1.08 20.87 -8.50
CA PRO A 351 2.19 21.81 -8.27
C PRO A 351 1.69 23.16 -7.80
N GLU A 352 2.57 23.87 -7.09
CA GLU A 352 2.22 25.19 -6.57
C GLU A 352 2.11 26.22 -7.69
N ILE A 353 2.87 26.05 -8.77
CA ILE A 353 2.91 27.05 -9.83
C ILE A 353 1.53 27.23 -10.45
N SER A 354 0.86 26.11 -10.75
CA SER A 354 -0.50 26.16 -11.28
C SER A 354 -1.54 26.37 -10.19
N LEU A 355 -1.14 26.33 -8.91
CA LEU A 355 -2.07 26.39 -7.80
C LEU A 355 -2.54 27.81 -7.49
N THR A 356 -1.77 28.83 -7.90
CA THR A 356 -2.11 30.21 -7.54
C THR A 356 -3.51 30.58 -8.02
N GLN A 357 -3.85 30.20 -9.25
CA GLN A 357 -5.19 30.46 -9.76
C GLN A 357 -6.25 29.78 -8.89
N ASP A 358 -5.97 28.54 -8.45
CA ASP A 358 -6.89 27.85 -7.56
C ASP A 358 -6.97 28.49 -6.19
N VAL A 359 -6.00 29.34 -5.84
CA VAL A 359 -6.19 30.21 -4.67
C VAL A 359 -7.06 31.39 -5.02
N ILE A 360 -6.88 31.97 -6.21
CA ILE A 360 -7.74 33.05 -6.66
C ILE A 360 -9.17 32.56 -6.83
N THR A 361 -9.33 31.40 -7.45
CA THR A 361 -10.62 30.72 -7.55
C THR A 361 -10.52 29.44 -6.73
N THR A 362 -11.17 29.42 -5.57
CA THR A 362 -10.96 28.32 -4.62
C THR A 362 -11.85 27.15 -4.99
N GLU A 363 -11.21 26.03 -5.35
CA GLU A 363 -11.91 24.83 -5.75
C GLU A 363 -11.16 23.63 -5.18
N GLY A 364 -11.85 22.50 -5.13
CA GLY A 364 -11.31 21.37 -4.40
C GLY A 364 -11.25 21.58 -2.90
N LEU A 365 -11.82 22.68 -2.39
CA LEU A 365 -11.89 22.98 -0.96
C LEU A 365 -10.51 22.88 -0.30
N LYS A 366 -9.68 23.86 -0.64
CA LYS A 366 -8.28 23.85 -0.21
C LYS A 366 -8.15 24.28 1.24
N GLN A 367 -7.49 23.44 2.05
CA GLN A 367 -7.21 23.73 3.44
C GLN A 367 -5.94 22.99 3.84
N SER A 368 -5.56 23.10 5.11
CA SER A 368 -4.44 22.35 5.66
C SER A 368 -4.78 21.93 7.08
N GLU A 369 -4.57 20.64 7.38
CA GLU A 369 -4.78 20.16 8.73
C GLU A 369 -3.91 18.94 9.00
N ASN A 370 -3.58 18.74 10.27
CA ASN A 370 -2.87 17.57 10.76
C ASN A 370 -3.71 16.91 11.84
N LYS A 371 -3.40 15.65 12.14
CA LYS A 371 -4.18 14.86 13.09
C LYS A 371 -3.30 14.31 14.20
N LEU A 372 -3.92 14.06 15.35
CA LEU A 372 -3.29 13.61 16.58
C LEU A 372 -3.89 12.28 17.01
N PRO A 373 -3.15 11.46 17.76
CA PRO A 373 -3.68 10.17 18.18
C PRO A 373 -4.69 10.31 19.32
N GLU A 374 -5.70 9.45 19.30
CA GLU A 374 -6.74 9.51 20.32
C GLU A 374 -6.29 8.73 21.55
N PRO A 375 -6.37 9.32 22.75
CA PRO A 375 -5.91 8.62 23.94
C PRO A 375 -6.82 7.46 24.32
N ARG A 376 -6.25 6.48 25.01
CA ARG A 376 -6.94 5.28 25.45
C ARG A 376 -6.88 5.19 26.97
N SER A 377 -7.43 4.09 27.50
CA SER A 377 -7.53 3.88 28.94
C SER A 377 -6.84 2.57 29.33
N PHE A 378 -6.62 2.42 30.63
CA PHE A 378 -5.81 1.32 31.15
C PHE A 378 -6.37 -0.03 30.72
N PRO A 379 -5.54 -0.90 30.15
CA PRO A 379 -6.02 -2.22 29.73
C PRO A 379 -6.21 -3.18 30.89
N ARG A 380 -7.21 -4.04 30.75
CA ARG A 380 -7.47 -5.16 31.66
C ARG A 380 -6.69 -6.40 31.21
N TRP A 381 -6.95 -6.84 29.98
CA TRP A 381 -6.39 -8.07 29.43
C TRP A 381 -4.88 -8.19 29.62
N PHE A 382 -4.18 -7.06 29.72
CA PHE A 382 -2.72 -7.09 29.79
C PHE A 382 -2.23 -7.98 30.93
N ASN A 383 -2.89 -7.91 32.09
CA ASN A 383 -2.50 -8.74 33.22
C ASN A 383 -2.59 -10.22 32.88
N ALA A 384 -3.70 -10.63 32.24
CA ALA A 384 -3.84 -12.02 31.82
C ALA A 384 -2.79 -12.40 30.79
N GLU A 385 -2.40 -11.46 29.92
CA GLU A 385 -1.34 -11.73 28.97
C GLU A 385 -0.02 -12.01 29.68
N TRP A 386 0.30 -11.20 30.69
CA TRP A 386 1.51 -11.45 31.47
C TRP A 386 1.47 -12.80 32.16
N MET A 387 0.34 -13.11 32.81
CA MET A 387 0.23 -14.38 33.53
C MET A 387 0.26 -15.57 32.58
N TRP A 388 -0.13 -15.39 31.32
CA TRP A 388 -0.01 -16.48 30.35
C TRP A 388 1.42 -16.62 29.85
N ALA A 389 2.09 -15.50 29.58
CA ALA A 389 3.48 -15.56 29.15
C ALA A 389 4.40 -16.05 30.26
N ILE A 390 3.94 -16.03 31.50
CA ILE A 390 4.80 -16.42 32.62
C ILE A 390 4.90 -17.93 32.75
N LYS A 391 3.82 -18.66 32.48
CA LYS A 391 3.80 -20.09 32.72
C LYS A 391 4.47 -20.87 31.60
N ASP A 392 4.97 -22.04 31.93
CA ASP A 392 5.71 -22.87 30.97
C ASP A 392 4.75 -23.54 29.99
N SER A 393 5.04 -23.38 28.70
CA SER A 393 4.33 -24.08 27.65
C SER A 393 4.75 -25.54 27.59
N ASP A 394 3.90 -26.38 26.97
CA ASP A 394 4.19 -27.80 26.90
C ASP A 394 5.39 -28.10 26.02
N LEU A 395 5.68 -27.23 25.05
CA LEU A 395 6.86 -27.42 24.20
C LEU A 395 8.10 -26.85 24.88
N THR A 396 9.24 -27.50 24.64
CA THR A 396 10.41 -27.33 25.51
C THR A 396 11.11 -25.99 25.32
N GLY A 397 11.50 -25.66 24.09
CA GLY A 397 12.11 -24.37 23.85
C GLY A 397 11.93 -23.90 22.43
N TRP A 398 11.81 -22.58 22.29
CA TRP A 398 11.53 -21.94 21.02
C TRP A 398 12.70 -21.18 20.42
N VAL A 399 13.81 -21.03 21.14
CA VAL A 399 14.84 -20.06 20.77
C VAL A 399 16.11 -20.82 20.43
N PRO A 400 16.61 -20.73 19.20
CA PRO A 400 17.91 -21.33 18.90
C PRO A 400 19.01 -20.73 19.77
N MET A 401 19.75 -21.60 20.43
CA MET A 401 20.86 -21.23 21.29
C MET A 401 22.05 -22.12 20.96
N ALA A 402 23.21 -21.52 20.77
CA ALA A 402 24.36 -22.27 20.28
C ALA A 402 24.90 -23.19 21.37
N GLU A 403 25.96 -23.90 21.03
CA GLU A 403 26.60 -24.85 21.93
C GLU A 403 27.43 -24.11 22.99
N TYR A 404 27.74 -24.84 24.06
CA TYR A 404 28.56 -24.32 25.15
C TYR A 404 30.04 -24.57 24.85
N PRO A 405 30.88 -23.59 25.19
CA PRO A 405 32.32 -23.71 24.94
C PRO A 405 32.98 -24.63 25.95
N PRO A 406 34.22 -25.08 25.67
CA PRO A 406 34.94 -25.91 26.65
C PRO A 406 35.15 -25.17 27.97
N ALA A 407 35.32 -25.95 29.03
CA ALA A 407 35.27 -25.44 30.39
C ALA A 407 36.56 -25.74 31.16
N ASP A 408 36.98 -24.75 31.94
CA ASP A 408 37.97 -24.93 33.00
C ASP A 408 37.27 -24.81 34.34
N ASN A 409 37.84 -25.51 35.32
CA ASN A 409 37.18 -25.71 36.61
C ASN A 409 36.66 -24.41 37.23
N GLU A 410 37.50 -23.38 37.27
CA GLU A 410 37.25 -22.18 38.06
C GLU A 410 35.98 -21.42 37.70
N LEU A 411 35.95 -20.75 36.55
CA LEU A 411 34.85 -19.88 36.17
C LEU A 411 33.85 -20.59 35.27
N GLU A 412 34.32 -21.08 34.13
CA GLU A 412 33.44 -21.66 33.11
C GLU A 412 32.54 -22.75 33.66
N ASP A 413 32.90 -23.39 34.77
CA ASP A 413 31.96 -24.27 35.45
C ASP A 413 30.79 -23.47 36.00
N TYR A 414 31.07 -22.39 36.72
CA TYR A 414 30.03 -21.52 37.24
C TYR A 414 29.20 -20.91 36.11
N ALA A 415 29.86 -20.31 35.13
CA ALA A 415 29.15 -19.66 34.03
C ALA A 415 28.32 -20.66 33.25
N GLU A 416 28.93 -21.77 32.83
CA GLU A 416 28.20 -22.78 32.07
C GLU A 416 27.01 -23.31 32.85
N HIS A 417 27.18 -23.56 34.15
CA HIS A 417 26.07 -24.07 34.94
C HIS A 417 24.94 -23.05 35.03
N LEU A 418 25.28 -21.79 35.32
CA LEU A 418 24.26 -20.76 35.44
C LEU A 418 23.50 -20.59 34.13
N ASN A 419 24.21 -20.65 33.00
CA ASN A 419 23.54 -20.54 31.71
C ASN A 419 22.66 -21.74 31.41
N LYS A 420 23.13 -22.95 31.79
CA LYS A 420 22.31 -24.14 31.59
C LYS A 420 21.01 -24.05 32.39
N THR A 421 21.09 -23.61 33.65
CA THR A 421 19.89 -23.53 34.47
C THR A 421 18.95 -22.44 33.96
N MET A 422 19.47 -21.22 33.75
CA MET A 422 18.61 -20.12 33.33
C MET A 422 17.98 -20.40 31.97
N GLU A 423 18.79 -20.86 31.01
CA GLU A 423 18.26 -21.27 29.72
C GLU A 423 17.19 -22.35 29.88
N GLY A 424 17.45 -23.35 30.73
CA GLY A 424 16.48 -24.41 30.94
C GLY A 424 15.15 -23.90 31.46
N VAL A 425 15.20 -22.89 32.34
CA VAL A 425 13.97 -22.33 32.87
C VAL A 425 13.24 -21.51 31.82
N LEU A 426 13.96 -20.61 31.15
CA LEU A 426 13.31 -19.64 30.27
C LEU A 426 12.93 -20.20 28.90
N GLN A 427 13.47 -21.35 28.51
CA GLN A 427 13.09 -21.91 27.21
C GLN A 427 11.67 -22.45 27.23
N GLY A 428 11.24 -23.01 28.35
CA GLY A 428 9.92 -23.63 28.43
C GLY A 428 8.76 -22.66 28.49
N THR A 429 9.03 -21.38 28.74
CA THR A 429 7.96 -20.41 28.93
C THR A 429 7.34 -20.01 27.60
N ASN A 430 6.08 -19.56 27.67
CA ASN A 430 5.39 -19.05 26.48
C ASN A 430 6.02 -17.76 25.98
N CYS A 431 6.60 -16.97 26.88
CA CYS A 431 7.32 -15.78 26.45
C CYS A 431 8.42 -16.15 25.47
N ALA A 432 9.16 -17.22 25.77
CA ALA A 432 10.12 -17.74 24.81
C ALA A 432 9.46 -18.14 23.50
N ARG A 433 8.20 -18.58 23.55
CA ARG A 433 7.48 -18.93 22.34
C ARG A 433 7.30 -17.71 21.45
N GLU A 434 6.79 -16.62 22.01
CA GLU A 434 6.59 -15.41 21.22
C GLU A 434 7.93 -14.85 20.73
N MET A 435 8.97 -14.94 21.56
CA MET A 435 10.31 -14.56 21.12
C MET A 435 10.72 -15.36 19.89
N GLY A 436 10.56 -16.68 19.95
CA GLY A 436 10.99 -17.53 18.84
C GLY A 436 10.24 -17.24 17.57
N LYS A 437 8.91 -17.14 17.65
CA LYS A 437 8.13 -16.84 16.45
C LYS A 437 8.52 -15.47 15.88
N CYS A 438 8.77 -14.49 16.76
CA CYS A 438 9.18 -13.17 16.27
C CYS A 438 10.49 -13.26 15.51
N ILE A 439 11.48 -13.94 16.09
CA ILE A 439 12.79 -14.06 15.44
C ILE A 439 12.66 -14.75 14.09
N LEU A 440 12.00 -15.92 14.08
CA LEU A 440 11.95 -16.71 12.86
C LEU A 440 11.16 -16.02 11.75
N THR A 441 9.97 -15.51 12.07
CA THR A 441 9.13 -14.93 11.03
C THR A 441 9.63 -13.56 10.59
N VAL A 442 10.04 -12.71 11.52
CA VAL A 442 10.56 -11.41 11.10
C VAL A 442 11.87 -11.58 10.35
N GLY A 443 12.64 -12.62 10.66
CA GLY A 443 13.78 -12.96 9.83
C GLY A 443 13.36 -13.40 8.43
N ALA A 444 12.27 -14.16 8.34
CA ALA A 444 11.76 -14.59 7.04
C ALA A 444 11.36 -13.38 6.20
N LEU A 445 10.62 -12.43 6.78
CA LEU A 445 10.30 -11.20 6.07
C LEU A 445 11.56 -10.45 5.68
N MET A 446 12.53 -10.37 6.59
CA MET A 446 13.77 -9.67 6.30
C MET A 446 14.46 -10.25 5.07
N THR A 447 14.43 -11.57 4.91
CA THR A 447 14.96 -12.17 3.69
C THR A 447 14.07 -11.87 2.50
N GLU A 448 12.75 -11.86 2.70
CA GLU A 448 11.82 -11.63 1.60
C GLU A 448 11.91 -10.21 1.04
N CYS A 449 12.42 -9.25 1.81
CA CYS A 449 12.54 -7.89 1.30
C CYS A 449 13.71 -7.75 0.32
N ARG A 450 14.79 -8.52 0.52
CA ARG A 450 15.84 -8.58 -0.47
C ARG A 450 15.50 -9.53 -1.62
N LEU A 451 14.79 -10.62 -1.31
CA LEU A 451 14.52 -11.65 -2.32
C LEU A 451 13.65 -11.11 -3.44
N PHE A 452 12.48 -10.55 -3.10
CA PHE A 452 11.50 -10.11 -4.09
C PHE A 452 11.02 -8.71 -3.73
N PRO A 453 11.79 -7.69 -4.10
CA PRO A 453 11.32 -6.31 -3.89
C PRO A 453 10.18 -5.96 -4.83
N GLY A 454 9.21 -5.20 -4.30
CA GLY A 454 8.06 -4.83 -5.10
C GLY A 454 7.21 -6.00 -5.54
N LYS A 455 7.14 -7.05 -4.72
CA LYS A 455 6.38 -8.24 -5.04
C LYS A 455 5.58 -8.69 -3.82
N ILE A 456 4.51 -9.43 -4.09
CA ILE A 456 3.62 -9.93 -3.04
C ILE A 456 3.99 -11.38 -2.76
N LYS A 457 4.28 -11.67 -1.49
CA LYS A 457 4.71 -13.01 -1.10
C LYS A 457 3.98 -13.46 0.15
N VAL A 458 3.76 -14.77 0.24
CA VAL A 458 3.11 -15.39 1.38
C VAL A 458 4.20 -15.92 2.31
N VAL A 459 4.32 -15.31 3.48
CA VAL A 459 5.32 -15.68 4.47
C VAL A 459 4.61 -16.37 5.63
N PRO A 460 5.04 -17.56 6.04
CA PRO A 460 4.42 -18.20 7.20
C PRO A 460 4.80 -17.51 8.50
N ILE A 461 3.93 -17.69 9.49
CA ILE A 461 4.21 -17.31 10.88
C ILE A 461 4.41 -18.61 11.64
N TYR A 462 5.65 -18.86 12.07
CA TYR A 462 6.01 -20.17 12.59
C TYR A 462 7.04 -20.03 13.70
N ALA A 463 7.17 -21.10 14.48
CA ALA A 463 8.21 -21.20 15.50
C ALA A 463 8.62 -22.66 15.63
N ARG A 464 9.92 -22.88 15.84
CA ARG A 464 10.47 -24.22 15.91
C ARG A 464 10.62 -24.67 17.36
N SER A 465 10.24 -25.92 17.64
CA SER A 465 10.35 -26.43 19.00
C SER A 465 10.58 -27.94 18.99
N LYS A 466 11.41 -28.39 19.91
CA LYS A 466 11.58 -29.82 20.17
C LYS A 466 10.90 -30.13 21.50
N GLU A 467 10.13 -31.22 21.52
CA GLU A 467 9.39 -31.62 22.71
C GLU A 467 10.30 -32.37 23.66
N ARG A 468 10.15 -32.15 24.96
CA ARG A 468 10.98 -32.90 25.89
C ARG A 468 10.12 -33.56 26.96
N LYS A 469 10.50 -34.79 27.29
CA LYS A 469 9.74 -35.71 28.13
C LYS A 469 10.60 -36.07 29.33
N SER A 470 10.11 -35.76 30.53
CA SER A 470 10.83 -36.03 31.77
C SER A 470 10.37 -37.31 32.46
N MET A 471 9.39 -38.03 31.90
CA MET A 471 8.87 -39.22 32.56
C MET A 471 9.93 -40.29 32.73
N GLN A 472 10.59 -40.64 31.64
CA GLN A 472 11.57 -41.72 31.64
C GLN A 472 12.80 -41.25 30.89
N GLU A 473 13.92 -41.91 31.17
CA GLU A 473 15.03 -41.76 30.26
C GLU A 473 14.76 -42.52 28.96
N GLY A 474 14.46 -43.83 29.06
CA GLY A 474 14.46 -44.53 27.79
C GLY A 474 13.19 -44.42 26.98
N LEU A 475 13.24 -43.74 25.85
CA LEU A 475 12.05 -43.65 25.01
C LEU A 475 12.49 -43.77 23.56
N PRO A 476 11.57 -43.83 22.60
CA PRO A 476 12.02 -43.84 21.20
C PRO A 476 12.91 -42.65 20.86
N VAL A 477 12.51 -41.45 21.26
CA VAL A 477 13.07 -40.18 20.77
C VAL A 477 12.34 -39.01 21.44
N PRO A 478 13.01 -37.92 21.79
CA PRO A 478 12.28 -36.66 22.03
C PRO A 478 11.86 -36.06 20.70
N SER A 479 10.63 -35.55 20.66
CA SER A 479 10.07 -35.07 19.40
C SER A 479 10.72 -33.75 18.99
N GLU A 480 11.19 -33.70 17.74
CA GLU A 480 11.77 -32.49 17.15
C GLU A 480 10.82 -32.01 16.06
N MET A 481 10.36 -30.76 16.15
CA MET A 481 9.33 -30.32 15.23
C MET A 481 9.32 -28.79 15.12
N ASP A 482 8.33 -28.30 14.37
CA ASP A 482 8.05 -26.89 14.21
C ASP A 482 6.55 -26.73 14.05
N CYS A 483 6.02 -25.62 14.57
CA CYS A 483 4.59 -25.39 14.55
C CYS A 483 4.28 -24.02 13.95
N LEU A 484 3.04 -23.90 13.47
CA LEU A 484 2.59 -22.78 12.65
C LEU A 484 1.50 -22.03 13.41
N PHE A 485 1.75 -20.74 13.65
CA PHE A 485 0.74 -19.86 14.24
C PHE A 485 -0.24 -19.33 13.19
N GLY A 486 0.25 -19.00 12.00
CA GLY A 486 -0.63 -18.47 10.98
C GLY A 486 0.14 -18.10 9.73
N ILE A 487 -0.54 -17.38 8.84
CA ILE A 487 -0.02 -16.98 7.54
C ILE A 487 0.09 -15.47 7.49
N CYS A 488 1.04 -14.98 6.70
CA CYS A 488 1.35 -13.56 6.64
C CYS A 488 1.56 -13.12 5.19
N VAL A 489 1.32 -11.84 4.93
CA VAL A 489 1.40 -11.29 3.56
C VAL A 489 2.21 -10.00 3.59
N LYS A 490 3.12 -9.86 2.61
CA LYS A 490 3.97 -8.69 2.47
C LYS A 490 3.66 -7.93 1.19
N SER A 491 3.67 -6.60 1.29
CA SER A 491 3.46 -5.67 0.18
C SER A 491 4.80 -5.13 -0.33
N LYS A 492 4.73 -4.08 -1.15
CA LYS A 492 5.91 -3.46 -1.75
C LYS A 492 6.98 -3.13 -0.72
N SER A 493 8.21 -3.56 -0.99
CA SER A 493 9.36 -3.33 -0.12
C SER A 493 10.24 -2.16 -0.56
N HIS A 494 9.83 -1.39 -1.57
CA HIS A 494 10.64 -0.31 -2.09
C HIS A 494 11.09 0.64 -0.98
N LEU A 495 12.32 1.14 -1.08
CA LEU A 495 12.95 1.94 -0.04
C LEU A 495 13.08 3.39 -0.50
N ASN A 496 12.41 4.29 0.21
CA ASN A 496 12.46 5.72 -0.05
C ASN A 496 13.77 6.33 0.45
N LYS A 497 14.08 7.53 -0.06
CA LYS A 497 15.19 8.30 0.49
C LYS A 497 14.94 8.67 1.96
N ASP A 498 13.77 9.24 2.25
CA ASP A 498 13.29 9.28 3.61
C ASP A 498 12.86 7.87 4.01
N ASP A 499 12.38 7.70 5.25
CA ASP A 499 12.10 6.35 5.70
C ASP A 499 10.84 5.81 5.06
N GLY A 500 10.96 4.62 4.47
CA GLY A 500 9.80 3.84 4.09
C GLY A 500 9.42 2.84 5.16
N MET A 501 8.14 2.51 5.22
CA MET A 501 7.62 1.52 6.15
C MET A 501 6.79 0.53 5.36
N TYR A 502 7.15 -0.75 5.45
CA TYR A 502 6.42 -1.77 4.71
C TYR A 502 5.09 -2.05 5.39
N THR A 503 4.13 -2.56 4.62
CA THR A 503 2.82 -2.92 5.14
C THR A 503 2.66 -4.43 5.11
N ILE A 504 1.99 -4.96 6.12
CA ILE A 504 1.96 -6.40 6.38
C ILE A 504 0.55 -6.79 6.81
N ILE A 505 0.08 -7.95 6.34
CA ILE A 505 -1.26 -8.42 6.66
C ILE A 505 -1.11 -9.76 7.38
N THR A 506 -1.59 -9.81 8.63
CA THR A 506 -1.41 -10.96 9.49
C THR A 506 -2.71 -11.74 9.63
N PHE A 507 -2.62 -13.06 9.47
CA PHE A 507 -3.71 -13.99 9.72
C PHE A 507 -3.23 -15.01 10.74
N GLU A 508 -3.93 -15.10 11.87
CA GLU A 508 -3.56 -16.02 12.94
C GLU A 508 -4.73 -16.91 13.29
N PHE A 509 -4.43 -18.18 13.59
CA PHE A 509 -5.44 -19.09 14.11
C PHE A 509 -5.64 -18.85 15.60
N SER A 510 -6.86 -19.07 16.07
CA SER A 510 -7.12 -18.98 17.49
C SER A 510 -8.25 -19.94 17.86
N ILE A 511 -8.15 -20.49 19.08
CA ILE A 511 -9.20 -21.32 19.63
C ILE A 511 -10.18 -20.53 20.48
N ARG A 512 -10.02 -19.21 20.54
CA ARG A 512 -10.58 -18.37 21.60
C ARG A 512 -11.56 -17.34 21.04
N GLU A 513 -12.64 -17.11 21.77
CA GLU A 513 -13.63 -16.10 21.38
C GLU A 513 -13.01 -14.71 21.46
N PRO A 514 -13.12 -13.90 20.40
CA PRO A 514 -12.52 -12.56 20.43
C PRO A 514 -13.23 -11.63 21.40
N ASN A 515 -12.48 -10.67 21.92
CA ASN A 515 -13.00 -9.63 22.81
C ASN A 515 -12.92 -8.30 22.07
N LEU A 516 -14.08 -7.68 21.83
CA LEU A 516 -14.14 -6.46 21.04
C LEU A 516 -13.29 -5.34 21.65
N GLU A 517 -13.09 -5.36 22.96
CA GLU A 517 -12.42 -4.24 23.62
C GLU A 517 -10.94 -4.17 23.25
N LYS A 518 -10.20 -5.27 23.42
CA LYS A 518 -8.78 -5.24 23.11
C LYS A 518 -8.46 -5.60 21.66
N HIS A 519 -9.40 -6.20 20.94
CA HIS A 519 -9.17 -6.68 19.58
C HIS A 519 -9.63 -5.70 18.50
N GLN A 520 -10.03 -4.48 18.89
CA GLN A 520 -10.69 -3.56 17.96
C GLN A 520 -9.96 -3.43 16.62
N LYS A 521 -8.63 -3.56 16.63
CA LYS A 521 -7.89 -3.50 15.37
C LYS A 521 -8.03 -4.78 14.57
N TYR A 522 -8.31 -5.90 15.24
CA TYR A 522 -8.40 -7.18 14.55
C TYR A 522 -9.77 -7.38 13.91
N THR A 523 -9.77 -8.06 12.76
CA THR A 523 -10.98 -8.49 12.07
C THR A 523 -11.07 -10.00 12.22
N VAL A 524 -12.08 -10.48 12.92
CA VAL A 524 -12.21 -11.89 13.27
C VAL A 524 -13.23 -12.54 12.35
N PHE A 525 -13.00 -13.82 12.05
CA PHE A 525 -13.95 -14.61 11.31
C PHE A 525 -14.34 -15.84 12.12
N GLU A 526 -15.31 -16.59 11.61
CA GLU A 526 -15.59 -17.93 12.13
C GLU A 526 -14.97 -18.88 11.10
N ALA A 527 -13.83 -19.46 11.46
CA ALA A 527 -13.05 -20.22 10.49
C ALA A 527 -13.56 -21.63 10.32
N GLY A 528 -13.88 -22.32 11.41
CA GLY A 528 -14.14 -23.75 11.29
C GLY A 528 -14.18 -24.42 12.64
N HIS A 529 -13.82 -25.70 12.65
CA HIS A 529 -13.65 -26.48 13.86
C HIS A 529 -12.32 -27.20 13.81
N THR A 530 -11.62 -27.21 14.94
CA THR A 530 -10.32 -27.86 15.09
C THR A 530 -10.42 -28.94 16.15
N THR A 531 -9.75 -30.07 15.90
CA THR A 531 -9.77 -31.21 16.79
C THR A 531 -8.63 -31.10 17.80
N VAL A 532 -8.95 -31.29 19.08
CA VAL A 532 -7.98 -31.24 20.16
C VAL A 532 -8.26 -32.38 21.12
N ARG A 533 -7.24 -33.17 21.43
CA ARG A 533 -7.40 -34.32 22.32
C ARG A 533 -6.18 -34.46 23.22
N MET A 534 -6.38 -35.17 24.33
CA MET A 534 -5.31 -35.46 25.28
C MET A 534 -5.41 -36.93 25.69
N LYS A 535 -4.35 -37.41 26.34
CA LYS A 535 -4.30 -38.75 26.90
C LYS A 535 -3.78 -38.64 28.33
N LYS A 536 -4.55 -39.17 29.28
CA LYS A 536 -4.26 -39.02 30.71
C LYS A 536 -4.66 -40.30 31.41
N GLY A 537 -4.62 -40.28 32.74
CA GLY A 537 -5.21 -41.35 33.52
C GLY A 537 -6.72 -41.37 33.49
N GLU A 538 -7.34 -40.23 33.23
CA GLU A 538 -8.79 -40.14 33.06
C GLU A 538 -9.13 -40.49 31.61
N SER A 539 -10.39 -40.29 31.22
CA SER A 539 -10.83 -40.67 29.88
C SER A 539 -10.33 -39.68 28.83
N VAL A 540 -10.46 -38.38 29.10
CA VAL A 540 -9.96 -37.26 28.29
C VAL A 540 -10.14 -37.47 26.79
N ILE A 541 -11.39 -37.44 26.32
CA ILE A 541 -11.66 -37.58 24.89
C ILE A 541 -11.30 -36.29 24.16
N GLY A 542 -12.01 -35.19 24.47
CA GLY A 542 -11.65 -33.87 24.01
C GLY A 542 -12.53 -33.30 22.92
N ARG A 543 -13.25 -34.14 22.18
CA ARG A 543 -14.20 -33.75 21.11
C ARG A 543 -13.51 -32.73 20.19
N GLU A 544 -14.15 -31.60 19.88
CA GLU A 544 -13.61 -30.59 18.98
C GLU A 544 -13.99 -29.21 19.49
N VAL A 545 -13.23 -28.20 19.08
CA VAL A 545 -13.49 -26.84 19.53
C VAL A 545 -13.50 -25.91 18.31
N PRO A 546 -14.39 -24.92 18.25
CA PRO A 546 -14.43 -24.04 17.07
C PRO A 546 -13.15 -23.23 16.92
N LEU A 547 -12.76 -23.01 15.67
CA LEU A 547 -11.56 -22.29 15.29
C LEU A 547 -11.94 -20.95 14.67
N TYR A 548 -11.35 -19.87 15.20
CA TYR A 548 -11.54 -18.52 14.71
C TYR A 548 -10.27 -18.04 14.02
N LEU A 549 -10.44 -17.18 13.03
CA LEU A 549 -9.32 -16.64 12.25
C LEU A 549 -9.25 -15.13 12.47
N TYR A 550 -8.17 -14.67 13.09
CA TYR A 550 -7.96 -13.26 13.34
C TYR A 550 -7.14 -12.67 12.21
N CYS A 551 -7.57 -11.52 11.70
CA CYS A 551 -6.87 -10.84 10.62
C CYS A 551 -6.62 -9.39 11.01
N ARG A 552 -5.52 -8.83 10.51
CA ARG A 552 -5.29 -7.40 10.67
C ARG A 552 -4.22 -6.95 9.68
N THR A 553 -3.95 -5.65 9.69
CA THR A 553 -2.91 -5.03 8.88
C THR A 553 -2.10 -4.10 9.77
N THR A 554 -0.78 -4.15 9.61
CA THR A 554 0.13 -3.35 10.42
C THR A 554 1.27 -2.81 9.55
N ALA A 555 2.03 -1.89 10.13
CA ALA A 555 3.19 -1.29 9.48
C ALA A 555 4.46 -1.76 10.18
N LEU A 556 5.45 -2.15 9.39
CA LEU A 556 6.75 -2.57 9.89
C LEU A 556 7.82 -1.70 9.27
N SER A 557 8.51 -0.93 10.10
CA SER A 557 9.70 -0.23 9.64
C SER A 557 10.88 -1.19 9.59
N LYS A 558 11.81 -0.92 8.68
CA LYS A 558 13.00 -1.76 8.56
C LYS A 558 13.76 -1.82 9.88
N ILE A 559 13.82 -0.69 10.59
CA ILE A 559 14.44 -0.66 11.92
C ILE A 559 13.70 -1.61 12.86
N LYS A 560 12.37 -1.55 12.84
CA LYS A 560 11.58 -2.47 13.66
C LYS A 560 11.80 -3.92 13.22
N ASN A 561 11.93 -4.15 11.91
CA ASN A 561 12.27 -5.48 11.42
C ASN A 561 13.57 -5.98 12.03
N ASP A 562 14.55 -5.09 12.17
CA ASP A 562 15.83 -5.52 12.74
C ASP A 562 15.72 -5.77 14.24
N TRP A 563 15.30 -4.75 15.00
CA TRP A 563 15.33 -4.87 16.46
C TRP A 563 14.36 -5.94 16.94
N LEU A 564 13.23 -6.11 16.26
CA LEU A 564 12.35 -7.23 16.56
C LEU A 564 12.90 -8.54 16.01
N SER A 565 13.75 -8.50 14.99
CA SER A 565 14.32 -9.73 14.44
C SER A 565 15.28 -10.36 15.44
N LYS A 566 16.05 -9.55 16.17
CA LYS A 566 16.87 -10.07 17.26
C LYS A 566 16.14 -9.75 18.56
N ALA A 567 15.43 -10.74 19.10
CA ALA A 567 14.82 -10.66 20.41
C ALA A 567 15.67 -11.31 21.50
N ARG A 568 16.74 -12.01 21.11
CA ARG A 568 17.55 -12.74 22.07
C ARG A 568 18.18 -11.78 23.09
N ARG A 569 18.37 -10.52 22.69
CA ARG A 569 18.98 -9.53 23.58
C ARG A 569 18.31 -9.51 24.95
N CYS A 570 16.97 -9.67 24.97
CA CYS A 570 16.23 -9.65 26.23
C CYS A 570 16.86 -10.57 27.26
N PHE A 571 17.19 -11.80 26.86
CA PHE A 571 17.80 -12.76 27.78
C PHE A 571 18.94 -12.10 28.55
N ILE A 572 19.86 -11.47 27.81
CA ILE A 572 21.03 -10.87 28.44
C ILE A 572 20.61 -9.85 29.49
N THR A 573 19.69 -8.93 29.13
CA THR A 573 19.30 -7.90 30.08
C THR A 573 18.61 -8.50 31.30
N THR A 574 17.98 -9.66 31.14
CA THR A 574 17.49 -10.39 32.31
C THR A 574 18.66 -10.97 33.08
N MET A 575 19.53 -11.71 32.37
CA MET A 575 20.65 -12.40 32.99
C MET A 575 21.40 -11.50 33.96
N ASP A 576 21.95 -10.40 33.43
CA ASP A 576 22.68 -9.44 34.24
C ASP A 576 21.88 -9.09 35.49
N THR A 577 20.64 -8.63 35.30
CA THR A 577 19.83 -8.18 36.44
C THR A 577 19.68 -9.30 37.46
N VAL A 578 19.52 -10.54 36.99
CA VAL A 578 19.45 -11.66 37.91
C VAL A 578 20.81 -11.93 38.54
N GLU A 579 21.84 -12.06 37.71
CA GLU A 579 23.12 -12.58 38.19
C GLU A 579 23.70 -11.68 39.27
N THR A 580 23.60 -10.37 39.07
CA THR A 580 24.09 -9.42 40.05
C THR A 580 23.52 -9.71 41.44
N ILE A 581 22.19 -9.95 41.51
CA ILE A 581 21.55 -10.20 42.80
C ILE A 581 22.20 -11.39 43.50
N CYS A 582 22.58 -12.41 42.74
CA CYS A 582 23.18 -13.58 43.35
C CYS A 582 24.61 -13.31 43.80
N LEU A 583 25.33 -12.43 43.10
CA LEU A 583 26.69 -12.12 43.50
C LEU A 583 26.71 -11.19 44.71
N ARG A 584 25.99 -10.07 44.64
CA ARG A 584 25.96 -9.10 45.73
C ARG A 584 25.61 -9.77 47.05
N GLU A 585 24.67 -10.72 47.03
CA GLU A 585 24.36 -11.49 48.22
C GLU A 585 25.54 -12.36 48.63
N SER A 586 26.00 -13.21 47.70
CA SER A 586 27.03 -14.19 48.06
C SER A 586 28.33 -13.51 48.45
N ALA A 587 28.69 -12.44 47.74
CA ALA A 587 29.89 -11.68 48.07
C ALA A 587 29.84 -11.13 49.49
N LYS A 588 28.65 -10.95 50.07
CA LYS A 588 28.56 -10.59 51.47
C LYS A 588 29.06 -11.71 52.36
N ALA A 589 28.59 -12.94 52.11
CA ALA A 589 28.96 -14.08 52.93
C ALA A 589 30.25 -14.75 52.46
N GLU A 590 30.86 -14.26 51.38
CA GLU A 590 32.12 -14.79 50.87
C GLU A 590 32.04 -16.29 50.60
N GLU A 591 30.86 -16.75 50.21
CA GLU A 591 30.52 -18.14 50.02
C GLU A 591 29.81 -18.28 48.68
N ASN A 592 29.56 -19.51 48.25
CA ASN A 592 28.77 -19.71 47.05
C ASN A 592 27.32 -19.74 47.52
N LEU A 593 26.62 -18.63 47.35
CA LEU A 593 25.20 -18.55 47.64
C LEU A 593 24.34 -18.57 46.37
N VAL A 594 24.97 -18.62 45.20
CA VAL A 594 24.23 -18.47 43.94
C VAL A 594 23.07 -19.45 43.88
N GLU A 595 23.37 -20.73 44.06
CA GLU A 595 22.32 -21.74 44.06
C GLU A 595 21.35 -21.55 45.23
N LYS A 596 21.88 -21.18 46.39
CA LYS A 596 21.02 -20.95 47.55
C LYS A 596 20.21 -19.67 47.39
N THR A 597 20.82 -18.62 46.84
CA THR A 597 20.10 -17.35 46.66
C THR A 597 18.98 -17.49 45.64
N LEU A 598 19.22 -18.24 44.56
CA LEU A 598 18.19 -18.38 43.53
C LEU A 598 16.91 -18.97 44.10
N ASN A 599 17.02 -20.03 44.90
CA ASN A 599 15.85 -20.72 45.43
C ASN A 599 15.28 -20.00 46.66
N GLU A 600 16.15 -19.55 47.56
CA GLU A 600 15.69 -19.06 48.86
C GLU A 600 15.19 -17.62 48.81
N LYS A 601 15.90 -16.74 48.10
CA LYS A 601 15.54 -15.31 48.12
C LYS A 601 14.18 -15.09 47.50
N GLN A 602 13.35 -14.32 48.19
CA GLN A 602 11.96 -14.08 47.78
C GLN A 602 11.84 -12.71 47.13
N MET A 603 11.26 -12.69 45.93
CA MET A 603 10.99 -11.45 45.20
C MET A 603 9.49 -11.23 45.13
N TRP A 604 9.05 -10.02 45.47
CA TRP A 604 7.64 -9.69 45.39
C TRP A 604 7.21 -9.67 43.93
N ILE A 605 6.17 -10.45 43.61
CA ILE A 605 5.78 -10.71 42.24
C ILE A 605 4.41 -10.09 41.93
N GLY A 606 3.38 -10.47 42.68
CA GLY A 606 2.05 -9.98 42.42
C GLY A 606 1.22 -9.88 43.68
N LYS A 607 -0.05 -9.53 43.49
CA LYS A 607 -1.02 -9.44 44.58
C LYS A 607 -2.20 -10.35 44.27
N LYS A 608 -2.64 -11.12 45.27
CA LYS A 608 -3.83 -11.94 45.15
C LYS A 608 -4.62 -11.87 46.44
N ASN A 609 -5.94 -11.71 46.32
CA ASN A 609 -6.83 -11.59 47.47
C ASN A 609 -6.43 -10.43 48.38
N GLY A 610 -5.91 -9.36 47.78
CA GLY A 610 -5.46 -8.22 48.54
C GLY A 610 -4.20 -8.44 49.35
N GLU A 611 -3.52 -9.57 49.16
CA GLU A 611 -2.31 -9.89 49.89
C GLU A 611 -1.11 -9.83 48.94
N LEU A 612 -0.04 -9.21 49.41
CA LEU A 612 1.20 -9.14 48.63
C LEU A 612 1.82 -10.53 48.52
N ILE A 613 2.12 -10.94 47.29
CA ILE A 613 2.64 -12.27 47.02
C ILE A 613 4.08 -12.16 46.53
N ALA A 614 4.87 -13.17 46.85
CA ALA A 614 6.26 -13.25 46.41
C ALA A 614 6.56 -14.65 45.94
N GLN A 615 7.50 -14.75 45.01
CA GLN A 615 7.97 -16.01 44.46
C GLN A 615 9.48 -16.05 44.53
N PRO A 616 10.08 -17.25 44.54
CA PRO A 616 11.55 -17.34 44.53
C PRO A 616 12.13 -16.72 43.26
N LEU A 617 13.43 -16.41 43.33
CA LEU A 617 14.08 -15.68 42.26
C LEU A 617 14.12 -16.45 40.94
N ARG A 618 14.02 -17.78 40.99
CA ARG A 618 14.08 -18.56 39.74
C ARG A 618 12.80 -18.41 38.94
N GLU A 619 11.64 -18.47 39.60
CA GLU A 619 10.37 -18.32 38.88
C GLU A 619 10.00 -16.86 38.66
N ALA A 620 10.39 -15.96 39.58
CA ALA A 620 10.22 -14.53 39.35
C ALA A 620 11.18 -14.01 38.28
N LEU A 621 12.15 -14.82 37.87
CA LEU A 621 12.99 -14.49 36.74
C LEU A 621 12.16 -14.38 35.47
N ARG A 622 11.13 -15.23 35.35
CA ARG A 622 10.22 -15.14 34.21
C ARG A 622 9.55 -13.79 34.13
N VAL A 623 9.27 -13.17 35.28
CA VAL A 623 8.65 -11.85 35.29
C VAL A 623 9.57 -10.83 34.62
N GLN A 624 10.85 -10.85 34.96
CA GLN A 624 11.80 -9.94 34.33
C GLN A 624 11.95 -10.21 32.84
N LEU A 625 12.01 -11.50 32.46
CA LEU A 625 12.13 -11.82 31.04
C LEU A 625 10.91 -11.33 30.26
N VAL A 626 9.72 -11.52 30.82
CA VAL A 626 8.50 -11.03 30.18
C VAL A 626 8.51 -9.51 30.10
N GLN A 627 8.98 -8.85 31.15
CA GLN A 627 9.02 -7.38 31.15
C GLN A 627 9.95 -6.86 30.06
N GLN A 628 11.13 -7.47 29.91
CA GLN A 628 12.05 -7.03 28.86
C GLN A 628 11.52 -7.35 27.48
N PHE A 629 10.84 -8.49 27.33
CA PHE A 629 10.28 -8.84 26.02
C PHE A 629 9.15 -7.88 25.64
N TYR A 630 8.33 -7.48 26.60
CA TYR A 630 7.33 -6.45 26.33
C TYR A 630 8.00 -5.13 26.01
N PHE A 631 9.08 -4.79 26.71
CA PHE A 631 9.86 -3.60 26.36
C PHE A 631 10.30 -3.64 24.91
N CYS A 632 10.67 -4.82 24.41
CA CYS A 632 11.07 -4.95 23.02
C CYS A 632 9.87 -4.82 22.08
N ILE A 633 8.77 -5.50 22.41
CA ILE A 633 7.60 -5.50 21.54
C ILE A 633 6.91 -4.15 21.56
N TYR A 634 6.63 -3.63 22.76
CA TYR A 634 5.74 -2.50 22.97
C TYR A 634 6.46 -1.15 22.91
N ASN A 635 7.73 -1.12 22.54
CA ASN A 635 8.50 0.12 22.62
C ASN A 635 7.92 1.18 21.69
N ASP A 636 7.56 2.32 22.27
CA ASP A 636 7.12 3.50 21.56
C ASP A 636 7.86 4.70 22.13
N SER A 637 7.81 5.82 21.41
CA SER A 637 8.35 7.06 21.97
C SER A 637 7.69 7.38 23.31
N GLN A 638 6.39 7.07 23.42
CA GLN A 638 5.68 7.23 24.68
C GLN A 638 6.33 6.43 25.80
N LEU A 639 6.73 5.18 25.50
CA LEU A 639 7.35 4.34 26.51
C LEU A 639 8.68 4.92 26.98
N GLU A 640 9.49 5.41 26.04
CA GLU A 640 10.80 5.92 26.41
C GLU A 640 10.70 7.22 27.21
N GLY A 641 9.78 8.10 26.83
CA GLY A 641 9.49 9.23 27.70
C GLY A 641 9.04 8.79 29.08
N PHE A 642 8.22 7.74 29.13
CA PHE A 642 7.70 7.25 30.41
C PHE A 642 8.81 6.77 31.32
N CYS A 643 9.69 5.90 30.81
CA CYS A 643 10.75 5.36 31.65
C CYS A 643 11.78 6.43 32.01
N ASN A 644 12.19 7.24 31.01
CA ASN A 644 13.22 8.25 31.25
C ASN A 644 12.74 9.35 32.19
N GLU A 645 11.43 9.60 32.28
CA GLU A 645 10.93 10.47 33.34
C GLU A 645 10.53 9.70 34.59
N GLN A 646 10.47 8.37 34.52
CA GLN A 646 10.08 7.52 35.64
C GLN A 646 11.25 7.27 36.59
N LYS A 647 12.47 7.23 36.05
CA LYS A 647 13.65 7.04 36.90
C LYS A 647 13.69 8.07 38.03
N LYS A 648 13.20 9.28 37.78
CA LYS A 648 13.13 10.28 38.85
C LYS A 648 12.18 9.85 39.96
N ILE A 649 11.01 9.32 39.59
CA ILE A 649 10.09 8.80 40.59
C ILE A 649 10.75 7.71 41.42
N LEU A 650 11.42 6.76 40.74
CA LEU A 650 12.05 5.67 41.46
C LEU A 650 13.14 6.16 42.40
N MET A 651 13.94 7.14 41.95
CA MET A 651 15.01 7.65 42.79
C MET A 651 14.48 8.44 43.99
N ALA A 652 13.36 9.15 43.82
CA ALA A 652 12.74 9.78 44.98
C ALA A 652 12.19 8.74 45.94
N LEU A 653 11.60 7.66 45.39
CA LEU A 653 11.08 6.58 46.22
C LEU A 653 12.17 5.97 47.09
N GLU A 654 13.29 5.58 46.47
CA GLU A 654 14.38 5.04 47.27
C GLU A 654 15.03 6.13 48.12
N GLY A 655 14.85 7.40 47.78
CA GLY A 655 15.26 8.46 48.68
C GLY A 655 14.48 8.42 49.99
N ASP A 656 13.17 8.21 49.90
CA ASP A 656 12.36 8.01 51.09
C ASP A 656 12.54 6.64 51.72
N LYS A 657 13.20 5.73 51.01
CA LYS A 657 13.36 4.36 51.46
C LYS A 657 14.38 4.32 52.61
N LYS A 658 15.54 4.95 52.41
CA LYS A 658 16.59 5.07 53.42
C LYS A 658 16.47 6.35 54.25
N ASN A 659 15.37 7.08 54.08
CA ASN A 659 15.07 8.29 54.85
C ASN A 659 16.12 9.37 54.62
N LYS A 660 16.36 9.66 53.35
CA LYS A 660 17.30 10.71 52.95
C LYS A 660 16.61 12.03 52.61
N SER A 661 15.29 12.10 52.77
CA SER A 661 14.51 13.33 52.60
C SER A 661 14.70 13.95 51.21
N SER A 662 14.52 13.11 50.18
CA SER A 662 14.69 13.52 48.80
C SER A 662 13.60 14.51 48.38
N PHE A 663 13.87 15.26 47.32
CA PHE A 663 12.94 16.27 46.84
C PHE A 663 13.10 16.48 45.32
N GLY A 664 11.98 16.57 44.58
CA GLY A 664 11.99 17.10 43.20
C GLY A 664 11.20 18.39 43.03
N PHE A 665 11.72 19.31 42.20
CA PHE A 665 11.42 20.73 42.40
C PHE A 665 9.99 21.12 42.00
N ASN A 666 9.55 20.69 40.82
CA ASN A 666 8.19 21.00 40.34
C ASN A 666 7.50 19.68 40.04
N PRO A 667 7.05 18.96 41.08
CA PRO A 667 6.44 17.64 40.85
C PRO A 667 5.18 17.72 40.01
N GLU A 668 4.46 18.84 40.05
CA GLU A 668 3.36 19.03 39.11
C GLU A 668 3.87 19.00 37.68
N GLY A 669 5.02 19.63 37.43
CA GLY A 669 5.60 19.59 36.10
C GLY A 669 6.11 18.22 35.71
N LEU A 670 6.70 17.50 36.67
CA LEU A 670 7.16 16.14 36.40
C LEU A 670 5.99 15.23 36.05
N LEU A 671 4.91 15.29 36.84
CA LEU A 671 3.73 14.50 36.56
C LEU A 671 2.99 14.97 35.31
N GLU A 672 3.21 16.23 34.90
CA GLU A 672 2.69 16.70 33.62
C GLU A 672 3.49 16.14 32.45
N LYS A 673 4.79 15.95 32.64
CA LYS A 673 5.60 15.31 31.60
C LYS A 673 5.31 13.81 31.52
N ILE A 674 5.10 13.17 32.67
CA ILE A 674 4.72 11.77 32.68
C ILE A 674 3.33 11.60 32.07
N GLU A 675 2.41 12.49 32.41
CA GLU A 675 1.09 12.46 31.78
C GLU A 675 1.17 12.68 30.28
N GLU A 676 2.04 13.60 29.86
CA GLU A 676 2.14 13.96 28.45
C GLU A 676 2.55 12.78 27.58
N CYS A 677 3.33 11.85 28.12
CA CYS A 677 3.84 10.72 27.36
C CYS A 677 2.98 9.46 27.49
N LEU A 678 1.82 9.55 28.13
CA LEU A 678 0.87 8.43 28.20
C LEU A 678 -0.27 8.71 27.23
N ILE A 679 -0.32 7.99 26.10
CA ILE A 679 -1.44 8.22 25.20
C ILE A 679 -2.20 6.92 24.90
N ASN A 680 -1.76 6.15 23.90
CA ASN A 680 -2.41 4.90 23.54
C ASN A 680 -1.62 3.64 23.90
N ASN A 681 -0.43 3.78 24.45
CA ASN A 681 0.48 2.63 24.58
C ASN A 681 0.02 1.70 25.68
N PRO A 682 -0.29 0.43 25.39
CA PRO A 682 -0.75 -0.48 26.46
C PRO A 682 0.29 -0.72 27.55
N MET A 683 1.54 -1.00 27.16
CA MET A 683 2.57 -1.26 28.16
C MET A 683 2.83 -0.02 29.01
N CYS A 684 2.83 1.16 28.38
CA CYS A 684 3.06 2.41 29.10
C CYS A 684 2.02 2.59 30.21
N LEU A 685 0.74 2.54 29.84
CA LEU A 685 -0.32 2.71 30.83
C LEU A 685 -0.29 1.61 31.88
N PHE A 686 0.04 0.38 31.47
CA PHE A 686 0.11 -0.72 32.41
C PHE A 686 1.17 -0.46 33.49
N MET A 687 2.40 -0.17 33.07
CA MET A 687 3.45 0.14 34.03
C MET A 687 3.11 1.39 34.83
N ALA A 688 2.31 2.29 34.27
CA ALA A 688 1.84 3.43 35.05
C ALA A 688 0.97 2.97 36.23
N GLN A 689 -0.08 2.19 35.93
CA GLN A 689 -0.98 1.73 36.99
C GLN A 689 -0.24 0.87 38.01
N ARG A 690 0.62 -0.02 37.54
CA ARG A 690 1.43 -0.81 38.46
C ARG A 690 2.33 0.07 39.31
N LEU A 691 2.79 1.20 38.76
CA LEU A 691 3.54 2.16 39.58
C LEU A 691 2.64 2.76 40.64
N ASN A 692 1.38 3.05 40.30
CA ASN A 692 0.42 3.51 41.30
C ASN A 692 0.32 2.52 42.46
N GLU A 693 0.17 1.23 42.13
CA GLU A 693 0.04 0.23 43.19
C GLU A 693 1.33 0.12 44.00
N LEU A 694 2.49 0.28 43.34
CA LEU A 694 3.75 0.31 44.08
C LEU A 694 3.78 1.47 45.07
N VAL A 695 3.33 2.65 44.63
CA VAL A 695 3.27 3.80 45.54
C VAL A 695 2.33 3.52 46.71
N ILE A 696 1.22 2.85 46.44
CA ILE A 696 0.26 2.57 47.51
C ILE A 696 0.86 1.63 48.54
N GLU A 697 1.39 0.48 48.09
CA GLU A 697 1.94 -0.50 49.02
C GLU A 697 3.15 0.05 49.76
N ALA A 698 3.98 0.84 49.07
CA ALA A 698 5.13 1.46 49.72
C ALA A 698 4.68 2.46 50.78
N SER A 699 3.69 3.28 50.46
CA SER A 699 3.14 4.22 51.44
C SER A 699 2.54 3.48 52.63
N LYS A 700 2.00 2.28 52.40
CA LYS A 700 1.51 1.48 53.52
C LYS A 700 2.65 0.95 54.37
N ARG A 701 3.75 0.53 53.74
CA ARG A 701 4.92 0.08 54.50
C ARG A 701 5.45 1.18 55.40
N GLY A 702 5.74 2.33 54.82
CA GLY A 702 5.88 3.56 55.59
C GLY A 702 5.55 4.71 54.69
N ALA A 703 5.05 5.79 55.27
CA ALA A 703 4.37 6.81 54.48
C ALA A 703 5.27 8.02 54.31
N LYS A 704 5.92 8.09 53.15
CA LYS A 704 6.34 9.33 52.52
C LYS A 704 5.47 9.69 51.33
N PHE A 705 4.39 8.92 51.09
CA PHE A 705 3.52 9.13 49.95
C PHE A 705 2.05 9.24 50.38
N PHE A 706 1.14 9.26 49.41
CA PHE A 706 -0.28 9.43 49.65
C PHE A 706 -1.08 8.27 49.08
N LYS A 707 -2.23 8.00 49.69
CA LYS A 707 -3.23 7.09 49.16
C LYS A 707 -4.57 7.80 49.17
N THR A 708 -5.23 7.84 48.01
CA THR A 708 -6.48 8.59 47.85
C THR A 708 -7.56 8.10 48.80
N MET B 1 -37.88 -19.11 -22.07
CA MET B 1 -38.63 -19.71 -23.17
C MET B 1 -37.69 -20.46 -24.12
N SER B 2 -38.22 -21.49 -24.77
CA SER B 2 -37.47 -22.32 -25.70
C SER B 2 -37.90 -21.99 -27.12
N LYS B 3 -36.92 -21.65 -27.98
CA LYS B 3 -37.22 -21.20 -29.33
C LYS B 3 -37.26 -22.30 -30.38
N THR B 4 -36.78 -23.51 -30.07
CA THR B 4 -36.67 -24.56 -31.08
C THR B 4 -37.02 -25.91 -30.48
N PHE B 5 -37.28 -26.88 -31.36
CA PHE B 5 -37.68 -28.21 -30.90
C PHE B 5 -36.48 -28.97 -30.34
N ALA B 6 -35.32 -28.85 -30.97
CA ALA B 6 -34.12 -29.49 -30.43
C ALA B 6 -33.82 -29.01 -29.03
N GLU B 7 -34.11 -27.73 -28.74
CA GLU B 7 -33.95 -27.22 -27.37
C GLU B 7 -34.86 -27.95 -26.40
N ILE B 8 -36.14 -28.07 -26.74
CA ILE B 8 -37.10 -28.74 -25.87
C ILE B 8 -36.68 -30.19 -25.63
N ALA B 9 -36.37 -30.91 -26.71
CA ALA B 9 -36.01 -32.32 -26.60
C ALA B 9 -34.75 -32.49 -25.76
N GLU B 10 -33.65 -31.85 -26.18
CA GLU B 10 -32.38 -32.01 -25.45
C GLU B 10 -32.46 -31.48 -24.03
N ALA B 11 -33.45 -30.65 -23.71
CA ALA B 11 -33.56 -30.12 -22.34
C ALA B 11 -33.90 -31.23 -21.36
N PHE B 12 -35.02 -31.93 -21.58
CA PHE B 12 -35.47 -32.96 -20.65
C PHE B 12 -34.98 -34.37 -21.01
N LEU B 13 -34.48 -34.57 -22.22
CA LEU B 13 -34.13 -35.90 -22.71
C LEU B 13 -32.62 -36.06 -22.73
N GLU B 14 -32.18 -37.25 -23.15
CA GLU B 14 -30.75 -37.49 -23.24
C GLU B 14 -30.20 -36.94 -24.56
N PRO B 15 -29.02 -36.31 -24.53
CA PRO B 15 -28.56 -35.57 -25.73
C PRO B 15 -28.40 -36.45 -26.96
N GLU B 16 -27.78 -37.62 -26.82
CA GLU B 16 -27.59 -38.49 -27.98
C GLU B 16 -28.88 -39.18 -28.39
N ALA B 17 -29.78 -39.43 -27.44
CA ALA B 17 -31.06 -40.03 -27.76
C ALA B 17 -31.91 -39.15 -28.67
N VAL B 18 -31.69 -37.84 -28.65
CA VAL B 18 -32.43 -36.94 -29.53
C VAL B 18 -31.94 -37.08 -30.97
N ARG B 19 -30.65 -37.34 -31.17
CA ARG B 19 -30.10 -37.40 -32.52
C ARG B 19 -30.77 -38.48 -33.36
N ILE B 20 -31.14 -39.61 -32.74
CA ILE B 20 -31.85 -40.65 -33.46
C ILE B 20 -33.23 -40.15 -33.87
N ALA B 21 -33.88 -39.40 -32.98
CA ALA B 21 -35.17 -38.81 -33.33
C ALA B 21 -35.02 -37.86 -34.52
N LYS B 22 -34.03 -36.98 -34.49
CA LYS B 22 -33.82 -36.06 -35.61
C LYS B 22 -33.57 -36.82 -36.91
N GLU B 23 -32.67 -37.82 -36.88
CA GLU B 23 -32.29 -38.52 -38.10
C GLU B 23 -33.47 -39.31 -38.68
N ALA B 24 -34.11 -40.12 -37.85
CA ALA B 24 -35.27 -40.90 -38.32
C ALA B 24 -36.39 -39.97 -38.78
N VAL B 25 -36.57 -38.85 -38.09
CA VAL B 25 -37.55 -37.85 -38.46
C VAL B 25 -37.20 -37.11 -39.75
N GLU B 26 -35.94 -37.16 -40.20
CA GLU B 26 -35.60 -36.41 -41.40
C GLU B 26 -36.16 -37.07 -42.67
N GLU B 27 -36.13 -38.39 -42.74
CA GLU B 27 -36.30 -39.09 -44.01
C GLU B 27 -37.56 -39.94 -44.05
N TYR B 28 -37.70 -40.93 -43.17
CA TYR B 28 -38.81 -41.89 -43.27
C TYR B 28 -40.17 -41.19 -43.17
N GLY B 29 -40.29 -40.21 -42.29
CA GLY B 29 -41.45 -39.35 -42.28
C GLY B 29 -40.98 -37.92 -42.08
N ASP B 30 -41.83 -36.96 -42.43
CA ASP B 30 -41.40 -35.56 -42.40
C ASP B 30 -42.24 -34.72 -41.45
N HIS B 31 -41.94 -34.75 -40.16
CA HIS B 31 -42.66 -33.92 -39.19
C HIS B 31 -41.66 -33.36 -38.20
N GLU B 32 -41.71 -32.06 -37.96
CA GLU B 32 -40.65 -31.41 -37.20
C GLU B 32 -40.79 -31.63 -35.69
N ARG B 33 -42.00 -31.52 -35.13
CA ARG B 33 -42.17 -31.57 -33.68
C ARG B 33 -42.13 -32.99 -33.15
N LYS B 34 -42.64 -33.94 -33.94
CA LYS B 34 -42.88 -35.29 -33.43
C LYS B 34 -41.63 -35.99 -32.93
N ILE B 35 -40.44 -35.43 -33.17
CA ILE B 35 -39.24 -36.00 -32.57
C ILE B 35 -39.49 -36.26 -31.09
N ILE B 36 -40.08 -35.28 -30.41
CA ILE B 36 -40.29 -35.40 -28.97
C ILE B 36 -41.07 -36.67 -28.65
N GLN B 37 -42.13 -36.93 -29.42
CA GLN B 37 -42.91 -38.15 -29.20
C GLN B 37 -42.00 -39.38 -29.23
N ILE B 38 -41.30 -39.57 -30.35
CA ILE B 38 -40.46 -40.75 -30.42
C ILE B 38 -39.27 -40.58 -29.48
N GLY B 39 -38.89 -39.33 -29.20
CA GLY B 39 -37.87 -39.09 -28.20
C GLY B 39 -38.21 -39.72 -26.87
N ILE B 40 -39.49 -39.79 -26.54
CA ILE B 40 -39.92 -40.61 -25.41
C ILE B 40 -39.76 -42.08 -25.76
N HIS B 41 -40.52 -42.53 -26.78
CA HIS B 41 -40.63 -43.96 -27.08
C HIS B 41 -39.26 -44.60 -27.24
N PHE B 42 -38.42 -44.02 -28.10
CA PHE B 42 -37.09 -44.56 -28.32
C PHE B 42 -36.36 -44.78 -27.00
N GLN B 43 -36.29 -43.74 -26.17
CA GLN B 43 -35.54 -43.90 -24.92
C GLN B 43 -36.24 -44.90 -24.01
N VAL B 44 -37.57 -44.93 -24.05
CA VAL B 44 -38.35 -45.92 -23.30
C VAL B 44 -37.85 -47.32 -23.58
N CYS B 45 -37.40 -47.58 -24.81
CA CYS B 45 -36.91 -48.91 -25.15
C CYS B 45 -35.52 -49.16 -24.57
N CYS B 46 -34.64 -48.16 -24.64
CA CYS B 46 -33.23 -48.40 -24.35
C CYS B 46 -33.01 -48.83 -22.91
N MET B 47 -33.51 -48.05 -21.95
CA MET B 47 -33.44 -48.46 -20.55
C MET B 47 -34.05 -49.83 -20.32
N PHE B 48 -35.07 -50.18 -21.12
CA PHE B 48 -35.66 -51.51 -21.08
C PHE B 48 -34.61 -52.59 -21.36
N CYS B 49 -33.83 -52.41 -22.42
CA CYS B 49 -33.04 -53.51 -22.97
C CYS B 49 -31.76 -53.78 -22.18
N ASP B 50 -30.99 -52.72 -21.90
CA ASP B 50 -29.62 -52.91 -21.45
C ASP B 50 -29.57 -53.69 -20.16
N GLU B 51 -30.67 -53.58 -19.39
CA GLU B 51 -30.79 -53.97 -17.99
C GLU B 51 -30.46 -55.44 -17.74
N TYR B 52 -30.80 -56.33 -18.67
CA TYR B 52 -30.63 -57.75 -18.45
C TYR B 52 -29.70 -58.33 -19.51
N LEU B 53 -28.64 -59.00 -19.06
CA LEU B 53 -27.85 -59.89 -19.90
C LEU B 53 -28.14 -61.31 -19.42
N SER B 54 -28.39 -62.23 -20.34
CA SER B 54 -28.85 -63.55 -19.92
C SER B 54 -27.64 -64.49 -19.93
N THR B 55 -27.03 -64.62 -18.75
CA THR B 55 -26.03 -65.62 -18.36
C THR B 55 -25.05 -65.92 -19.50
N ASN B 56 -24.74 -64.92 -20.32
CA ASN B 56 -23.91 -65.15 -21.49
C ASN B 56 -23.35 -63.81 -21.96
N GLY B 57 -22.32 -63.88 -22.80
CA GLY B 57 -21.79 -62.67 -23.40
C GLY B 57 -22.84 -61.89 -24.17
N SER B 58 -23.76 -62.61 -24.82
CA SER B 58 -24.81 -61.97 -25.59
C SER B 58 -25.85 -61.34 -24.64
N ASP B 59 -26.40 -60.20 -25.07
CA ASP B 59 -27.39 -59.48 -24.30
C ASP B 59 -28.76 -60.17 -24.38
N ARG B 60 -29.62 -59.86 -23.41
CA ARG B 60 -30.93 -60.51 -23.38
C ARG B 60 -31.85 -59.99 -24.48
N PHE B 61 -31.80 -58.68 -24.77
CA PHE B 61 -32.67 -58.08 -25.77
C PHE B 61 -31.85 -57.46 -26.89
N VAL B 62 -32.51 -57.27 -28.04
CA VAL B 62 -31.92 -56.59 -29.19
C VAL B 62 -32.93 -55.59 -29.73
N LEU B 63 -32.44 -54.41 -30.14
CA LEU B 63 -33.28 -53.26 -30.45
C LEU B 63 -33.32 -53.06 -31.96
N ILE B 64 -34.51 -53.23 -32.54
CA ILE B 64 -34.70 -52.99 -33.97
C ILE B 64 -35.33 -51.64 -34.28
N GLU B 65 -35.76 -50.87 -33.27
CA GLU B 65 -36.53 -49.65 -33.54
C GLU B 65 -35.64 -48.50 -33.99
N GLY B 66 -34.58 -48.21 -33.24
CA GLY B 66 -33.76 -47.04 -33.54
C GLY B 66 -32.92 -47.16 -34.80
N ARG B 67 -32.83 -48.34 -35.38
CA ARG B 67 -31.98 -48.59 -36.53
C ARG B 67 -32.66 -48.07 -37.80
N LYS B 68 -31.98 -48.27 -38.93
CA LYS B 68 -32.52 -47.87 -40.22
C LYS B 68 -33.53 -48.89 -40.72
N ARG B 69 -34.51 -48.40 -41.49
CA ARG B 69 -35.63 -49.20 -41.96
C ARG B 69 -35.18 -50.45 -42.71
N GLY B 70 -34.56 -50.25 -43.87
CA GLY B 70 -34.13 -51.37 -44.69
C GLY B 70 -33.23 -52.34 -43.96
N THR B 71 -32.39 -51.83 -43.05
CA THR B 71 -31.56 -52.71 -42.23
C THR B 71 -32.40 -53.44 -41.19
N ALA B 72 -33.39 -52.75 -40.62
CA ALA B 72 -34.26 -53.37 -39.63
C ALA B 72 -35.07 -54.52 -40.21
N VAL B 73 -35.38 -54.45 -41.51
CA VAL B 73 -36.11 -55.54 -42.15
C VAL B 73 -35.29 -56.83 -42.13
N SER B 74 -34.07 -56.77 -42.66
CA SER B 74 -33.22 -57.96 -42.70
C SER B 74 -32.88 -58.43 -41.29
N LEU B 75 -32.58 -57.48 -40.39
CA LEU B 75 -32.30 -57.87 -39.01
C LEU B 75 -33.51 -58.48 -38.34
N GLN B 76 -34.72 -58.20 -38.83
CA GLN B 76 -35.89 -58.92 -38.35
C GLN B 76 -36.04 -60.28 -39.01
N ASN B 77 -35.47 -60.47 -40.21
CA ASN B 77 -35.44 -61.80 -40.81
C ASN B 77 -34.44 -62.72 -40.11
N GLU B 78 -33.41 -62.13 -39.50
CA GLU B 78 -32.50 -62.90 -38.66
C GLU B 78 -33.26 -63.72 -37.63
N LEU B 79 -34.33 -63.17 -37.06
CA LEU B 79 -35.12 -63.89 -36.07
C LEU B 79 -35.81 -65.10 -36.68
N CYS B 80 -36.24 -65.01 -37.94
CA CYS B 80 -36.75 -66.19 -38.63
C CYS B 80 -35.68 -67.25 -38.79
N LYS B 81 -34.42 -66.83 -38.94
CA LYS B 81 -33.35 -67.83 -38.94
C LYS B 81 -33.16 -68.45 -37.56
N SER B 82 -33.02 -67.62 -36.52
CA SER B 82 -32.65 -68.16 -35.21
C SER B 82 -33.77 -68.98 -34.58
N TYR B 83 -34.93 -68.36 -34.35
CA TYR B 83 -36.01 -68.99 -33.61
C TYR B 83 -37.12 -69.57 -34.47
N ASP B 84 -37.06 -69.36 -35.79
CA ASP B 84 -38.00 -69.95 -36.74
C ASP B 84 -39.46 -69.56 -36.48
N LEU B 85 -39.70 -68.45 -35.81
CA LEU B 85 -41.06 -67.98 -35.57
C LEU B 85 -41.63 -67.31 -36.82
N GLU B 86 -42.96 -67.22 -36.87
CA GLU B 86 -43.67 -66.63 -37.99
C GLU B 86 -43.11 -65.23 -38.30
N PRO B 87 -42.84 -64.92 -39.58
CA PRO B 87 -42.33 -63.59 -39.94
C PRO B 87 -43.40 -62.51 -39.92
N LEU B 88 -43.66 -61.92 -38.76
CA LEU B 88 -44.72 -60.94 -38.61
C LEU B 88 -44.55 -59.80 -39.60
N PRO B 89 -45.64 -59.32 -40.22
CA PRO B 89 -45.50 -58.20 -41.16
C PRO B 89 -45.13 -56.88 -40.49
N PHE B 90 -45.65 -56.63 -39.29
CA PHE B 90 -45.37 -55.38 -38.59
C PHE B 90 -44.02 -55.47 -37.90
N LEU B 91 -43.19 -54.44 -38.12
CA LEU B 91 -41.85 -54.40 -37.51
C LEU B 91 -41.96 -53.96 -36.07
N CYS B 92 -41.51 -54.81 -35.15
CA CYS B 92 -41.61 -54.53 -33.73
C CYS B 92 -40.34 -53.83 -33.23
N ASP B 93 -40.35 -53.42 -31.96
CA ASP B 93 -39.25 -52.65 -31.41
C ASP B 93 -38.07 -53.53 -30.98
N ILE B 94 -38.35 -54.59 -30.23
CA ILE B 94 -37.33 -55.30 -29.46
C ILE B 94 -37.58 -56.79 -29.54
N PHE B 95 -36.49 -57.57 -29.54
CA PHE B 95 -36.58 -59.03 -29.53
C PHE B 95 -35.82 -59.60 -28.32
N ASP B 96 -36.51 -60.46 -27.57
CA ASP B 96 -35.98 -61.07 -26.35
C ASP B 96 -35.38 -62.42 -26.69
N ARG B 97 -34.17 -62.68 -26.18
CA ARG B 97 -33.54 -63.98 -26.36
C ARG B 97 -33.80 -64.95 -25.21
N GLU B 98 -34.27 -64.46 -24.07
CA GLU B 98 -34.68 -65.33 -22.97
C GLU B 98 -36.09 -65.86 -23.20
N GLU B 99 -37.03 -64.97 -23.52
CA GLU B 99 -38.40 -65.34 -23.82
C GLU B 99 -38.61 -65.72 -25.28
N LYS B 100 -37.67 -65.36 -26.16
CA LYS B 100 -37.68 -65.77 -27.56
C LYS B 100 -38.95 -65.33 -28.28
N GLN B 101 -39.44 -64.13 -27.96
CA GLN B 101 -40.71 -63.66 -28.49
C GLN B 101 -40.61 -62.20 -28.89
N PHE B 102 -41.63 -61.75 -29.62
CA PHE B 102 -41.72 -60.38 -30.10
C PHE B 102 -42.13 -59.44 -28.97
N VAL B 103 -41.50 -58.27 -28.91
CA VAL B 103 -41.78 -57.27 -27.89
C VAL B 103 -41.96 -55.92 -28.56
N GLU B 104 -43.05 -55.22 -28.22
CA GLU B 104 -43.30 -53.88 -28.70
C GLU B 104 -43.90 -53.05 -27.55
N ILE B 105 -43.55 -51.77 -27.52
CA ILE B 105 -43.89 -50.90 -26.39
C ILE B 105 -44.63 -49.68 -26.93
N GLY B 106 -45.87 -49.49 -26.49
CA GLY B 106 -46.60 -48.27 -26.72
C GLY B 106 -46.57 -47.35 -25.51
N ILE B 107 -46.83 -46.06 -25.74
CA ILE B 107 -46.96 -45.08 -24.69
C ILE B 107 -48.12 -44.16 -25.06
N THR B 108 -49.12 -44.07 -24.16
CA THR B 108 -50.32 -43.28 -24.43
C THR B 108 -50.61 -42.34 -23.27
N ARG B 109 -51.21 -41.19 -23.61
CA ARG B 109 -51.61 -40.22 -22.60
C ARG B 109 -52.95 -40.59 -21.97
N LYS B 110 -53.91 -41.03 -22.76
CA LYS B 110 -55.27 -41.26 -22.29
C LYS B 110 -55.33 -42.57 -21.49
N ALA B 111 -56.54 -42.95 -21.08
CA ALA B 111 -56.74 -44.24 -20.44
C ALA B 111 -56.22 -45.36 -21.32
N ASP B 112 -55.55 -46.34 -20.69
CA ASP B 112 -54.74 -47.30 -21.42
C ASP B 112 -55.56 -48.12 -22.41
N ASP B 113 -56.84 -48.39 -22.10
CA ASP B 113 -57.65 -49.25 -22.96
C ASP B 113 -57.73 -48.70 -24.38
N SER B 114 -57.90 -47.37 -24.51
CA SER B 114 -58.13 -46.77 -25.82
C SER B 114 -57.04 -47.14 -26.82
N TYR B 115 -55.77 -47.05 -26.40
CA TYR B 115 -54.69 -47.42 -27.31
C TYR B 115 -54.42 -48.92 -27.33
N PHE B 116 -54.53 -49.58 -26.16
CA PHE B 116 -54.19 -51.00 -26.14
C PHE B 116 -55.11 -51.82 -27.03
N GLN B 117 -56.38 -51.42 -27.14
CA GLN B 117 -57.25 -52.11 -28.10
C GLN B 117 -56.80 -51.86 -29.53
N SER B 118 -56.16 -50.72 -29.80
CA SER B 118 -55.67 -50.44 -31.14
C SER B 118 -54.47 -51.31 -31.48
N LYS B 119 -53.43 -51.29 -30.64
CA LYS B 119 -52.24 -52.08 -30.95
C LYS B 119 -52.52 -53.57 -30.85
N PHE B 120 -53.28 -53.98 -29.84
CA PHE B 120 -53.73 -55.37 -29.74
C PHE B 120 -54.58 -55.76 -30.95
N GLY B 121 -55.35 -54.82 -31.50
CA GLY B 121 -56.03 -55.08 -32.75
C GLY B 121 -55.05 -55.31 -33.89
N LYS B 122 -53.95 -54.57 -33.90
CA LYS B 122 -52.95 -54.73 -34.95
C LYS B 122 -52.27 -56.10 -34.88
N LEU B 123 -51.56 -56.38 -33.78
CA LEU B 123 -50.70 -57.56 -33.74
C LEU B 123 -51.27 -58.76 -32.97
N GLY B 124 -52.43 -58.63 -32.33
CA GLY B 124 -52.99 -59.75 -31.59
C GLY B 124 -52.07 -60.26 -30.50
N ASN B 125 -52.15 -61.57 -30.24
CA ASN B 125 -51.31 -62.25 -29.25
C ASN B 125 -49.96 -62.68 -29.80
N SER B 126 -49.68 -62.39 -31.08
CA SER B 126 -48.44 -62.84 -31.69
C SER B 126 -47.20 -62.21 -31.07
N CYS B 127 -47.35 -61.12 -30.34
CA CYS B 127 -46.24 -60.40 -29.74
C CYS B 127 -46.57 -60.05 -28.30
N LYS B 128 -45.53 -59.87 -27.50
CA LYS B 128 -45.70 -59.30 -26.17
C LYS B 128 -45.82 -57.79 -26.31
N ILE B 129 -46.96 -57.25 -25.91
CA ILE B 129 -47.32 -55.85 -26.14
C ILE B 129 -47.50 -55.18 -24.79
N PHE B 130 -46.66 -54.18 -24.50
CA PHE B 130 -46.68 -53.47 -23.24
C PHE B 130 -47.03 -52.02 -23.50
N VAL B 131 -48.16 -51.57 -22.94
CA VAL B 131 -48.67 -50.22 -23.15
C VAL B 131 -48.68 -49.49 -21.81
N PHE B 132 -47.91 -48.41 -21.73
CA PHE B 132 -47.76 -47.62 -20.52
C PHE B 132 -48.44 -46.27 -20.68
N SER B 133 -48.99 -45.78 -19.57
CA SER B 133 -49.48 -44.42 -19.47
C SER B 133 -48.53 -43.62 -18.60
N TYR B 134 -48.38 -42.33 -18.92
CA TYR B 134 -47.49 -41.48 -18.14
C TYR B 134 -47.93 -41.36 -16.69
N ASP B 135 -49.25 -41.45 -16.43
CA ASP B 135 -49.79 -41.23 -15.10
C ASP B 135 -49.61 -42.42 -14.16
N GLY B 136 -49.11 -43.55 -14.65
CA GLY B 136 -48.99 -44.75 -13.86
C GLY B 136 -49.97 -45.84 -14.21
N ARG B 137 -50.96 -45.55 -15.07
CA ARG B 137 -51.84 -46.60 -15.58
C ARG B 137 -51.03 -47.61 -16.38
N LEU B 138 -51.45 -48.86 -16.34
CA LEU B 138 -50.72 -49.95 -16.95
C LEU B 138 -51.66 -50.84 -17.75
N ASP B 139 -51.29 -51.12 -19.00
CA ASP B 139 -51.96 -52.13 -19.79
C ASP B 139 -50.89 -53.03 -20.41
N LYS B 140 -51.17 -54.32 -20.51
CA LYS B 140 -50.13 -55.27 -20.87
C LYS B 140 -50.72 -56.47 -21.59
N ASN B 141 -49.83 -57.23 -22.21
CA ASN B 141 -50.13 -58.57 -22.67
C ASN B 141 -49.99 -59.51 -21.46
N CYS B 142 -49.95 -60.82 -21.71
CA CYS B 142 -50.05 -61.81 -20.64
C CYS B 142 -49.06 -61.56 -19.51
N GLU B 143 -47.77 -61.44 -19.82
CA GLU B 143 -46.74 -61.32 -18.81
C GLU B 143 -46.05 -59.97 -18.89
N GLY B 144 -45.75 -59.39 -17.73
CA GLY B 144 -45.09 -58.11 -17.66
C GLY B 144 -43.59 -58.22 -17.48
N PRO B 145 -42.88 -57.14 -17.78
CA PRO B 145 -41.42 -57.12 -17.59
C PRO B 145 -41.05 -57.22 -16.11
N MET B 146 -39.77 -57.48 -15.88
CA MET B 146 -39.29 -57.71 -14.52
C MET B 146 -39.46 -56.46 -13.66
N GLU B 147 -39.51 -56.67 -12.35
CA GLU B 147 -39.99 -55.65 -11.42
C GLU B 147 -39.12 -54.39 -11.38
N GLU B 148 -37.84 -54.49 -11.73
CA GLU B 148 -36.97 -53.31 -11.67
C GLU B 148 -37.23 -52.36 -12.83
N GLN B 149 -37.27 -52.90 -14.06
CA GLN B 149 -37.47 -52.05 -15.23
C GLN B 149 -38.84 -51.38 -15.22
N LYS B 150 -39.86 -52.06 -14.69
CA LYS B 150 -41.15 -51.43 -14.46
C LYS B 150 -40.99 -50.13 -13.70
N LEU B 151 -40.34 -50.22 -12.53
CA LEU B 151 -40.18 -49.07 -11.65
C LEU B 151 -39.42 -47.95 -12.34
N ARG B 152 -38.30 -48.28 -12.98
CA ARG B 152 -37.49 -47.23 -13.59
C ARG B 152 -38.23 -46.55 -14.75
N ILE B 153 -38.84 -47.34 -15.64
CA ILE B 153 -39.51 -46.75 -16.80
C ILE B 153 -40.72 -45.92 -16.36
N PHE B 154 -41.41 -46.36 -15.30
CA PHE B 154 -42.57 -45.60 -14.82
C PHE B 154 -42.13 -44.28 -14.19
N SER B 155 -41.06 -44.31 -13.40
CA SER B 155 -40.54 -43.05 -12.86
C SER B 155 -40.17 -42.08 -13.97
N PHE B 156 -39.45 -42.58 -14.99
CA PHE B 156 -39.06 -41.70 -16.09
C PHE B 156 -40.29 -41.13 -16.80
N LEU B 157 -41.26 -41.99 -17.14
CA LEU B 157 -42.45 -41.49 -17.83
C LEU B 157 -43.20 -40.47 -16.99
N ALA B 158 -43.21 -40.64 -15.67
CA ALA B 158 -43.86 -39.65 -14.81
C ALA B 158 -43.15 -38.31 -14.87
N THR B 159 -41.82 -38.31 -14.71
CA THR B 159 -41.08 -37.05 -14.74
C THR B 159 -41.25 -36.35 -16.09
N ALA B 160 -41.12 -37.11 -17.19
CA ALA B 160 -41.32 -36.53 -18.51
C ALA B 160 -42.72 -35.95 -18.65
N ALA B 161 -43.72 -36.65 -18.09
CA ALA B 161 -45.08 -36.12 -18.11
C ALA B 161 -45.15 -34.78 -17.39
N ASP B 162 -44.48 -34.65 -16.24
CA ASP B 162 -44.49 -33.39 -15.52
C ASP B 162 -43.82 -32.28 -16.33
N PHE B 163 -42.74 -32.60 -17.05
CA PHE B 163 -42.11 -31.60 -17.90
C PHE B 163 -43.06 -31.15 -19.00
N LEU B 164 -43.72 -32.10 -19.66
CA LEU B 164 -44.67 -31.74 -20.71
C LEU B 164 -45.80 -30.88 -20.16
N ARG B 165 -46.26 -31.17 -18.93
CA ARG B 165 -47.26 -30.34 -18.30
C ARG B 165 -46.74 -28.92 -18.06
N LYS B 166 -45.48 -28.81 -17.64
CA LYS B 166 -44.91 -27.48 -17.42
C LYS B 166 -44.79 -26.71 -18.73
N GLU B 167 -44.53 -27.38 -19.85
CA GLU B 167 -44.48 -26.72 -21.14
C GLU B 167 -45.79 -26.82 -21.92
N ASN B 168 -46.77 -27.55 -21.39
CA ASN B 168 -48.15 -27.56 -21.91
C ASN B 168 -48.22 -28.03 -23.36
N MET B 169 -47.58 -29.17 -23.63
CA MET B 169 -47.71 -29.87 -24.91
C MET B 169 -48.38 -31.21 -24.64
N PHE B 170 -49.65 -31.35 -25.03
CA PHE B 170 -50.39 -32.56 -24.69
C PHE B 170 -51.14 -33.17 -25.88
N ASN B 171 -52.14 -32.46 -26.42
CA ASN B 171 -52.92 -33.01 -27.52
C ASN B 171 -52.05 -33.29 -28.75
N GLU B 172 -50.95 -32.56 -28.90
CA GLU B 172 -50.07 -32.76 -30.05
C GLU B 172 -49.28 -34.05 -29.94
N ILE B 173 -49.03 -34.52 -28.71
CA ILE B 173 -48.21 -35.72 -28.51
C ILE B 173 -49.01 -37.01 -28.65
N PHE B 174 -50.30 -36.92 -28.96
CA PHE B 174 -51.19 -38.06 -28.98
C PHE B 174 -50.76 -39.06 -30.07
N LEU B 175 -51.24 -40.29 -29.91
CA LEU B 175 -50.80 -41.42 -30.73
C LEU B 175 -51.06 -41.16 -32.21
N PRO B 176 -50.21 -41.73 -33.09
CA PRO B 176 -50.31 -41.37 -34.51
C PRO B 176 -51.66 -41.69 -35.11
N ASP B 177 -52.22 -42.89 -34.86
CA ASP B 177 -53.27 -43.24 -35.78
C ASP B 177 -54.56 -42.65 -35.24
N ASN B 178 -54.59 -42.23 -33.97
CA ASN B 178 -55.75 -41.52 -33.43
C ASN B 178 -55.71 -40.04 -33.80
N GLU B 179 -54.82 -39.27 -33.18
CA GLU B 179 -54.80 -37.82 -33.34
C GLU B 179 -53.83 -37.30 -34.41
N GLU B 180 -52.88 -38.09 -34.90
CA GLU B 180 -51.91 -37.47 -35.82
C GLU B 180 -52.55 -37.16 -37.16
N THR B 181 -53.46 -38.03 -37.62
CA THR B 181 -54.14 -37.79 -38.88
C THR B 181 -54.80 -36.42 -38.92
N ILE B 182 -55.28 -35.93 -37.77
CA ILE B 182 -55.85 -34.59 -37.77
C ILE B 182 -54.80 -33.65 -37.20
N ILE B 183 -53.76 -33.40 -37.99
CA ILE B 183 -52.82 -32.30 -37.75
C ILE B 183 -53.16 -31.12 -38.62
N GLU B 184 -54.17 -31.26 -39.47
CA GLU B 184 -54.52 -30.29 -40.49
C GLU B 184 -55.25 -29.10 -39.87
N MET B 185 -55.17 -27.98 -40.56
CA MET B 185 -55.87 -26.76 -40.14
C MET B 185 -57.32 -26.83 -40.59
N LYS B 186 -58.23 -26.54 -39.65
CA LYS B 186 -59.66 -26.63 -39.94
C LYS B 186 -60.05 -25.68 -41.05
N LYS B 187 -60.70 -26.21 -42.09
CA LYS B 187 -61.11 -25.44 -43.25
C LYS B 187 -62.62 -25.35 -43.28
N GLY B 188 -63.16 -24.17 -42.98
CA GLY B 188 -64.57 -23.91 -43.15
C GLY B 188 -64.88 -23.36 -44.53
N LYS B 189 -66.09 -23.65 -45.02
CA LYS B 189 -66.46 -23.15 -46.35
C LYS B 189 -66.54 -21.64 -46.36
N THR B 190 -66.98 -21.04 -45.25
CA THR B 190 -66.97 -19.58 -45.14
C THR B 190 -65.54 -19.04 -45.27
N PHE B 191 -64.61 -19.63 -44.54
CA PHE B 191 -63.23 -19.17 -44.59
C PHE B 191 -62.59 -19.46 -45.94
N LEU B 192 -62.90 -20.60 -46.55
CA LEU B 192 -62.30 -20.93 -47.84
C LEU B 192 -62.83 -20.01 -48.94
N GLU B 193 -64.12 -19.69 -48.90
CA GLU B 193 -64.65 -18.69 -49.83
C GLU B 193 -64.00 -17.34 -49.61
N LEU B 194 -63.97 -16.87 -48.36
CA LEU B 194 -63.35 -15.60 -48.03
C LEU B 194 -61.92 -15.52 -48.56
N ARG B 195 -61.14 -16.58 -48.29
CA ARG B 195 -59.76 -16.64 -48.78
C ARG B 195 -59.71 -16.67 -50.30
N ASP B 196 -60.68 -17.31 -50.94
CA ASP B 196 -60.64 -17.45 -52.39
C ASP B 196 -61.02 -16.16 -53.12
N GLU B 197 -61.82 -15.29 -52.51
CA GLU B 197 -62.05 -13.98 -53.12
C GLU B 197 -61.18 -12.88 -52.52
N SER B 198 -60.27 -13.21 -51.60
CA SER B 198 -59.39 -12.21 -51.00
C SER B 198 -58.09 -12.02 -51.75
N VAL B 199 -57.81 -12.82 -52.77
CA VAL B 199 -56.50 -12.85 -53.42
C VAL B 199 -56.29 -11.61 -54.27
N PRO B 200 -55.08 -11.04 -54.27
CA PRO B 200 -54.85 -9.81 -55.07
C PRO B 200 -54.83 -10.05 -56.56
N LEU B 201 -54.22 -11.15 -57.01
CA LEU B 201 -53.84 -11.33 -58.40
C LEU B 201 -55.06 -11.48 -59.30
N PRO B 202 -54.88 -11.38 -60.62
CA PRO B 202 -55.94 -11.81 -61.54
C PRO B 202 -56.45 -13.22 -61.27
N PHE B 203 -55.60 -14.09 -60.69
CA PHE B 203 -56.07 -15.40 -60.26
C PHE B 203 -57.13 -15.24 -59.17
N GLN B 204 -58.16 -16.09 -59.22
CA GLN B 204 -59.23 -16.15 -58.23
C GLN B 204 -59.00 -17.21 -57.17
N THR B 205 -58.96 -18.48 -57.56
CA THR B 205 -58.69 -19.54 -56.62
C THR B 205 -57.38 -19.30 -55.90
N TYR B 206 -57.39 -19.53 -54.58
CA TYR B 206 -56.17 -19.33 -53.78
C TYR B 206 -55.04 -20.24 -54.27
N GLU B 207 -55.37 -21.40 -54.83
CA GLU B 207 -54.34 -22.35 -55.25
C GLU B 207 -53.43 -21.75 -56.32
N GLN B 208 -53.96 -20.91 -57.21
CA GLN B 208 -53.13 -20.33 -58.25
C GLN B 208 -52.16 -19.30 -57.68
N MET B 209 -52.63 -18.46 -56.77
CA MET B 209 -51.73 -17.54 -56.07
C MET B 209 -50.68 -18.30 -55.30
N LYS B 210 -51.07 -19.41 -54.65
CA LYS B 210 -50.12 -20.26 -53.95
C LYS B 210 -49.06 -20.80 -54.90
N ASP B 211 -49.48 -21.23 -56.09
CA ASP B 211 -48.51 -21.75 -57.07
C ASP B 211 -47.56 -20.66 -57.53
N TYR B 212 -48.08 -19.47 -57.84
CA TYR B 212 -47.21 -18.38 -58.28
C TYR B 212 -46.26 -17.94 -57.17
N CYS B 213 -46.65 -18.12 -55.91
CA CYS B 213 -45.77 -17.79 -54.80
C CYS B 213 -44.67 -18.82 -54.64
N GLU B 214 -45.05 -20.08 -54.38
CA GLU B 214 -44.06 -21.13 -54.12
C GLU B 214 -43.09 -21.29 -55.29
N LYS B 215 -43.57 -21.14 -56.52
CA LYS B 215 -42.76 -21.35 -57.71
C LYS B 215 -42.07 -20.08 -58.21
N PHE B 216 -42.16 -18.99 -57.47
CA PHE B 216 -41.64 -17.70 -57.92
C PHE B 216 -40.12 -17.70 -57.98
N LYS B 217 -39.57 -17.27 -59.11
CA LYS B 217 -38.15 -16.91 -59.23
C LYS B 217 -38.08 -15.58 -59.97
N GLY B 218 -37.63 -14.54 -59.28
CA GLY B 218 -37.56 -13.21 -59.88
C GLY B 218 -36.38 -13.04 -60.81
N ASN B 219 -36.64 -12.45 -61.99
CA ASN B 219 -35.64 -12.03 -62.95
C ASN B 219 -35.18 -10.60 -62.64
N PRO B 220 -34.02 -10.15 -63.19
CA PRO B 220 -33.56 -8.78 -62.97
C PRO B 220 -34.23 -7.75 -63.89
N ARG B 221 -35.56 -7.76 -63.89
CA ARG B 221 -36.35 -6.83 -64.68
C ARG B 221 -36.84 -5.63 -63.87
N GLU B 222 -36.54 -5.60 -62.57
CA GLU B 222 -36.90 -4.48 -61.72
C GLU B 222 -35.96 -3.30 -61.89
N LEU B 223 -34.89 -3.45 -62.68
CA LEU B 223 -34.10 -2.29 -63.05
C LEU B 223 -34.84 -1.42 -64.07
N ALA B 224 -35.45 -2.04 -65.08
CA ALA B 224 -36.28 -1.30 -66.01
C ALA B 224 -37.61 -0.90 -65.38
N SER B 225 -38.16 -1.75 -64.52
CA SER B 225 -39.34 -1.36 -63.75
C SER B 225 -39.04 -0.17 -62.85
N LYS B 226 -37.83 -0.13 -62.29
CA LYS B 226 -37.45 0.97 -61.40
C LYS B 226 -37.08 2.23 -62.16
N VAL B 227 -36.54 2.10 -63.37
CA VAL B 227 -36.23 3.28 -64.18
C VAL B 227 -37.50 3.85 -64.80
N SER B 228 -38.45 3.00 -65.17
CA SER B 228 -39.75 3.51 -65.62
C SER B 228 -40.53 4.11 -64.46
N GLN B 229 -40.42 3.51 -63.27
CA GLN B 229 -40.96 4.13 -62.06
C GLN B 229 -40.27 5.46 -61.78
N MET B 230 -38.98 5.55 -62.12
CA MET B 230 -38.25 6.80 -61.96
C MET B 230 -38.73 7.85 -62.95
N GLN B 231 -38.99 7.44 -64.20
CA GLN B 231 -39.54 8.38 -65.18
C GLN B 231 -40.92 8.85 -64.77
N SER B 232 -41.73 7.93 -64.22
CA SER B 232 -43.04 8.33 -63.72
C SER B 232 -42.91 9.27 -62.54
N ASN B 233 -41.88 9.09 -61.71
CA ASN B 233 -41.66 9.99 -60.57
C ASN B 233 -40.66 11.02 -61.05
N ILE B 234 -41.17 12.16 -61.50
CA ILE B 234 -40.27 13.12 -62.12
C ILE B 234 -39.54 13.92 -61.05
N LYS B 235 -40.20 14.19 -59.94
CA LYS B 235 -39.81 15.29 -59.07
C LYS B 235 -38.90 14.83 -57.93
N LEU B 236 -38.75 15.74 -56.98
CA LEU B 236 -37.95 15.73 -55.77
C LEU B 236 -36.43 15.56 -55.90
N PRO B 237 -35.75 16.22 -56.83
CA PRO B 237 -34.35 16.55 -56.58
C PRO B 237 -34.33 17.76 -55.68
N ILE B 238 -33.33 17.82 -54.80
CA ILE B 238 -33.37 18.88 -53.81
C ILE B 238 -32.01 19.49 -53.59
N LYS B 239 -32.00 20.82 -53.50
CA LYS B 239 -30.81 21.62 -53.32
C LYS B 239 -31.12 22.66 -52.25
N HIS B 240 -30.27 22.75 -51.23
CA HIS B 240 -30.48 23.75 -50.19
C HIS B 240 -30.38 25.15 -50.77
N TYR B 241 -29.27 25.46 -51.42
CA TYR B 241 -29.01 26.82 -51.89
C TYR B 241 -30.12 27.33 -52.80
N GLU B 242 -30.84 26.43 -53.46
CA GLU B 242 -31.94 26.85 -54.32
C GLU B 242 -33.15 27.29 -53.50
N GLN B 243 -33.51 26.51 -52.48
CA GLN B 243 -34.62 26.85 -51.60
C GLN B 243 -34.16 27.53 -50.32
N ASN B 244 -32.87 27.88 -50.21
CA ASN B 244 -32.29 28.32 -48.94
C ASN B 244 -33.05 29.46 -48.29
N LYS B 245 -33.89 30.17 -49.05
CA LYS B 245 -34.70 31.24 -48.48
C LYS B 245 -35.66 30.69 -47.42
N PHE B 246 -36.34 29.60 -47.74
CA PHE B 246 -37.45 29.06 -46.94
C PHE B 246 -38.56 30.07 -46.74
N ARG B 247 -38.66 31.07 -47.62
CA ARG B 247 -39.60 32.17 -47.56
C ARG B 247 -39.71 32.73 -46.14
N GLN B 248 -38.57 32.80 -45.44
CA GLN B 248 -38.52 33.11 -44.02
C GLN B 248 -39.45 32.17 -43.26
N ILE B 249 -40.43 32.70 -42.54
CA ILE B 249 -41.46 31.91 -41.87
C ILE B 249 -42.76 32.70 -41.97
N ARG B 250 -43.84 32.02 -42.37
CA ARG B 250 -45.14 32.68 -42.45
C ARG B 250 -45.72 32.87 -41.05
N LEU B 251 -46.42 33.99 -40.86
CA LEU B 251 -47.03 34.29 -39.58
C LEU B 251 -48.45 34.78 -39.79
N PRO B 252 -49.39 34.36 -38.94
CA PRO B 252 -50.79 34.77 -39.12
C PRO B 252 -51.00 36.24 -38.81
N LYS B 253 -52.06 36.78 -39.39
CA LYS B 253 -52.43 38.18 -39.21
C LYS B 253 -53.87 38.27 -38.71
N GLY B 254 -54.11 39.23 -37.82
CA GLY B 254 -55.41 39.37 -37.17
C GLY B 254 -55.27 40.11 -35.86
N PRO B 255 -56.21 39.88 -34.94
CA PRO B 255 -56.09 40.46 -33.61
C PRO B 255 -54.92 39.87 -32.84
N MET B 256 -54.40 40.66 -31.90
CA MET B 256 -53.25 40.21 -31.12
C MET B 256 -53.65 39.07 -30.18
N ALA B 257 -52.75 38.11 -30.03
CA ALA B 257 -53.05 36.92 -29.24
C ALA B 257 -53.31 37.30 -27.79
N PRO B 258 -54.28 36.66 -27.14
CA PRO B 258 -54.62 37.03 -25.76
C PRO B 258 -53.78 36.31 -24.72
N TYR B 259 -54.14 36.48 -23.45
CA TYR B 259 -53.45 35.85 -22.34
C TYR B 259 -54.11 34.51 -22.06
N THR B 260 -53.42 33.42 -22.38
CA THR B 260 -54.01 32.09 -22.24
C THR B 260 -53.70 31.41 -20.91
N HIS B 261 -52.79 31.97 -20.11
CA HIS B 261 -52.44 31.34 -18.85
C HIS B 261 -53.60 31.46 -17.87
N LYS B 262 -53.84 30.38 -17.13
CA LYS B 262 -54.94 30.34 -16.16
C LYS B 262 -54.80 31.41 -15.08
N PHE B 263 -53.58 31.92 -14.88
CA PHE B 263 -53.33 32.97 -13.90
C PHE B 263 -52.54 34.10 -14.55
N LEU B 264 -52.58 35.26 -13.91
CA LEU B 264 -51.81 36.41 -14.36
C LEU B 264 -50.45 36.41 -13.70
N MET B 265 -49.41 36.74 -14.47
CA MET B 265 -48.05 36.67 -13.97
C MET B 265 -47.50 38.05 -13.63
N GLU B 266 -47.20 38.84 -14.67
CA GLU B 266 -46.47 40.08 -14.49
C GLU B 266 -47.27 41.09 -13.67
N GLU B 267 -48.55 41.27 -14.00
CA GLU B 267 -49.38 42.28 -13.36
C GLU B 267 -50.02 41.80 -12.07
N ALA B 268 -49.87 40.53 -11.71
CA ALA B 268 -50.52 39.99 -10.53
C ALA B 268 -49.97 40.65 -9.26
N TRP B 269 -50.82 40.76 -8.25
CA TRP B 269 -50.51 41.45 -7.01
C TRP B 269 -50.59 40.48 -5.84
N MET B 270 -49.82 40.77 -4.79
CA MET B 270 -49.64 39.86 -3.67
C MET B 270 -50.15 40.48 -2.37
N PHE B 271 -50.56 39.62 -1.45
CA PHE B 271 -50.96 40.01 -0.10
C PHE B 271 -50.18 39.16 0.89
N THR B 272 -49.31 39.80 1.68
CA THR B 272 -48.36 39.08 2.53
C THR B 272 -48.97 38.78 3.89
N LYS B 273 -48.79 37.54 4.34
CA LYS B 273 -49.20 37.12 5.67
C LYS B 273 -48.15 36.20 6.27
N ILE B 274 -47.67 36.53 7.47
CA ILE B 274 -46.71 35.65 8.15
C ILE B 274 -47.45 34.45 8.69
N SER B 275 -47.02 33.25 8.27
CA SER B 275 -47.79 32.04 8.46
C SER B 275 -47.47 31.36 9.78
N ASP B 276 -48.52 30.84 10.43
CA ASP B 276 -48.48 29.96 11.59
C ASP B 276 -48.47 28.50 11.13
N PRO B 277 -47.66 27.65 11.76
CA PRO B 277 -47.63 26.23 11.31
C PRO B 277 -48.96 25.54 11.48
N GLU B 278 -49.64 25.72 12.61
CA GLU B 278 -50.91 25.06 12.84
C GLU B 278 -52.08 25.80 12.19
N ARG B 279 -51.96 27.12 12.00
CA ARG B 279 -53.02 27.85 11.32
C ARG B 279 -52.96 27.64 9.81
N SER B 280 -51.77 27.72 9.22
CA SER B 280 -51.61 27.59 7.78
C SER B 280 -51.54 26.14 7.33
N ARG B 281 -51.42 25.17 8.25
CA ARG B 281 -51.36 23.77 7.85
C ARG B 281 -52.59 23.36 7.05
N ALA B 282 -53.74 23.95 7.34
CA ALA B 282 -54.93 23.68 6.55
C ALA B 282 -54.78 24.19 5.13
N GLY B 283 -54.42 25.46 4.98
CA GLY B 283 -54.31 26.09 3.68
C GLY B 283 -55.64 26.48 3.07
N GLU B 284 -56.74 25.88 3.53
CA GLU B 284 -58.07 26.39 3.24
C GLU B 284 -58.43 27.52 4.18
N ILE B 285 -58.05 27.39 5.46
CA ILE B 285 -58.28 28.44 6.46
C ILE B 285 -57.38 29.63 6.24
N LEU B 286 -56.38 29.51 5.35
CA LEU B 286 -55.46 30.62 5.09
C LEU B 286 -56.22 31.89 4.73
N ILE B 287 -57.25 31.78 3.87
CA ILE B 287 -58.03 32.97 3.53
C ILE B 287 -58.93 33.38 4.68
N ASP B 288 -59.36 32.44 5.52
CA ASP B 288 -60.19 32.82 6.66
C ASP B 288 -59.40 33.68 7.63
N PHE B 289 -58.10 33.39 7.80
CA PHE B 289 -57.24 34.25 8.57
C PHE B 289 -56.81 35.49 7.79
N PHE B 290 -56.85 35.43 6.46
CA PHE B 290 -56.59 36.63 5.66
C PHE B 290 -57.71 37.65 5.84
N LYS B 291 -58.96 37.18 5.95
CA LYS B 291 -60.11 38.07 5.99
C LYS B 291 -60.13 38.92 7.25
N LYS B 292 -59.57 38.41 8.35
CA LYS B 292 -59.43 39.23 9.56
C LYS B 292 -58.54 40.43 9.32
N GLY B 293 -57.82 40.48 8.22
CA GLY B 293 -57.07 41.65 7.79
C GLY B 293 -57.91 42.59 6.96
N ASN B 294 -57.24 43.28 6.03
CA ASN B 294 -57.87 44.30 5.21
C ASN B 294 -58.56 43.76 3.96
N LEU B 295 -58.42 42.45 3.69
CA LEU B 295 -58.97 41.88 2.46
C LEU B 295 -60.49 42.04 2.39
N SER B 296 -61.17 41.91 3.52
CA SER B 296 -62.63 41.89 3.53
C SER B 296 -63.24 43.20 3.05
N ALA B 297 -62.52 44.32 3.16
CA ALA B 297 -63.11 45.62 2.86
C ALA B 297 -63.19 45.90 1.36
N ILE B 298 -62.33 45.27 0.56
CA ILE B 298 -62.23 45.64 -0.85
C ILE B 298 -63.51 45.21 -1.58
N ARG B 299 -64.13 46.16 -2.29
CA ARG B 299 -65.30 45.87 -3.09
C ARG B 299 -65.19 46.63 -4.42
N PRO B 300 -65.53 45.99 -5.53
CA PRO B 300 -65.52 46.68 -6.82
C PRO B 300 -66.78 47.51 -7.03
N LYS B 301 -66.64 48.51 -7.89
CA LYS B 301 -67.79 49.31 -8.32
C LYS B 301 -68.58 48.56 -9.40
N ASP B 302 -69.85 48.94 -9.54
CA ASP B 302 -70.73 48.27 -10.49
C ASP B 302 -70.28 48.47 -11.93
N LYS B 303 -69.61 49.58 -12.23
CA LYS B 303 -69.23 49.87 -13.60
C LYS B 303 -67.77 49.47 -13.84
N PRO B 304 -67.51 48.34 -14.49
CA PRO B 304 -66.13 47.91 -14.71
C PRO B 304 -65.49 48.57 -15.93
N LEU B 305 -64.17 48.52 -15.95
CA LEU B 305 -63.41 48.77 -17.17
C LEU B 305 -63.20 47.46 -17.92
N GLN B 306 -63.62 47.44 -19.20
CA GLN B 306 -63.31 46.33 -20.10
C GLN B 306 -63.98 45.02 -19.68
N GLY B 307 -65.10 45.09 -18.96
CA GLY B 307 -65.79 43.89 -18.52
C GLY B 307 -66.78 43.36 -19.55
N LYS B 308 -66.84 42.03 -19.65
CA LYS B 308 -67.86 41.35 -20.45
C LYS B 308 -69.16 41.09 -19.70
N TYR B 309 -69.09 40.63 -18.44
CA TYR B 309 -70.27 40.24 -17.67
C TYR B 309 -70.14 40.81 -16.26
N PRO B 310 -70.27 42.12 -16.10
CA PRO B 310 -69.93 42.75 -14.80
C PRO B 310 -70.80 42.33 -13.63
N ILE B 311 -72.12 42.36 -13.79
CA ILE B 311 -73.00 42.20 -12.63
C ILE B 311 -72.90 40.80 -12.07
N HIS B 312 -72.80 39.80 -12.96
CA HIS B 312 -72.59 38.42 -12.54
C HIS B 312 -71.35 38.29 -11.68
N TYR B 313 -70.21 38.76 -12.17
CA TYR B 313 -68.96 38.64 -11.43
C TYR B 313 -69.01 39.38 -10.10
N LYS B 314 -69.66 40.55 -10.08
CA LYS B 314 -69.76 41.31 -8.85
C LYS B 314 -70.58 40.55 -7.80
N ASN B 315 -71.74 40.04 -8.21
CA ASN B 315 -72.56 39.23 -7.30
C ASN B 315 -71.78 38.03 -6.79
N LEU B 316 -71.07 37.33 -7.68
CA LEU B 316 -70.29 36.18 -7.25
C LEU B 316 -69.21 36.58 -6.24
N TRP B 317 -68.56 37.72 -6.47
CA TRP B 317 -67.58 38.22 -5.52
C TRP B 317 -68.20 38.43 -4.15
N ASN B 318 -69.39 39.05 -4.10
CA ASN B 318 -70.08 39.21 -2.83
C ASN B 318 -70.43 37.87 -2.20
N GLN B 319 -70.75 36.87 -3.02
CA GLN B 319 -71.01 35.54 -2.46
C GLN B 319 -69.77 34.89 -1.90
N ILE B 320 -68.60 35.16 -2.50
CA ILE B 320 -67.34 34.67 -1.94
C ILE B 320 -67.06 35.33 -0.60
N LYS B 321 -67.18 36.66 -0.54
CA LYS B 321 -66.92 37.37 0.70
C LYS B 321 -67.87 36.95 1.81
N ALA B 322 -69.14 36.75 1.46
CA ALA B 322 -70.12 36.30 2.45
C ALA B 322 -69.84 34.87 2.89
N ALA B 323 -69.39 34.02 1.96
CA ALA B 323 -69.10 32.63 2.31
C ALA B 323 -67.91 32.55 3.25
N ILE B 324 -66.82 33.25 2.92
CA ILE B 324 -65.59 33.19 3.70
C ILE B 324 -65.85 33.46 5.18
N ALA B 325 -66.81 34.33 5.48
CA ALA B 325 -67.17 34.60 6.87
C ALA B 325 -67.67 33.33 7.56
N ASP B 326 -68.64 32.65 6.96
CA ASP B 326 -69.21 31.45 7.59
C ASP B 326 -68.38 30.21 7.25
N ARG B 327 -68.44 29.77 6.00
CA ARG B 327 -67.67 28.63 5.53
C ARG B 327 -67.42 28.80 4.04
N THR B 328 -66.34 28.19 3.55
CA THR B 328 -65.81 28.54 2.25
C THR B 328 -66.59 27.93 1.08
N MET B 329 -67.66 27.20 1.35
CA MET B 329 -68.57 26.75 0.31
C MET B 329 -69.59 27.83 -0.01
N VAL B 330 -69.77 28.12 -1.29
CA VAL B 330 -70.81 29.03 -1.75
C VAL B 330 -72.11 28.26 -1.90
N ILE B 331 -73.17 28.73 -1.27
CA ILE B 331 -74.49 28.13 -1.46
C ILE B 331 -75.21 29.06 -2.43
N ASN B 332 -75.14 28.73 -3.71
CA ASN B 332 -76.05 29.22 -4.74
C ASN B 332 -76.23 28.06 -5.71
N GLU B 333 -77.44 27.50 -5.79
CA GLU B 333 -77.64 26.44 -6.77
C GLU B 333 -78.00 26.97 -8.16
N ASN B 334 -78.63 28.14 -8.24
CA ASN B 334 -78.97 28.72 -9.54
C ASN B 334 -77.81 29.44 -10.20
N ASP B 335 -76.91 30.02 -9.40
CA ASP B 335 -75.86 30.88 -9.96
C ASP B 335 -74.84 30.07 -10.77
N HIS B 336 -74.45 28.91 -10.27
CA HIS B 336 -73.38 28.16 -10.92
C HIS B 336 -73.86 27.49 -12.21
N SER B 337 -75.15 27.21 -12.32
CA SER B 337 -75.66 26.47 -13.48
C SER B 337 -75.44 27.24 -14.77
N GLU B 338 -75.52 28.58 -14.73
CA GLU B 338 -75.29 29.36 -15.93
C GLU B 338 -73.81 29.56 -16.20
N PHE B 339 -73.01 29.75 -15.15
CA PHE B 339 -71.58 30.02 -15.32
C PHE B 339 -70.82 28.79 -15.77
N LEU B 340 -71.30 27.61 -15.40
CA LEU B 340 -70.63 26.35 -15.68
C LEU B 340 -70.60 26.05 -17.17
N GLY B 341 -69.68 25.18 -17.58
CA GLY B 341 -69.46 24.91 -18.98
C GLY B 341 -68.78 26.03 -19.73
N GLY B 342 -68.21 27.01 -19.01
CA GLY B 342 -67.68 28.19 -19.65
C GLY B 342 -68.78 29.04 -20.25
N ILE B 343 -69.81 29.33 -19.45
CA ILE B 343 -71.08 29.87 -19.90
C ILE B 343 -71.68 28.88 -20.90
N GLY B 344 -71.28 27.63 -20.79
CA GLY B 344 -71.86 26.58 -21.61
C GLY B 344 -73.27 26.25 -21.12
N ARG B 345 -74.21 26.18 -22.06
CA ARG B 345 -75.61 25.90 -21.76
C ARG B 345 -75.89 24.43 -21.97
N ALA B 346 -76.73 23.87 -21.08
CA ALA B 346 -77.16 22.48 -21.25
C ALA B 346 -78.23 22.45 -22.33
N SER B 347 -77.95 21.73 -23.41
CA SER B 347 -78.80 21.73 -24.59
C SER B 347 -79.69 20.49 -24.58
N LYS B 348 -81.00 20.72 -24.72
CA LYS B 348 -81.94 19.62 -24.65
C LYS B 348 -81.85 18.76 -25.91
N LYS B 349 -81.95 17.45 -25.73
CA LYS B 349 -81.74 16.47 -26.79
C LYS B 349 -83.08 15.85 -27.19
N ILE B 350 -83.37 15.86 -28.47
CA ILE B 350 -84.60 15.31 -29.03
C ILE B 350 -84.27 14.01 -29.74
N PRO B 351 -84.93 12.90 -29.40
CA PRO B 351 -84.57 11.61 -30.01
C PRO B 351 -84.82 11.60 -31.51
N GLU B 352 -84.07 10.73 -32.21
CA GLU B 352 -84.21 10.63 -33.65
C GLU B 352 -85.53 9.99 -34.05
N ILE B 353 -86.07 9.11 -33.19
CA ILE B 353 -87.28 8.36 -33.54
C ILE B 353 -88.45 9.32 -33.78
N SER B 354 -88.63 10.28 -32.88
CA SER B 354 -89.66 11.30 -33.04
C SER B 354 -89.24 12.41 -34.00
N LEU B 355 -87.98 12.42 -34.43
CA LEU B 355 -87.45 13.51 -35.25
C LEU B 355 -87.85 13.40 -36.72
N THR B 356 -88.20 12.20 -37.19
CA THR B 356 -88.48 12.02 -38.61
C THR B 356 -89.61 12.95 -39.09
N GLN B 357 -90.67 13.06 -38.28
CA GLN B 357 -91.75 13.98 -38.63
C GLN B 357 -91.25 15.41 -38.73
N ASP B 358 -90.35 15.81 -37.82
CA ASP B 358 -89.76 17.15 -37.87
C ASP B 358 -88.83 17.30 -39.07
N VAL B 359 -88.41 16.20 -39.71
CA VAL B 359 -87.78 16.32 -41.01
C VAL B 359 -88.82 16.50 -42.10
N ILE B 360 -89.95 15.77 -41.98
CA ILE B 360 -91.04 15.94 -42.93
C ILE B 360 -91.64 17.34 -42.81
N THR B 361 -91.85 17.80 -41.58
CA THR B 361 -92.25 19.18 -41.31
C THR B 361 -91.11 19.84 -40.57
N THR B 362 -90.38 20.74 -41.26
CA THR B 362 -89.14 21.26 -40.71
C THR B 362 -89.44 22.43 -39.78
N GLU B 363 -89.12 22.25 -38.51
CA GLU B 363 -89.36 23.26 -37.48
C GLU B 363 -88.18 23.26 -36.52
N GLY B 364 -88.04 24.34 -35.78
CA GLY B 364 -86.84 24.53 -35.02
C GLY B 364 -85.61 24.81 -35.85
N LEU B 365 -85.78 24.98 -37.17
CA LEU B 365 -84.70 25.30 -38.10
C LEU B 365 -83.53 24.33 -37.96
N LYS B 366 -83.78 23.10 -38.41
CA LYS B 366 -82.83 22.02 -38.23
C LYS B 366 -81.68 22.11 -39.23
N GLN B 367 -80.45 22.11 -38.71
CA GLN B 367 -79.24 22.13 -39.52
C GLN B 367 -78.13 21.44 -38.73
N SER B 368 -76.93 21.41 -39.30
CA SER B 368 -75.75 20.90 -38.62
C SER B 368 -74.55 21.76 -39.00
N GLU B 369 -73.79 22.19 -38.00
CA GLU B 369 -72.57 22.95 -38.27
C GLU B 369 -71.59 22.77 -37.12
N ASN B 370 -70.30 22.93 -37.44
CA ASN B 370 -69.21 22.93 -36.49
C ASN B 370 -68.44 24.23 -36.65
N LYS B 371 -67.65 24.57 -35.62
CA LYS B 371 -66.92 25.83 -35.61
C LYS B 371 -65.43 25.59 -35.41
N LEU B 372 -64.64 26.55 -35.89
CA LEU B 372 -63.18 26.53 -35.91
C LEU B 372 -62.64 27.72 -35.13
N PRO B 373 -61.43 27.62 -34.58
CA PRO B 373 -60.88 28.75 -33.82
C PRO B 373 -60.38 29.86 -34.73
N GLU B 374 -60.55 31.09 -34.26
CA GLU B 374 -60.13 32.24 -35.06
C GLU B 374 -58.65 32.53 -34.83
N PRO B 375 -57.87 32.67 -35.91
CA PRO B 375 -56.43 32.89 -35.74
C PRO B 375 -56.12 34.27 -35.18
N ARG B 376 -54.99 34.36 -34.51
CA ARG B 376 -54.51 35.59 -33.87
C ARG B 376 -53.17 36.00 -34.47
N SER B 377 -52.60 37.07 -33.94
CA SER B 377 -51.35 37.63 -34.44
C SER B 377 -50.31 37.69 -33.32
N PHE B 378 -49.06 37.91 -33.73
CA PHE B 378 -47.92 37.82 -32.83
C PHE B 378 -48.08 38.74 -31.63
N PRO B 379 -47.93 38.24 -30.40
CA PRO B 379 -48.06 39.09 -29.22
C PRO B 379 -46.85 39.97 -28.99
N ARG B 380 -47.11 41.17 -28.47
CA ARG B 380 -46.08 42.10 -28.01
C ARG B 380 -45.73 41.83 -26.55
N TRP B 381 -46.74 41.91 -25.67
CA TRP B 381 -46.57 41.79 -24.23
C TRP B 381 -45.74 40.58 -23.81
N PHE B 382 -45.72 39.52 -24.63
CA PHE B 382 -45.04 38.29 -24.25
C PHE B 382 -43.57 38.55 -23.88
N ASN B 383 -42.90 39.40 -24.64
CA ASN B 383 -41.50 39.73 -24.35
C ASN B 383 -41.36 40.34 -22.97
N ALA B 384 -42.23 41.29 -22.63
CA ALA B 384 -42.19 41.88 -21.29
C ALA B 384 -42.49 40.85 -20.21
N GLU B 385 -43.38 39.88 -20.52
CA GLU B 385 -43.65 38.82 -19.57
C GLU B 385 -42.40 37.98 -19.31
N TRP B 386 -41.65 37.65 -20.37
CA TRP B 386 -40.41 36.90 -20.20
C TRP B 386 -39.41 37.70 -19.37
N MET B 387 -39.24 38.98 -19.71
CA MET B 387 -38.27 39.81 -18.98
C MET B 387 -38.66 40.02 -17.54
N TRP B 388 -39.96 39.94 -17.22
CA TRP B 388 -40.37 40.03 -15.82
C TRP B 388 -40.14 38.71 -15.09
N ALA B 389 -40.46 37.59 -15.73
CA ALA B 389 -40.22 36.29 -15.12
C ALA B 389 -38.73 36.00 -14.96
N ILE B 390 -37.87 36.73 -15.67
CA ILE B 390 -36.44 36.44 -15.63
C ILE B 390 -35.79 37.04 -14.38
N LYS B 391 -36.25 38.20 -13.92
CA LYS B 391 -35.58 38.88 -12.83
C LYS B 391 -36.00 38.32 -11.48
N ASP B 392 -35.12 38.47 -10.49
CA ASP B 392 -35.36 37.92 -9.16
C ASP B 392 -36.38 38.76 -8.40
N SER B 393 -37.40 38.09 -7.86
CA SER B 393 -38.36 38.72 -6.98
C SER B 393 -37.75 38.95 -5.60
N ASP B 394 -38.36 39.87 -4.84
CA ASP B 394 -37.84 40.19 -3.51
C ASP B 394 -37.98 39.02 -2.54
N LEU B 395 -38.96 38.15 -2.75
CA LEU B 395 -39.12 36.98 -1.90
C LEU B 395 -38.20 35.86 -2.36
N THR B 396 -37.71 35.08 -1.40
CA THR B 396 -36.54 34.23 -1.63
C THR B 396 -36.85 33.00 -2.49
N GLY B 397 -37.83 32.20 -2.10
CA GLY B 397 -38.19 31.07 -2.93
C GLY B 397 -39.63 30.64 -2.72
N TRP B 398 -40.22 30.14 -3.80
CA TRP B 398 -41.62 29.77 -3.84
C TRP B 398 -41.89 28.28 -3.89
N VAL B 399 -40.87 27.45 -4.06
CA VAL B 399 -41.05 26.05 -4.44
C VAL B 399 -40.55 25.18 -3.29
N PRO B 400 -41.41 24.38 -2.69
CA PRO B 400 -40.93 23.42 -1.68
C PRO B 400 -39.92 22.45 -2.30
N MET B 401 -38.76 22.36 -1.66
CA MET B 401 -37.69 21.47 -2.08
C MET B 401 -37.19 20.73 -0.86
N ALA B 402 -37.04 19.41 -0.97
CA ALA B 402 -36.73 18.60 0.19
C ALA B 402 -35.27 18.81 0.61
N GLU B 403 -34.89 18.10 1.67
CA GLU B 403 -33.55 18.19 2.22
C GLU B 403 -32.54 17.45 1.35
N TYR B 404 -31.27 17.79 1.55
CA TYR B 404 -30.17 17.15 0.84
C TYR B 404 -29.72 15.88 1.56
N PRO B 405 -29.39 14.84 0.80
CA PRO B 405 -28.95 13.58 1.41
C PRO B 405 -27.52 13.66 1.90
N PRO B 406 -27.10 12.71 2.74
CA PRO B 406 -25.70 12.68 3.18
C PRO B 406 -24.73 12.56 2.01
N ALA B 407 -23.50 13.01 2.24
CA ALA B 407 -22.54 13.22 1.16
C ALA B 407 -21.26 12.43 1.40
N ASP B 408 -20.73 11.87 0.32
CA ASP B 408 -19.36 11.38 0.27
C ASP B 408 -18.55 12.30 -0.64
N ASN B 409 -17.25 12.36 -0.36
CA ASN B 409 -16.38 13.37 -0.95
C ASN B 409 -16.50 13.44 -2.47
N GLU B 410 -16.43 12.29 -3.14
CA GLU B 410 -16.27 12.22 -4.59
C GLU B 410 -17.36 12.91 -5.41
N LEU B 411 -18.56 12.33 -5.46
CA LEU B 411 -19.63 12.81 -6.32
C LEU B 411 -20.58 13.75 -5.57
N GLU B 412 -21.20 13.24 -4.51
CA GLU B 412 -22.23 13.95 -3.78
C GLU B 412 -21.80 15.35 -3.33
N ASP B 413 -20.50 15.60 -3.21
CA ASP B 413 -20.04 16.98 -3.02
C ASP B 413 -20.33 17.81 -4.27
N TYR B 414 -19.94 17.29 -5.44
CA TYR B 414 -20.23 17.98 -6.69
C TYR B 414 -21.72 18.14 -6.92
N ALA B 415 -22.47 17.04 -6.79
CA ALA B 415 -23.91 17.08 -7.04
C ALA B 415 -24.60 18.02 -6.06
N GLU B 416 -24.34 17.84 -4.76
CA GLU B 416 -24.97 18.68 -3.74
C GLU B 416 -24.63 20.15 -3.96
N HIS B 417 -23.39 20.46 -4.31
CA HIS B 417 -23.01 21.85 -4.53
C HIS B 417 -23.74 22.43 -5.73
N LEU B 418 -23.76 21.68 -6.85
CA LEU B 418 -24.44 22.17 -8.05
C LEU B 418 -25.92 22.41 -7.79
N ASN B 419 -26.56 21.51 -7.04
CA ASN B 419 -27.97 21.68 -6.73
C ASN B 419 -28.18 22.87 -5.80
N LYS B 420 -27.29 23.08 -4.83
CA LYS B 420 -27.42 24.23 -3.94
C LYS B 420 -27.32 25.53 -4.72
N THR B 421 -26.37 25.61 -5.65
CA THR B 421 -26.20 26.84 -6.43
C THR B 421 -27.37 27.08 -7.37
N MET B 422 -27.73 26.07 -8.17
CA MET B 422 -28.81 26.24 -9.14
C MET B 422 -30.13 26.52 -8.43
N GLU B 423 -30.45 25.75 -7.39
CA GLU B 423 -31.64 26.03 -6.59
C GLU B 423 -31.61 27.46 -6.04
N GLY B 424 -30.45 27.87 -5.51
CA GLY B 424 -30.35 29.22 -4.97
C GLY B 424 -30.62 30.29 -6.00
N VAL B 425 -30.19 30.08 -7.24
CA VAL B 425 -30.44 31.06 -8.30
C VAL B 425 -31.91 31.06 -8.69
N LEU B 426 -32.46 29.88 -8.97
CA LEU B 426 -33.79 29.79 -9.56
C LEU B 426 -34.92 29.99 -8.56
N GLN B 427 -34.65 29.89 -7.26
CA GLN B 427 -35.73 30.09 -6.29
C GLN B 427 -36.14 31.55 -6.21
N GLY B 428 -35.19 32.47 -6.37
CA GLY B 428 -35.48 33.89 -6.23
C GLY B 428 -36.24 34.51 -7.39
N THR B 429 -36.33 33.81 -8.52
CA THR B 429 -36.94 34.38 -9.71
C THR B 429 -38.46 34.38 -9.60
N ASN B 430 -39.07 35.31 -10.36
CA ASN B 430 -40.53 35.38 -10.41
C ASN B 430 -41.12 34.16 -11.12
N CYS B 431 -40.36 33.56 -12.04
CA CYS B 431 -40.80 32.33 -12.67
C CYS B 431 -41.06 31.25 -11.62
N ALA B 432 -40.14 31.14 -10.65
CA ALA B 432 -40.38 30.27 -9.51
C ALA B 432 -41.64 30.67 -8.74
N ARG B 433 -41.98 31.96 -8.73
CA ARG B 433 -43.20 32.40 -8.07
C ARG B 433 -44.42 31.79 -8.75
N GLU B 434 -44.52 31.94 -10.07
CA GLU B 434 -45.66 31.38 -10.78
C GLU B 434 -45.69 29.86 -10.68
N MET B 435 -44.52 29.22 -10.70
CA MET B 435 -44.46 27.77 -10.47
C MET B 435 -45.06 27.42 -9.11
N GLY B 436 -44.65 28.13 -8.07
CA GLY B 436 -45.13 27.81 -6.73
C GLY B 436 -46.63 28.00 -6.59
N LYS B 437 -47.15 29.12 -7.06
CA LYS B 437 -48.59 29.34 -6.97
C LYS B 437 -49.35 28.29 -7.77
N CYS B 438 -48.82 27.90 -8.95
CA CYS B 438 -49.49 26.86 -9.72
C CYS B 438 -49.54 25.55 -8.95
N ILE B 439 -48.41 25.14 -8.38
CA ILE B 439 -48.38 23.88 -7.63
C ILE B 439 -49.35 23.92 -6.46
N LEU B 440 -49.26 24.97 -5.64
CA LEU B 440 -50.05 25.02 -4.42
C LEU B 440 -51.55 25.11 -4.72
N THR B 441 -51.95 26.01 -5.61
CA THR B 441 -53.37 26.22 -5.85
C THR B 441 -53.98 25.08 -6.67
N VAL B 442 -53.30 24.63 -7.72
CA VAL B 442 -53.85 23.52 -8.49
C VAL B 442 -53.88 22.25 -7.65
N GLY B 443 -52.95 22.10 -6.70
CA GLY B 443 -53.07 21.03 -5.73
C GLY B 443 -54.28 21.20 -4.83
N ALA B 444 -54.57 22.45 -4.43
CA ALA B 444 -55.75 22.72 -3.61
C ALA B 444 -57.03 22.32 -4.35
N LEU B 445 -57.15 22.73 -5.62
CA LEU B 445 -58.29 22.30 -6.43
C LEU B 445 -58.33 20.78 -6.55
N MET B 446 -57.17 20.15 -6.78
CA MET B 446 -57.13 18.70 -6.91
C MET B 446 -57.68 18.02 -5.67
N THR B 447 -57.40 18.56 -4.49
CA THR B 447 -58.02 18.01 -3.27
C THR B 447 -59.51 18.33 -3.22
N GLU B 448 -59.89 19.54 -3.68
CA GLU B 448 -61.29 19.94 -3.62
C GLU B 448 -62.18 19.12 -4.53
N CYS B 449 -61.62 18.48 -5.56
CA CYS B 449 -62.46 17.67 -6.44
C CYS B 449 -62.83 16.34 -5.80
N ARG B 450 -61.96 15.78 -4.96
CA ARG B 450 -62.34 14.61 -4.17
C ARG B 450 -63.14 15.00 -2.93
N LEU B 451 -62.83 16.16 -2.33
CA LEU B 451 -63.47 16.55 -1.08
C LEU B 451 -64.96 16.78 -1.26
N PHE B 452 -65.35 17.65 -2.19
CA PHE B 452 -66.74 18.05 -2.38
C PHE B 452 -67.09 17.97 -3.86
N PRO B 453 -67.41 16.78 -4.36
CA PRO B 453 -67.87 16.66 -5.74
C PRO B 453 -69.26 17.25 -5.91
N GLY B 454 -69.47 17.91 -7.05
CA GLY B 454 -70.76 18.54 -7.31
C GLY B 454 -71.10 19.65 -6.35
N LYS B 455 -70.10 20.37 -5.85
CA LYS B 455 -70.31 21.44 -4.89
C LYS B 455 -69.47 22.65 -5.29
N ILE B 456 -69.90 23.82 -4.82
CA ILE B 456 -69.23 25.08 -5.11
C ILE B 456 -68.36 25.44 -3.92
N LYS B 457 -67.07 25.66 -4.17
CA LYS B 457 -66.13 25.95 -3.10
C LYS B 457 -65.23 27.11 -3.48
N VAL B 458 -64.82 27.87 -2.46
CA VAL B 458 -63.93 29.01 -2.63
C VAL B 458 -62.51 28.54 -2.32
N VAL B 459 -61.67 28.50 -3.34
CA VAL B 459 -60.28 28.05 -3.22
C VAL B 459 -59.38 29.27 -3.35
N PRO B 460 -58.47 29.51 -2.41
CA PRO B 460 -57.53 30.63 -2.56
C PRO B 460 -56.50 30.36 -3.65
N ILE B 461 -55.96 31.45 -4.19
CA ILE B 461 -54.80 31.42 -5.06
C ILE B 461 -53.64 31.98 -4.24
N TYR B 462 -52.70 31.12 -3.82
CA TYR B 462 -51.63 31.55 -2.93
C TYR B 462 -50.32 30.92 -3.34
N ALA B 463 -49.24 31.45 -2.74
CA ALA B 463 -47.92 30.86 -2.84
C ALA B 463 -47.17 31.13 -1.55
N ARG B 464 -46.38 30.16 -1.09
CA ARG B 464 -45.65 30.27 0.16
C ARG B 464 -44.22 30.73 -0.10
N SER B 465 -43.74 31.66 0.73
CA SER B 465 -42.38 32.14 0.58
C SER B 465 -41.81 32.57 1.92
N LYS B 466 -40.52 32.28 2.11
CA LYS B 466 -39.76 32.80 3.23
C LYS B 466 -38.83 33.89 2.73
N GLU B 467 -38.76 35.00 3.46
CA GLU B 467 -37.96 36.15 3.03
C GLU B 467 -36.49 35.97 3.40
N ARG B 468 -35.62 36.40 2.48
CA ARG B 468 -34.17 36.42 2.64
C ARG B 468 -33.69 37.80 3.06
N LYS B 469 -32.62 37.82 3.87
CA LYS B 469 -31.89 39.05 4.12
C LYS B 469 -30.40 38.75 4.10
N SER B 470 -29.70 39.37 3.15
CA SER B 470 -28.26 39.21 3.00
C SER B 470 -27.45 40.32 3.63
N MET B 471 -28.10 41.33 4.23
CA MET B 471 -27.35 42.44 4.84
C MET B 471 -26.38 41.92 5.89
N GLN B 472 -26.72 40.81 6.54
CA GLN B 472 -25.81 40.02 7.39
C GLN B 472 -25.40 40.74 8.67
N GLU B 473 -26.33 41.46 9.27
CA GLU B 473 -26.43 41.36 10.70
C GLU B 473 -27.07 40.02 11.01
N GLY B 474 -26.52 39.27 11.99
CA GLY B 474 -27.39 38.44 12.76
C GLY B 474 -28.60 39.30 13.04
N LEU B 475 -29.77 38.73 12.83
CA LEU B 475 -31.00 39.51 12.86
C LEU B 475 -31.99 38.78 13.75
N PRO B 476 -33.19 39.35 14.00
CA PRO B 476 -34.18 38.59 14.78
C PRO B 476 -34.50 37.24 14.17
N VAL B 477 -34.86 37.18 12.89
CA VAL B 477 -35.15 35.95 12.16
C VAL B 477 -35.34 36.32 10.69
N PRO B 478 -35.15 35.38 9.76
CA PRO B 478 -35.68 35.57 8.39
C PRO B 478 -37.18 35.32 8.37
N SER B 479 -37.89 36.17 7.64
CA SER B 479 -39.35 36.11 7.65
C SER B 479 -39.85 34.88 6.90
N GLU B 480 -40.74 34.12 7.54
CA GLU B 480 -41.38 32.95 6.95
C GLU B 480 -42.86 33.27 6.78
N MET B 481 -43.38 33.17 5.55
CA MET B 481 -44.73 33.63 5.33
C MET B 481 -45.33 32.98 4.09
N ASP B 482 -46.54 33.42 3.75
CA ASP B 482 -47.25 33.02 2.55
C ASP B 482 -48.07 34.22 2.09
N CYS B 483 -48.22 34.34 0.77
CA CYS B 483 -48.91 35.48 0.20
C CYS B 483 -50.00 35.02 -0.76
N LEU B 484 -50.95 35.91 -0.98
CA LEU B 484 -52.20 35.62 -1.68
C LEU B 484 -52.28 36.45 -2.95
N PHE B 485 -52.39 35.76 -4.09
CA PHE B 485 -52.60 36.42 -5.37
C PHE B 485 -54.06 36.76 -5.60
N GLY B 486 -54.97 35.88 -5.21
CA GLY B 486 -56.38 36.14 -5.43
C GLY B 486 -57.23 34.99 -4.94
N ILE B 487 -58.51 35.02 -5.34
CA ILE B 487 -59.52 34.06 -4.94
C ILE B 487 -60.01 33.31 -6.17
N CYS B 488 -60.44 32.07 -5.97
CA CYS B 488 -60.81 31.19 -7.07
C CYS B 488 -62.09 30.44 -6.72
N VAL B 489 -62.84 30.02 -7.74
CA VAL B 489 -64.13 29.36 -7.57
C VAL B 489 -64.19 28.12 -8.46
N LYS B 490 -64.67 27.02 -7.89
CA LYS B 490 -64.82 25.74 -8.59
C LYS B 490 -66.29 25.36 -8.74
N SER B 491 -66.63 24.81 -9.90
CA SER B 491 -67.95 24.31 -10.24
C SER B 491 -67.99 22.78 -10.11
N LYS B 492 -69.06 22.17 -10.64
CA LYS B 492 -69.27 20.73 -10.56
C LYS B 492 -68.06 19.94 -11.05
N SER B 493 -67.62 18.99 -10.23
CA SER B 493 -66.48 18.13 -10.51
C SER B 493 -66.87 16.77 -11.07
N HIS B 494 -68.14 16.52 -11.37
CA HIS B 494 -68.59 15.22 -11.83
C HIS B 494 -67.77 14.75 -13.03
N LEU B 495 -67.49 13.44 -13.07
CA LEU B 495 -66.61 12.84 -14.06
C LEU B 495 -67.41 11.99 -15.04
N ASN B 496 -67.39 12.38 -16.31
CA ASN B 496 -68.05 11.67 -17.40
C ASN B 496 -67.27 10.42 -17.79
N LYS B 497 -67.96 9.51 -18.50
CA LYS B 497 -67.28 8.38 -19.10
C LYS B 497 -66.27 8.84 -20.15
N ASP B 498 -66.69 9.68 -21.08
CA ASP B 498 -65.75 10.47 -21.87
C ASP B 498 -65.14 11.54 -20.97
N ASP B 499 -64.24 12.35 -21.52
CA ASP B 499 -63.53 13.28 -20.68
C ASP B 499 -64.42 14.43 -20.24
N GLY B 500 -64.50 14.66 -18.93
CA GLY B 500 -65.06 15.88 -18.40
C GLY B 500 -63.97 16.92 -18.16
N MET B 501 -64.37 18.19 -18.24
CA MET B 501 -63.48 19.31 -17.96
C MET B 501 -64.18 20.23 -16.98
N TYR B 502 -63.55 20.48 -15.85
CA TYR B 502 -64.14 21.34 -14.83
C TYR B 502 -64.03 22.80 -15.26
N THR B 503 -64.92 23.62 -14.73
CA THR B 503 -64.91 25.05 -15.01
C THR B 503 -64.52 25.81 -13.76
N ILE B 504 -63.77 26.90 -13.95
CA ILE B 504 -63.10 27.59 -12.87
C ILE B 504 -63.21 29.09 -13.11
N ILE B 505 -63.44 29.86 -12.03
CA ILE B 505 -63.57 31.31 -12.12
C ILE B 505 -62.46 31.94 -11.29
N THR B 506 -61.60 32.71 -11.95
CA THR B 506 -60.41 33.27 -11.31
C THR B 506 -60.58 34.76 -11.07
N PHE B 507 -60.26 35.19 -9.86
CA PHE B 507 -60.20 36.59 -9.46
C PHE B 507 -58.80 36.88 -8.94
N GLU B 508 -58.11 37.82 -9.57
CA GLU B 508 -56.75 38.18 -9.18
C GLU B 508 -56.66 39.68 -8.90
N PHE B 509 -55.88 40.04 -7.89
CA PHE B 509 -55.57 41.43 -7.62
C PHE B 509 -54.46 41.90 -8.55
N SER B 510 -54.51 43.18 -8.91
CA SER B 510 -53.45 43.76 -9.71
C SER B 510 -53.30 45.23 -9.36
N ILE B 511 -52.05 45.70 -9.43
CA ILE B 511 -51.75 47.12 -9.24
C ILE B 511 -51.71 47.86 -10.58
N ARG B 512 -52.04 47.18 -11.67
CA ARG B 512 -51.65 47.60 -13.01
C ARG B 512 -52.87 47.87 -13.89
N GLU B 513 -52.76 48.91 -14.71
CA GLU B 513 -53.83 49.24 -15.66
C GLU B 513 -53.96 48.13 -16.70
N PRO B 514 -55.16 47.61 -16.94
CA PRO B 514 -55.31 46.54 -17.94
C PRO B 514 -55.10 47.03 -19.35
N ASN B 515 -54.66 46.11 -20.21
CA ASN B 515 -54.46 46.36 -21.62
C ASN B 515 -55.48 45.54 -22.41
N LEU B 516 -56.37 46.22 -23.12
CA LEU B 516 -57.47 45.54 -23.82
C LEU B 516 -56.96 44.51 -24.81
N GLU B 517 -55.75 44.70 -25.35
CA GLU B 517 -55.28 43.83 -26.43
C GLU B 517 -54.99 42.42 -25.92
N LYS B 518 -54.18 42.29 -24.87
CA LYS B 518 -53.85 40.95 -24.36
C LYS B 518 -54.82 40.44 -23.31
N HIS B 519 -55.65 41.30 -22.72
CA HIS B 519 -56.54 40.94 -21.63
C HIS B 519 -57.96 40.64 -22.09
N GLN B 520 -58.21 40.57 -23.41
CA GLN B 520 -59.56 40.52 -23.95
C GLN B 520 -60.42 39.46 -23.25
N LYS B 521 -59.82 38.36 -22.79
CA LYS B 521 -60.59 37.35 -22.07
C LYS B 521 -60.91 37.80 -20.65
N TYR B 522 -60.10 38.68 -20.08
CA TYR B 522 -60.30 39.12 -18.70
C TYR B 522 -61.36 40.21 -18.61
N THR B 523 -62.11 40.18 -17.51
CA THR B 523 -63.07 41.23 -17.16
C THR B 523 -62.49 41.98 -15.95
N VAL B 524 -62.17 43.24 -16.15
CA VAL B 524 -61.46 44.04 -15.14
C VAL B 524 -62.45 44.95 -14.45
N PHE B 525 -62.19 45.23 -13.17
CA PHE B 525 -62.98 46.16 -12.38
C PHE B 525 -62.05 47.22 -11.81
N GLU B 526 -62.64 48.26 -11.23
CA GLU B 526 -61.90 49.20 -10.39
C GLU B 526 -62.20 48.78 -8.96
N ALA B 527 -61.23 48.13 -8.32
CA ALA B 527 -61.47 47.50 -7.03
C ALA B 527 -61.37 48.50 -5.88
N GLY B 528 -60.36 49.36 -5.89
CA GLY B 528 -60.11 50.15 -4.69
C GLY B 528 -58.76 50.83 -4.75
N HIS B 529 -58.19 51.05 -3.57
CA HIS B 529 -56.84 51.57 -3.42
C HIS B 529 -56.08 50.70 -2.43
N THR B 530 -54.82 50.41 -2.76
CA THR B 530 -53.95 49.59 -1.91
C THR B 530 -52.74 50.42 -1.51
N THR B 531 -52.31 50.25 -0.27
CA THR B 531 -51.18 50.98 0.28
C THR B 531 -49.88 50.22 0.04
N VAL B 532 -48.87 50.93 -0.47
CA VAL B 532 -47.56 50.35 -0.76
C VAL B 532 -46.50 51.34 -0.31
N ARG B 533 -45.55 50.87 0.51
CA ARG B 533 -44.49 51.73 1.02
C ARG B 533 -43.17 50.97 1.05
N MET B 534 -42.09 51.74 1.09
CA MET B 534 -40.73 51.20 1.18
C MET B 534 -39.95 52.01 2.21
N LYS B 535 -38.80 51.47 2.61
CA LYS B 535 -37.87 52.14 3.50
C LYS B 535 -36.47 52.03 2.91
N LYS B 536 -35.82 53.18 2.70
CA LYS B 536 -34.55 53.24 2.01
C LYS B 536 -33.69 54.32 2.66
N GLY B 537 -32.56 54.64 2.03
CA GLY B 537 -31.79 55.81 2.43
C GLY B 537 -32.46 57.12 2.07
N GLU B 538 -33.31 57.11 1.04
CA GLU B 538 -34.10 58.27 0.67
C GLU B 538 -35.36 58.33 1.53
N SER B 539 -36.28 59.23 1.21
CA SER B 539 -37.48 59.40 2.02
C SER B 539 -38.48 58.28 1.80
N VAL B 540 -38.73 57.92 0.54
CA VAL B 540 -39.55 56.80 0.09
C VAL B 540 -40.84 56.63 0.92
N ILE B 541 -41.78 57.57 0.77
CA ILE B 541 -43.05 57.47 1.47
C ILE B 541 -43.94 56.43 0.80
N GLY B 542 -44.33 56.66 -0.44
CA GLY B 542 -45.01 55.67 -1.26
C GLY B 542 -46.49 55.92 -1.52
N ARG B 543 -47.14 56.75 -0.72
CA ARG B 543 -48.53 57.19 -0.98
C ARG B 543 -49.44 55.96 -1.02
N GLU B 544 -50.30 55.82 -2.02
CA GLU B 544 -51.15 54.65 -2.26
C GLU B 544 -51.34 54.54 -3.78
N VAL B 545 -51.68 53.34 -4.24
CA VAL B 545 -51.86 53.10 -5.67
C VAL B 545 -53.19 52.41 -5.89
N PRO B 546 -53.94 52.75 -6.95
CA PRO B 546 -55.24 52.08 -7.17
C PRO B 546 -55.09 50.59 -7.44
N LEU B 547 -56.05 49.83 -6.95
CA LEU B 547 -56.10 48.38 -7.07
C LEU B 547 -57.22 47.99 -8.03
N TYR B 548 -56.87 47.17 -9.03
CA TYR B 548 -57.81 46.63 -10.00
C TYR B 548 -58.01 45.14 -9.74
N LEU B 549 -59.20 44.66 -10.07
CA LEU B 549 -59.57 43.26 -9.87
C LEU B 549 -59.85 42.63 -11.23
N TYR B 550 -59.01 41.66 -11.62
CA TYR B 550 -59.16 40.95 -12.88
C TYR B 550 -59.97 39.68 -12.65
N CYS B 551 -60.96 39.44 -13.49
CA CYS B 551 -61.80 38.26 -13.39
C CYS B 551 -61.84 37.54 -14.73
N ARG B 552 -61.98 36.22 -14.68
CA ARG B 552 -62.21 35.46 -15.91
C ARG B 552 -62.74 34.07 -15.55
N THR B 553 -63.04 33.30 -16.59
CA THR B 553 -63.49 31.92 -16.48
C THR B 553 -62.69 31.06 -17.45
N THR B 554 -62.25 29.90 -16.98
CA THR B 554 -61.44 28.99 -17.79
C THR B 554 -61.88 27.55 -17.54
N ALA B 555 -61.37 26.66 -18.39
CA ALA B 555 -61.62 25.23 -18.28
C ALA B 555 -60.35 24.52 -17.88
N LEU B 556 -60.46 23.61 -16.91
CA LEU B 556 -59.35 22.80 -16.44
C LEU B 556 -59.72 21.33 -16.60
N SER B 557 -58.96 20.63 -17.46
CA SER B 557 -59.07 19.19 -17.52
C SER B 557 -58.31 18.56 -16.36
N LYS B 558 -58.78 17.39 -15.93
CA LYS B 558 -58.10 16.67 -14.85
C LYS B 558 -56.65 16.41 -15.20
N ILE B 559 -56.38 16.07 -16.47
CA ILE B 559 -55.01 15.88 -16.93
C ILE B 559 -54.22 17.17 -16.76
N LYS B 560 -54.82 18.29 -17.16
CA LYS B 560 -54.17 19.59 -16.96
C LYS B 560 -53.97 19.88 -15.48
N ASN B 561 -54.95 19.51 -14.65
CA ASN B 561 -54.79 19.66 -13.20
C ASN B 561 -53.57 18.90 -12.70
N ASP B 562 -53.30 17.72 -13.27
CA ASP B 562 -52.15 16.95 -12.84
C ASP B 562 -50.85 17.56 -13.33
N TRP B 563 -50.70 17.65 -14.66
CA TRP B 563 -49.42 18.10 -15.22
C TRP B 563 -49.08 19.52 -14.78
N LEU B 564 -50.08 20.38 -14.63
CA LEU B 564 -49.83 21.69 -14.05
C LEU B 564 -49.64 21.63 -12.54
N SER B 565 -50.17 20.59 -11.89
CA SER B 565 -49.97 20.46 -10.44
C SER B 565 -48.53 20.17 -10.10
N LYS B 566 -47.84 19.36 -10.92
CA LYS B 566 -46.41 19.16 -10.76
C LYS B 566 -45.73 20.02 -11.82
N ALA B 567 -45.25 21.18 -11.42
CA ALA B 567 -44.42 22.04 -12.25
C ALA B 567 -42.94 21.87 -11.96
N ARG B 568 -42.58 21.14 -10.90
CA ARG B 568 -41.19 21.00 -10.52
C ARG B 568 -40.37 20.33 -11.62
N ARG B 569 -41.03 19.53 -12.47
CA ARG B 569 -40.35 18.83 -13.55
C ARG B 569 -39.48 19.77 -14.37
N CYS B 570 -39.96 21.00 -14.60
CA CYS B 570 -39.22 21.98 -15.40
C CYS B 570 -37.78 22.11 -14.92
N PHE B 571 -37.59 22.21 -13.61
CA PHE B 571 -36.24 22.33 -13.06
C PHE B 571 -35.32 21.28 -13.65
N ILE B 572 -35.76 20.02 -13.61
CA ILE B 572 -34.94 18.92 -14.10
C ILE B 572 -34.55 19.15 -15.55
N THR B 573 -35.54 19.46 -16.40
CA THR B 573 -35.24 19.63 -17.82
C THR B 573 -34.30 20.81 -18.06
N THR B 574 -34.34 21.81 -17.16
CA THR B 574 -33.32 22.84 -17.22
C THR B 574 -31.97 22.29 -16.76
N MET B 575 -31.96 21.65 -15.59
CA MET B 575 -30.74 21.14 -14.99
C MET B 575 -29.91 20.36 -15.99
N ASP B 576 -30.48 19.28 -16.52
CA ASP B 576 -29.79 18.47 -17.53
C ASP B 576 -29.18 19.35 -18.61
N THR B 577 -30.02 20.19 -19.25
CA THR B 577 -29.54 21.01 -20.35
C THR B 577 -28.37 21.89 -19.92
N VAL B 578 -28.44 22.41 -18.69
CA VAL B 578 -27.33 23.20 -18.17
C VAL B 578 -26.13 22.30 -17.88
N GLU B 579 -26.36 21.24 -17.12
CA GLU B 579 -25.24 20.49 -16.55
C GLU B 579 -24.38 19.90 -17.66
N THR B 580 -25.02 19.37 -18.71
CA THR B 580 -24.28 18.82 -19.84
C THR B 580 -23.26 19.82 -20.37
N ILE B 581 -23.68 21.07 -20.55
CA ILE B 581 -22.78 22.09 -21.10
C ILE B 581 -21.53 22.21 -20.24
N CYS B 582 -21.68 22.10 -18.92
CA CYS B 582 -20.52 22.24 -18.05
C CYS B 582 -19.62 21.01 -18.11
N LEU B 583 -20.21 19.82 -18.34
CA LEU B 583 -19.38 18.63 -18.43
C LEU B 583 -18.66 18.55 -19.76
N ARG B 584 -19.39 18.70 -20.86
CA ARG B 584 -18.79 18.60 -22.19
C ARG B 584 -17.61 19.55 -22.34
N GLU B 585 -17.71 20.75 -21.77
CA GLU B 585 -16.58 21.66 -21.75
C GLU B 585 -15.46 21.12 -20.87
N SER B 586 -15.76 20.83 -19.61
CA SER B 586 -14.71 20.44 -18.67
C SER B 586 -14.06 19.13 -19.08
N ALA B 587 -14.86 18.18 -19.57
CA ALA B 587 -14.31 16.91 -20.04
C ALA B 587 -13.31 17.11 -21.16
N LYS B 588 -13.39 18.22 -21.90
CA LYS B 588 -12.35 18.53 -22.88
C LYS B 588 -11.02 18.81 -22.19
N ALA B 589 -11.03 19.66 -21.17
CA ALA B 589 -9.82 20.05 -20.47
C ALA B 589 -9.44 19.07 -19.35
N GLU B 590 -10.27 18.06 -19.10
CA GLU B 590 -9.99 17.04 -18.09
C GLU B 590 -9.77 17.66 -16.71
N GLU B 591 -10.45 18.78 -16.46
CA GLU B 591 -10.29 19.60 -15.28
C GLU B 591 -11.68 19.91 -14.74
N ASN B 592 -11.75 20.52 -13.57
CA ASN B 592 -13.04 20.97 -13.06
C ASN B 592 -13.23 22.37 -13.63
N LEU B 593 -14.04 22.47 -14.68
CA LEU B 593 -14.43 23.74 -15.27
C LEU B 593 -15.85 24.14 -14.90
N VAL B 594 -16.57 23.30 -14.15
CA VAL B 594 -17.99 23.54 -13.90
C VAL B 594 -18.21 24.94 -13.35
N GLU B 595 -17.52 25.27 -12.26
CA GLU B 595 -17.64 26.61 -11.68
C GLU B 595 -17.12 27.67 -12.64
N LYS B 596 -16.03 27.38 -13.36
CA LYS B 596 -15.49 28.34 -14.30
C LYS B 596 -16.38 28.46 -15.54
N THR B 597 -16.93 27.35 -16.01
CA THR B 597 -17.79 27.39 -17.19
C THR B 597 -19.08 28.13 -16.91
N LEU B 598 -19.66 27.95 -15.72
CA LEU B 598 -20.91 28.62 -15.39
C LEU B 598 -20.78 30.14 -15.50
N ASN B 599 -19.71 30.70 -14.93
CA ASN B 599 -19.55 32.15 -14.92
C ASN B 599 -18.97 32.67 -16.22
N GLU B 600 -17.99 31.97 -16.79
CA GLU B 600 -17.24 32.52 -17.92
C GLU B 600 -17.96 32.34 -19.26
N LYS B 601 -18.56 31.16 -19.49
CA LYS B 601 -19.14 30.88 -20.80
C LYS B 601 -20.32 31.80 -21.08
N GLN B 602 -20.34 32.38 -22.27
CA GLN B 602 -21.34 33.37 -22.65
C GLN B 602 -22.39 32.73 -23.55
N MET B 603 -23.66 32.91 -23.17
CA MET B 603 -24.79 32.41 -23.95
C MET B 603 -25.56 33.60 -24.51
N TRP B 604 -25.84 33.57 -25.81
CA TRP B 604 -26.62 34.64 -26.43
C TRP B 604 -28.04 34.60 -25.90
N ILE B 605 -28.49 35.74 -25.36
CA ILE B 605 -29.74 35.82 -24.62
C ILE B 605 -30.79 36.66 -25.36
N GLY B 606 -30.46 37.91 -25.66
CA GLY B 606 -31.40 38.80 -26.31
C GLY B 606 -30.72 39.82 -27.19
N LYS B 607 -31.52 40.72 -27.74
CA LYS B 607 -31.03 41.82 -28.58
C LYS B 607 -31.50 43.13 -27.97
N LYS B 608 -30.59 44.10 -27.89
CA LYS B 608 -30.93 45.45 -27.46
C LYS B 608 -30.18 46.45 -28.33
N ASN B 609 -30.90 47.51 -28.76
CA ASN B 609 -30.34 48.53 -29.63
C ASN B 609 -29.78 47.95 -30.91
N GLY B 610 -30.42 46.88 -31.42
CA GLY B 610 -29.95 46.23 -32.61
C GLY B 610 -28.66 45.44 -32.46
N GLU B 611 -28.17 45.27 -31.23
CA GLU B 611 -26.94 44.56 -30.96
C GLU B 611 -27.25 43.24 -30.27
N LEU B 612 -26.61 42.17 -30.73
CA LEU B 612 -26.77 40.86 -30.10
C LEU B 612 -26.15 40.88 -28.70
N ILE B 613 -26.93 40.45 -27.71
CA ILE B 613 -26.50 40.49 -26.32
C ILE B 613 -26.35 39.06 -25.81
N ALA B 614 -25.41 38.88 -24.88
CA ALA B 614 -25.17 37.59 -24.25
C ALA B 614 -25.00 37.79 -22.76
N GLN B 615 -25.36 36.77 -21.99
CA GLN B 615 -25.20 36.75 -20.55
C GLN B 615 -24.50 35.46 -20.15
N PRO B 616 -23.85 35.45 -18.98
CA PRO B 616 -23.22 34.21 -18.51
C PRO B 616 -24.25 33.11 -18.30
N LEU B 617 -23.73 31.88 -18.24
CA LEU B 617 -24.61 30.70 -18.20
C LEU B 617 -25.45 30.64 -16.92
N ARG B 618 -25.03 31.30 -15.84
CA ARG B 618 -25.79 31.24 -14.60
C ARG B 618 -27.07 32.07 -14.69
N GLU B 619 -26.98 33.28 -15.25
CA GLU B 619 -28.17 34.12 -15.40
C GLU B 619 -28.99 33.75 -16.64
N ALA B 620 -28.34 33.31 -17.72
CA ALA B 620 -29.07 32.78 -18.87
C ALA B 620 -29.74 31.46 -18.57
N LEU B 621 -29.40 30.84 -17.43
CA LEU B 621 -30.12 29.66 -16.96
C LEU B 621 -31.59 30.00 -16.71
N ARG B 622 -31.85 31.20 -16.19
CA ARG B 622 -33.22 31.65 -15.99
C ARG B 622 -34.02 31.65 -17.29
N VAL B 623 -33.36 31.93 -18.41
CA VAL B 623 -34.04 31.92 -19.70
C VAL B 623 -34.55 30.52 -20.02
N GLN B 624 -33.72 29.51 -19.81
CA GLN B 624 -34.14 28.13 -20.04
C GLN B 624 -35.25 27.72 -19.09
N LEU B 625 -35.13 28.10 -17.81
CA LEU B 625 -36.17 27.74 -16.85
C LEU B 625 -37.50 28.38 -17.24
N VAL B 626 -37.48 29.65 -17.65
CA VAL B 626 -38.70 30.33 -18.09
C VAL B 626 -39.25 29.66 -19.34
N GLN B 627 -38.37 29.25 -20.26
CA GLN B 627 -38.83 28.60 -21.49
C GLN B 627 -39.53 27.29 -21.19
N GLN B 628 -38.97 26.49 -20.29
CA GLN B 628 -39.61 25.22 -19.94
C GLN B 628 -40.91 25.44 -19.18
N PHE B 629 -40.94 26.46 -18.32
CA PHE B 629 -42.17 26.73 -17.57
C PHE B 629 -43.28 27.21 -18.50
N TYR B 630 -42.95 28.01 -19.51
CA TYR B 630 -43.93 28.37 -20.53
C TYR B 630 -44.36 27.15 -21.32
N PHE B 631 -43.41 26.27 -21.64
CA PHE B 631 -43.76 25.01 -22.29
C PHE B 631 -44.80 24.24 -21.46
N CYS B 632 -44.68 24.28 -20.14
CA CYS B 632 -45.65 23.61 -19.28
C CYS B 632 -46.98 24.34 -19.29
N ILE B 633 -46.95 25.66 -19.16
CA ILE B 633 -48.18 26.44 -19.06
C ILE B 633 -48.89 26.48 -20.41
N TYR B 634 -48.17 26.82 -21.46
CA TYR B 634 -48.73 27.18 -22.76
C TYR B 634 -48.92 25.99 -23.68
N ASN B 635 -48.70 24.77 -23.20
CA ASN B 635 -48.71 23.61 -24.09
C ASN B 635 -50.09 23.42 -24.71
N ASP B 636 -50.12 23.41 -26.04
CA ASP B 636 -51.29 23.10 -26.84
C ASP B 636 -50.88 22.10 -27.91
N SER B 637 -51.88 21.48 -28.55
CA SER B 637 -51.59 20.66 -29.72
C SER B 637 -50.83 21.45 -30.77
N GLN B 638 -51.19 22.73 -30.91
CA GLN B 638 -50.47 23.63 -31.81
C GLN B 638 -48.99 23.70 -31.46
N LEU B 639 -48.67 23.81 -30.17
CA LEU B 639 -47.28 23.89 -29.76
C LEU B 639 -46.52 22.62 -30.11
N GLU B 640 -47.13 21.46 -29.88
CA GLU B 640 -46.42 20.20 -30.13
C GLU B 640 -46.21 19.97 -31.62
N GLY B 641 -47.21 20.29 -32.45
CA GLY B 641 -46.97 20.30 -33.88
C GLY B 641 -45.84 21.25 -34.26
N PHE B 642 -45.79 22.42 -33.60
CA PHE B 642 -44.78 23.42 -33.91
C PHE B 642 -43.38 22.92 -33.62
N CYS B 643 -43.16 22.37 -32.42
CA CYS B 643 -41.82 21.90 -32.07
C CYS B 643 -41.44 20.66 -32.87
N ASN B 644 -42.36 19.71 -33.00
CA ASN B 644 -42.06 18.46 -33.68
C ASN B 644 -41.81 18.66 -35.17
N GLU B 645 -42.38 19.71 -35.76
CA GLU B 645 -41.98 20.07 -37.12
C GLU B 645 -40.83 21.08 -37.15
N GLN B 646 -40.50 21.66 -36.00
CA GLN B 646 -39.43 22.66 -35.90
C GLN B 646 -38.05 22.01 -35.81
N LYS B 647 -37.97 20.82 -35.19
CA LYS B 647 -36.71 20.11 -35.12
C LYS B 647 -36.07 19.95 -36.49
N LYS B 648 -36.87 19.82 -37.55
CA LYS B 648 -36.32 19.73 -38.90
C LYS B 648 -35.65 21.04 -39.30
N ILE B 649 -36.27 22.17 -38.98
CA ILE B 649 -35.65 23.47 -39.26
C ILE B 649 -34.31 23.57 -38.53
N LEU B 650 -34.30 23.20 -37.24
CA LEU B 650 -33.07 23.32 -36.47
C LEU B 650 -31.97 22.42 -37.04
N MET B 651 -32.33 21.20 -37.45
CA MET B 651 -31.34 20.28 -37.98
C MET B 651 -30.80 20.73 -39.33
N ALA B 652 -31.65 21.35 -40.16
CA ALA B 652 -31.13 21.94 -41.40
C ALA B 652 -30.21 23.12 -41.09
N LEU B 653 -30.58 23.93 -40.09
CA LEU B 653 -29.75 25.07 -39.69
C LEU B 653 -28.35 24.61 -39.27
N GLU B 654 -28.27 23.63 -38.36
CA GLU B 654 -26.96 23.13 -37.98
C GLU B 654 -26.32 22.35 -39.12
N GLY B 655 -27.10 21.87 -40.09
CA GLY B 655 -26.51 21.31 -41.29
C GLY B 655 -25.73 22.36 -42.07
N ASP B 656 -26.28 23.57 -42.18
CA ASP B 656 -25.54 24.69 -42.75
C ASP B 656 -24.50 25.26 -41.80
N LYS B 657 -24.54 24.90 -40.52
CA LYS B 657 -23.52 25.39 -39.59
C LYS B 657 -22.15 24.85 -39.90
N LYS B 658 -22.05 23.52 -39.98
CA LYS B 658 -20.81 22.84 -40.25
C LYS B 658 -20.58 22.66 -41.74
N ASN B 659 -21.43 23.27 -42.57
CA ASN B 659 -21.31 23.23 -44.04
C ASN B 659 -21.41 21.80 -44.57
N LYS B 660 -22.48 21.13 -44.16
CA LYS B 660 -22.77 19.77 -44.61
C LYS B 660 -23.76 19.73 -45.76
N SER B 661 -24.22 20.88 -46.25
CA SER B 661 -25.08 20.99 -47.43
C SER B 661 -26.38 20.20 -47.25
N SER B 662 -27.05 20.45 -46.12
CA SER B 662 -28.28 19.74 -45.79
C SER B 662 -29.41 20.16 -46.73
N PHE B 663 -30.45 19.34 -46.78
CA PHE B 663 -31.56 19.57 -47.68
C PHE B 663 -32.84 18.95 -47.10
N GLY B 664 -33.98 19.58 -47.35
CA GLY B 664 -35.24 18.90 -47.07
C GLY B 664 -36.27 19.14 -48.17
N PHE B 665 -37.06 18.09 -48.46
CA PHE B 665 -37.44 17.82 -49.85
C PHE B 665 -38.50 18.77 -50.38
N ASN B 666 -39.56 19.02 -49.60
CA ASN B 666 -40.63 19.93 -49.99
C ASN B 666 -40.74 21.00 -48.92
N PRO B 667 -39.82 21.97 -48.90
CA PRO B 667 -39.85 23.00 -47.84
C PRO B 667 -41.11 23.82 -47.86
N GLU B 668 -41.74 23.99 -49.03
CA GLU B 668 -43.06 24.60 -49.05
C GLU B 668 -44.05 23.79 -48.23
N GLY B 669 -43.98 22.46 -48.33
CA GLY B 669 -44.85 21.62 -47.54
C GLY B 669 -44.52 21.65 -46.06
N LEU B 670 -43.23 21.70 -45.74
CA LEU B 670 -42.82 21.79 -44.34
C LEU B 670 -43.30 23.09 -43.72
N LEU B 671 -43.11 24.21 -44.42
CA LEU B 671 -43.59 25.50 -43.93
C LEU B 671 -45.11 25.59 -43.97
N GLU B 672 -45.78 24.77 -44.78
CA GLU B 672 -47.23 24.68 -44.73
C GLU B 672 -47.71 23.91 -43.52
N LYS B 673 -46.94 22.90 -43.08
CA LYS B 673 -47.27 22.19 -41.86
C LYS B 673 -46.97 23.04 -40.63
N ILE B 674 -45.89 23.80 -40.67
CA ILE B 674 -45.57 24.73 -39.58
C ILE B 674 -46.62 25.84 -39.52
N GLU B 675 -47.02 26.35 -40.68
CA GLU B 675 -48.09 27.35 -40.73
C GLU B 675 -49.40 26.77 -40.19
N GLU B 676 -49.68 25.52 -40.56
CA GLU B 676 -50.96 24.90 -40.19
C GLU B 676 -51.14 24.80 -38.68
N CYS B 677 -50.05 24.66 -37.93
CA CYS B 677 -50.10 24.49 -36.48
C CYS B 677 -49.96 25.80 -35.70
N LEU B 678 -49.92 26.94 -36.38
CA LEU B 678 -49.91 28.24 -35.73
C LEU B 678 -51.30 28.85 -35.82
N ILE B 679 -52.04 28.89 -34.72
CA ILE B 679 -53.35 29.53 -34.78
C ILE B 679 -53.50 30.66 -33.76
N ASN B 680 -53.91 30.31 -32.53
CA ASN B 680 -54.09 31.31 -31.48
C ASN B 680 -53.04 31.24 -30.36
N ASN B 681 -52.12 30.31 -30.41
CA ASN B 681 -51.26 30.04 -29.25
C ASN B 681 -50.20 31.12 -29.08
N PRO B 682 -50.18 31.85 -27.95
CA PRO B 682 -49.17 32.91 -27.79
C PRO B 682 -47.74 32.41 -27.82
N MET B 683 -47.44 31.34 -27.08
CA MET B 683 -46.08 30.81 -27.04
C MET B 683 -45.65 30.30 -28.41
N CYS B 684 -46.57 29.64 -29.12
CA CYS B 684 -46.27 29.12 -30.44
C CYS B 684 -45.83 30.23 -31.39
N LEU B 685 -46.66 31.28 -31.50
CA LEU B 685 -46.33 32.39 -32.40
C LEU B 685 -45.06 33.10 -31.93
N PHE B 686 -44.88 33.22 -30.61
CA PHE B 686 -43.68 33.88 -30.10
C PHE B 686 -42.42 33.15 -30.52
N MET B 687 -42.36 31.85 -30.25
CA MET B 687 -41.20 31.06 -30.67
C MET B 687 -41.06 31.05 -32.19
N ALA B 688 -42.16 31.22 -32.92
CA ALA B 688 -42.07 31.37 -34.37
C ALA B 688 -41.30 32.63 -34.74
N GLN B 689 -41.75 33.78 -34.24
CA GLN B 689 -41.07 35.04 -34.57
C GLN B 689 -39.62 35.03 -34.11
N ARG B 690 -39.36 34.53 -32.90
CA ARG B 690 -37.98 34.41 -32.43
C ARG B 690 -37.18 33.49 -33.34
N LEU B 691 -37.81 32.47 -33.91
CA LEU B 691 -37.12 31.65 -34.91
C LEU B 691 -36.80 32.46 -36.15
N ASN B 692 -37.71 33.35 -36.57
CA ASN B 692 -37.41 34.25 -37.67
C ASN B 692 -36.14 35.07 -37.38
N GLU B 693 -36.07 35.66 -36.19
CA GLU B 693 -34.90 36.46 -35.85
C GLU B 693 -33.63 35.62 -35.79
N LEU B 694 -33.76 34.37 -35.32
CA LEU B 694 -32.61 33.46 -35.35
C LEU B 694 -32.14 33.22 -36.78
N VAL B 695 -33.08 33.00 -37.70
CA VAL B 695 -32.72 32.81 -39.10
C VAL B 695 -32.03 34.06 -39.65
N ILE B 696 -32.51 35.23 -39.26
CA ILE B 696 -31.91 36.47 -39.76
C ILE B 696 -30.48 36.62 -39.27
N GLU B 697 -30.27 36.52 -37.95
CA GLU B 697 -28.93 36.72 -37.40
C GLU B 697 -27.97 35.63 -37.89
N ALA B 698 -28.46 34.40 -38.01
CA ALA B 698 -27.62 33.31 -38.53
C ALA B 698 -27.25 33.56 -39.98
N SER B 699 -28.21 34.01 -40.80
CA SER B 699 -27.91 34.35 -42.18
C SER B 699 -26.92 35.50 -42.26
N LYS B 700 -26.95 36.40 -41.29
CA LYS B 700 -25.95 37.48 -41.25
C LYS B 700 -24.57 36.94 -40.91
N ARG B 701 -24.50 35.98 -39.97
CA ARG B 701 -23.21 35.40 -39.61
C ARG B 701 -22.57 34.69 -40.80
N GLY B 702 -23.33 33.81 -41.44
CA GLY B 702 -23.02 33.38 -42.79
C GLY B 702 -24.31 32.94 -43.45
N ALA B 703 -24.37 33.08 -44.77
CA ALA B 703 -25.66 33.02 -45.45
C ALA B 703 -25.81 31.68 -46.16
N LYS B 704 -26.54 30.78 -45.51
CA LYS B 704 -27.30 29.72 -46.17
C LYS B 704 -28.79 30.01 -46.16
N PHE B 705 -29.20 31.19 -45.69
CA PHE B 705 -30.61 31.56 -45.56
C PHE B 705 -30.89 32.89 -46.25
N PHE B 706 -32.11 33.42 -46.07
CA PHE B 706 -32.56 34.65 -46.71
C PHE B 706 -33.00 35.66 -45.67
N LYS B 707 -32.89 36.94 -46.04
CA LYS B 707 -33.46 38.04 -45.28
C LYS B 707 -34.24 38.92 -46.24
N THR B 708 -35.51 39.15 -45.92
CA THR B 708 -36.41 39.88 -46.81
C THR B 708 -35.92 41.28 -47.13
N MET C 1 -5.25 -13.02 39.96
CA MET C 1 -4.25 -12.22 40.65
C MET C 1 -3.66 -11.17 39.73
N GLU C 2 -2.86 -10.25 40.28
CA GLU C 2 -2.31 -9.12 39.54
C GLU C 2 -0.79 -9.15 39.62
N ILE C 3 -0.13 -9.29 38.48
CA ILE C 3 1.32 -9.33 38.44
C ILE C 3 1.84 -7.89 38.32
N ASN C 4 2.58 -7.46 39.33
CA ASN C 4 3.22 -6.14 39.34
C ASN C 4 4.73 -6.32 39.44
N PRO C 5 5.49 -6.05 38.38
CA PRO C 5 6.95 -6.19 38.49
C PRO C 5 7.58 -5.18 39.46
N TYR C 6 7.06 -3.95 39.47
CA TYR C 6 7.63 -2.90 40.31
C TYR C 6 7.63 -3.26 41.79
N LEU C 7 6.83 -4.24 42.20
CA LEU C 7 6.83 -4.67 43.60
C LEU C 7 8.20 -5.18 44.04
N MET C 8 9.05 -5.65 43.12
CA MET C 8 10.37 -6.09 43.53
C MET C 8 11.28 -4.93 43.94
N PHE C 9 10.89 -3.69 43.63
CA PHE C 9 11.65 -2.52 44.07
C PHE C 9 11.47 -2.21 45.55
N LEU C 10 10.47 -2.82 46.20
CA LEU C 10 10.21 -2.59 47.61
C LEU C 10 11.43 -2.93 48.47
N ASN C 11 11.81 -4.20 48.51
CA ASN C 11 12.90 -4.63 49.38
C ASN C 11 14.26 -4.22 48.82
N ASN C 12 14.51 -4.49 47.54
CA ASN C 12 15.81 -4.24 46.97
C ASN C 12 16.05 -2.76 46.73
N ASP C 13 17.33 -2.41 46.60
CA ASP C 13 17.72 -1.05 46.25
C ASP C 13 17.58 -0.84 44.75
N VAL C 14 17.18 0.38 44.37
CA VAL C 14 16.82 0.66 42.98
C VAL C 14 18.05 0.72 42.08
N THR C 15 19.19 1.19 42.62
CA THR C 15 20.34 1.47 41.77
C THR C 15 20.90 0.21 41.12
N SER C 16 20.72 -0.95 41.74
CA SER C 16 21.24 -2.18 41.16
C SER C 16 20.37 -2.68 40.02
N LEU C 17 19.06 -2.54 40.15
CA LEU C 17 18.10 -3.02 39.16
C LEU C 17 17.67 -1.94 38.17
N ILE C 18 18.28 -0.75 38.24
CA ILE C 18 17.86 0.37 37.41
C ILE C 18 17.97 0.07 35.93
N SER C 19 18.84 -0.88 35.54
CA SER C 19 18.98 -1.24 34.13
C SER C 19 17.73 -1.90 33.56
N THR C 20 16.76 -2.26 34.39
CA THR C 20 15.51 -2.84 33.91
C THR C 20 14.41 -1.80 33.70
N THR C 21 14.62 -0.55 34.11
CA THR C 21 13.66 0.49 33.77
C THR C 21 13.88 1.01 32.35
N TYR C 22 15.11 0.98 31.87
CA TYR C 22 15.43 1.44 30.52
C TYR C 22 15.10 0.35 29.51
N PRO C 23 14.24 0.62 28.49
CA PRO C 23 13.89 -0.40 27.49
C PRO C 23 14.83 -0.38 26.28
N TYR C 24 16.13 -0.57 26.54
CA TYR C 24 17.09 -0.55 25.44
C TYR C 24 17.06 -1.81 24.59
N THR C 25 16.31 -2.84 25.00
CA THR C 25 16.22 -4.06 24.21
C THR C 25 15.46 -3.84 22.90
N GLY C 26 14.66 -2.78 22.81
CA GLY C 26 13.85 -2.53 21.64
C GLY C 26 14.41 -1.44 20.76
N PRO C 27 13.76 -1.19 19.63
CA PRO C 27 14.25 -0.18 18.68
C PRO C 27 14.03 1.22 19.21
N PRO C 28 14.71 2.22 18.66
CA PRO C 28 14.56 3.58 19.15
C PRO C 28 13.38 4.27 18.48
N PRO C 29 13.00 5.47 18.92
CA PRO C 29 12.02 6.26 18.16
C PRO C 29 12.69 6.97 17.00
N MET C 30 11.87 7.46 16.08
CA MET C 30 12.45 8.21 14.97
C MET C 30 11.36 9.05 14.31
N SER C 31 11.80 9.84 13.34
CA SER C 31 11.11 11.03 12.83
C SER C 31 10.18 10.66 11.68
N HIS C 32 9.00 11.26 11.66
CA HIS C 32 8.13 11.16 10.49
C HIS C 32 7.54 12.52 10.20
N GLY C 33 7.24 12.77 8.93
CA GLY C 33 6.59 14.01 8.53
C GLY C 33 7.59 15.15 8.35
N SER C 34 7.03 16.36 8.33
CA SER C 34 7.83 17.56 8.14
C SER C 34 8.45 18.00 9.46
N SER C 35 9.71 18.41 9.41
CA SER C 35 10.41 18.96 10.56
C SER C 35 10.28 20.47 10.67
N THR C 36 9.51 21.10 9.78
CA THR C 36 9.37 22.55 9.80
C THR C 36 8.68 23.02 11.08
N LYS C 37 7.73 22.24 11.59
CA LYS C 37 7.04 22.60 12.82
C LYS C 37 8.02 22.77 13.98
N TYR C 38 8.87 21.77 14.20
CA TYR C 38 9.85 21.84 15.28
C TYR C 38 10.82 23.00 15.07
N THR C 39 11.20 23.24 13.83
CA THR C 39 12.17 24.32 13.56
C THR C 39 11.58 25.68 13.90
N LEU C 40 10.40 25.99 13.35
CA LEU C 40 9.77 27.27 13.65
C LEU C 40 9.48 27.42 15.14
N GLU C 41 8.96 26.35 15.75
CA GLU C 41 8.69 26.38 17.19
C GLU C 41 9.97 26.65 17.98
N THR C 42 11.10 26.11 17.53
CA THR C 42 12.35 26.30 18.24
C THR C 42 12.92 27.69 18.03
N ILE C 43 12.76 28.27 16.84
CA ILE C 43 13.19 29.64 16.61
C ILE C 43 12.38 30.60 17.46
N LYS C 44 11.06 30.41 17.51
CA LYS C 44 10.22 31.24 18.36
C LYS C 44 10.56 31.04 19.83
N ARG C 45 10.96 29.82 20.22
CA ARG C 45 11.43 29.62 21.58
C ARG C 45 12.78 30.29 21.82
N THR C 46 13.58 30.48 20.77
CA THR C 46 14.85 31.18 20.93
C THR C 46 14.64 32.68 21.13
N TYR C 47 13.86 33.30 20.24
CA TYR C 47 13.55 34.71 20.42
C TYR C 47 12.77 34.95 21.71
N ASP C 48 11.94 33.99 22.11
CA ASP C 48 11.18 34.13 23.35
C ASP C 48 12.08 34.01 24.57
N TYR C 49 12.87 32.93 24.63
CA TYR C 49 13.76 32.70 25.77
C TYR C 49 14.78 33.80 25.94
N SER C 50 15.11 34.52 24.88
CA SER C 50 15.97 35.69 24.99
C SER C 50 15.04 36.86 25.26
N ARG C 51 15.09 37.39 26.47
CA ARG C 51 14.09 38.36 26.88
C ARG C 51 14.70 39.73 26.67
N THR C 52 14.38 40.32 25.53
CA THR C 52 14.76 41.68 25.20
C THR C 52 13.81 42.17 24.12
N SER C 53 13.39 43.44 24.20
CA SER C 53 12.67 44.07 23.11
C SER C 53 13.57 44.92 22.23
N VAL C 54 14.85 45.04 22.57
CA VAL C 54 15.78 45.88 21.81
C VAL C 54 16.06 45.22 20.47
N GLU C 55 15.80 45.95 19.39
CA GLU C 55 15.96 45.45 18.03
C GLU C 55 16.60 46.54 17.19
N LYS C 56 17.74 46.23 16.58
CA LYS C 56 18.46 47.17 15.74
C LYS C 56 18.58 46.61 14.32
N THR C 57 18.27 47.44 13.34
CA THR C 57 18.34 47.01 11.94
C THR C 57 19.80 46.84 11.53
N SER C 58 20.12 45.67 10.98
CA SER C 58 21.47 45.41 10.53
C SER C 58 21.82 46.28 9.33
N LYS C 59 23.07 46.73 9.27
CA LYS C 59 23.50 47.59 8.18
C LYS C 59 23.66 46.80 6.89
N VAL C 60 24.20 45.59 6.97
CA VAL C 60 24.48 44.81 5.77
C VAL C 60 23.23 44.10 5.24
N PHE C 61 22.42 43.53 6.13
CA PHE C 61 21.32 42.67 5.70
C PHE C 61 20.00 43.39 5.52
N ASN C 62 19.88 44.65 5.96
CA ASN C 62 18.60 45.36 5.98
C ASN C 62 17.53 44.53 6.69
N ILE C 63 17.95 43.74 7.68
CA ILE C 63 17.06 42.86 8.44
C ILE C 63 17.22 43.21 9.90
N PRO C 64 16.15 43.24 10.69
CA PRO C 64 16.31 43.51 12.12
C PRO C 64 17.11 42.41 12.80
N ARG C 65 18.15 42.81 13.51
CA ARG C 65 18.92 41.92 14.37
C ARG C 65 18.61 42.26 15.81
N ARG C 66 18.25 41.26 16.59
CA ARG C 66 18.02 41.43 18.02
C ARG C 66 19.28 40.94 18.73
N LYS C 67 20.06 41.89 19.25
CA LYS C 67 21.27 41.58 20.01
C LYS C 67 20.93 41.75 21.47
N PHE C 68 20.78 40.64 22.17
CA PHE C 68 20.40 40.64 23.58
C PHE C 68 21.55 40.05 24.40
N CYS C 69 22.32 40.92 25.04
CA CYS C 69 23.25 40.54 26.09
C CYS C 69 23.44 41.76 26.96
N ASN C 70 23.63 41.52 28.26
CA ASN C 70 23.86 42.59 29.22
C ASN C 70 22.70 43.60 29.19
N CYS C 71 21.50 43.12 28.89
CA CYS C 71 20.27 43.90 28.87
C CYS C 71 19.12 42.96 29.18
N LEU C 72 18.08 43.45 29.85
CA LEU C 72 17.04 42.54 30.30
C LEU C 72 15.63 43.10 30.13
N GLU C 73 14.77 42.34 29.44
CA GLU C 73 13.32 42.39 29.63
C GLU C 73 13.00 41.34 30.67
N ASP C 74 12.60 41.73 31.87
CA ASP C 74 12.26 40.72 32.86
C ASP C 74 10.79 40.34 32.71
N LYS C 75 10.53 39.04 32.67
CA LYS C 75 9.19 38.50 32.67
C LYS C 75 8.85 38.02 34.07
N ASP C 76 7.58 38.15 34.43
CA ASP C 76 7.14 37.71 35.76
C ASP C 76 7.50 36.26 36.03
N GLU C 77 7.71 35.46 34.99
CA GLU C 77 8.24 34.12 35.15
C GLU C 77 9.75 34.23 35.04
N LEU C 78 10.44 34.19 36.17
CA LEU C 78 11.89 34.02 36.22
C LEU C 78 12.30 32.56 36.14
N VAL C 79 11.54 31.69 36.80
CA VAL C 79 11.88 30.27 36.84
C VAL C 79 11.94 29.68 35.44
N LYS C 80 11.16 30.22 34.51
CA LYS C 80 11.21 29.77 33.13
C LYS C 80 12.57 30.13 32.52
N PRO C 81 13.10 29.29 31.62
CA PRO C 81 14.43 29.54 31.07
C PRO C 81 14.63 30.96 30.54
N THR C 82 15.83 31.48 30.73
CA THR C 82 16.26 32.77 30.21
C THR C 82 17.43 32.55 29.25
N GLY C 83 17.46 33.38 28.20
CA GLY C 83 18.55 33.29 27.24
C GLY C 83 19.54 34.44 27.35
N ASN C 84 19.29 35.38 28.25
CA ASN C 84 20.07 36.60 28.30
C ASN C 84 21.28 36.44 29.21
N VAL C 85 22.45 36.75 28.67
CA VAL C 85 23.72 36.60 29.37
C VAL C 85 24.25 37.99 29.72
N ASP C 86 24.63 38.18 30.99
CA ASP C 86 25.25 39.43 31.42
C ASP C 86 26.76 39.24 31.32
N ILE C 87 27.39 39.95 30.39
CA ILE C 87 28.76 39.66 30.01
C ILE C 87 29.74 40.09 31.10
N SER C 88 29.39 41.11 31.89
CA SER C 88 30.27 41.55 32.97
C SER C 88 30.48 40.46 33.99
N SER C 89 29.38 39.90 34.50
CA SER C 89 29.47 38.79 35.44
C SER C 89 30.05 37.54 34.79
N LEU C 90 29.81 37.35 33.49
CA LEU C 90 30.44 36.25 32.76
C LEU C 90 31.96 36.34 32.86
N LEU C 91 32.54 37.42 32.33
CA LEU C 91 33.99 37.62 32.44
C LEU C 91 34.45 37.63 33.89
N GLY C 92 33.56 37.97 34.84
CA GLY C 92 33.89 37.75 36.24
C GLY C 92 34.12 36.27 36.54
N LEU C 93 33.23 35.41 36.04
CA LEU C 93 33.42 33.97 36.22
C LEU C 93 34.69 33.48 35.53
N ALA C 94 35.03 34.08 34.39
CA ALA C 94 36.30 33.74 33.72
C ALA C 94 37.49 34.14 34.58
N GLU C 95 37.45 35.34 35.15
CA GLU C 95 38.56 35.80 35.99
C GLU C 95 38.74 34.92 37.21
N MET C 96 37.65 34.68 37.96
CA MET C 96 37.76 33.83 39.13
C MET C 96 38.17 32.41 38.76
N MET C 97 37.73 31.92 37.60
CA MET C 97 38.15 30.60 37.15
C MET C 97 39.65 30.55 36.92
N GLU C 98 40.19 31.53 36.20
CA GLU C 98 41.64 31.56 35.97
C GLU C 98 42.38 31.68 37.30
N LYS C 99 42.08 32.73 38.07
CA LYS C 99 42.76 32.95 39.35
C LYS C 99 42.59 31.79 40.32
N ARG C 100 41.66 30.86 40.05
CA ARG C 100 41.59 29.65 40.85
C ARG C 100 42.71 28.67 40.50
N MET C 101 42.96 28.45 39.21
CA MET C 101 44.01 27.55 38.75
C MET C 101 45.00 28.33 37.90
N GLY C 102 46.19 28.58 38.46
CA GLY C 102 47.25 29.27 37.74
C GLY C 102 46.93 30.72 37.49
N GLU C 103 47.92 31.53 37.10
CA GLU C 103 47.62 32.82 36.49
C GLU C 103 47.70 32.78 34.96
N GLY C 104 48.27 31.72 34.39
CA GLY C 104 48.49 31.62 32.97
C GLY C 104 47.59 30.62 32.27
N PHE C 105 46.48 30.26 32.91
CA PHE C 105 45.61 29.19 32.44
C PHE C 105 45.24 29.37 30.97
N PHE C 106 44.63 30.52 30.64
CA PHE C 106 44.13 30.74 29.29
C PHE C 106 45.27 30.91 28.30
N LYS C 107 46.33 31.63 28.69
CA LYS C 107 47.48 31.79 27.80
C LYS C 107 48.06 30.43 27.41
N HIS C 108 48.20 29.53 28.37
CA HIS C 108 48.81 28.23 28.11
C HIS C 108 47.91 27.35 27.26
N CYS C 109 46.63 27.23 27.64
CA CYS C 109 45.71 26.42 26.85
C CYS C 109 45.63 26.94 25.41
N VAL C 110 45.55 28.26 25.24
CA VAL C 110 45.54 28.84 23.90
C VAL C 110 46.85 28.55 23.18
N MET C 111 47.97 28.52 23.90
CA MET C 111 49.23 28.14 23.28
C MET C 111 49.15 26.73 22.70
N GLU C 112 48.62 25.78 23.48
CA GLU C 112 48.46 24.42 22.97
C GLU C 112 47.55 24.38 21.75
N ALA C 113 46.43 25.12 21.80
CA ALA C 113 45.54 25.17 20.65
C ALA C 113 46.24 25.72 19.41
N GLU C 114 46.91 26.86 19.55
CA GLU C 114 47.65 27.46 18.46
C GLU C 114 48.64 26.47 17.85
N THR C 115 49.38 25.76 18.71
CA THR C 115 50.28 24.71 18.24
C THR C 115 49.54 23.69 17.38
N GLU C 116 48.54 23.03 17.96
CA GLU C 116 47.88 21.92 17.27
C GLU C 116 47.19 22.36 15.99
N ILE C 117 46.67 23.58 15.94
CA ILE C 117 45.94 24.04 14.76
C ILE C 117 46.91 24.50 13.67
N LEU C 118 47.98 25.21 14.04
CA LEU C 118 48.92 25.67 13.03
C LEU C 118 49.63 24.51 12.34
N LYS C 119 49.79 23.38 13.05
CA LYS C 119 50.33 22.18 12.42
C LYS C 119 49.36 21.60 11.41
N MET C 120 48.06 21.81 11.61
CA MET C 120 47.05 20.95 11.03
C MET C 120 46.91 21.15 9.53
N HIS C 121 47.01 20.05 8.78
CA HIS C 121 46.57 20.03 7.40
C HIS C 121 45.06 20.17 7.36
N PHE C 122 44.55 20.92 6.38
CA PHE C 122 43.11 21.10 6.27
C PHE C 122 42.39 19.83 5.87
N SER C 123 43.12 18.81 5.41
CA SER C 123 42.48 17.55 5.01
C SER C 123 41.81 16.88 6.20
N ARG C 124 42.39 16.99 7.39
CA ARG C 124 41.75 16.46 8.59
C ARG C 124 40.42 17.14 8.90
N LEU C 125 40.11 18.24 8.21
CA LEU C 125 38.79 18.84 8.32
C LEU C 125 37.70 17.92 7.79
N THR C 126 38.05 16.95 6.95
CA THR C 126 37.07 15.98 6.46
C THR C 126 36.62 15.01 7.55
N GLU C 127 37.40 14.87 8.62
CA GLU C 127 37.02 14.03 9.74
C GLU C 127 35.95 14.72 10.56
N GLY C 128 34.83 14.06 10.75
CA GLY C 128 33.75 14.61 11.55
C GLY C 128 32.40 14.12 11.05
N ARG C 129 31.35 14.75 11.60
CA ARG C 129 29.99 14.40 11.25
C ARG C 129 29.63 14.95 9.87
N GLN C 130 28.39 14.70 9.46
CA GLN C 130 27.89 15.28 8.22
C GLN C 130 27.78 16.79 8.35
N THR C 131 28.09 17.49 7.26
CA THR C 131 28.00 18.94 7.21
C THR C 131 27.29 19.36 5.92
N TYR C 132 26.95 20.65 5.86
CA TYR C 132 26.09 21.16 4.81
C TYR C 132 26.94 21.64 3.64
N ASP C 133 26.83 20.94 2.52
CA ASP C 133 27.44 21.39 1.28
C ASP C 133 26.52 22.39 0.61
N TRP C 134 27.01 23.60 0.42
CA TRP C 134 26.22 24.69 -0.15
C TRP C 134 26.28 24.74 -1.68
N THR C 135 27.18 23.98 -2.30
CA THR C 135 27.21 23.88 -3.75
C THR C 135 25.88 23.34 -4.27
N SER C 136 25.56 22.09 -3.92
CA SER C 136 24.27 21.51 -4.26
C SER C 136 23.19 21.85 -3.24
N GLU C 137 23.54 22.57 -2.17
CA GLU C 137 22.60 22.93 -1.11
C GLU C 137 21.96 21.69 -0.48
N ARG C 138 22.79 20.71 -0.15
CA ARG C 138 22.34 19.48 0.48
C ARG C 138 23.32 19.11 1.58
N ASN C 139 22.89 18.20 2.45
CA ASN C 139 23.75 17.68 3.50
C ASN C 139 24.57 16.51 2.97
N MET C 140 25.85 16.51 3.32
CA MET C 140 26.79 15.53 2.80
C MET C 140 27.74 15.08 3.90
N PRO C 141 28.39 13.94 3.74
CA PRO C 141 29.56 13.64 4.58
C PRO C 141 30.62 14.70 4.36
N ALA C 142 31.34 15.04 5.44
CA ALA C 142 32.23 16.21 5.42
C ALA C 142 33.26 16.12 4.31
N ALA C 143 33.74 14.92 3.99
CA ALA C 143 34.80 14.78 3.00
C ALA C 143 34.34 15.21 1.62
N THR C 144 33.20 14.67 1.16
CA THR C 144 32.71 15.02 -0.17
C THR C 144 32.32 16.50 -0.24
N ALA C 145 31.71 17.03 0.83
CA ALA C 145 31.35 18.44 0.85
C ALA C 145 32.59 19.32 0.74
N LEU C 146 33.65 19.00 1.47
CA LEU C 146 34.88 19.77 1.38
C LEU C 146 35.50 19.64 -0.01
N GLN C 147 35.40 18.45 -0.61
CA GLN C 147 35.89 18.29 -1.98
C GLN C 147 35.13 19.21 -2.94
N LEU C 148 33.83 19.37 -2.74
CA LEU C 148 33.07 20.27 -3.60
C LEU C 148 33.42 21.73 -3.35
N THR C 149 33.63 22.10 -2.08
CA THR C 149 34.01 23.48 -1.77
C THR C 149 35.36 23.83 -2.39
N VAL C 150 36.39 23.04 -2.11
CA VAL C 150 37.71 23.31 -2.63
C VAL C 150 37.71 23.23 -4.15
N ASP C 151 37.00 22.26 -4.72
CA ASP C 151 36.93 22.14 -6.17
C ASP C 151 36.28 23.37 -6.79
N ALA C 152 35.24 23.90 -6.15
CA ALA C 152 34.63 25.13 -6.65
C ALA C 152 35.59 26.30 -6.58
N ILE C 153 36.36 26.40 -5.50
CA ILE C 153 37.39 27.43 -5.42
C ILE C 153 38.39 27.27 -6.56
N LYS C 154 38.74 26.02 -6.89
CA LYS C 154 39.69 25.76 -7.96
C LYS C 154 39.14 26.18 -9.32
N GLU C 155 37.87 25.87 -9.60
CA GLU C 155 37.31 26.23 -10.88
C GLU C 155 36.99 27.71 -10.98
N THR C 156 36.83 28.40 -9.85
CA THR C 156 36.62 29.85 -9.88
C THR C 156 37.95 30.59 -10.00
N GLU C 157 38.74 30.59 -8.92
CA GLU C 157 39.94 31.41 -8.85
C GLU C 157 41.23 30.65 -9.14
N GLY C 158 41.16 29.33 -9.36
CA GLY C 158 42.35 28.53 -9.54
C GLY C 158 42.63 27.64 -8.34
N PRO C 159 43.51 26.65 -8.53
CA PRO C 159 43.72 25.64 -7.48
C PRO C 159 44.23 26.23 -6.18
N PHE C 160 43.97 25.51 -5.09
CA PHE C 160 44.29 25.96 -3.74
C PHE C 160 45.55 25.26 -3.25
N LYS C 161 46.63 26.03 -3.08
CA LYS C 161 47.92 25.51 -2.67
C LYS C 161 48.18 25.65 -1.17
N GLY C 162 47.18 26.09 -0.40
CA GLY C 162 47.39 26.40 1.01
C GLY C 162 48.01 25.30 1.85
N THR C 163 47.39 24.13 1.86
CA THR C 163 47.85 22.95 2.59
C THR C 163 47.97 23.21 4.09
N THR C 164 47.26 24.19 4.62
CA THR C 164 47.25 24.47 6.05
C THR C 164 45.88 25.00 6.44
N MET C 165 45.56 24.83 7.73
CA MET C 165 44.29 25.36 8.24
C MET C 165 44.25 26.87 8.13
N LEU C 166 45.37 27.54 8.42
CA LEU C 166 45.39 29.00 8.41
C LEU C 166 45.10 29.54 7.02
N GLU C 167 45.80 29.03 6.00
CA GLU C 167 45.59 29.50 4.64
C GLU C 167 44.20 29.16 4.14
N TYR C 168 43.64 28.02 4.57
CA TYR C 168 42.25 27.71 4.25
C TYR C 168 41.32 28.76 4.82
N CYS C 169 41.53 29.15 6.08
CA CYS C 169 40.71 30.18 6.69
C CYS C 169 40.86 31.51 5.96
N ASN C 170 42.10 31.86 5.58
CA ASN C 170 42.33 33.09 4.82
C ASN C 170 41.56 33.08 3.51
N LYS C 171 41.53 31.93 2.83
CA LYS C 171 40.74 31.84 1.60
C LYS C 171 39.24 31.95 1.88
N MET C 172 38.79 31.35 2.98
CA MET C 172 37.39 31.46 3.37
C MET C 172 36.98 32.91 3.53
N ILE C 173 37.77 33.68 4.27
CA ILE C 173 37.43 35.09 4.49
C ILE C 173 37.65 35.90 3.23
N GLU C 174 38.55 35.45 2.33
CA GLU C 174 38.73 36.14 1.06
C GLU C 174 37.52 35.95 0.15
N MET C 175 36.86 34.81 0.22
CA MET C 175 35.70 34.56 -0.66
C MET C 175 34.51 35.42 -0.31
N LEU C 176 34.43 35.94 0.92
CA LEU C 176 33.29 36.77 1.29
C LEU C 176 33.26 38.08 0.51
N ASP C 177 34.44 38.55 0.09
CA ASP C 177 34.53 39.74 -0.75
C ASP C 177 34.41 39.41 -2.24
N TRP C 178 34.42 38.13 -2.59
CA TRP C 178 34.24 37.74 -3.99
C TRP C 178 32.85 38.16 -4.47
N LYS C 179 32.80 38.86 -5.60
CA LYS C 179 31.54 39.28 -6.18
C LYS C 179 30.88 38.18 -7.00
N GLU C 180 31.65 37.18 -7.44
CA GLU C 180 31.13 36.10 -8.26
C GLU C 180 31.81 34.80 -7.86
N ILE C 181 31.04 33.72 -7.74
CA ILE C 181 31.57 32.40 -7.42
C ILE C 181 30.99 31.39 -8.40
N LYS C 182 31.82 30.43 -8.81
CA LYS C 182 31.42 29.40 -9.76
C LYS C 182 31.32 28.05 -9.06
N PHE C 183 30.30 27.28 -9.43
CA PHE C 183 29.99 25.99 -8.83
C PHE C 183 30.02 24.89 -9.88
N LYS C 184 30.25 23.68 -9.40
CA LYS C 184 29.93 22.47 -10.15
C LYS C 184 28.52 22.06 -9.74
N LYS C 185 27.56 22.23 -10.65
CA LYS C 185 26.16 21.95 -10.37
C LYS C 185 25.60 21.19 -11.55
N VAL C 186 25.03 20.01 -11.28
CA VAL C 186 24.49 19.17 -12.33
C VAL C 186 23.10 19.68 -12.70
N LYS C 187 22.92 20.05 -13.96
CA LYS C 187 21.63 20.51 -14.47
C LYS C 187 21.09 19.46 -15.44
N THR C 188 19.81 19.13 -15.28
CA THR C 188 19.17 18.16 -16.17
C THR C 188 18.86 18.83 -17.50
N VAL C 189 19.31 18.21 -18.60
CA VAL C 189 19.01 18.67 -19.94
C VAL C 189 18.15 17.62 -20.62
N VAL C 190 17.08 18.06 -21.27
CA VAL C 190 16.17 17.15 -21.95
C VAL C 190 16.68 16.99 -23.39
N ARG C 191 17.11 15.77 -23.72
CA ARG C 191 17.73 15.52 -25.01
C ARG C 191 16.79 14.73 -25.92
N LYS C 203 11.81 12.34 -25.20
CA LYS C 203 12.37 13.33 -24.29
C LYS C 203 12.94 12.66 -23.03
N THR C 204 14.24 12.40 -23.05
CA THR C 204 14.94 11.79 -21.91
C THR C 204 15.80 12.85 -21.25
N LYS C 205 15.70 12.93 -19.91
CA LYS C 205 16.44 13.93 -19.16
C LYS C 205 17.77 13.34 -18.71
N VAL C 206 18.85 13.84 -19.28
CA VAL C 206 20.20 13.45 -18.90
C VAL C 206 20.76 14.56 -18.01
N PRO C 207 21.10 14.28 -16.82
CA PRO C 207 21.61 15.32 -15.90
C PRO C 207 23.06 15.68 -16.17
N VAL C 208 23.25 16.57 -17.16
CA VAL C 208 24.60 16.95 -17.56
C VAL C 208 25.21 17.86 -16.51
N MET C 209 26.47 17.61 -16.18
CA MET C 209 27.17 18.48 -15.24
C MET C 209 27.30 19.88 -15.83
N GLY C 210 27.31 20.89 -14.96
CA GLY C 210 27.33 22.25 -15.42
C GLY C 210 28.09 23.14 -14.45
N ILE C 211 28.31 24.37 -14.89
CA ILE C 211 29.03 25.37 -14.13
C ILE C 211 28.07 26.52 -13.86
N ASP C 212 27.83 26.83 -12.58
CA ASP C 212 26.86 27.83 -12.21
C ASP C 212 27.55 29.03 -11.56
N SER C 213 26.88 30.17 -11.59
CA SER C 213 27.41 31.40 -11.02
C SER C 213 26.54 31.85 -9.86
N ILE C 214 27.16 32.60 -8.93
CA ILE C 214 26.44 33.17 -7.80
C ILE C 214 27.09 34.49 -7.41
N LYS C 215 26.29 35.33 -6.76
CA LYS C 215 26.66 36.69 -6.36
C LYS C 215 26.95 36.73 -4.87
N HIS C 216 27.81 37.68 -4.49
CA HIS C 216 28.20 37.85 -3.09
C HIS C 216 27.00 37.84 -2.13
N ASP C 217 25.90 38.48 -2.53
CA ASP C 217 24.72 38.55 -1.67
C ASP C 217 24.19 37.15 -1.37
N GLU C 218 24.05 36.31 -2.39
CA GLU C 218 23.55 34.96 -2.17
C GLU C 218 24.60 34.08 -1.50
N PHE C 219 25.87 34.26 -1.86
CA PHE C 219 26.92 33.41 -1.32
C PHE C 219 27.11 33.62 0.18
N LEU C 220 26.95 34.85 0.64
CA LEU C 220 27.07 35.11 2.08
C LEU C 220 26.00 34.34 2.85
N ILE C 221 24.76 34.40 2.39
CA ILE C 221 23.67 33.70 3.05
C ILE C 221 23.89 32.18 2.98
N ARG C 222 24.36 31.68 1.84
CA ARG C 222 24.66 30.26 1.74
C ARG C 222 25.80 29.86 2.68
N ALA C 223 26.71 30.79 2.96
CA ALA C 223 27.84 30.51 3.83
C ALA C 223 27.41 30.47 5.30
N LEU C 224 26.53 31.38 5.70
CA LEU C 224 26.00 31.35 7.06
C LEU C 224 24.84 30.38 7.23
N THR C 225 24.45 29.67 6.18
CA THR C 225 23.29 28.79 6.23
C THR C 225 23.60 27.53 7.04
N ILE C 226 22.66 27.16 7.90
CA ILE C 226 22.72 25.91 8.67
C ILE C 226 21.50 25.09 8.27
N ASN C 227 21.64 23.76 8.38
CA ASN C 227 20.59 22.85 7.95
C ASN C 227 20.08 22.01 9.11
N THR C 228 18.81 21.64 9.01
CA THR C 228 18.11 20.88 10.04
C THR C 228 18.15 19.39 9.73
N MET C 229 18.26 18.60 10.79
CA MET C 229 18.25 17.14 10.70
C MET C 229 17.19 16.63 11.69
N ALA C 230 16.15 16.02 11.15
CA ALA C 230 15.11 15.41 11.99
C ALA C 230 15.71 14.26 12.79
N ALA C 242 15.60 18.12 17.05
CA ALA C 242 16.37 18.05 15.80
C ALA C 242 17.79 18.55 16.03
N ILE C 243 18.72 18.16 15.15
CA ILE C 243 20.12 18.54 15.28
C ILE C 243 20.55 19.29 14.02
N ALA C 244 21.39 20.29 14.21
CA ALA C 244 21.81 21.17 13.12
C ALA C 244 23.18 20.77 12.61
N THR C 245 23.39 20.92 11.29
CA THR C 245 24.64 20.53 10.64
C THR C 245 25.20 21.73 9.88
N PRO C 246 26.09 22.49 10.50
CA PRO C 246 26.55 23.76 9.88
C PRO C 246 27.35 23.53 8.60
N GLY C 247 27.50 24.63 7.85
CA GLY C 247 28.14 24.60 6.56
C GLY C 247 29.65 24.38 6.65
N MET C 248 30.27 24.34 5.46
CA MET C 248 31.69 24.01 5.34
C MET C 248 32.59 25.20 5.63
N ILE C 249 32.13 26.43 5.37
CA ILE C 249 32.96 27.60 5.63
C ILE C 249 32.99 27.94 7.12
N VAL C 250 31.92 27.59 7.85
CA VAL C 250 31.89 27.85 9.28
C VAL C 250 32.67 26.82 10.08
N ARG C 251 32.93 25.64 9.49
CA ARG C 251 33.45 24.52 10.27
C ARG C 251 34.87 24.73 10.79
N PRO C 252 35.83 25.22 10.00
CA PRO C 252 37.21 25.29 10.52
C PRO C 252 37.36 26.16 11.75
N PHE C 253 36.76 27.35 11.75
CA PHE C 253 36.84 28.23 12.91
C PHE C 253 36.17 27.59 14.13
N SER C 254 35.05 26.88 13.90
CA SER C 254 34.39 26.15 14.97
C SER C 254 35.32 25.09 15.56
N LYS C 255 36.07 24.39 14.70
CA LYS C 255 37.05 23.43 15.21
C LYS C 255 38.14 24.12 16.01
N ILE C 256 38.52 25.34 15.60
CA ILE C 256 39.52 26.10 16.36
C ILE C 256 39.01 26.35 17.78
N VAL C 257 37.83 26.96 17.90
CA VAL C 257 37.28 27.26 19.22
C VAL C 257 37.08 25.97 20.02
N GLU C 258 36.63 24.90 19.35
CA GLU C 258 36.39 23.64 20.05
C GLU C 258 37.68 23.04 20.59
N THR C 259 38.80 23.22 19.88
CA THR C 259 40.08 22.73 20.40
C THR C 259 40.58 23.60 21.55
N VAL C 260 40.38 24.92 21.46
CA VAL C 260 40.71 25.79 22.59
C VAL C 260 39.95 25.34 23.83
N ALA C 261 38.62 25.23 23.72
CA ALA C 261 37.80 24.83 24.85
C ALA C 261 38.06 23.39 25.29
N GLN C 262 38.60 22.55 24.40
CA GLN C 262 38.98 21.20 24.82
C GLN C 262 40.25 21.25 25.67
N LYS C 263 41.23 22.06 25.26
CA LYS C 263 42.40 22.26 26.10
C LYS C 263 42.02 22.86 27.45
N ILE C 264 41.01 23.73 27.48
CA ILE C 264 40.53 24.26 28.74
C ILE C 264 39.83 23.18 29.57
N CYS C 265 39.03 22.34 28.90
CA CYS C 265 38.27 21.30 29.60
C CYS C 265 39.19 20.27 30.25
N GLU C 266 40.23 19.84 29.54
CA GLU C 266 41.11 18.79 30.05
C GLU C 266 41.66 19.13 31.43
N LYS C 267 42.10 20.37 31.62
CA LYS C 267 42.77 20.76 32.86
C LYS C 267 41.81 20.88 34.04
N LEU C 268 40.50 20.91 33.80
CA LEU C 268 39.52 21.14 34.86
C LEU C 268 39.17 19.81 35.53
N LYS C 269 39.33 19.76 36.85
CA LYS C 269 38.90 18.58 37.60
C LYS C 269 37.39 18.41 37.55
N GLU C 270 36.65 19.52 37.61
CA GLU C 270 35.20 19.48 37.63
C GLU C 270 34.60 19.16 36.27
N SER C 271 35.40 19.13 35.20
CA SER C 271 34.90 18.95 33.85
C SER C 271 34.75 17.47 33.54
N GLY C 272 33.58 17.09 33.02
CA GLY C 272 33.35 15.72 32.59
C GLY C 272 33.27 15.53 31.09
N LEU C 273 33.38 16.62 30.32
CA LEU C 273 33.26 16.49 28.86
C LEU C 273 34.46 15.79 28.21
N PRO C 274 35.70 16.27 28.38
CA PRO C 274 36.81 15.68 27.60
C PRO C 274 37.16 14.28 28.04
N VAL C 275 36.73 13.88 29.24
CA VAL C 275 37.09 12.59 29.82
C VAL C 275 35.80 11.84 30.12
N GLY C 276 35.77 10.56 29.77
CA GLY C 276 34.53 9.82 29.90
C GLY C 276 34.78 8.33 30.01
N GLY C 277 33.68 7.58 29.95
CA GLY C 277 33.77 6.14 30.07
C GLY C 277 34.15 5.75 31.49
N ASN C 278 35.20 4.92 31.61
CA ASN C 278 35.65 4.44 32.90
C ASN C 278 36.28 5.55 33.75
N GLU C 279 36.70 6.65 33.11
CA GLU C 279 37.43 7.71 33.81
C GLU C 279 36.50 8.63 34.58
N LYS C 280 35.37 9.00 33.96
CA LYS C 280 34.33 9.79 34.62
C LYS C 280 33.98 9.22 35.99
N LYS C 281 33.85 7.89 36.06
CA LYS C 281 33.57 7.18 37.29
C LYS C 281 34.55 7.57 38.39
N ALA C 282 35.85 7.42 38.12
CA ALA C 282 36.85 7.68 39.14
C ALA C 282 36.95 9.16 39.47
N LYS C 283 36.70 10.04 38.50
CA LYS C 283 36.62 11.46 38.81
C LYS C 283 35.55 11.72 39.87
N LEU C 284 34.37 11.12 39.69
CA LEU C 284 33.32 11.29 40.68
C LEU C 284 33.70 10.68 42.03
N LYS C 285 34.35 9.51 42.03
CA LYS C 285 34.77 8.91 43.29
C LYS C 285 35.74 9.81 44.05
N THR C 286 36.79 10.29 43.36
CA THR C 286 37.78 11.15 43.98
C THR C 286 37.13 12.40 44.56
N THR C 287 36.33 13.11 43.76
CA THR C 287 35.73 14.33 44.28
C THR C 287 34.76 14.04 45.42
N VAL C 288 34.15 12.86 45.42
CA VAL C 288 33.24 12.48 46.52
C VAL C 288 34.00 12.34 47.82
N THR C 289 35.06 11.53 47.83
CA THR C 289 35.82 11.36 49.08
C THR C 289 36.51 12.65 49.49
N SER C 290 36.90 13.49 48.52
CA SER C 290 37.48 14.79 48.86
C SER C 290 36.48 15.66 49.58
N LEU C 291 35.23 15.71 49.09
CA LEU C 291 34.21 16.50 49.76
C LEU C 291 33.88 15.93 51.14
N ASN C 292 33.83 14.60 51.26
CA ASN C 292 33.54 13.99 52.55
C ASN C 292 34.63 14.30 53.56
N ALA C 293 35.88 14.36 53.11
CA ALA C 293 36.96 14.72 54.04
C ALA C 293 36.93 16.21 54.37
N ARG C 294 36.55 17.04 53.40
CA ARG C 294 36.54 18.49 53.59
C ARG C 294 35.54 18.95 54.66
N MET C 295 34.56 18.12 54.98
CA MET C 295 33.46 18.53 55.85
C MET C 295 33.97 18.88 57.25
N ASN C 296 33.24 19.79 57.90
CA ASN C 296 33.42 20.06 59.32
C ASN C 296 32.38 19.27 60.10
N SER C 297 32.44 19.38 61.43
CA SER C 297 31.44 18.72 62.26
C SER C 297 30.10 19.44 62.23
N ASP C 298 30.12 20.76 62.07
CA ASP C 298 28.88 21.52 61.98
C ASP C 298 28.26 21.44 60.59
N GLN C 299 29.09 21.40 59.55
CA GLN C 299 28.61 21.52 58.19
C GLN C 299 27.81 20.29 57.76
N PHE C 300 26.92 20.51 56.79
CA PHE C 300 26.01 19.50 56.29
C PHE C 300 26.14 19.43 54.78
N ALA C 301 26.29 18.21 54.25
CA ALA C 301 26.43 17.98 52.81
C ALA C 301 25.16 17.36 52.25
N VAL C 302 24.78 17.80 51.06
CA VAL C 302 23.62 17.26 50.36
C VAL C 302 23.91 17.39 48.87
N ASN C 303 23.32 16.50 48.07
CA ASN C 303 23.58 16.53 46.64
C ASN C 303 22.28 16.71 45.85
N ILE C 304 22.44 17.15 44.61
CA ILE C 304 21.34 17.21 43.65
C ILE C 304 21.84 16.74 42.30
N THR C 305 20.98 16.00 41.61
CA THR C 305 21.13 15.69 40.19
C THR C 305 20.44 16.77 39.40
N GLY C 306 21.23 17.60 38.74
CA GLY C 306 20.73 18.60 37.81
C GLY C 306 20.76 18.13 36.36
N ASP C 307 19.74 18.55 35.62
CA ASP C 307 19.62 18.34 34.18
C ASP C 307 19.04 19.62 33.61
N ASN C 308 19.55 20.05 32.46
CA ASN C 308 19.18 21.32 31.88
C ASN C 308 18.38 21.11 30.60
N SER C 309 17.33 21.90 30.44
CA SER C 309 16.49 21.88 29.26
C SER C 309 16.74 23.14 28.44
N LYS C 310 16.67 22.99 27.11
CA LYS C 310 16.92 24.08 26.18
C LYS C 310 18.29 24.70 26.42
N TRP C 311 19.25 23.84 26.79
CA TRP C 311 20.60 24.29 27.12
C TRP C 311 21.26 25.02 25.95
N ASN C 312 20.96 24.62 24.72
CA ASN C 312 21.56 25.27 23.56
C ASN C 312 20.84 26.57 23.20
N GLU C 313 19.51 26.59 23.29
CA GLU C 313 18.76 27.78 22.92
C GLU C 313 19.06 28.96 23.84
N CYS C 314 19.49 28.69 25.09
CA CYS C 314 19.77 29.78 26.03
C CYS C 314 21.14 30.41 25.80
N GLN C 315 22.16 29.58 25.53
CA GLN C 315 23.50 30.10 25.29
C GLN C 315 23.53 30.91 23.99
N GLN C 316 24.42 31.89 23.95
CA GLN C 316 24.44 32.81 22.82
C GLN C 316 25.85 33.00 22.30
N PRO C 317 26.02 33.08 20.97
CA PRO C 317 27.36 33.28 20.41
C PRO C 317 27.94 34.65 20.68
N GLU C 318 27.11 35.63 21.05
CA GLU C 318 27.63 36.95 21.39
C GLU C 318 28.45 36.89 22.67
N ALA C 319 27.89 36.30 23.72
CA ALA C 319 28.64 36.10 24.95
C ALA C 319 29.88 35.24 24.73
N TYR C 320 29.80 34.27 23.82
CA TYR C 320 30.98 33.48 23.46
C TYR C 320 32.03 34.34 22.75
N LEU C 321 31.59 35.34 21.98
CA LEU C 321 32.54 36.25 21.36
C LEU C 321 33.25 37.09 22.42
N ALA C 322 32.51 37.60 23.41
CA ALA C 322 33.13 38.35 24.49
C ALA C 322 34.11 37.48 25.27
N LEU C 323 33.69 36.25 25.62
CA LEU C 323 34.54 35.37 26.41
C LEU C 323 35.79 34.98 25.64
N LEU C 324 35.65 34.67 24.35
CA LEU C 324 36.82 34.35 23.54
C LEU C 324 37.76 35.54 23.42
N ALA C 325 37.20 36.75 23.37
CA ALA C 325 38.05 37.93 23.39
C ALA C 325 38.78 38.07 24.72
N TYR C 326 38.15 37.65 25.82
CA TYR C 326 38.81 37.71 27.12
C TYR C 326 39.92 36.68 27.24
N ILE C 327 39.72 35.49 26.66
CA ILE C 327 40.72 34.43 26.79
C ILE C 327 41.95 34.74 25.94
N THR C 328 41.74 35.29 24.75
CA THR C 328 42.81 35.56 23.80
C THR C 328 43.50 36.91 24.05
N LYS C 329 43.14 37.60 25.13
CA LYS C 329 43.69 38.93 25.39
C LYS C 329 45.21 38.96 25.30
N ASP C 330 45.88 38.09 26.06
CA ASP C 330 47.34 38.09 26.14
C ASP C 330 48.02 37.12 25.20
N SER C 331 47.26 36.26 24.51
CA SER C 331 47.88 35.12 23.85
C SER C 331 48.65 35.54 22.61
N SER C 332 47.95 35.88 21.54
CA SER C 332 48.55 36.50 20.37
C SER C 332 47.49 37.30 19.65
N ASP C 333 47.90 38.43 19.07
CA ASP C 333 47.00 39.17 18.20
C ASP C 333 46.85 38.51 16.84
N LEU C 334 47.68 37.52 16.54
CA LEU C 334 47.60 36.82 15.27
C LEU C 334 46.53 35.74 15.31
N MET C 335 46.44 35.00 16.42
CA MET C 335 45.42 33.99 16.60
C MET C 335 44.15 34.52 17.28
N LYS C 336 44.19 35.73 17.84
CA LYS C 336 42.99 36.28 18.47
C LYS C 336 41.95 36.63 17.42
N ASP C 337 42.37 37.32 16.35
CA ASP C 337 41.47 37.59 15.23
C ASP C 337 40.95 36.29 14.63
N LEU C 338 41.71 35.19 14.77
CA LEU C 338 41.26 33.88 14.32
C LEU C 338 40.32 33.22 15.31
N CYS C 339 40.33 33.66 16.58
CA CYS C 339 39.36 33.16 17.55
C CYS C 339 38.03 33.88 17.43
N SER C 340 38.05 35.20 17.22
CA SER C 340 36.82 35.98 17.20
C SER C 340 35.98 35.72 15.95
N VAL C 341 36.56 35.12 14.91
CA VAL C 341 35.82 34.94 13.67
C VAL C 341 34.80 33.81 13.79
N ALA C 342 35.09 32.79 14.59
CA ALA C 342 34.14 31.68 14.75
C ALA C 342 32.80 32.12 15.33
N PRO C 343 32.73 32.88 16.43
CA PRO C 343 31.41 33.25 16.96
C PRO C 343 30.59 34.12 16.01
N VAL C 344 31.20 35.11 15.36
CA VAL C 344 30.44 36.08 14.58
C VAL C 344 29.70 35.43 13.43
N LEU C 345 30.12 34.24 12.99
CA LEU C 345 29.35 33.51 11.98
C LEU C 345 28.12 32.86 12.56
N PHE C 346 28.09 32.63 13.88
CA PHE C 346 26.86 32.24 14.57
C PHE C 346 26.09 33.41 15.16
N CYS C 347 26.71 34.60 15.21
CA CYS C 347 25.99 35.80 15.63
C CYS C 347 25.13 36.36 14.51
N ASN C 348 25.58 36.20 13.26
CA ASN C 348 24.71 36.31 12.11
C ASN C 348 24.71 34.95 11.42
N LYS C 349 23.60 34.22 11.56
CA LYS C 349 23.52 32.87 11.06
C LYS C 349 22.12 32.63 10.49
N PHE C 350 22.06 31.82 9.46
CA PHE C 350 20.82 31.54 8.76
C PHE C 350 20.44 30.07 8.97
N VAL C 351 19.16 29.83 9.20
CA VAL C 351 18.63 28.52 9.56
C VAL C 351 17.60 28.11 8.51
N LYS C 352 17.87 27.01 7.82
CA LYS C 352 16.94 26.52 6.81
C LYS C 352 15.67 26.00 7.48
N LEU C 353 14.53 26.31 6.85
CA LEU C 353 13.24 26.07 7.51
C LEU C 353 12.89 24.59 7.55
N GLY C 354 12.81 23.93 6.39
CA GLY C 354 12.52 22.52 6.38
C GLY C 354 11.77 22.12 5.12
N GLN C 355 11.08 20.98 5.23
CA GLN C 355 10.40 20.38 4.08
C GLN C 355 9.20 21.20 3.64
N GLY C 356 8.51 21.84 4.57
CA GLY C 356 7.32 22.61 4.27
C GLY C 356 6.04 21.93 4.71
N ILE C 357 4.92 22.49 4.24
CA ILE C 357 3.58 22.10 4.65
C ILE C 357 2.86 21.53 3.42
N ARG C 358 1.83 20.74 3.67
CA ARG C 358 1.02 20.16 2.61
C ARG C 358 -0.44 20.56 2.76
N LEU C 359 -1.09 20.79 1.63
CA LEU C 359 -2.51 21.12 1.56
C LEU C 359 -3.31 19.90 1.16
N SER C 360 -4.50 19.75 1.74
CA SER C 360 -5.41 18.67 1.41
C SER C 360 -6.83 19.18 1.50
N ASN C 361 -7.74 18.45 0.88
CA ASN C 361 -9.16 18.68 1.03
C ASN C 361 -9.72 17.69 2.05
N LYS C 362 -11.01 17.82 2.35
CA LYS C 362 -11.68 16.74 3.06
C LYS C 362 -11.82 15.50 2.20
N ARG C 363 -11.53 15.61 0.91
CA ARG C 363 -11.67 14.51 -0.03
C ARG C 363 -10.52 13.51 0.06
N LYS C 364 -9.37 13.91 0.62
CA LYS C 364 -8.17 13.08 0.71
C LYS C 364 -7.69 12.64 -0.66
N THR C 365 -8.06 13.39 -1.70
CA THR C 365 -7.71 13.07 -3.08
C THR C 365 -6.55 13.93 -3.56
N LYS C 366 -6.73 15.25 -3.58
CA LYS C 366 -5.73 16.18 -4.06
C LYS C 366 -4.90 16.70 -2.88
N GLU C 367 -3.58 16.73 -3.06
CA GLU C 367 -2.65 17.32 -2.11
C GLU C 367 -1.74 18.30 -2.84
N VAL C 368 -1.44 19.42 -2.20
CA VAL C 368 -0.60 20.45 -2.78
C VAL C 368 0.60 20.67 -1.88
N ILE C 369 1.78 20.31 -2.37
CA ILE C 369 3.03 20.49 -1.62
C ILE C 369 3.46 21.94 -1.72
N ILE C 370 3.99 22.48 -0.62
CA ILE C 370 4.51 23.85 -0.59
C ILE C 370 5.97 23.80 -0.17
N LYS C 371 6.78 24.62 -0.84
CA LYS C 371 8.16 24.83 -0.43
C LYS C 371 8.21 25.73 0.80
N ALA C 372 9.35 25.66 1.51
CA ALA C 372 9.58 26.59 2.61
C ALA C 372 9.62 28.03 2.15
N GLU C 373 9.89 28.25 0.86
CA GLU C 373 9.96 29.61 0.34
C GLU C 373 8.57 30.24 0.24
N LYS C 374 7.57 29.44 -0.13
CA LYS C 374 6.26 29.94 -0.54
C LYS C 374 5.25 29.98 0.60
N MET C 375 5.66 29.71 1.83
CA MET C 375 4.75 29.81 2.98
C MET C 375 4.05 31.16 3.00
N GLY C 376 4.83 32.24 2.93
CA GLY C 376 4.29 33.59 2.94
C GLY C 376 3.38 33.91 1.77
N LYS C 377 3.30 33.01 0.78
CA LYS C 377 2.28 33.15 -0.26
C LYS C 377 0.91 32.71 0.25
N TYR C 378 0.86 31.54 0.90
CA TYR C 378 -0.42 30.99 1.33
C TYR C 378 -0.93 31.68 2.59
N LYS C 379 -0.01 32.18 3.43
CA LYS C 379 -0.35 32.95 4.61
C LYS C 379 -1.44 32.26 5.42
N ASN C 380 -2.58 32.96 5.60
CA ASN C 380 -3.62 32.50 6.50
C ASN C 380 -4.23 31.16 6.11
N LEU C 381 -3.91 30.61 4.93
CA LEU C 381 -4.48 29.32 4.55
C LEU C 381 -4.11 28.22 5.56
N MET C 382 -3.00 28.38 6.26
CA MET C 382 -2.60 27.44 7.30
C MET C 382 -3.46 27.62 8.54
N ARG C 383 -3.45 26.60 9.40
CA ARG C 383 -4.23 26.62 10.63
C ARG C 383 -3.74 27.73 11.55
N GLU C 384 -4.63 28.16 12.46
CA GLU C 384 -4.35 29.33 13.29
C GLU C 384 -3.08 29.17 14.12
N GLU C 385 -2.75 27.95 14.53
CA GLU C 385 -1.49 27.73 15.25
C GLU C 385 -0.30 28.07 14.36
N TYR C 386 -0.28 27.50 13.15
CA TYR C 386 0.77 27.82 12.18
C TYR C 386 0.87 29.32 11.94
N LYS C 387 -0.27 30.01 11.88
CA LYS C 387 -0.25 31.45 11.64
C LYS C 387 0.34 32.20 12.83
N ASN C 388 -0.05 31.83 14.04
CA ASN C 388 0.46 32.50 15.23
C ASN C 388 1.96 32.29 15.39
N LEU C 389 2.45 31.10 15.06
CA LEU C 389 3.89 30.88 15.11
C LEU C 389 4.60 31.56 13.95
N PHE C 390 3.93 31.71 12.82
CA PHE C 390 4.59 32.18 11.60
C PHE C 390 4.72 33.70 11.54
N GLU C 391 3.67 34.43 11.93
CA GLU C 391 3.62 35.87 11.68
C GLU C 391 4.78 36.64 12.29
N PRO C 392 5.17 36.43 13.55
CA PRO C 392 6.33 37.19 14.07
C PRO C 392 7.62 36.88 13.35
N LEU C 393 7.79 35.66 12.85
CA LEU C 393 9.03 35.28 12.19
C LEU C 393 9.17 35.86 10.78
N GLU C 394 8.12 36.51 10.26
CA GLU C 394 8.22 37.19 8.98
C GLU C 394 9.20 38.35 9.03
N LYS C 395 9.45 38.93 10.20
CA LYS C 395 10.45 39.97 10.34
C LYS C 395 11.83 39.47 9.93
N TYR C 396 12.26 38.37 10.53
CA TYR C 396 13.59 37.81 10.33
C TYR C 396 13.65 36.81 9.18
N ILE C 397 12.55 36.63 8.45
CA ILE C 397 12.49 35.64 7.39
C ILE C 397 13.24 36.14 6.16
N GLN C 398 13.86 35.21 5.46
CA GLN C 398 14.41 35.40 4.12
C GLN C 398 13.68 34.42 3.19
N LYS C 399 14.10 34.39 1.92
CA LYS C 399 13.38 33.62 0.92
C LYS C 399 13.26 32.15 1.33
N ASP C 400 14.39 31.46 1.50
CA ASP C 400 14.39 30.07 1.90
C ASP C 400 14.67 29.85 3.38
N VAL C 401 14.99 30.89 4.14
CA VAL C 401 15.77 30.72 5.37
C VAL C 401 15.37 31.78 6.40
N CYS C 402 15.61 31.48 7.67
CA CYS C 402 15.27 32.37 8.78
C CYS C 402 16.52 32.74 9.55
N PHE C 403 16.72 34.04 9.79
CA PHE C 403 17.93 34.58 10.38
C PHE C 403 17.69 34.83 11.87
N LEU C 404 18.51 34.20 12.73
CA LEU C 404 18.46 34.53 14.15
C LEU C 404 19.87 34.70 14.71
N PRO C 405 20.12 35.77 15.48
CA PRO C 405 21.44 35.98 16.07
C PRO C 405 21.76 35.15 17.29
N GLY C 406 20.80 35.09 18.22
CA GLY C 406 21.12 34.79 19.60
C GLY C 406 21.16 33.32 19.99
N GLY C 407 20.36 32.51 19.32
CA GLY C 407 20.37 31.09 19.62
C GLY C 407 21.68 30.45 19.24
N MET C 408 22.05 29.42 20.00
CA MET C 408 23.22 28.60 19.71
C MET C 408 22.73 27.24 19.23
N LEU C 409 23.12 26.86 18.01
CA LEU C 409 22.74 25.56 17.49
C LEU C 409 23.38 24.46 18.35
N MET C 410 22.67 23.34 18.45
CA MET C 410 23.05 22.30 19.40
C MET C 410 24.19 21.43 18.84
N GLY C 411 25.08 21.00 19.75
CA GLY C 411 26.09 20.03 19.45
C GLY C 411 27.42 20.57 18.97
N MET C 412 27.45 21.79 18.45
CA MET C 412 28.68 22.31 17.85
C MET C 412 29.72 22.66 18.92
N PHE C 413 29.33 23.49 19.88
CA PHE C 413 30.26 24.13 20.82
C PHE C 413 30.39 23.42 22.17
N ASN C 414 29.88 22.18 22.29
CA ASN C 414 29.67 21.52 23.58
C ASN C 414 30.85 21.73 24.55
N MET C 415 32.07 21.62 24.04
CA MET C 415 33.26 21.88 24.84
C MET C 415 33.16 23.22 25.57
N LEU C 416 33.07 24.30 24.80
CA LEU C 416 32.98 25.63 25.40
C LEU C 416 31.77 25.76 26.32
N SER C 417 30.69 25.04 26.02
CA SER C 417 29.52 25.04 26.89
C SER C 417 29.88 24.53 28.28
N THR C 418 30.55 23.37 28.34
CA THR C 418 30.96 22.84 29.64
C THR C 418 32.04 23.71 30.28
N VAL C 419 32.87 24.39 29.48
CA VAL C 419 33.76 25.40 30.03
C VAL C 419 32.96 26.43 30.80
N LEU C 420 31.85 26.89 30.22
CA LEU C 420 30.96 27.82 30.91
C LEU C 420 30.44 27.22 32.20
N GLY C 421 29.91 25.99 32.13
CA GLY C 421 29.35 25.36 33.32
C GLY C 421 30.34 25.24 34.46
N VAL C 422 31.53 24.70 34.16
CA VAL C 422 32.58 24.59 35.17
C VAL C 422 32.96 25.98 35.69
N SER C 423 32.87 27.00 34.84
CA SER C 423 33.11 28.35 35.31
C SER C 423 32.06 28.77 36.34
N THR C 424 30.82 28.31 36.19
CA THR C 424 29.81 28.62 37.21
C THR C 424 30.07 27.83 38.49
N LEU C 425 30.44 26.55 38.38
CA LEU C 425 30.65 25.75 39.57
C LEU C 425 31.92 26.12 40.32
N CYS C 426 32.90 26.71 39.63
CA CYS C 426 34.23 26.86 40.20
C CYS C 426 34.26 27.78 41.43
N TYR C 427 33.29 28.68 41.57
CA TYR C 427 33.41 29.76 42.54
C TYR C 427 32.62 29.43 43.80
N MET C 428 33.36 29.22 44.89
CA MET C 428 32.85 29.05 46.24
C MET C 428 33.43 30.11 47.16
N ASP C 429 34.77 30.21 47.22
CA ASP C 429 35.45 31.28 47.93
C ASP C 429 34.88 32.65 47.59
N GLU C 430 34.32 32.80 46.40
CA GLU C 430 33.81 34.09 45.94
C GLU C 430 32.54 34.46 46.73
N GLU C 431 32.03 35.65 46.42
CA GLU C 431 30.82 36.22 47.02
C GLU C 431 31.01 36.27 48.54
N LEU C 432 30.05 35.81 49.34
CA LEU C 432 30.12 35.95 50.78
C LEU C 432 30.72 34.72 51.43
N LYS C 433 31.44 34.97 52.52
CA LYS C 433 31.93 33.93 53.43
C LYS C 433 30.87 33.56 54.46
N ALA C 434 29.60 33.59 54.07
CA ALA C 434 28.52 33.14 54.91
C ALA C 434 28.73 31.69 55.39
N LYS C 435 28.27 31.42 56.62
CA LYS C 435 28.46 30.11 57.22
C LYS C 435 27.93 29.01 56.32
N GLY C 436 28.78 28.02 56.06
CA GLY C 436 28.40 26.93 55.20
C GLY C 436 28.01 27.37 53.80
N CYS C 437 28.89 28.08 53.11
CA CYS C 437 28.67 28.37 51.70
C CYS C 437 29.64 27.50 50.92
N PHE C 438 29.14 26.39 50.38
CA PHE C 438 29.93 25.48 49.55
C PHE C 438 29.06 24.93 48.44
N TRP C 439 29.52 25.04 47.19
CA TRP C 439 28.94 24.22 46.14
C TRP C 439 30.01 23.86 45.11
N THR C 440 30.06 22.59 44.74
CA THR C 440 30.95 22.11 43.69
C THR C 440 30.42 20.78 43.17
N GLY C 441 30.82 20.42 41.95
CA GLY C 441 30.31 19.21 41.34
C GLY C 441 30.91 18.97 39.98
N LEU C 442 30.22 18.15 39.18
CA LEU C 442 30.67 17.80 37.85
C LEU C 442 29.68 18.32 36.81
N GLN C 443 30.17 18.56 35.59
CA GLN C 443 29.29 18.99 34.51
C GLN C 443 29.80 18.43 33.19
N SER C 444 28.86 17.92 32.39
CA SER C 444 29.12 17.56 31.00
C SER C 444 27.98 18.12 30.16
N SER C 445 28.31 19.08 29.30
CA SER C 445 27.33 19.81 28.47
C SER C 445 26.17 20.22 29.39
N ASP C 446 24.92 19.90 29.07
CA ASP C 446 23.78 20.31 29.86
C ASP C 446 23.77 19.63 31.23
N ASP C 447 24.15 18.36 31.30
CA ASP C 447 24.03 17.60 32.53
C ASP C 447 24.98 18.12 33.60
N PHE C 448 24.49 18.25 34.83
CA PHE C 448 25.44 18.58 35.89
C PHE C 448 24.99 17.99 37.22
N VAL C 449 25.97 17.56 38.01
CA VAL C 449 25.75 17.06 39.36
C VAL C 449 26.31 18.07 40.34
N LEU C 450 25.47 18.53 41.26
CA LEU C 450 25.84 19.60 42.17
C LEU C 450 25.87 19.08 43.60
N PHE C 451 26.98 19.31 44.29
CA PHE C 451 27.08 19.07 45.72
C PHE C 451 27.05 20.41 46.45
N ALA C 452 26.21 20.51 47.48
CA ALA C 452 26.02 21.73 48.25
C ALA C 452 26.24 21.43 49.72
N VAL C 453 27.02 22.27 50.39
CA VAL C 453 27.33 22.13 51.80
C VAL C 453 27.02 23.44 52.52
N ALA C 454 26.24 23.35 53.59
CA ALA C 454 25.83 24.49 54.40
C ALA C 454 25.74 24.05 55.86
N SER C 455 25.95 25.00 56.77
CA SER C 455 26.05 24.69 58.20
C SER C 455 24.77 24.05 58.71
N ASN C 456 23.63 24.67 58.44
CA ASN C 456 22.34 24.19 58.91
C ASN C 456 21.44 23.91 57.71
N TRP C 457 20.41 23.11 57.93
CA TRP C 457 19.57 22.66 56.82
C TRP C 457 18.85 23.82 56.17
N SER C 458 18.37 24.78 56.97
CA SER C 458 17.67 25.93 56.39
C SER C 458 18.56 26.70 55.43
N ASN C 459 19.87 26.78 55.74
CA ASN C 459 20.80 27.49 54.87
C ASN C 459 21.03 26.76 53.55
N ILE C 460 20.81 25.45 53.50
CA ILE C 460 21.06 24.69 52.27
C ILE C 460 20.19 25.20 51.14
N HIS C 461 18.89 25.39 51.42
CA HIS C 461 17.98 25.93 50.42
C HIS C 461 18.51 27.25 49.86
N TRP C 462 19.08 28.08 50.73
CA TRP C 462 19.62 29.36 50.30
C TRP C 462 20.84 29.19 49.40
N THR C 463 21.76 28.30 49.77
CA THR C 463 22.94 28.05 48.94
C THR C 463 22.53 27.56 47.55
N ILE C 464 21.74 26.49 47.50
CA ILE C 464 21.29 25.94 46.23
C ILE C 464 20.65 27.02 45.38
N ARG C 465 19.78 27.83 46.00
CA ARG C 465 19.08 28.86 45.23
C ARG C 465 20.05 29.91 44.69
N ARG C 466 21.09 30.24 45.46
CA ARG C 466 22.08 31.20 44.97
C ARG C 466 22.81 30.65 43.74
N PHE C 467 23.19 29.38 43.79
CA PHE C 467 23.93 28.80 42.65
C PHE C 467 23.03 28.67 41.42
N ASN C 468 21.75 28.35 41.61
CA ASN C 468 20.82 28.41 40.48
C ASN C 468 20.59 29.85 40.03
N ALA C 469 20.81 30.82 40.91
CA ALA C 469 20.63 32.23 40.53
C ALA C 469 21.76 32.69 39.62
N VAL C 470 23.00 32.30 39.92
CA VAL C 470 24.11 32.66 39.02
C VAL C 470 24.02 31.86 37.73
N CYS C 471 23.67 30.56 37.83
CA CYS C 471 23.46 29.77 36.62
C CYS C 471 22.47 30.43 35.69
N LYS C 472 21.27 30.74 36.19
CA LYS C 472 20.32 31.48 35.37
C LYS C 472 20.76 32.91 35.11
N LEU C 473 21.79 33.39 35.80
CA LEU C 473 22.28 34.74 35.55
C LEU C 473 23.04 34.80 34.23
N ILE C 474 23.86 33.79 33.94
CA ILE C 474 24.55 33.75 32.65
C ILE C 474 23.83 32.91 31.61
N GLY C 475 22.64 32.39 31.93
CA GLY C 475 21.88 31.64 30.96
C GLY C 475 21.89 30.13 31.09
N ILE C 476 22.39 29.60 32.20
CA ILE C 476 22.31 28.16 32.48
C ILE C 476 21.04 27.92 33.28
N ASN C 477 20.06 27.25 32.68
CA ASN C 477 18.75 27.08 33.28
C ASN C 477 18.59 25.62 33.72
N MET C 478 18.61 25.40 35.02
CA MET C 478 18.29 24.08 35.55
C MET C 478 16.83 23.77 35.24
N SER C 479 16.56 22.49 34.96
CA SER C 479 15.19 22.06 34.68
C SER C 479 14.51 21.75 36.01
N LEU C 480 13.46 22.52 36.32
CA LEU C 480 12.81 22.38 37.61
C LEU C 480 11.97 21.12 37.65
N GLU C 481 11.57 20.65 36.48
CA GLU C 481 10.80 19.41 36.37
C GLU C 481 11.72 18.19 36.48
N LYS C 482 12.84 18.19 35.76
CA LYS C 482 13.68 17.00 35.66
C LYS C 482 14.62 16.83 36.85
N SER C 483 15.12 17.91 37.43
CA SER C 483 16.15 17.81 38.46
C SER C 483 15.57 17.36 39.80
N TYR C 484 16.42 16.74 40.61
CA TYR C 484 16.00 16.29 41.94
C TYR C 484 17.24 16.12 42.80
N GLY C 485 17.04 16.10 44.12
CA GLY C 485 18.18 15.99 45.03
C GLY C 485 17.85 15.30 46.33
N SER C 486 18.90 14.84 47.01
CA SER C 486 18.75 14.08 48.26
C SER C 486 20.07 14.11 49.02
N LEU C 487 20.13 13.35 50.12
CA LEU C 487 21.35 13.13 50.86
C LEU C 487 22.42 12.54 49.94
N PRO C 488 23.73 12.73 50.26
CA PRO C 488 24.79 12.43 49.28
C PRO C 488 24.77 11.08 48.60
N GLU C 489 24.10 10.07 49.16
CA GLU C 489 24.27 8.71 48.64
C GLU C 489 23.63 8.52 47.26
N LEU C 490 22.53 9.20 46.96
CA LEU C 490 21.78 8.95 45.73
C LEU C 490 21.91 10.13 44.76
N PHE C 491 22.25 9.82 43.51
CA PHE C 491 22.21 10.75 42.39
C PHE C 491 22.61 10.01 41.12
N GLU C 492 22.30 10.62 39.98
CA GLU C 492 22.52 10.04 38.65
C GLU C 492 23.30 11.02 37.78
N PHE C 493 24.25 10.51 37.00
CA PHE C 493 24.97 11.32 36.02
C PHE C 493 25.06 10.54 34.71
N THR C 494 24.39 11.04 33.68
CA THR C 494 24.45 10.48 32.33
C THR C 494 24.21 8.98 32.34
N SER C 495 23.06 8.59 32.91
CA SER C 495 22.66 7.20 33.08
C SER C 495 23.61 6.42 34.00
N MET C 496 24.32 7.12 34.87
CA MET C 496 25.14 6.48 35.90
C MET C 496 24.56 6.82 37.27
N PHE C 497 23.96 5.81 37.92
CA PHE C 497 23.29 5.96 39.20
C PHE C 497 24.22 5.53 40.32
N PHE C 498 24.29 6.33 41.37
CA PHE C 498 25.28 6.13 42.42
C PHE C 498 24.66 5.73 43.75
N ASP C 499 25.44 5.00 44.51
CA ASP C 499 25.13 4.51 45.85
C ASP C 499 26.46 4.23 46.52
N GLY C 500 26.44 3.50 47.63
CA GLY C 500 27.65 2.84 48.06
C GLY C 500 28.29 2.02 46.95
N GLU C 501 27.45 1.42 46.09
CA GLU C 501 27.89 0.69 44.92
C GLU C 501 27.96 1.63 43.71
N PHE C 502 28.33 1.08 42.55
CA PHE C 502 28.50 1.87 41.34
C PHE C 502 27.75 1.25 40.17
N VAL C 503 26.58 1.82 39.85
CA VAL C 503 25.90 1.83 38.55
C VAL C 503 26.11 0.60 37.68
N SER C 504 25.65 -0.56 38.11
CA SER C 504 25.89 -1.73 37.25
C SER C 504 24.76 -1.73 36.22
N ASN C 505 25.10 -1.41 34.97
CA ASN C 505 24.14 -1.42 33.88
C ASN C 505 24.85 -1.76 32.58
N LEU C 506 24.26 -2.67 31.81
CA LEU C 506 24.70 -2.98 30.46
C LEU C 506 23.86 -2.26 29.40
N ALA C 507 22.81 -1.53 29.82
CA ALA C 507 21.86 -0.95 28.89
C ALA C 507 22.50 0.04 27.92
N MET C 508 23.64 0.63 28.28
CA MET C 508 24.28 1.61 27.41
C MET C 508 24.83 0.95 26.14
N GLU C 509 25.54 -0.16 26.31
CA GLU C 509 26.36 -0.75 25.25
C GLU C 509 25.66 -1.86 24.47
N LEU C 510 24.36 -2.10 24.72
CA LEU C 510 23.64 -3.21 24.11
C LEU C 510 23.81 -3.30 22.59
N PRO C 511 23.41 -2.28 21.81
CA PRO C 511 23.36 -2.46 20.35
C PRO C 511 24.70 -2.78 19.71
N ALA C 512 25.82 -2.45 20.35
CA ALA C 512 27.13 -2.73 19.79
C ALA C 512 27.52 -4.19 19.91
N PHE C 513 26.82 -5.00 20.72
CA PHE C 513 27.20 -6.40 20.86
C PHE C 513 27.02 -7.17 19.57
N THR C 514 26.04 -6.78 18.75
CA THR C 514 25.77 -7.48 17.50
C THR C 514 26.92 -7.30 16.52
N THR C 515 26.92 -8.15 15.50
CA THR C 515 28.03 -8.26 14.55
C THR C 515 28.46 -6.90 14.01
N ALA C 516 29.77 -6.71 13.87
CA ALA C 516 30.29 -5.43 13.41
C ALA C 516 30.08 -5.21 11.91
N GLY C 517 30.10 -6.28 11.12
CA GLY C 517 29.66 -6.21 9.74
C GLY C 517 30.72 -5.93 8.70
N VAL C 518 31.99 -6.09 9.01
CA VAL C 518 33.05 -5.84 8.03
C VAL C 518 33.36 -7.14 7.30
N ASN C 519 33.93 -8.11 8.00
CA ASN C 519 34.07 -9.46 7.47
C ASN C 519 34.14 -10.42 8.66
N GLU C 520 34.21 -11.72 8.35
CA GLU C 520 33.86 -12.75 9.33
C GLU C 520 34.83 -12.77 10.51
N GLY C 521 36.12 -12.94 10.25
CA GLY C 521 37.08 -13.00 11.34
C GLY C 521 37.10 -11.73 12.17
N VAL C 522 37.11 -10.58 11.49
CA VAL C 522 37.09 -9.30 12.18
C VAL C 522 35.80 -9.12 12.97
N ASP C 523 34.69 -9.61 12.41
CA ASP C 523 33.41 -9.49 13.10
C ASP C 523 33.42 -10.25 14.41
N PHE C 524 33.80 -11.54 14.37
CA PHE C 524 33.73 -12.35 15.58
C PHE C 524 34.79 -11.93 16.60
N THR C 525 36.04 -11.78 16.16
CA THR C 525 37.09 -11.39 17.10
C THR C 525 36.81 -10.02 17.70
N ALA C 526 36.35 -9.07 16.88
CA ALA C 526 35.99 -7.75 17.39
C ALA C 526 34.85 -7.84 18.39
N ALA C 527 33.85 -8.69 18.10
CA ALA C 527 32.77 -8.88 19.06
C ALA C 527 33.28 -9.43 20.38
N MET C 528 34.22 -10.38 20.31
CA MET C 528 34.80 -10.94 21.53
C MET C 528 35.49 -9.84 22.35
N SER C 529 36.36 -9.06 21.71
CA SER C 529 37.04 -7.99 22.42
C SER C 529 36.05 -6.96 22.97
N ILE C 530 34.93 -6.77 22.28
CA ILE C 530 33.87 -5.90 22.81
C ILE C 530 33.31 -6.48 24.10
N ILE C 531 33.04 -7.79 24.12
CA ILE C 531 32.54 -8.43 25.32
C ILE C 531 33.56 -8.30 26.46
N LYS C 532 34.84 -8.43 26.14
CA LYS C 532 35.90 -8.20 27.13
C LYS C 532 35.82 -6.80 27.72
N THR C 533 36.01 -5.78 26.86
CA THR C 533 36.06 -4.40 27.33
C THR C 533 34.81 -4.03 28.12
N ASN C 534 33.63 -4.42 27.63
CA ASN C 534 32.40 -4.20 28.39
C ASN C 534 32.47 -4.91 29.74
N MET C 535 33.05 -6.11 29.77
CA MET C 535 33.12 -6.87 31.02
C MET C 535 33.99 -6.17 32.05
N ILE C 536 35.06 -5.52 31.60
CA ILE C 536 35.95 -4.82 32.52
C ILE C 536 35.34 -3.50 32.97
N ASN C 537 34.83 -2.71 32.01
CA ASN C 537 34.37 -1.36 32.34
C ASN C 537 32.94 -1.36 32.87
N ASN C 538 31.98 -1.75 32.02
CA ASN C 538 30.57 -1.74 32.42
C ASN C 538 30.25 -2.72 33.53
N SER C 539 31.19 -3.61 33.87
CA SER C 539 31.08 -4.47 35.05
C SER C 539 29.90 -5.44 34.93
N LEU C 540 29.75 -6.06 33.77
CA LEU C 540 28.83 -7.20 33.66
C LEU C 540 29.50 -8.47 34.16
N SER C 541 28.67 -9.41 34.60
CA SER C 541 29.09 -10.63 35.23
C SER C 541 29.48 -11.69 34.19
N PRO C 542 30.23 -12.73 34.59
CA PRO C 542 30.80 -13.62 33.56
C PRO C 542 29.78 -14.45 32.79
N SER C 543 28.76 -14.98 33.47
CA SER C 543 27.74 -15.76 32.76
C SER C 543 26.98 -14.89 31.77
N THR C 544 26.79 -13.60 32.10
CA THR C 544 26.23 -12.65 31.14
C THR C 544 27.08 -12.58 29.89
N ALA C 545 28.41 -12.51 30.05
CA ALA C 545 29.30 -12.44 28.90
C ALA C 545 29.38 -13.75 28.15
N LEU C 546 29.13 -14.87 28.84
CA LEU C 546 29.10 -16.17 28.17
C LEU C 546 27.87 -16.28 27.28
N MET C 547 26.69 -15.95 27.83
CA MET C 547 25.50 -15.90 27.01
C MET C 547 25.63 -14.88 25.89
N ALA C 548 26.36 -13.79 26.14
CA ALA C 548 26.64 -12.83 25.07
C ALA C 548 27.51 -13.46 23.99
N LEU C 549 28.47 -14.30 24.38
CA LEU C 549 29.29 -15.00 23.40
C LEU C 549 28.43 -15.93 22.54
N ARG C 550 27.56 -16.70 23.18
CA ARG C 550 26.72 -17.63 22.43
C ARG C 550 25.75 -16.88 21.52
N ILE C 551 25.21 -15.76 21.99
CA ILE C 551 24.29 -14.98 21.17
C ILE C 551 25.01 -14.40 19.96
N CYS C 552 26.17 -13.76 20.20
CA CYS C 552 26.95 -13.22 19.09
C CYS C 552 27.38 -14.30 18.13
N LEU C 553 27.56 -15.53 18.63
CA LEU C 553 27.92 -16.64 17.76
C LEU C 553 26.74 -17.08 16.91
N GLN C 554 25.54 -17.13 17.50
CA GLN C 554 24.37 -17.55 16.73
C GLN C 554 24.00 -16.52 15.68
N GLU C 555 23.99 -15.24 16.07
CA GLU C 555 23.71 -14.17 15.11
C GLU C 555 24.84 -14.04 14.09
N PHE C 556 26.06 -14.41 14.47
CA PHE C 556 27.15 -14.47 13.51
C PHE C 556 26.90 -15.55 12.47
N ARG C 557 26.55 -16.75 12.93
CA ARG C 557 26.30 -17.87 12.02
C ARG C 557 25.13 -17.59 11.10
N ALA C 558 24.07 -16.96 11.62
CA ALA C 558 22.93 -16.63 10.78
C ALA C 558 23.27 -15.51 9.82
N THR C 559 23.96 -14.47 10.29
CA THR C 559 24.33 -13.35 9.43
C THR C 559 25.18 -13.82 8.25
N TYR C 560 26.17 -14.68 8.52
CA TYR C 560 27.04 -15.18 7.47
C TYR C 560 26.61 -16.53 6.92
N ARG C 561 25.47 -17.07 7.37
CA ARG C 561 24.86 -18.25 6.78
C ARG C 561 25.78 -19.47 6.86
N VAL C 562 26.34 -19.72 8.04
CA VAL C 562 27.19 -20.87 8.30
C VAL C 562 26.67 -21.58 9.54
N HIS C 563 26.91 -22.88 9.61
CA HIS C 563 26.46 -23.68 10.75
C HIS C 563 27.47 -24.78 11.01
N PRO C 564 27.53 -25.33 12.23
CA PRO C 564 28.54 -26.35 12.54
C PRO C 564 28.38 -27.60 11.69
N TRP C 565 29.46 -28.38 11.65
CA TRP C 565 29.47 -29.60 10.84
C TRP C 565 28.51 -30.64 11.39
N ASP C 566 28.43 -30.77 12.71
CA ASP C 566 27.51 -31.73 13.31
C ASP C 566 26.06 -31.27 13.29
N SER C 567 25.80 -30.03 12.88
CA SER C 567 24.44 -29.55 12.75
C SER C 567 23.75 -30.23 11.57
N ARG C 568 22.51 -30.67 11.78
CA ARG C 568 21.73 -31.27 10.72
C ARG C 568 21.38 -30.29 9.61
N VAL C 569 21.55 -28.98 9.86
CA VAL C 569 21.08 -27.96 8.92
C VAL C 569 21.78 -28.14 7.58
N LYS C 570 20.98 -28.21 6.51
CA LYS C 570 21.47 -28.34 5.16
C LYS C 570 21.27 -27.04 4.41
N GLY C 571 22.25 -26.67 3.59
CA GLY C 571 22.17 -25.44 2.84
C GLY C 571 23.24 -25.39 1.78
N GLY C 572 23.43 -24.19 1.22
CA GLY C 572 24.44 -24.00 0.21
C GLY C 572 25.86 -24.18 0.70
N ARG C 573 26.22 -23.44 1.74
CA ARG C 573 27.58 -23.55 2.29
C ARG C 573 27.76 -24.86 3.05
N MET C 574 26.67 -25.42 3.58
CA MET C 574 26.77 -26.67 4.33
C MET C 574 26.99 -27.87 3.41
N LYS C 575 26.47 -27.82 2.18
CA LYS C 575 26.59 -28.93 1.26
C LYS C 575 28.06 -29.25 0.97
N ILE C 576 28.90 -28.22 0.93
CA ILE C 576 30.34 -28.44 0.82
C ILE C 576 30.86 -29.12 2.08
N ILE C 577 30.37 -28.68 3.24
CA ILE C 577 30.83 -29.24 4.51
C ILE C 577 30.50 -30.72 4.60
N ASN C 578 29.45 -31.16 3.91
CA ASN C 578 29.11 -32.58 3.92
C ASN C 578 30.26 -33.44 3.40
N GLU C 579 30.93 -33.00 2.33
CA GLU C 579 32.12 -33.69 1.87
C GLU C 579 33.38 -33.26 2.63
N PHE C 580 33.35 -32.10 3.27
CA PHE C 580 34.51 -31.61 4.02
C PHE C 580 34.78 -32.46 5.26
N ILE C 581 33.73 -32.98 5.89
CA ILE C 581 33.85 -33.52 7.25
C ILE C 581 34.79 -34.70 7.30
N LYS C 582 34.62 -35.66 6.38
CA LYS C 582 35.33 -36.93 6.50
C LYS C 582 36.83 -36.77 6.43
N THR C 583 37.32 -35.73 5.75
CA THR C 583 38.76 -35.59 5.53
C THR C 583 39.48 -35.18 6.81
N ILE C 584 39.00 -34.13 7.47
CA ILE C 584 39.73 -33.51 8.57
C ILE C 584 39.62 -34.37 9.82
N GLU C 585 40.76 -34.61 10.47
CA GLU C 585 40.79 -35.44 11.68
C GLU C 585 40.23 -34.71 12.89
N ASN C 586 40.68 -33.48 13.13
CA ASN C 586 40.23 -32.70 14.27
C ASN C 586 39.19 -31.71 13.75
N LYS C 587 37.92 -32.00 14.03
CA LYS C 587 36.80 -31.21 13.52
C LYS C 587 36.38 -30.11 14.47
N ASP C 588 36.90 -30.12 15.70
CA ASP C 588 36.66 -29.01 16.62
C ASP C 588 37.57 -27.83 16.31
N GLY C 589 38.82 -28.10 15.92
CA GLY C 589 39.75 -27.05 15.57
C GLY C 589 39.42 -26.28 14.31
N LEU C 590 38.37 -26.66 13.60
CA LEU C 590 37.95 -25.93 12.41
C LEU C 590 37.44 -24.55 12.79
N LEU C 591 37.71 -23.58 11.90
CA LEU C 591 37.18 -22.23 12.11
C LEU C 591 35.66 -22.24 12.06
N ILE C 592 35.06 -21.28 12.75
CA ILE C 592 33.60 -21.21 12.82
C ILE C 592 33.01 -20.98 11.43
N ALA C 593 33.64 -20.08 10.65
CA ALA C 593 33.11 -19.75 9.34
C ALA C 593 33.27 -20.89 8.33
N ASP C 594 34.16 -21.84 8.61
CA ASP C 594 34.26 -23.06 7.83
C ASP C 594 33.40 -24.19 8.39
N GLY C 595 32.60 -23.91 9.41
CA GLY C 595 31.75 -24.91 10.03
C GLY C 595 32.21 -25.45 11.36
N GLY C 596 33.17 -24.79 12.03
CA GLY C 596 33.67 -25.31 13.28
C GLY C 596 32.86 -24.84 14.48
N LYS C 597 32.87 -25.67 15.52
CA LYS C 597 32.23 -25.38 16.79
C LYS C 597 33.08 -24.41 17.61
N LEU C 598 32.43 -23.74 18.56
CA LEU C 598 33.07 -22.66 19.31
C LEU C 598 34.13 -23.22 20.26
N MET C 599 35.38 -22.80 20.07
CA MET C 599 36.46 -23.12 21.00
C MET C 599 36.78 -22.01 22.00
N ASN C 600 36.32 -20.78 21.76
CA ASN C 600 36.64 -19.66 22.62
C ASN C 600 35.74 -19.60 23.84
N ASN C 601 36.25 -18.99 24.91
CA ASN C 601 35.46 -18.82 26.13
C ASN C 601 35.90 -17.53 26.82
N ILE C 602 35.41 -17.33 28.06
CA ILE C 602 35.68 -16.10 28.78
C ILE C 602 37.18 -15.92 29.01
N SER C 603 37.88 -17.03 29.32
CA SER C 603 39.32 -16.93 29.52
C SER C 603 40.06 -16.63 28.24
N THR C 604 39.53 -17.05 27.09
CA THR C 604 40.19 -16.91 25.81
C THR C 604 39.76 -15.66 25.04
N LEU C 605 38.93 -14.80 25.64
CA LEU C 605 38.35 -13.68 24.90
C LEU C 605 39.40 -12.79 24.27
N HIS C 606 40.53 -12.58 24.95
CA HIS C 606 41.61 -11.79 24.37
C HIS C 606 42.23 -12.48 23.16
N ILE C 607 42.09 -13.78 23.06
CA ILE C 607 42.75 -14.57 22.01
C ILE C 607 41.80 -14.69 20.83
N PRO C 608 42.17 -14.26 19.64
CA PRO C 608 41.31 -14.46 18.47
C PRO C 608 41.13 -15.95 18.18
N GLU C 609 39.98 -16.28 17.59
CA GLU C 609 39.63 -17.68 17.36
C GLU C 609 40.66 -18.39 16.50
N GLU C 610 41.27 -17.68 15.54
CA GLU C 610 42.25 -18.29 14.66
C GLU C 610 43.47 -18.76 15.44
N VAL C 611 43.88 -17.98 16.45
CA VAL C 611 45.04 -18.36 17.25
C VAL C 611 44.72 -19.58 18.11
N LEU C 612 43.60 -19.54 18.84
CA LEU C 612 43.25 -20.62 19.75
C LEU C 612 43.00 -21.92 18.99
N LYS C 613 42.41 -21.84 17.80
CA LYS C 613 42.19 -23.04 17.00
C LYS C 613 43.42 -23.46 16.21
N PHE C 614 44.42 -22.58 16.07
CA PHE C 614 45.49 -22.80 15.11
C PHE C 614 46.31 -24.04 15.44
N GLU C 615 46.64 -24.24 16.71
CA GLU C 615 47.51 -25.36 17.09
C GLU C 615 46.83 -26.69 16.82
N LYS C 616 45.52 -26.77 17.04
CA LYS C 616 44.78 -28.01 16.87
C LYS C 616 44.27 -28.21 15.44
N MET C 617 44.53 -27.27 14.54
CA MET C 617 44.09 -27.43 13.15
C MET C 617 44.83 -28.58 12.49
N ASP C 618 44.19 -29.17 11.48
CA ASP C 618 44.89 -30.11 10.61
C ASP C 618 45.84 -29.36 9.71
N GLU C 619 46.98 -30.00 9.40
CA GLU C 619 48.04 -29.32 8.66
C GLU C 619 47.56 -28.89 7.27
N GLN C 620 46.86 -29.78 6.57
CA GLN C 620 46.29 -29.42 5.28
C GLN C 620 45.38 -28.20 5.43
N TYR C 621 44.46 -28.25 6.40
CA TYR C 621 43.56 -27.13 6.66
C TYR C 621 44.33 -25.83 6.88
N ARG C 622 45.16 -25.79 7.92
CA ARG C 622 45.84 -24.54 8.29
C ARG C 622 46.69 -24.01 7.14
N ASN C 623 47.29 -24.91 6.35
CA ASN C 623 48.12 -24.46 5.23
C ASN C 623 47.26 -23.86 4.12
N ARG C 624 46.17 -24.53 3.77
CA ARG C 624 45.33 -24.06 2.66
C ARG C 624 44.57 -22.78 3.01
N VAL C 625 44.17 -22.62 4.26
CA VAL C 625 43.26 -21.53 4.60
C VAL C 625 43.99 -20.19 4.73
N PHE C 626 45.24 -20.19 5.19
CA PHE C 626 45.90 -18.95 5.57
C PHE C 626 46.78 -18.34 4.47
N ASN C 627 46.78 -18.92 3.27
CA ASN C 627 47.67 -18.44 2.22
C ASN C 627 47.37 -16.99 1.85
N PRO C 628 48.38 -16.12 1.80
CA PRO C 628 48.14 -14.70 1.48
C PRO C 628 47.72 -14.45 0.03
N LYS C 629 48.05 -15.36 -0.89
CA LYS C 629 47.75 -15.18 -2.31
C LYS C 629 46.26 -15.28 -2.63
N ASN C 630 45.43 -15.57 -1.63
CA ASN C 630 44.02 -15.87 -1.85
C ASN C 630 43.36 -14.77 -2.68
N PRO C 631 42.45 -15.12 -3.59
CA PRO C 631 41.70 -14.09 -4.33
C PRO C 631 40.70 -13.33 -3.47
N PHE C 632 40.26 -13.89 -2.35
CA PHE C 632 39.17 -13.32 -1.58
C PHE C 632 39.63 -12.16 -0.71
N GLU C 654 42.06 -5.54 17.42
CA GLU C 654 42.87 -6.64 16.92
C GLU C 654 42.11 -7.43 15.87
N ALA C 655 42.74 -7.64 14.71
CA ALA C 655 42.09 -8.31 13.60
C ALA C 655 43.03 -9.32 12.97
N VAL C 656 42.51 -10.52 12.70
CA VAL C 656 43.24 -11.56 11.98
C VAL C 656 42.74 -11.59 10.54
N VAL C 657 43.66 -11.56 9.59
CA VAL C 657 43.28 -11.46 8.19
C VAL C 657 42.79 -12.80 7.65
N SER C 658 43.54 -13.87 7.91
CA SER C 658 43.18 -15.25 7.50
C SER C 658 43.00 -15.26 5.98
N THR C 659 41.99 -15.97 5.47
CA THR C 659 41.51 -15.79 4.10
C THR C 659 40.17 -15.06 3.99
N HIS C 660 39.51 -14.75 5.10
CA HIS C 660 38.07 -14.48 5.09
C HIS C 660 37.70 -13.03 4.87
N SER C 661 38.65 -12.11 4.83
CA SER C 661 38.32 -10.69 4.74
C SER C 661 38.05 -10.29 3.29
N PHE C 662 36.93 -9.61 3.06
CA PHE C 662 36.55 -9.15 1.74
C PHE C 662 35.90 -7.77 1.85
N ARG C 663 35.61 -7.17 0.69
CA ARG C 663 35.00 -5.85 0.62
C ARG C 663 33.54 -5.99 0.17
N THR C 664 32.69 -5.15 0.74
CA THR C 664 31.26 -5.18 0.46
C THR C 664 30.92 -4.21 -0.67
N ARG C 665 30.10 -4.66 -1.61
CA ARG C 665 29.69 -3.81 -2.72
C ARG C 665 28.69 -2.76 -2.24
N ALA C 666 28.84 -1.54 -2.74
CA ALA C 666 27.86 -0.50 -2.47
C ALA C 666 26.60 -0.74 -3.27
N ASN C 667 25.49 -0.27 -2.74
CA ASN C 667 24.24 -0.55 -3.44
C ASN C 667 24.08 0.41 -4.61
N ARG C 668 23.16 0.09 -5.51
CA ARG C 668 22.85 1.03 -6.59
C ARG C 668 21.75 1.92 -6.04
N THR C 669 22.15 3.08 -5.54
CA THR C 669 21.27 4.17 -5.15
C THR C 669 21.88 5.48 -5.58
N LEU C 670 23.02 5.82 -4.96
CA LEU C 670 23.71 7.07 -5.24
C LEU C 670 24.18 7.14 -6.68
N LEU C 671 24.40 5.99 -7.33
CA LEU C 671 24.88 5.99 -8.70
C LEU C 671 23.81 6.37 -9.71
N ASN C 672 22.53 6.17 -9.36
CA ASN C 672 21.45 6.44 -10.31
C ASN C 672 21.11 7.92 -10.40
N THR C 673 21.15 8.63 -9.27
CA THR C 673 20.84 10.05 -9.24
C THR C 673 22.01 10.85 -9.83
N ASP C 674 21.90 12.18 -9.84
CA ASP C 674 23.05 12.94 -10.31
C ASP C 674 24.20 12.99 -9.33
N MET C 675 24.05 12.42 -8.13
CA MET C 675 25.19 12.28 -7.23
C MET C 675 26.38 11.64 -7.93
N ARG C 676 26.13 10.68 -8.81
CA ARG C 676 27.20 10.09 -9.63
C ARG C 676 27.78 11.11 -10.61
N ALA C 677 26.91 11.88 -11.27
CA ALA C 677 27.39 12.93 -12.17
C ALA C 677 28.29 13.91 -11.45
N MET C 678 28.12 14.04 -10.13
CA MET C 678 29.11 14.76 -9.32
C MET C 678 30.31 13.88 -9.00
N MET C 679 30.10 12.58 -8.78
CA MET C 679 31.18 11.65 -8.44
C MET C 679 32.18 11.48 -9.57
N ALA C 680 31.86 11.94 -10.78
CA ALA C 680 32.79 11.85 -11.90
C ALA C 680 34.13 12.50 -11.56
N GLU C 681 34.13 13.45 -10.63
CA GLU C 681 35.38 14.02 -10.13
C GLU C 681 36.06 13.07 -9.16
N GLU C 682 35.29 12.51 -8.23
CA GLU C 682 35.88 11.64 -7.21
C GLU C 682 36.53 10.42 -7.83
N LYS C 683 35.94 9.87 -8.89
CA LYS C 683 36.56 8.76 -9.60
C LYS C 683 37.87 9.18 -10.25
N ARG C 684 37.93 10.43 -10.74
CA ARG C 684 39.16 10.95 -11.30
C ARG C 684 40.24 11.07 -10.23
N TYR C 685 39.86 11.38 -8.98
CA TYR C 685 40.81 11.19 -7.90
C TYR C 685 41.15 9.72 -7.70
N GLN C 686 40.18 8.85 -7.93
CA GLN C 686 40.39 7.43 -7.71
C GLN C 686 41.52 6.83 -8.49
N MET C 687 41.39 6.80 -9.81
CA MET C 687 42.44 6.17 -10.59
C MET C 687 43.80 6.79 -10.32
N VAL C 688 43.83 8.05 -9.88
CA VAL C 688 45.09 8.70 -9.52
C VAL C 688 45.68 8.06 -8.26
N CYS C 689 44.90 8.02 -7.18
CA CYS C 689 45.42 7.46 -5.93
C CYS C 689 45.77 5.98 -6.09
N ASP C 690 44.93 5.23 -6.80
CA ASP C 690 45.24 3.83 -7.06
C ASP C 690 46.53 3.68 -7.85
N MET C 691 46.74 4.58 -8.83
CA MET C 691 47.97 4.54 -9.60
C MET C 691 49.19 4.78 -8.72
N PHE C 692 49.15 5.85 -7.91
CA PHE C 692 50.29 6.15 -7.03
C PHE C 692 50.51 5.04 -6.01
N LYS C 693 49.44 4.38 -5.56
CA LYS C 693 49.62 3.25 -4.65
C LYS C 693 50.25 2.06 -5.35
N SER C 694 49.96 1.88 -6.65
CA SER C 694 50.64 0.83 -7.38
C SER C 694 52.12 1.15 -7.59
N VAL C 695 52.46 2.42 -7.73
CA VAL C 695 53.87 2.80 -7.88
C VAL C 695 54.59 2.78 -6.53
N PHE C 696 53.98 3.39 -5.51
CA PHE C 696 54.56 3.46 -4.17
C PHE C 696 53.77 2.54 -3.24
N GLU C 697 54.44 1.51 -2.73
CA GLU C 697 53.76 0.50 -1.95
C GLU C 697 53.42 0.96 -0.54
N SER C 698 54.25 1.83 0.05
CA SER C 698 54.06 2.32 1.40
C SER C 698 53.22 3.59 1.45
N ALA C 699 52.67 4.02 0.32
CA ALA C 699 51.91 5.27 0.26
C ALA C 699 50.80 5.31 1.29
N ASP C 700 50.05 4.22 1.44
CA ASP C 700 48.93 4.22 2.39
C ASP C 700 49.42 4.17 3.83
N ILE C 701 50.52 3.46 4.08
CA ILE C 701 51.00 3.26 5.43
C ILE C 701 51.74 4.51 5.92
N ASN C 702 52.86 4.83 5.29
CA ASN C 702 53.57 6.07 5.60
C ASN C 702 53.07 7.17 4.67
N PRO C 703 52.52 8.26 5.19
CA PRO C 703 52.07 9.35 4.32
C PRO C 703 53.22 9.89 3.49
N PRO C 704 53.03 10.03 2.18
CA PRO C 704 54.13 10.50 1.33
C PRO C 704 54.57 11.91 1.71
N ILE C 705 55.87 12.14 1.62
CA ILE C 705 56.48 13.41 2.02
C ILE C 705 57.57 13.79 1.02
N GLY C 706 58.34 14.81 1.35
CA GLY C 706 59.30 15.38 0.42
C GLY C 706 58.67 16.47 -0.44
N ALA C 707 59.52 17.32 -1.00
CA ALA C 707 59.04 18.37 -1.89
C ALA C 707 59.27 17.90 -3.32
N MET C 708 58.19 17.43 -3.93
CA MET C 708 58.17 16.94 -5.31
C MET C 708 56.71 16.90 -5.74
N SER C 709 56.48 16.89 -7.04
CA SER C 709 55.14 16.61 -7.53
C SER C 709 54.85 15.11 -7.49
N ILE C 710 53.57 14.77 -7.42
CA ILE C 710 53.17 13.37 -7.50
C ILE C 710 53.68 12.75 -8.79
N GLY C 711 53.43 13.43 -9.91
CA GLY C 711 53.84 12.89 -11.19
C GLY C 711 55.34 12.75 -11.33
N GLU C 712 56.09 13.73 -10.82
CA GLU C 712 57.56 13.67 -10.92
C GLU C 712 58.11 12.46 -10.17
N ALA C 713 57.64 12.26 -8.93
CA ALA C 713 58.08 11.10 -8.16
C ALA C 713 57.67 9.80 -8.84
N ILE C 714 56.45 9.75 -9.40
CA ILE C 714 56.01 8.55 -10.11
C ILE C 714 56.93 8.26 -11.29
N GLU C 715 57.29 9.29 -12.05
CA GLU C 715 58.13 9.10 -13.24
C GLU C 715 59.53 8.62 -12.85
N GLU C 716 60.20 9.35 -11.95
CA GLU C 716 61.56 8.97 -11.57
C GLU C 716 61.59 7.60 -10.90
N LYS C 717 60.56 7.28 -10.11
CA LYS C 717 60.50 5.97 -9.47
C LYS C 717 60.30 4.87 -10.50
N LEU C 718 59.46 5.11 -11.52
CA LEU C 718 59.30 4.14 -12.59
C LEU C 718 60.61 3.94 -13.34
N LEU C 719 61.37 5.01 -13.54
CA LEU C 719 62.68 4.88 -14.18
C LEU C 719 63.63 4.05 -13.32
N GLU C 720 63.58 4.24 -12.00
CA GLU C 720 64.46 3.46 -11.12
C GLU C 720 64.09 1.98 -11.12
N ARG C 721 62.79 1.67 -11.10
CA ARG C 721 62.40 0.27 -11.15
C ARG C 721 62.71 -0.35 -12.51
N ALA C 722 62.60 0.42 -13.58
CA ALA C 722 62.96 -0.07 -14.90
C ALA C 722 64.45 -0.38 -14.99
N LYS C 723 65.29 0.53 -14.47
CA LYS C 723 66.73 0.26 -14.44
C LYS C 723 67.05 -0.94 -13.55
N MET C 724 66.35 -1.07 -12.41
CA MET C 724 66.53 -2.23 -11.55
C MET C 724 66.27 -3.52 -12.30
N LYS C 725 65.09 -3.64 -12.93
CA LYS C 725 64.74 -4.89 -13.59
C LYS C 725 65.58 -5.14 -14.84
N ARG C 726 66.08 -4.07 -15.47
CA ARG C 726 66.88 -4.27 -16.69
C ARG C 726 68.30 -4.70 -16.37
N ASP C 727 68.94 -4.04 -15.40
CA ASP C 727 70.38 -4.24 -15.18
C ASP C 727 70.69 -5.67 -14.79
N ILE C 728 70.00 -6.18 -13.77
CA ILE C 728 70.30 -7.50 -13.20
C ILE C 728 69.19 -8.49 -13.52
N GLY C 729 67.95 -8.20 -13.10
CA GLY C 729 66.84 -9.09 -13.36
C GLY C 729 66.51 -9.21 -14.83
N ALA C 730 65.44 -9.94 -15.14
CA ALA C 730 65.15 -10.34 -16.51
C ALA C 730 64.09 -9.42 -17.11
N ILE C 731 64.52 -8.53 -18.00
CA ILE C 731 63.63 -7.81 -18.90
C ILE C 731 64.49 -7.30 -20.06
N GLU C 732 63.86 -7.04 -21.20
CA GLU C 732 64.59 -6.70 -22.40
C GLU C 732 65.04 -5.23 -22.37
N ASP C 733 66.12 -4.96 -23.11
CA ASP C 733 66.62 -3.59 -23.21
C ASP C 733 65.71 -2.72 -24.06
N SER C 734 65.31 -3.23 -25.24
CA SER C 734 64.38 -2.49 -26.09
C SER C 734 63.06 -2.26 -25.38
N GLU C 735 62.67 -3.17 -24.50
CA GLU C 735 61.46 -2.98 -23.71
C GLU C 735 61.66 -1.88 -22.67
N TYR C 736 62.87 -1.78 -22.10
CA TYR C 736 63.12 -0.70 -21.16
C TYR C 736 63.11 0.65 -21.88
N GLU C 737 63.64 0.69 -23.12
CA GLU C 737 63.54 1.91 -23.91
C GLU C 737 62.10 2.21 -24.31
N GLU C 738 61.27 1.18 -24.48
CA GLU C 738 59.85 1.40 -24.69
C GLU C 738 59.21 2.05 -23.47
N ILE C 739 59.58 1.58 -22.27
CA ILE C 739 59.07 2.19 -21.05
C ILE C 739 59.52 3.65 -20.95
N LYS C 740 60.80 3.90 -21.25
CA LYS C 740 61.28 5.28 -21.25
C LYS C 740 60.51 6.14 -22.24
N ASP C 741 60.21 5.59 -23.42
CA ASP C 741 59.40 6.32 -24.40
C ASP C 741 58.02 6.66 -23.85
N ILE C 742 57.37 5.70 -23.19
CA ILE C 742 56.08 5.97 -22.59
C ILE C 742 56.18 7.04 -21.51
N ILE C 743 57.30 7.04 -20.78
CA ILE C 743 57.49 8.01 -19.70
C ILE C 743 57.61 9.43 -20.26
N ARG C 744 58.46 9.60 -21.29
CA ARG C 744 58.64 10.93 -21.84
C ARG C 744 57.40 11.41 -22.59
N ASP C 745 56.76 10.51 -23.36
CA ASP C 745 55.50 10.85 -24.00
C ASP C 745 54.45 11.24 -22.98
N ALA C 746 54.50 10.65 -21.78
CA ALA C 746 53.63 11.09 -20.70
C ALA C 746 54.04 12.46 -20.19
N LYS C 747 55.35 12.73 -20.15
CA LYS C 747 55.81 14.05 -19.72
C LYS C 747 55.34 15.15 -20.66
N LYS C 748 55.17 14.84 -21.94
CA LYS C 748 54.64 15.83 -22.88
C LYS C 748 53.22 16.26 -22.50
N ALA C 749 52.31 15.29 -22.39
CA ALA C 749 50.93 15.61 -22.06
C ALA C 749 50.81 16.18 -20.65
N ARG C 750 51.74 15.83 -19.76
CA ARG C 750 51.76 16.44 -18.44
C ARG C 750 52.20 17.90 -18.50
N LEU C 751 53.14 18.21 -19.41
CA LEU C 751 53.61 19.59 -19.54
C LEU C 751 52.56 20.46 -20.20
N GLU C 752 51.84 19.93 -21.19
CA GLU C 752 50.87 20.75 -21.92
C GLU C 752 49.79 21.31 -21.01
N SER C 753 49.48 20.62 -19.92
CA SER C 753 48.48 21.10 -18.97
C SER C 753 49.06 22.19 -18.07
N MET D 1 -35.51 45.99 -24.78
CA MET D 1 -34.75 44.94 -25.47
C MET D 1 -35.67 43.78 -25.79
N GLU D 2 -35.16 42.83 -26.59
CA GLU D 2 -35.93 41.69 -27.05
C GLU D 2 -35.19 40.41 -26.66
N ILE D 3 -35.83 39.58 -25.83
CA ILE D 3 -35.24 38.32 -25.40
C ILE D 3 -35.58 37.25 -26.43
N ASN D 4 -34.54 36.71 -27.07
CA ASN D 4 -34.69 35.60 -28.01
C ASN D 4 -33.91 34.40 -27.51
N PRO D 5 -34.57 33.34 -27.06
CA PRO D 5 -33.79 32.16 -26.60
C PRO D 5 -33.04 31.48 -27.72
N TYR D 6 -33.64 31.40 -28.92
CA TYR D 6 -33.03 30.70 -30.04
C TYR D 6 -31.67 31.25 -30.41
N LEU D 7 -31.35 32.48 -29.99
CA LEU D 7 -30.02 33.05 -30.24
C LEU D 7 -28.90 32.20 -29.66
N MET D 8 -29.18 31.41 -28.62
CA MET D 8 -28.12 30.56 -28.07
C MET D 8 -27.76 29.41 -29.01
N PHE D 9 -28.58 29.14 -30.02
CA PHE D 9 -28.26 28.11 -31.01
C PHE D 9 -27.18 28.55 -32.01
N LEU D 10 -26.87 29.84 -32.05
CA LEU D 10 -25.85 30.36 -32.96
C LEU D 10 -24.50 29.69 -32.73
N ASN D 11 -23.90 29.91 -31.57
CA ASN D 11 -22.56 29.39 -31.32
C ASN D 11 -22.58 27.88 -31.06
N ASN D 12 -23.47 27.43 -30.18
CA ASN D 12 -23.49 26.03 -29.76
C ASN D 12 -24.06 25.14 -30.86
N ASP D 13 -23.73 23.85 -30.76
CA ASP D 13 -24.30 22.85 -31.65
C ASP D 13 -25.71 22.48 -31.18
N VAL D 14 -26.58 22.19 -32.15
CA VAL D 14 -28.00 22.00 -31.84
C VAL D 14 -28.26 20.66 -31.16
N THR D 15 -27.48 19.63 -31.51
CA THR D 15 -27.78 18.28 -31.06
C THR D 15 -27.68 18.14 -29.54
N SER D 16 -26.87 18.96 -28.89
CA SER D 16 -26.74 18.86 -27.44
C SER D 16 -27.92 19.51 -26.72
N LEU D 17 -28.41 20.63 -27.24
CA LEU D 17 -29.51 21.38 -26.64
C LEU D 17 -30.87 21.02 -27.22
N ILE D 18 -30.93 20.02 -28.10
CA ILE D 18 -32.17 19.68 -28.79
C ILE D 18 -33.28 19.30 -27.81
N SER D 19 -32.93 18.84 -26.61
CA SER D 19 -33.95 18.48 -25.63
C SER D 19 -34.77 19.67 -25.14
N THR D 20 -34.35 20.90 -25.46
CA THR D 20 -35.11 22.09 -25.09
C THR D 20 -36.08 22.55 -26.17
N THR D 21 -36.05 21.96 -27.35
CA THR D 21 -37.08 22.25 -28.35
C THR D 21 -38.35 21.45 -28.08
N TYR D 22 -38.22 20.27 -27.50
CA TYR D 22 -39.39 19.43 -27.19
C TYR D 22 -40.02 19.90 -25.90
N PRO D 23 -41.34 20.24 -25.89
CA PRO D 23 -42.00 20.69 -24.65
C PRO D 23 -42.63 19.54 -23.87
N TYR D 24 -41.82 18.56 -23.48
CA TYR D 24 -42.32 17.42 -22.74
C TYR D 24 -42.65 17.75 -21.29
N THR D 25 -42.30 18.93 -20.80
CA THR D 25 -42.62 19.30 -19.44
C THR D 25 -44.12 19.51 -19.23
N GLY D 26 -44.87 19.72 -20.29
CA GLY D 26 -46.28 19.99 -20.18
C GLY D 26 -47.14 18.80 -20.55
N PRO D 27 -48.46 18.96 -20.42
CA PRO D 27 -49.37 17.85 -20.72
C PRO D 27 -49.47 17.60 -22.21
N PRO D 28 -49.96 16.44 -22.63
CA PRO D 28 -50.04 16.14 -24.06
C PRO D 28 -51.33 16.69 -24.65
N PRO D 29 -51.51 16.60 -25.96
CA PRO D 29 -52.81 16.95 -26.53
C PRO D 29 -53.72 15.73 -26.46
N MET D 30 -54.98 15.99 -26.78
CA MET D 30 -56.00 15.00 -26.52
C MET D 30 -57.28 15.33 -27.27
N SER D 31 -58.12 14.32 -27.41
CA SER D 31 -59.22 14.35 -28.37
C SER D 31 -60.56 14.79 -27.80
N HIS D 32 -61.26 15.60 -28.58
CA HIS D 32 -62.57 16.10 -28.23
C HIS D 32 -63.50 15.99 -29.42
N GLY D 33 -64.78 15.80 -29.14
CA GLY D 33 -65.78 15.73 -30.18
C GLY D 33 -65.88 14.35 -30.80
N SER D 34 -66.52 14.30 -31.97
CA SER D 34 -66.72 13.06 -32.69
C SER D 34 -65.48 12.71 -33.51
N SER D 35 -65.13 11.43 -33.49
CA SER D 35 -64.03 10.92 -34.30
C SER D 35 -64.49 10.42 -35.66
N THR D 36 -65.77 10.58 -35.99
CA THR D 36 -66.27 10.10 -37.28
C THR D 36 -65.63 10.85 -38.44
N LYS D 37 -65.35 12.15 -38.26
CA LYS D 37 -64.72 12.94 -39.32
C LYS D 37 -63.39 12.33 -39.73
N TYR D 38 -62.51 12.08 -38.76
CA TYR D 38 -61.20 11.50 -39.06
C TYR D 38 -61.33 10.12 -39.68
N THR D 39 -62.30 9.33 -39.22
CA THR D 39 -62.47 7.98 -39.75
C THR D 39 -62.87 8.02 -41.22
N LEU D 40 -63.93 8.75 -41.54
CA LEU D 40 -64.37 8.84 -42.94
C LEU D 40 -63.27 9.44 -43.80
N GLU D 41 -62.63 10.51 -43.33
CA GLU D 41 -61.54 11.13 -44.07
C GLU D 41 -60.41 10.13 -44.34
N THR D 42 -60.15 9.25 -43.38
CA THR D 42 -59.06 8.29 -43.52
C THR D 42 -59.45 7.15 -44.46
N ILE D 43 -60.72 6.72 -44.45
CA ILE D 43 -61.16 5.71 -45.40
C ILE D 43 -61.09 6.25 -46.82
N LYS D 44 -61.56 7.48 -47.02
CA LYS D 44 -61.46 8.10 -48.34
C LYS D 44 -60.01 8.29 -48.75
N ARG D 45 -59.11 8.56 -47.79
CA ARG D 45 -57.69 8.62 -48.11
C ARG D 45 -57.14 7.24 -48.44
N THR D 46 -57.75 6.17 -47.91
CA THR D 46 -57.30 4.82 -48.24
C THR D 46 -57.70 4.44 -49.65
N TYR D 47 -58.99 4.60 -49.99
CA TYR D 47 -59.41 4.33 -51.35
C TYR D 47 -58.73 5.26 -52.34
N ASP D 48 -58.43 6.50 -51.93
CA ASP D 48 -57.76 7.43 -52.82
C ASP D 48 -56.31 7.05 -53.03
N TYR D 49 -55.57 6.83 -51.93
CA TYR D 49 -54.15 6.47 -52.02
C TYR D 49 -53.93 5.18 -52.77
N SER D 50 -54.92 4.30 -52.81
CA SER D 50 -54.83 3.10 -53.61
C SER D 50 -55.37 3.48 -54.98
N ARG D 51 -54.51 3.54 -55.98
CA ARG D 51 -54.90 4.13 -57.24
C ARG D 51 -55.25 2.96 -58.14
N THR D 52 -56.55 2.68 -58.22
CA THR D 52 -57.10 1.69 -59.13
C THR D 52 -58.58 2.02 -59.31
N SER D 53 -59.09 1.86 -60.52
CA SER D 53 -60.53 1.92 -60.75
C SER D 53 -61.16 0.54 -60.84
N VAL D 54 -60.37 -0.52 -60.75
CA VAL D 54 -60.88 -1.88 -60.87
C VAL D 54 -61.68 -2.22 -59.62
N GLU D 55 -62.93 -2.61 -59.82
CA GLU D 55 -63.86 -2.90 -58.73
C GLU D 55 -64.65 -4.15 -59.11
N LYS D 56 -64.58 -5.18 -58.25
CA LYS D 56 -65.28 -6.44 -58.48
C LYS D 56 -66.25 -6.69 -57.34
N THR D 57 -67.48 -7.04 -57.68
CA THR D 57 -68.49 -7.32 -56.65
C THR D 57 -68.16 -8.62 -55.93
N SER D 58 -68.11 -8.55 -54.60
CA SER D 58 -67.84 -9.75 -53.81
C SER D 58 -68.99 -10.74 -53.92
N LYS D 59 -68.64 -12.02 -53.94
CA LYS D 59 -69.67 -13.05 -54.06
C LYS D 59 -70.44 -13.22 -52.75
N VAL D 60 -69.74 -13.15 -51.61
CA VAL D 60 -70.39 -13.41 -50.34
C VAL D 60 -71.14 -12.18 -49.83
N PHE D 61 -70.55 -10.99 -49.95
CA PHE D 61 -71.11 -9.80 -49.32
C PHE D 61 -72.06 -9.01 -50.20
N ASN D 62 -72.14 -9.31 -51.50
CA ASN D 62 -72.89 -8.49 -52.45
C ASN D 62 -72.49 -7.02 -52.36
N ILE D 63 -71.22 -6.78 -52.04
CA ILE D 63 -70.68 -5.44 -51.87
C ILE D 63 -69.47 -5.31 -52.79
N PRO D 64 -69.27 -4.18 -53.47
CA PRO D 64 -68.08 -4.03 -54.30
C PRO D 64 -66.81 -4.08 -53.45
N ARG D 65 -65.90 -4.95 -53.85
CA ARG D 65 -64.56 -5.02 -53.28
C ARG D 65 -63.59 -4.49 -54.31
N ARG D 66 -62.75 -3.53 -53.91
CA ARG D 66 -61.69 -3.02 -54.77
C ARG D 66 -60.41 -3.70 -54.35
N LYS D 67 -59.95 -4.63 -55.18
CA LYS D 67 -58.69 -5.34 -54.95
C LYS D 67 -57.65 -4.71 -55.85
N PHE D 68 -56.76 -3.91 -55.26
CA PHE D 68 -55.74 -3.21 -56.01
C PHE D 68 -54.37 -3.72 -55.58
N CYS D 69 -53.77 -4.57 -56.40
CA CYS D 69 -52.37 -4.95 -56.31
C CYS D 69 -51.93 -5.37 -57.69
N ASN D 70 -50.68 -5.05 -58.04
CA ASN D 70 -50.10 -5.44 -59.33
C ASN D 70 -50.96 -4.88 -60.47
N CYS D 71 -51.57 -3.72 -60.24
CA CYS D 71 -52.35 -2.99 -61.23
C CYS D 71 -52.28 -1.52 -60.88
N LEU D 72 -52.31 -0.65 -61.88
CA LEU D 72 -52.05 0.75 -61.59
C LEU D 72 -52.97 1.69 -62.36
N GLU D 73 -53.60 2.58 -61.61
CA GLU D 73 -54.19 3.81 -62.10
C GLU D 73 -53.16 4.89 -61.77
N ASP D 74 -52.44 5.39 -62.77
CA ASP D 74 -51.41 6.37 -62.46
C ASP D 74 -52.01 7.76 -62.46
N LYS D 75 -51.74 8.52 -61.41
CA LYS D 75 -52.14 9.91 -61.31
C LYS D 75 -50.94 10.78 -61.63
N ASP D 76 -51.21 11.94 -62.24
CA ASP D 76 -50.15 12.87 -62.59
C ASP D 76 -49.29 13.24 -61.39
N GLU D 77 -49.83 13.09 -60.18
CA GLU D 77 -49.03 13.27 -58.97
C GLU D 77 -48.48 11.90 -58.58
N LEU D 78 -47.20 11.68 -58.88
CA LEU D 78 -46.61 10.43 -58.45
C LEU D 78 -46.03 10.63 -57.05
N VAL D 79 -45.49 11.84 -56.80
CA VAL D 79 -44.84 12.16 -55.54
C VAL D 79 -45.79 11.98 -54.37
N LYS D 80 -47.08 12.18 -54.59
CA LYS D 80 -48.07 11.94 -53.57
C LYS D 80 -48.12 10.45 -53.23
N PRO D 81 -48.39 10.09 -51.98
CA PRO D 81 -48.36 8.67 -51.58
C PRO D 81 -49.20 7.77 -52.49
N THR D 82 -48.68 6.56 -52.70
CA THR D 82 -49.36 5.51 -53.44
C THR D 82 -49.60 4.32 -52.51
N GLY D 83 -50.74 3.66 -52.72
CA GLY D 83 -51.06 2.49 -51.93
C GLY D 83 -50.91 1.18 -52.68
N ASN D 84 -50.57 1.26 -53.96
CA ASN D 84 -50.58 0.08 -54.82
C ASN D 84 -49.25 -0.65 -54.78
N VAL D 85 -49.30 -1.94 -54.48
CA VAL D 85 -48.12 -2.77 -54.34
C VAL D 85 -48.04 -3.71 -55.54
N ASP D 86 -46.87 -3.77 -56.18
CA ASP D 86 -46.63 -4.72 -57.26
C ASP D 86 -46.02 -5.98 -56.66
N ILE D 87 -46.78 -7.07 -56.68
CA ILE D 87 -46.41 -8.24 -55.90
C ILE D 87 -45.21 -8.96 -56.50
N SER D 88 -45.03 -8.86 -57.81
CA SER D 88 -43.88 -9.52 -58.46
C SER D 88 -42.58 -8.96 -57.93
N SER D 89 -42.43 -7.63 -57.99
CA SER D 89 -41.24 -6.98 -57.44
C SER D 89 -41.14 -7.15 -55.93
N LEU D 90 -42.28 -7.22 -55.24
CA LEU D 90 -42.27 -7.51 -53.81
C LEU D 90 -41.57 -8.83 -53.52
N LEU D 91 -42.12 -9.94 -54.05
CA LEU D 91 -41.47 -11.23 -53.89
C LEU D 91 -40.05 -11.24 -54.44
N GLY D 92 -39.74 -10.35 -55.38
CA GLY D 92 -38.34 -10.15 -55.75
C GLY D 92 -37.51 -9.65 -54.58
N LEU D 93 -38.04 -8.66 -53.85
CA LEU D 93 -37.35 -8.18 -52.66
C LEU D 93 -37.24 -9.25 -51.60
N ALA D 94 -38.25 -10.12 -51.49
CA ALA D 94 -38.16 -11.24 -50.57
C ALA D 94 -37.05 -12.21 -50.98
N GLU D 95 -36.97 -12.53 -52.27
CA GLU D 95 -35.94 -13.45 -52.75
C GLU D 95 -34.54 -12.89 -52.51
N MET D 96 -34.31 -11.65 -52.93
CA MET D 96 -32.99 -11.06 -52.72
C MET D 96 -32.67 -10.92 -51.23
N MET D 97 -33.69 -10.66 -50.41
CA MET D 97 -33.46 -10.59 -48.97
C MET D 97 -33.00 -11.94 -48.42
N GLU D 98 -33.69 -13.02 -48.78
CA GLU D 98 -33.28 -14.34 -48.33
C GLU D 98 -31.88 -14.66 -48.83
N LYS D 99 -31.69 -14.62 -50.15
CA LYS D 99 -30.39 -14.96 -50.74
C LYS D 99 -29.27 -14.05 -50.25
N ARG D 100 -29.60 -12.93 -49.59
CA ARG D 100 -28.56 -12.14 -48.94
C ARG D 100 -28.06 -12.81 -47.65
N MET D 101 -28.98 -13.28 -46.81
CA MET D 101 -28.63 -13.93 -45.56
C MET D 101 -29.17 -15.36 -45.57
N GLY D 102 -28.28 -16.34 -45.72
CA GLY D 102 -28.65 -17.74 -45.70
C GLY D 102 -29.48 -18.15 -46.90
N GLU D 103 -29.64 -19.45 -47.16
CA GLU D 103 -30.70 -19.90 -48.05
C GLU D 103 -31.94 -20.36 -47.29
N GLY D 104 -31.83 -20.57 -45.98
CA GLY D 104 -32.92 -21.12 -45.19
C GLY D 104 -33.57 -20.12 -44.25
N PHE D 105 -33.39 -18.83 -44.55
CA PHE D 105 -33.82 -17.76 -43.64
C PHE D 105 -35.28 -17.92 -43.23
N PHE D 106 -36.17 -17.96 -44.21
CA PHE D 106 -37.60 -18.00 -43.92
C PHE D 106 -38.01 -19.33 -43.31
N LYS D 107 -37.46 -20.45 -43.81
CA LYS D 107 -37.77 -21.75 -43.23
C LYS D 107 -37.42 -21.80 -41.75
N HIS D 108 -36.25 -21.26 -41.39
CA HIS D 108 -35.81 -21.33 -40.01
C HIS D 108 -36.62 -20.41 -39.10
N CYS D 109 -36.80 -19.15 -39.53
CA CYS D 109 -37.61 -18.24 -38.72
C CYS D 109 -39.02 -18.78 -38.52
N VAL D 110 -39.62 -19.32 -39.58
CA VAL D 110 -40.95 -19.91 -39.46
C VAL D 110 -40.91 -21.13 -38.54
N MET D 111 -39.81 -21.88 -38.55
CA MET D 111 -39.67 -22.99 -37.61
C MET D 111 -39.75 -22.49 -36.17
N GLU D 112 -39.00 -21.42 -35.86
CA GLU D 112 -39.07 -20.85 -34.51
C GLU D 112 -40.48 -20.39 -34.17
N ALA D 113 -41.15 -19.72 -35.12
CA ALA D 113 -42.52 -19.27 -34.87
C ALA D 113 -43.44 -20.45 -34.58
N GLU D 114 -43.39 -21.48 -35.44
CA GLU D 114 -44.21 -22.67 -35.25
C GLU D 114 -43.98 -23.28 -33.87
N THR D 115 -42.71 -23.39 -33.46
CA THR D 115 -42.39 -23.86 -32.12
C THR D 115 -43.11 -23.02 -31.06
N GLU D 116 -42.82 -21.72 -31.03
CA GLU D 116 -43.33 -20.88 -29.94
C GLU D 116 -44.85 -20.82 -29.91
N ILE D 117 -45.51 -20.89 -31.07
CA ILE D 117 -46.97 -20.79 -31.11
C ILE D 117 -47.62 -22.11 -30.75
N LEU D 118 -47.09 -23.23 -31.24
CA LEU D 118 -47.68 -24.53 -30.91
C LEU D 118 -47.59 -24.84 -29.44
N LYS D 119 -46.56 -24.32 -28.76
CA LYS D 119 -46.47 -24.45 -27.30
C LYS D 119 -47.56 -23.65 -26.61
N MET D 120 -48.00 -22.56 -27.22
CA MET D 120 -48.65 -21.48 -26.48
C MET D 120 -50.04 -21.86 -26.01
N HIS D 121 -50.27 -21.69 -24.72
CA HIS D 121 -51.63 -21.68 -24.18
C HIS D 121 -52.36 -20.45 -24.68
N PHE D 122 -53.65 -20.60 -25.01
CA PHE D 122 -54.40 -19.46 -25.50
C PHE D 122 -54.66 -18.41 -24.42
N SER D 123 -54.41 -18.74 -23.15
CA SER D 123 -54.60 -17.78 -22.08
C SER D 123 -53.67 -16.58 -22.22
N ARG D 124 -52.44 -16.81 -22.72
CA ARG D 124 -51.53 -15.70 -22.97
C ARG D 124 -52.05 -14.75 -24.03
N LEU D 125 -53.12 -15.13 -24.75
CA LEU D 125 -53.79 -14.20 -25.65
C LEU D 125 -54.40 -13.01 -24.92
N THR D 126 -54.66 -13.15 -23.61
CA THR D 126 -55.17 -12.04 -22.83
C THR D 126 -54.13 -10.95 -22.63
N GLU D 127 -52.85 -11.27 -22.79
CA GLU D 127 -51.80 -10.27 -22.67
C GLU D 127 -51.78 -9.41 -23.93
N GLY D 128 -51.89 -8.10 -23.75
CA GLY D 128 -51.85 -7.18 -24.87
C GLY D 128 -52.69 -5.96 -24.59
N ARG D 129 -52.87 -5.15 -25.64
CA ARG D 129 -53.63 -3.92 -25.55
C ARG D 129 -55.13 -4.22 -25.49
N GLN D 130 -55.93 -3.16 -25.41
CA GLN D 130 -57.38 -3.31 -25.47
C GLN D 130 -57.80 -3.82 -26.84
N THR D 131 -58.81 -4.67 -26.86
CA THR D 131 -59.35 -5.22 -28.09
C THR D 131 -60.88 -5.14 -28.05
N TYR D 132 -61.49 -5.40 -29.19
CA TYR D 132 -62.92 -5.16 -29.40
C TYR D 132 -63.70 -6.42 -29.04
N ASP D 133 -64.46 -6.36 -27.95
CA ASP D 133 -65.40 -7.40 -27.60
C ASP D 133 -66.68 -7.20 -28.40
N TRP D 134 -67.03 -8.20 -29.22
CA TRP D 134 -68.19 -8.13 -30.08
C TRP D 134 -69.47 -8.62 -29.42
N THR D 135 -69.37 -9.26 -28.25
CA THR D 135 -70.55 -9.65 -27.49
C THR D 135 -71.38 -8.41 -27.15
N SER D 136 -70.83 -7.52 -26.33
CA SER D 136 -71.48 -6.25 -26.03
C SER D 136 -71.18 -5.17 -27.07
N GLU D 137 -70.36 -5.48 -28.07
CA GLU D 137 -69.97 -4.53 -29.11
C GLU D 137 -69.33 -3.28 -28.52
N ARG D 138 -68.37 -3.51 -27.61
CA ARG D 138 -67.64 -2.42 -26.97
C ARG D 138 -66.17 -2.79 -26.90
N ASN D 139 -65.33 -1.80 -26.64
CA ASN D 139 -63.91 -2.05 -26.45
C ASN D 139 -63.63 -2.40 -25.00
N MET D 140 -62.78 -3.42 -24.81
CA MET D 140 -62.51 -3.97 -23.50
C MET D 140 -61.03 -4.29 -23.38
N PRO D 141 -60.52 -4.43 -22.15
CA PRO D 141 -59.22 -5.08 -21.97
C PRO D 141 -59.28 -6.51 -22.49
N ALA D 142 -58.18 -6.97 -23.08
CA ALA D 142 -58.19 -8.22 -23.83
C ALA D 142 -58.66 -9.40 -22.97
N ALA D 143 -58.34 -9.39 -21.68
CA ALA D 143 -58.68 -10.53 -20.83
C ALA D 143 -60.19 -10.69 -20.69
N THR D 144 -60.89 -9.62 -20.33
CA THR D 144 -62.34 -9.69 -20.15
C THR D 144 -63.03 -10.00 -21.47
N ALA D 145 -62.56 -9.40 -22.56
CA ALA D 145 -63.15 -9.67 -23.87
C ALA D 145 -63.00 -11.13 -24.25
N LEU D 146 -61.82 -11.71 -24.03
CA LEU D 146 -61.63 -13.13 -24.30
C LEU D 146 -62.49 -13.99 -23.40
N GLN D 147 -62.67 -13.58 -22.15
CA GLN D 147 -63.56 -14.32 -21.25
C GLN D 147 -64.98 -14.32 -21.79
N LEU D 148 -65.43 -13.20 -22.37
CA LEU D 148 -66.77 -13.15 -22.94
C LEU D 148 -66.87 -14.00 -24.20
N THR D 149 -65.83 -13.99 -25.04
CA THR D 149 -65.85 -14.80 -26.26
C THR D 149 -65.92 -16.29 -25.91
N VAL D 150 -64.97 -16.77 -25.10
CA VAL D 150 -64.95 -18.18 -24.74
C VAL D 150 -66.20 -18.57 -23.97
N ASP D 151 -66.67 -17.69 -23.08
CA ASP D 151 -67.89 -17.98 -22.34
C ASP D 151 -69.09 -18.12 -23.26
N ALA D 152 -69.17 -17.27 -24.29
CA ALA D 152 -70.25 -17.37 -25.26
C ALA D 152 -70.15 -18.68 -26.04
N ILE D 153 -68.94 -19.09 -26.41
CA ILE D 153 -68.76 -20.39 -27.05
C ILE D 153 -69.25 -21.51 -26.13
N LYS D 154 -68.98 -21.37 -24.82
CA LYS D 154 -69.39 -22.39 -23.86
C LYS D 154 -70.91 -22.46 -23.74
N GLU D 155 -71.58 -21.31 -23.69
CA GLU D 155 -73.03 -21.33 -23.56
C GLU D 155 -73.72 -21.71 -24.86
N THR D 156 -73.06 -21.55 -26.00
CA THR D 156 -73.64 -21.98 -27.27
C THR D 156 -73.41 -23.47 -27.49
N GLU D 157 -72.16 -23.85 -27.78
CA GLU D 157 -71.85 -25.22 -28.19
C GLU D 157 -71.30 -26.09 -27.06
N GLY D 158 -71.09 -25.54 -25.86
CA GLY D 158 -70.49 -26.29 -24.79
C GLY D 158 -69.07 -25.82 -24.50
N PRO D 159 -68.54 -26.22 -23.34
CA PRO D 159 -67.23 -25.69 -22.91
C PRO D 159 -66.11 -26.02 -23.87
N PHE D 160 -65.06 -25.18 -23.82
CA PHE D 160 -63.92 -25.28 -24.74
C PHE D 160 -62.76 -25.95 -24.02
N LYS D 161 -62.40 -27.14 -24.48
CA LYS D 161 -61.34 -27.94 -23.89
C LYS D 161 -60.00 -27.80 -24.61
N GLY D 162 -59.90 -26.91 -25.60
CA GLY D 162 -58.74 -26.84 -26.46
C GLY D 162 -57.41 -26.68 -25.75
N THR D 163 -57.29 -25.64 -24.91
CA THR D 163 -56.09 -25.35 -24.12
C THR D 163 -54.85 -25.14 -24.99
N THR D 164 -55.03 -24.79 -26.26
CA THR D 164 -53.91 -24.50 -27.15
C THR D 164 -54.34 -23.43 -28.15
N MET D 165 -53.33 -22.72 -28.68
CA MET D 165 -53.61 -21.71 -29.69
C MET D 165 -54.21 -22.34 -30.94
N LEU D 166 -53.69 -23.50 -31.35
CA LEU D 166 -54.17 -24.14 -32.57
C LEU D 166 -55.64 -24.51 -32.47
N GLU D 167 -56.04 -25.17 -31.38
CA GLU D 167 -57.43 -25.56 -31.23
C GLU D 167 -58.34 -24.35 -31.08
N TYR D 168 -57.84 -23.28 -30.45
CA TYR D 168 -58.61 -22.04 -30.41
C TYR D 168 -58.86 -21.52 -31.81
N CYS D 169 -57.82 -21.51 -32.66
CA CYS D 169 -57.99 -21.06 -34.04
C CYS D 169 -58.98 -21.95 -34.78
N ASN D 170 -58.88 -23.27 -34.59
CA ASN D 170 -59.81 -24.20 -35.22
C ASN D 170 -61.25 -23.90 -34.82
N LYS D 171 -61.48 -23.57 -33.54
CA LYS D 171 -62.82 -23.19 -33.11
C LYS D 171 -63.25 -21.87 -33.73
N MET D 172 -62.32 -20.92 -33.84
CA MET D 172 -62.63 -19.63 -34.48
C MET D 172 -63.13 -19.85 -35.90
N ILE D 173 -62.42 -20.66 -36.68
CA ILE D 173 -62.82 -20.89 -38.06
C ILE D 173 -64.07 -21.77 -38.12
N GLU D 174 -64.29 -22.61 -37.10
CA GLU D 174 -65.51 -23.41 -37.05
C GLU D 174 -66.74 -22.54 -36.80
N MET D 175 -66.59 -21.46 -36.02
CA MET D 175 -67.74 -20.61 -35.72
C MET D 175 -68.25 -19.83 -36.93
N LEU D 176 -67.40 -19.64 -37.95
CA LEU D 176 -67.84 -18.90 -39.13
C LEU D 176 -68.92 -19.64 -39.88
N ASP D 177 -68.94 -20.97 -39.80
CA ASP D 177 -69.99 -21.78 -40.39
C ASP D 177 -71.19 -21.95 -39.46
N TRP D 178 -71.08 -21.52 -38.21
CA TRP D 178 -72.22 -21.59 -37.30
C TRP D 178 -73.35 -20.70 -37.79
N LYS D 179 -74.55 -21.28 -37.89
CA LYS D 179 -75.71 -20.51 -38.32
C LYS D 179 -76.33 -19.70 -37.18
N GLU D 180 -76.05 -20.06 -35.93
CA GLU D 180 -76.61 -19.40 -34.77
C GLU D 180 -75.57 -19.33 -33.66
N ILE D 181 -75.46 -18.18 -33.02
CA ILE D 181 -74.53 -18.00 -31.91
C ILE D 181 -75.28 -17.35 -30.75
N LYS D 182 -74.97 -17.77 -29.52
CA LYS D 182 -75.61 -17.26 -28.32
C LYS D 182 -74.63 -16.41 -27.52
N PHE D 183 -75.13 -15.31 -26.96
CA PHE D 183 -74.33 -14.34 -26.23
C PHE D 183 -74.86 -14.18 -24.82
N LYS D 184 -73.97 -13.75 -23.93
CA LYS D 184 -74.35 -13.18 -22.66
C LYS D 184 -74.47 -11.68 -22.87
N LYS D 185 -75.70 -11.17 -22.85
CA LYS D 185 -75.97 -9.76 -23.11
C LYS D 185 -76.97 -9.27 -22.08
N VAL D 186 -76.61 -8.22 -21.35
CA VAL D 186 -77.45 -7.69 -20.29
C VAL D 186 -78.51 -6.79 -20.92
N LYS D 187 -79.79 -7.15 -20.71
CA LYS D 187 -80.91 -6.37 -21.21
C LYS D 187 -81.63 -5.74 -20.03
N THR D 188 -81.93 -4.44 -20.14
CA THR D 188 -82.64 -3.73 -19.09
C THR D 188 -84.12 -4.11 -19.13
N VAL D 189 -84.64 -4.54 -17.99
CA VAL D 189 -86.06 -4.85 -17.85
C VAL D 189 -86.66 -3.86 -16.87
N VAL D 190 -87.81 -3.28 -17.23
CA VAL D 190 -88.49 -2.31 -16.39
C VAL D 190 -89.42 -3.08 -15.47
N ARG D 191 -89.14 -3.04 -14.17
CA ARG D 191 -89.89 -3.83 -13.19
C ARG D 191 -90.80 -2.93 -12.36
N LYS D 203 -91.54 2.57 -11.98
CA LYS D 203 -90.84 1.92 -13.08
C LYS D 203 -89.33 2.06 -12.95
N THR D 204 -88.70 1.05 -12.36
CA THR D 204 -87.26 1.01 -12.18
C THR D 204 -86.66 0.00 -13.16
N LYS D 205 -85.61 0.42 -13.86
CA LYS D 205 -84.97 -0.43 -14.88
C LYS D 205 -83.84 -1.21 -14.22
N VAL D 206 -84.03 -2.51 -14.09
CA VAL D 206 -83.00 -3.41 -13.58
C VAL D 206 -82.36 -4.11 -14.78
N PRO D 207 -81.12 -3.95 -15.00
CA PRO D 207 -80.47 -4.57 -16.17
C PRO D 207 -80.19 -6.06 -15.95
N VAL D 208 -81.23 -6.87 -16.21
CA VAL D 208 -81.12 -8.30 -16.00
C VAL D 208 -80.26 -8.93 -17.09
N MET D 209 -79.35 -9.82 -16.70
CA MET D 209 -78.56 -10.53 -17.67
C MET D 209 -79.44 -11.39 -18.55
N GLY D 210 -79.02 -11.58 -19.81
CA GLY D 210 -79.84 -12.29 -20.76
C GLY D 210 -78.99 -13.05 -21.75
N ILE D 211 -79.66 -13.89 -22.54
CA ILE D 211 -79.02 -14.71 -23.54
C ILE D 211 -79.57 -14.30 -24.90
N ASP D 212 -78.70 -13.86 -25.80
CA ASP D 212 -79.13 -13.33 -27.08
C ASP D 212 -78.66 -14.25 -28.21
N SER D 213 -79.35 -14.16 -29.34
CA SER D 213 -79.03 -14.97 -30.50
C SER D 213 -78.56 -14.09 -31.65
N ILE D 214 -77.76 -14.68 -32.55
CA ILE D 214 -77.28 -13.99 -33.74
C ILE D 214 -77.12 -14.99 -34.87
N LYS D 215 -77.17 -14.48 -36.09
CA LYS D 215 -77.12 -15.26 -37.32
C LYS D 215 -75.74 -15.10 -37.98
N HIS D 216 -75.35 -16.14 -38.72
CA HIS D 216 -74.05 -16.16 -39.40
C HIS D 216 -73.76 -14.86 -40.14
N ASP D 217 -74.77 -14.29 -40.80
CA ASP D 217 -74.57 -13.05 -41.56
C ASP D 217 -74.09 -11.92 -40.66
N GLU D 218 -74.74 -11.73 -39.51
CA GLU D 218 -74.33 -10.67 -38.59
C GLU D 218 -73.04 -11.03 -37.88
N PHE D 219 -72.87 -12.30 -37.52
CA PHE D 219 -71.68 -12.70 -36.76
C PHE D 219 -70.41 -12.54 -37.58
N LEU D 220 -70.48 -12.80 -38.89
CA LEU D 220 -69.29 -12.60 -39.72
C LEU D 220 -68.84 -11.15 -39.71
N ILE D 221 -69.79 -10.22 -39.88
CA ILE D 221 -69.47 -8.80 -39.87
C ILE D 221 -68.95 -8.38 -38.50
N ARG D 222 -69.55 -8.90 -37.43
CA ARG D 222 -69.05 -8.60 -36.09
C ARG D 222 -67.64 -9.15 -35.88
N ALA D 223 -67.31 -10.25 -36.56
CA ALA D 223 -65.99 -10.87 -36.41
C ALA D 223 -64.92 -10.08 -37.16
N LEU D 224 -65.26 -9.57 -38.35
CA LEU D 224 -64.33 -8.74 -39.10
C LEU D 224 -64.36 -7.28 -38.66
N THR D 225 -65.19 -6.93 -37.67
CA THR D 225 -65.36 -5.55 -37.26
C THR D 225 -64.14 -5.06 -36.47
N ILE D 226 -63.68 -3.85 -36.80
CA ILE D 226 -62.62 -3.16 -36.08
C ILE D 226 -63.20 -1.88 -35.51
N ASN D 227 -62.63 -1.41 -34.40
CA ASN D 227 -63.15 -0.24 -33.71
C ASN D 227 -62.11 0.87 -33.67
N THR D 228 -62.62 2.10 -33.64
CA THR D 228 -61.81 3.30 -33.66
C THR D 228 -61.58 3.81 -32.24
N MET D 229 -60.37 4.33 -32.01
CA MET D 229 -59.98 4.93 -30.74
C MET D 229 -59.44 6.32 -31.03
N ALA D 230 -60.16 7.35 -30.57
CA ALA D 230 -59.68 8.71 -30.70
C ALA D 230 -58.37 8.87 -29.92
N LYS D 231 -57.35 9.38 -30.61
CA LYS D 231 -55.99 9.20 -30.14
C LYS D 231 -55.74 9.95 -28.83
N ASP D 232 -55.02 9.28 -27.93
CA ASP D 232 -54.61 9.85 -26.65
C ASP D 232 -53.18 9.41 -26.35
N GLY D 233 -52.47 10.25 -25.61
CA GLY D 233 -51.08 9.98 -25.30
C GLY D 233 -50.11 10.16 -26.45
N GLU D 234 -50.59 10.51 -27.65
CA GLU D 234 -49.71 10.75 -28.79
C GLU D 234 -49.05 12.11 -28.65
N ARG D 235 -47.75 12.15 -28.88
CA ARG D 235 -46.96 13.36 -28.71
C ARG D 235 -46.66 14.00 -30.07
N GLY D 236 -46.89 15.29 -30.17
CA GLY D 236 -46.39 16.07 -31.29
C GLY D 236 -47.25 16.17 -32.53
N LYS D 237 -48.57 16.12 -32.42
CA LYS D 237 -49.42 16.38 -33.57
C LYS D 237 -50.64 17.21 -33.18
N LEU D 238 -50.93 18.22 -34.00
CA LEU D 238 -52.12 19.05 -33.79
C LEU D 238 -53.40 18.26 -34.00
N GLN D 239 -53.50 17.59 -35.14
CA GLN D 239 -54.65 16.76 -35.46
C GLN D 239 -54.37 15.32 -35.06
N ARG D 240 -55.42 14.64 -34.66
CA ARG D 240 -55.26 13.34 -34.05
C ARG D 240 -55.30 12.24 -35.08
N ARG D 241 -54.32 11.35 -35.02
CA ARG D 241 -54.32 10.13 -35.81
C ARG D 241 -54.85 9.01 -34.92
N ALA D 242 -56.07 8.56 -35.18
CA ALA D 242 -56.75 7.59 -34.34
C ALA D 242 -56.12 6.21 -34.51
N ILE D 243 -56.34 5.35 -33.52
CA ILE D 243 -55.76 4.00 -33.52
C ILE D 243 -56.88 2.97 -33.47
N ALA D 244 -56.69 1.87 -34.18
CA ALA D 244 -57.71 0.84 -34.33
C ALA D 244 -57.43 -0.33 -33.39
N THR D 245 -58.50 -0.92 -32.86
CA THR D 245 -58.40 -2.03 -31.90
C THR D 245 -59.19 -3.23 -32.41
N PRO D 246 -58.54 -4.15 -33.11
CA PRO D 246 -59.27 -5.25 -33.78
C PRO D 246 -59.94 -6.19 -32.80
N GLY D 247 -60.87 -6.98 -33.35
CA GLY D 247 -61.67 -7.90 -32.56
C GLY D 247 -60.88 -9.08 -32.02
N MET D 248 -61.61 -9.92 -31.27
CA MET D 248 -61.00 -11.05 -30.57
C MET D 248 -60.75 -12.25 -31.48
N ILE D 249 -61.57 -12.44 -32.52
CA ILE D 249 -61.37 -13.57 -33.41
C ILE D 249 -60.20 -13.32 -34.37
N VAL D 250 -59.93 -12.07 -34.68
CA VAL D 250 -58.82 -11.73 -35.58
C VAL D 250 -57.48 -11.76 -34.85
N ARG D 251 -57.49 -11.65 -33.52
CA ARG D 251 -56.24 -11.42 -32.79
C ARG D 251 -55.27 -12.60 -32.82
N PRO D 252 -55.68 -13.85 -32.62
CA PRO D 252 -54.67 -14.93 -32.55
C PRO D 252 -53.84 -15.08 -33.82
N PHE D 253 -54.49 -15.06 -34.98
CA PHE D 253 -53.75 -15.17 -36.24
C PHE D 253 -52.80 -13.99 -36.42
N SER D 254 -53.26 -12.79 -36.02
CA SER D 254 -52.39 -11.62 -36.06
C SER D 254 -51.16 -11.82 -35.18
N LYS D 255 -51.33 -12.42 -34.00
CA LYS D 255 -50.19 -12.72 -33.16
C LYS D 255 -49.26 -13.73 -33.82
N ILE D 256 -49.83 -14.68 -34.56
CA ILE D 256 -49.00 -15.65 -35.29
C ILE D 256 -48.11 -14.92 -36.29
N VAL D 257 -48.71 -14.13 -37.17
CA VAL D 257 -47.92 -13.41 -38.17
C VAL D 257 -46.91 -12.48 -37.49
N GLU D 258 -47.33 -11.82 -36.41
CA GLU D 258 -46.44 -10.90 -35.72
C GLU D 258 -45.23 -11.61 -35.12
N THR D 259 -45.41 -12.85 -34.64
CA THR D 259 -44.28 -13.60 -34.13
C THR D 259 -43.37 -14.08 -35.25
N VAL D 260 -43.96 -14.48 -36.39
CA VAL D 260 -43.14 -14.82 -37.56
C VAL D 260 -42.26 -13.64 -37.95
N ALA D 261 -42.89 -12.48 -38.16
CA ALA D 261 -42.15 -11.28 -38.55
C ALA D 261 -41.22 -10.79 -37.45
N GLN D 262 -41.46 -11.14 -36.19
CA GLN D 262 -40.52 -10.80 -35.14
C GLN D 262 -39.27 -11.68 -35.23
N LYS D 263 -39.46 -12.98 -35.47
CA LYS D 263 -38.31 -13.84 -35.71
C LYS D 263 -37.53 -13.39 -36.94
N ILE D 264 -38.21 -12.87 -37.96
CA ILE D 264 -37.52 -12.33 -39.12
C ILE D 264 -36.77 -11.05 -38.76
N CYS D 265 -37.41 -10.18 -37.95
CA CYS D 265 -36.80 -8.90 -37.60
C CYS D 265 -35.54 -9.08 -36.77
N GLU D 266 -35.55 -10.00 -35.80
CA GLU D 266 -34.41 -10.17 -34.92
C GLU D 266 -33.12 -10.41 -35.69
N LYS D 267 -33.16 -11.26 -36.70
CA LYS D 267 -31.96 -11.66 -37.43
C LYS D 267 -31.41 -10.55 -38.33
N LEU D 268 -32.18 -9.50 -38.58
CA LEU D 268 -31.77 -8.45 -39.51
C LEU D 268 -30.94 -7.40 -38.79
N LYS D 269 -29.72 -7.15 -39.31
CA LYS D 269 -28.89 -6.08 -38.77
C LYS D 269 -29.52 -4.73 -39.00
N GLU D 270 -30.15 -4.53 -40.17
CA GLU D 270 -30.74 -3.25 -40.53
C GLU D 270 -32.05 -2.98 -39.80
N SER D 271 -32.59 -3.95 -39.07
CA SER D 271 -33.88 -3.81 -38.42
C SER D 271 -33.74 -3.16 -37.05
N GLY D 272 -34.55 -2.13 -36.82
CA GLY D 272 -34.58 -1.47 -35.52
C GLY D 272 -35.82 -1.74 -34.69
N LEU D 273 -36.78 -2.50 -35.24
CA LEU D 273 -38.02 -2.74 -34.49
C LEU D 273 -37.83 -3.67 -33.29
N PRO D 274 -37.32 -4.91 -33.45
CA PRO D 274 -37.31 -5.83 -32.30
C PRO D 274 -36.34 -5.43 -31.21
N VAL D 275 -35.38 -4.56 -31.52
CA VAL D 275 -34.32 -4.16 -30.61
C VAL D 275 -34.37 -2.66 -30.45
N GLY D 276 -34.29 -2.18 -29.21
CA GLY D 276 -34.46 -0.78 -28.97
C GLY D 276 -33.79 -0.32 -27.69
N GLY D 277 -34.06 0.92 -27.32
CA GLY D 277 -33.45 1.48 -26.12
C GLY D 277 -31.96 1.70 -26.33
N ASN D 278 -31.16 1.17 -25.41
CA ASN D 278 -29.71 1.34 -25.48
C ASN D 278 -29.09 0.57 -26.63
N GLU D 279 -29.80 -0.43 -27.17
CA GLU D 279 -29.25 -1.31 -28.19
C GLU D 279 -29.28 -0.67 -29.57
N LYS D 280 -30.40 -0.02 -29.90
CA LYS D 280 -30.54 0.72 -31.15
C LYS D 280 -29.35 1.66 -31.39
N LYS D 281 -28.93 2.33 -30.33
CA LYS D 281 -27.77 3.21 -30.36
C LYS D 281 -26.54 2.50 -30.93
N ALA D 282 -26.17 1.38 -30.33
CA ALA D 282 -24.96 0.67 -30.76
C ALA D 282 -25.12 0.06 -32.14
N LYS D 283 -26.34 -0.36 -32.51
CA LYS D 283 -26.56 -0.80 -33.88
C LYS D 283 -26.20 0.31 -34.86
N LEU D 284 -26.66 1.53 -34.59
CA LEU D 284 -26.33 2.66 -35.46
C LEU D 284 -24.83 2.95 -35.46
N LYS D 285 -24.18 2.87 -34.29
CA LYS D 285 -22.74 3.12 -34.24
C LYS D 285 -21.98 2.10 -35.10
N THR D 286 -22.27 0.81 -34.91
CA THR D 286 -21.60 -0.24 -35.67
C THR D 286 -21.78 -0.04 -37.16
N THR D 287 -23.03 0.13 -37.61
CA THR D 287 -23.23 0.29 -39.05
C THR D 287 -22.59 1.56 -39.58
N VAL D 288 -22.47 2.59 -38.73
CA VAL D 288 -21.81 3.83 -39.16
C VAL D 288 -20.34 3.59 -39.43
N THR D 289 -19.62 3.01 -38.46
CA THR D 289 -18.19 2.78 -38.68
C THR D 289 -17.96 1.76 -39.79
N SER D 290 -18.87 0.80 -39.95
CA SER D 290 -18.76 -0.15 -41.05
C SER D 290 -18.86 0.55 -42.41
N LEU D 291 -19.83 1.47 -42.55
CA LEU D 291 -19.95 2.22 -43.79
C LEU D 291 -18.73 3.11 -44.02
N ASN D 292 -18.24 3.75 -42.96
CA ASN D 292 -17.07 4.62 -43.11
C ASN D 292 -15.84 3.83 -43.55
N ALA D 293 -15.70 2.59 -43.06
CA ALA D 293 -14.59 1.75 -43.51
C ALA D 293 -14.80 1.25 -44.93
N ARG D 294 -16.05 0.96 -45.30
CA ARG D 294 -16.35 0.41 -46.62
C ARG D 294 -16.03 1.39 -47.76
N MET D 295 -15.90 2.68 -47.46
CA MET D 295 -15.76 3.69 -48.49
C MET D 295 -14.48 3.50 -49.30
N ASN D 296 -14.53 3.93 -50.55
CA ASN D 296 -13.35 4.06 -51.39
C ASN D 296 -12.86 5.50 -51.35
N SER D 297 -11.76 5.77 -52.04
CA SER D 297 -11.26 7.14 -52.12
C SER D 297 -12.11 7.98 -53.07
N ASP D 298 -12.65 7.37 -54.12
CA ASP D 298 -13.50 8.11 -55.05
C ASP D 298 -14.91 8.29 -54.51
N GLN D 299 -15.43 7.30 -53.79
CA GLN D 299 -16.83 7.29 -53.39
C GLN D 299 -17.13 8.37 -52.37
N PHE D 300 -18.39 8.78 -52.34
CA PHE D 300 -18.89 9.86 -51.49
C PHE D 300 -20.09 9.34 -50.70
N ALA D 301 -20.08 9.59 -49.39
CA ALA D 301 -21.14 9.17 -48.51
C ALA D 301 -21.97 10.37 -48.05
N VAL D 302 -23.28 10.18 -47.98
CA VAL D 302 -24.21 11.21 -47.53
C VAL D 302 -25.40 10.50 -46.89
N ASN D 303 -26.02 11.15 -45.92
CA ASN D 303 -27.14 10.53 -45.21
C ASN D 303 -28.40 11.36 -45.36
N ILE D 304 -29.53 10.69 -45.12
CA ILE D 304 -30.83 11.35 -45.03
C ILE D 304 -31.61 10.73 -43.87
N THR D 305 -32.32 11.60 -43.15
CA THR D 305 -33.34 11.22 -42.20
C THR D 305 -34.66 11.14 -42.95
N GLY D 306 -35.16 9.92 -43.14
CA GLY D 306 -36.47 9.68 -43.69
C GLY D 306 -37.54 9.44 -42.63
N ASP D 307 -38.73 9.94 -42.93
CA ASP D 307 -39.92 9.75 -42.12
C ASP D 307 -41.07 9.55 -43.09
N ASN D 308 -41.96 8.62 -42.79
CA ASN D 308 -43.03 8.23 -43.71
C ASN D 308 -44.38 8.66 -43.16
N SER D 309 -45.21 9.20 -44.03
CA SER D 309 -46.57 9.60 -43.69
C SER D 309 -47.56 8.64 -44.33
N LYS D 310 -48.66 8.39 -43.61
CA LYS D 310 -49.70 7.46 -44.05
C LYS D 310 -49.11 6.08 -44.32
N TRP D 311 -48.11 5.71 -43.51
CA TRP D 311 -47.39 4.45 -43.68
C TRP D 311 -48.34 3.25 -43.60
N ASN D 312 -49.38 3.33 -42.77
CA ASN D 312 -50.30 2.22 -42.63
C ASN D 312 -51.33 2.20 -43.76
N GLU D 313 -51.84 3.36 -44.17
CA GLU D 313 -52.85 3.41 -45.22
C GLU D 313 -52.32 2.92 -46.56
N CYS D 314 -51.01 3.00 -46.79
CA CYS D 314 -50.44 2.57 -48.07
C CYS D 314 -50.25 1.06 -48.13
N GLN D 315 -49.77 0.45 -47.04
CA GLN D 315 -49.58 -0.99 -47.02
C GLN D 315 -50.92 -1.72 -47.09
N GLN D 316 -50.89 -2.92 -47.68
CA GLN D 316 -52.14 -3.62 -47.93
C GLN D 316 -52.04 -5.08 -47.48
N PRO D 317 -53.11 -5.62 -46.90
CA PRO D 317 -53.08 -7.02 -46.46
C PRO D 317 -53.04 -8.02 -47.59
N GLU D 318 -53.39 -7.61 -48.82
CA GLU D 318 -53.32 -8.51 -49.96
C GLU D 318 -51.87 -8.85 -50.27
N ALA D 319 -51.02 -7.82 -50.40
CA ALA D 319 -49.59 -8.05 -50.60
C ALA D 319 -48.98 -8.82 -49.44
N TYR D 320 -49.48 -8.60 -48.21
CA TYR D 320 -49.02 -9.39 -47.07
C TYR D 320 -49.44 -10.84 -47.19
N LEU D 321 -50.61 -11.10 -47.81
CA LEU D 321 -51.02 -12.47 -48.06
C LEU D 321 -50.09 -13.15 -49.05
N ALA D 322 -49.74 -12.45 -50.13
CA ALA D 322 -48.81 -13.01 -51.10
C ALA D 322 -47.43 -13.26 -50.46
N LEU D 323 -46.94 -12.29 -49.70
CA LEU D 323 -45.62 -12.44 -49.08
C LEU D 323 -45.60 -13.58 -48.06
N LEU D 324 -46.66 -13.68 -47.25
CA LEU D 324 -46.75 -14.77 -46.29
C LEU D 324 -46.83 -16.12 -47.00
N ALA D 325 -47.51 -16.16 -48.15
CA ALA D 325 -47.50 -17.39 -48.95
C ALA D 325 -46.10 -17.70 -49.47
N TYR D 326 -45.31 -16.67 -49.79
CA TYR D 326 -43.95 -16.92 -50.25
C TYR D 326 -43.05 -17.42 -49.14
N ILE D 327 -43.24 -16.91 -47.92
CA ILE D 327 -42.36 -17.28 -46.81
C ILE D 327 -42.65 -18.72 -46.36
N THR D 328 -43.93 -19.10 -46.34
CA THR D 328 -44.36 -20.40 -45.86
C THR D 328 -44.29 -21.49 -46.93
N LYS D 329 -43.75 -21.18 -48.10
CA LYS D 329 -43.73 -22.13 -49.22
C LYS D 329 -43.17 -23.48 -48.79
N ASP D 330 -41.96 -23.49 -48.21
CA ASP D 330 -41.26 -24.72 -47.87
C ASP D 330 -41.46 -25.17 -46.44
N SER D 331 -42.09 -24.34 -45.59
CA SER D 331 -42.01 -24.58 -44.16
C SER D 331 -42.87 -25.78 -43.74
N SER D 332 -44.18 -25.59 -43.73
CA SER D 332 -45.11 -26.71 -43.56
C SER D 332 -46.43 -26.32 -44.20
N ASP D 333 -47.11 -27.30 -44.78
CA ASP D 333 -48.47 -27.08 -45.25
C ASP D 333 -49.47 -27.06 -44.12
N LEU D 334 -49.05 -27.45 -42.92
CA LEU D 334 -49.94 -27.43 -41.76
C LEU D 334 -50.01 -26.04 -41.13
N MET D 335 -48.87 -25.35 -41.05
CA MET D 335 -48.82 -23.98 -40.54
C MET D 335 -48.98 -22.93 -41.64
N LYS D 336 -48.86 -23.32 -42.92
CA LYS D 336 -49.03 -22.34 -43.99
C LYS D 336 -50.48 -21.87 -44.09
N ASP D 337 -51.41 -22.81 -44.07
CA ASP D 337 -52.83 -22.45 -44.01
C ASP D 337 -53.14 -21.63 -42.77
N LEU D 338 -52.35 -21.79 -41.71
CA LEU D 338 -52.50 -20.97 -40.51
C LEU D 338 -51.84 -19.61 -40.65
N CYS D 339 -50.91 -19.45 -41.60
CA CYS D 339 -50.34 -18.14 -41.87
C CYS D 339 -51.24 -17.31 -42.78
N SER D 340 -51.84 -17.96 -43.80
CA SER D 340 -52.63 -17.23 -44.78
C SER D 340 -53.96 -16.72 -44.22
N VAL D 341 -54.41 -17.27 -43.09
CA VAL D 341 -55.71 -16.89 -42.54
C VAL D 341 -55.67 -15.50 -41.92
N ALA D 342 -54.54 -15.11 -41.35
CA ALA D 342 -54.47 -13.78 -40.73
C ALA D 342 -54.68 -12.64 -41.72
N PRO D 343 -54.02 -12.60 -42.88
CA PRO D 343 -54.26 -11.46 -43.79
C PRO D 343 -55.69 -11.39 -44.30
N VAL D 344 -56.30 -12.51 -44.69
CA VAL D 344 -57.59 -12.48 -45.36
C VAL D 344 -58.68 -11.87 -44.49
N LEU D 345 -58.49 -11.86 -43.17
CA LEU D 345 -59.43 -11.18 -42.29
C LEU D 345 -59.26 -9.66 -42.34
N PHE D 346 -58.08 -9.18 -42.74
CA PHE D 346 -57.90 -7.76 -43.04
C PHE D 346 -58.09 -7.43 -44.51
N CYS D 347 -58.18 -8.45 -45.39
CA CYS D 347 -58.51 -8.21 -46.78
C CYS D 347 -60.00 -8.01 -46.97
N ASN D 348 -60.82 -8.68 -46.16
CA ASN D 348 -62.21 -8.30 -45.95
C ASN D 348 -62.34 -7.91 -44.48
N LYS D 349 -62.46 -6.62 -44.22
CA LYS D 349 -62.49 -6.11 -42.87
C LYS D 349 -63.49 -4.96 -42.78
N PHE D 350 -64.13 -4.85 -41.63
CA PHE D 350 -65.16 -3.86 -41.39
C PHE D 350 -64.67 -2.86 -40.35
N VAL D 351 -64.95 -1.58 -40.59
CA VAL D 351 -64.44 -0.48 -39.79
C VAL D 351 -65.63 0.30 -39.24
N LYS D 352 -65.76 0.33 -37.91
CA LYS D 352 -66.84 1.05 -37.27
C LYS D 352 -66.66 2.55 -37.49
N LEU D 353 -67.76 3.24 -37.75
CA LEU D 353 -67.69 4.64 -38.19
C LEU D 353 -67.32 5.57 -37.04
N GLY D 354 -68.15 5.64 -36.01
CA GLY D 354 -67.82 6.45 -34.86
C GLY D 354 -69.07 6.91 -34.14
N GLN D 355 -68.89 8.01 -33.40
CA GLN D 355 -69.96 8.53 -32.55
C GLN D 355 -71.12 9.12 -33.36
N GLY D 356 -70.83 9.70 -34.52
CA GLY D 356 -71.84 10.31 -35.35
C GLY D 356 -71.79 11.83 -35.31
N ILE D 357 -72.85 12.43 -35.87
CA ILE D 357 -72.95 13.87 -36.08
C ILE D 357 -74.11 14.39 -35.23
N ARG D 358 -74.08 15.69 -34.95
CA ARG D 358 -75.14 16.33 -34.17
C ARG D 358 -75.77 17.47 -34.97
N LEU D 359 -77.08 17.63 -34.81
CA LEU D 359 -77.83 18.69 -35.44
C LEU D 359 -78.13 19.79 -34.44
N SER D 360 -78.09 21.03 -34.90
CA SER D 360 -78.42 22.17 -34.06
C SER D 360 -79.11 23.22 -34.92
N ASN D 361 -79.80 24.14 -34.25
CA ASN D 361 -80.34 25.32 -34.90
C ASN D 361 -79.39 26.49 -34.67
N LYS D 362 -79.74 27.65 -35.26
CA LYS D 362 -79.07 28.87 -34.84
C LYS D 362 -79.47 29.27 -33.44
N ARG D 363 -80.46 28.60 -32.86
CA ARG D 363 -80.96 28.92 -31.54
C ARG D 363 -80.07 28.37 -30.43
N LYS D 364 -79.23 27.37 -30.72
CA LYS D 364 -78.39 26.72 -29.73
C LYS D 364 -79.21 26.11 -28.60
N THR D 365 -80.48 25.82 -28.86
CA THR D 365 -81.40 25.27 -27.88
C THR D 365 -81.59 23.77 -28.08
N LYS D 366 -82.11 23.38 -29.23
CA LYS D 366 -82.38 21.98 -29.54
C LYS D 366 -81.20 21.37 -30.30
N GLU D 367 -80.80 20.17 -29.89
CA GLU D 367 -79.78 19.39 -30.57
C GLU D 367 -80.32 17.99 -30.83
N VAL D 368 -80.02 17.44 -32.01
CA VAL D 368 -80.49 16.11 -32.39
C VAL D 368 -79.28 15.24 -32.67
N ILE D 369 -79.08 14.23 -31.83
CA ILE D 369 -77.97 13.28 -31.99
C ILE D 369 -78.34 12.27 -33.06
N ILE D 370 -77.35 11.90 -33.89
CA ILE D 370 -77.55 10.89 -34.92
C ILE D 370 -76.56 9.75 -34.69
N LYS D 371 -77.04 8.52 -34.86
CA LYS D 371 -76.16 7.36 -34.86
C LYS D 371 -75.39 7.27 -36.17
N ALA D 372 -74.29 6.53 -36.14
CA ALA D 372 -73.55 6.25 -37.37
C ALA D 372 -74.39 5.46 -38.37
N GLU D 373 -75.44 4.79 -37.91
CA GLU D 373 -76.29 4.01 -38.81
C GLU D 373 -77.17 4.92 -39.66
N LYS D 374 -77.65 6.02 -39.07
CA LYS D 374 -78.71 6.83 -39.66
C LYS D 374 -78.20 8.00 -40.49
N MET D 375 -76.88 8.11 -40.70
CA MET D 375 -76.34 9.17 -41.55
C MET D 375 -77.05 9.21 -42.90
N GLY D 376 -77.13 8.06 -43.57
CA GLY D 376 -77.78 7.97 -44.87
C GLY D 376 -79.26 8.30 -44.85
N LYS D 377 -79.85 8.47 -43.65
CA LYS D 377 -81.20 9.00 -43.57
C LYS D 377 -81.21 10.51 -43.79
N TYR D 378 -80.31 11.23 -43.12
CA TYR D 378 -80.31 12.69 -43.18
C TYR D 378 -79.67 13.20 -44.46
N LYS D 379 -78.74 12.43 -45.02
CA LYS D 379 -78.15 12.72 -46.32
C LYS D 379 -77.71 14.17 -46.40
N ASN D 380 -78.26 14.90 -47.37
CA ASN D 380 -77.79 16.26 -47.66
C ASN D 380 -77.95 17.23 -46.51
N LEU D 381 -78.64 16.86 -45.42
CA LEU D 381 -78.78 17.78 -44.30
C LEU D 381 -77.43 18.20 -43.73
N MET D 382 -76.41 17.37 -43.89
CA MET D 382 -75.06 17.71 -43.46
C MET D 382 -74.43 18.72 -44.41
N ARG D 383 -73.37 19.38 -43.92
CA ARG D 383 -72.67 20.38 -44.71
C ARG D 383 -72.04 19.75 -45.95
N GLU D 384 -71.78 20.59 -46.96
CA GLU D 384 -71.34 20.10 -48.26
C GLU D 384 -70.05 19.29 -48.17
N GLU D 385 -69.17 19.63 -47.23
CA GLU D 385 -67.96 18.84 -47.04
C GLU D 385 -68.30 17.42 -46.60
N TYR D 386 -69.14 17.29 -45.57
CA TYR D 386 -69.62 15.99 -45.12
C TYR D 386 -70.26 15.21 -46.26
N LYS D 387 -71.02 15.89 -47.11
CA LYS D 387 -71.67 15.21 -48.23
C LYS D 387 -70.66 14.71 -49.24
N ASN D 388 -69.67 15.54 -49.59
CA ASN D 388 -68.67 15.15 -50.57
C ASN D 388 -67.84 13.98 -50.06
N LEU D 389 -67.52 13.96 -48.77
CA LEU D 389 -66.79 12.82 -48.22
C LEU D 389 -67.69 11.59 -48.10
N PHE D 390 -68.99 11.80 -47.87
CA PHE D 390 -69.88 10.69 -47.54
C PHE D 390 -70.37 9.94 -48.77
N GLU D 391 -70.71 10.65 -49.85
CA GLU D 391 -71.42 10.02 -50.97
C GLU D 391 -70.65 8.85 -51.60
N PRO D 392 -69.35 8.95 -51.89
CA PRO D 392 -68.66 7.78 -52.47
C PRO D 392 -68.62 6.59 -51.53
N LEU D 393 -68.58 6.82 -50.22
CA LEU D 393 -68.49 5.72 -49.26
C LEU D 393 -69.81 4.98 -49.08
N GLU D 394 -70.89 5.46 -49.68
CA GLU D 394 -72.16 4.73 -49.63
C GLU D 394 -72.08 3.41 -50.39
N LYS D 395 -71.16 3.29 -51.35
CA LYS D 395 -70.95 2.02 -52.03
C LYS D 395 -70.56 0.93 -51.04
N TYR D 396 -69.50 1.18 -50.27
CA TYR D 396 -68.93 0.21 -49.36
C TYR D 396 -69.56 0.26 -47.97
N ILE D 397 -70.58 1.08 -47.78
CA ILE D 397 -71.18 1.25 -46.46
C ILE D 397 -72.07 0.05 -46.14
N GLN D 398 -72.10 -0.29 -44.85
CA GLN D 398 -73.06 -1.21 -44.26
C GLN D 398 -73.83 -0.43 -43.20
N LYS D 399 -74.72 -1.13 -42.48
CA LYS D 399 -75.63 -0.46 -41.55
C LYS D 399 -74.86 0.37 -40.53
N ASP D 400 -74.02 -0.27 -39.73
CA ASP D 400 -73.22 0.42 -38.72
C ASP D 400 -71.78 0.69 -39.13
N VAL D 401 -71.33 0.18 -40.29
CA VAL D 401 -69.91 -0.08 -40.50
C VAL D 401 -69.56 0.11 -41.97
N CYS D 402 -68.28 0.39 -42.23
CA CYS D 402 -67.77 0.59 -43.59
C CYS D 402 -66.70 -0.43 -43.92
N PHE D 403 -66.84 -1.06 -45.07
CA PHE D 403 -65.99 -2.18 -45.50
C PHE D 403 -64.91 -1.67 -46.45
N LEU D 404 -63.64 -1.87 -46.09
CA LEU D 404 -62.57 -1.57 -47.02
C LEU D 404 -61.55 -2.71 -47.05
N PRO D 405 -61.14 -3.16 -48.24
CA PRO D 405 -60.14 -4.24 -48.34
C PRO D 405 -58.69 -3.82 -48.11
N GLY D 406 -58.31 -2.71 -48.74
CA GLY D 406 -56.90 -2.47 -49.03
C GLY D 406 -56.10 -1.78 -47.96
N GLY D 407 -56.73 -0.94 -47.16
CA GLY D 407 -56.02 -0.27 -46.10
C GLY D 407 -55.58 -1.25 -45.02
N MET D 408 -54.44 -0.93 -44.40
CA MET D 408 -53.93 -1.68 -43.27
C MET D 408 -54.12 -0.81 -42.02
N LEU D 409 -54.84 -1.34 -41.04
CA LEU D 409 -55.03 -0.59 -39.80
C LEU D 409 -53.69 -0.45 -39.09
N MET D 410 -53.54 0.65 -38.36
CA MET D 410 -52.24 1.02 -37.81
C MET D 410 -51.95 0.26 -36.53
N GLY D 411 -50.67 -0.08 -36.34
CA GLY D 411 -50.17 -0.63 -35.09
C GLY D 411 -50.18 -2.14 -35.00
N MET D 412 -51.01 -2.83 -35.79
CA MET D 412 -51.15 -4.28 -35.63
C MET D 412 -49.92 -5.02 -36.14
N PHE D 413 -49.53 -4.77 -37.39
CA PHE D 413 -48.55 -5.58 -38.11
C PHE D 413 -47.13 -5.02 -38.09
N ASN D 414 -46.85 -4.02 -37.23
CA ASN D 414 -45.63 -3.22 -37.31
C ASN D 414 -44.38 -4.05 -37.61
N MET D 415 -44.26 -5.21 -36.96
CA MET D 415 -43.15 -6.12 -37.23
C MET D 415 -43.01 -6.40 -38.73
N LEU D 416 -44.05 -6.98 -39.33
CA LEU D 416 -44.01 -7.29 -40.76
C LEU D 416 -43.78 -6.05 -41.61
N SER D 417 -44.27 -4.89 -41.14
CA SER D 417 -44.02 -3.64 -41.86
C SER D 417 -42.54 -3.35 -41.96
N THR D 418 -41.83 -3.42 -40.82
CA THR D 418 -40.38 -3.20 -40.86
C THR D 418 -39.67 -4.32 -41.60
N VAL D 419 -40.21 -5.55 -41.59
CA VAL D 419 -39.68 -6.59 -42.46
C VAL D 419 -39.70 -6.12 -43.91
N LEU D 420 -40.82 -5.51 -44.32
CA LEU D 420 -40.90 -4.95 -45.67
C LEU D 420 -39.84 -3.87 -45.88
N GLY D 421 -39.73 -2.93 -44.94
CA GLY D 421 -38.77 -1.85 -45.11
C GLY D 421 -37.34 -2.35 -45.26
N VAL D 422 -36.91 -3.22 -44.35
CA VAL D 422 -35.58 -3.81 -44.44
C VAL D 422 -35.43 -4.57 -45.75
N SER D 423 -36.51 -5.17 -46.25
CA SER D 423 -36.44 -5.80 -47.56
C SER D 423 -36.15 -4.79 -48.66
N THR D 424 -36.66 -3.56 -48.54
CA THR D 424 -36.33 -2.54 -49.53
C THR D 424 -34.88 -2.07 -49.37
N LEU D 425 -34.41 -1.89 -48.13
CA LEU D 425 -33.05 -1.40 -47.94
C LEU D 425 -31.99 -2.45 -48.26
N CYS D 426 -32.34 -3.73 -48.18
CA CYS D 426 -31.34 -4.79 -48.22
C CYS D 426 -30.60 -4.87 -49.55
N TYR D 427 -31.17 -4.36 -50.64
CA TYR D 427 -30.66 -4.65 -51.97
C TYR D 427 -29.82 -3.47 -52.48
N MET D 428 -28.51 -3.73 -52.59
CA MET D 428 -27.54 -2.84 -53.21
C MET D 428 -26.85 -3.54 -54.38
N ASP D 429 -26.27 -4.72 -54.12
CA ASP D 429 -25.72 -5.55 -55.18
C ASP D 429 -26.69 -5.74 -56.34
N GLU D 430 -27.99 -5.64 -56.08
CA GLU D 430 -28.99 -5.87 -57.10
C GLU D 430 -28.99 -4.71 -58.10
N GLU D 431 -29.85 -4.85 -59.11
CA GLU D 431 -30.05 -3.87 -60.19
C GLU D 431 -28.69 -3.65 -60.88
N LEU D 432 -28.28 -2.40 -61.10
CA LEU D 432 -27.10 -2.12 -61.89
C LEU D 432 -25.87 -1.98 -61.01
N LYS D 433 -24.72 -2.39 -61.54
CA LYS D 433 -23.47 -2.07 -60.86
C LYS D 433 -22.95 -0.80 -61.51
N ALA D 434 -23.66 0.27 -61.21
CA ALA D 434 -23.34 1.59 -61.69
C ALA D 434 -22.40 2.19 -60.68
N LYS D 435 -21.46 3.01 -61.17
CA LYS D 435 -20.44 3.56 -60.29
C LYS D 435 -21.08 4.23 -59.08
N GLY D 436 -20.63 3.83 -57.90
CA GLY D 436 -21.18 4.37 -56.67
C GLY D 436 -22.67 4.14 -56.52
N CYS D 437 -23.11 2.89 -56.56
CA CYS D 437 -24.49 2.57 -56.23
C CYS D 437 -24.45 1.88 -54.88
N PHE D 438 -24.74 2.63 -53.81
CA PHE D 438 -24.83 2.08 -52.46
C PHE D 438 -25.98 2.77 -51.72
N TRP D 439 -26.87 1.98 -51.12
CA TRP D 439 -27.75 2.52 -50.10
C TRP D 439 -28.03 1.47 -49.04
N THR D 440 -27.92 1.86 -47.77
CA THR D 440 -28.28 0.99 -46.65
C THR D 440 -28.51 1.87 -45.42
N GLY D 441 -29.26 1.34 -44.46
CA GLY D 441 -29.59 2.11 -43.29
C GLY D 441 -30.42 1.31 -42.30
N LEU D 442 -31.12 2.04 -41.43
CA LEU D 442 -31.95 1.42 -40.40
C LEU D 442 -33.42 1.78 -40.62
N GLN D 443 -34.31 0.91 -40.15
CA GLN D 443 -35.74 1.20 -40.26
C GLN D 443 -36.47 0.63 -39.05
N SER D 444 -37.37 1.43 -38.48
CA SER D 444 -38.32 0.97 -37.47
C SER D 444 -39.70 1.49 -37.87
N SER D 445 -40.60 0.56 -38.22
CA SER D 445 -41.94 0.88 -38.72
C SER D 445 -41.78 1.96 -39.79
N ASP D 446 -42.50 3.09 -39.68
CA ASP D 446 -42.44 4.12 -40.70
C ASP D 446 -41.07 4.80 -40.76
N ASP D 447 -40.44 5.01 -39.60
CA ASP D 447 -39.21 5.79 -39.57
C ASP D 447 -38.07 5.04 -40.24
N PHE D 448 -37.27 5.75 -41.05
CA PHE D 448 -36.08 5.08 -41.55
C PHE D 448 -34.96 6.09 -41.78
N VAL D 449 -33.73 5.64 -41.52
CA VAL D 449 -32.52 6.40 -41.76
C VAL D 449 -31.78 5.76 -42.92
N LEU D 450 -31.52 6.56 -43.96
CA LEU D 450 -30.93 6.05 -45.19
C LEU D 450 -29.54 6.64 -45.39
N PHE D 451 -28.55 5.77 -45.60
CA PHE D 451 -27.22 6.19 -46.03
C PHE D 451 -27.06 5.85 -47.50
N ALA D 452 -26.58 6.81 -48.27
CA ALA D 452 -26.40 6.67 -49.72
C ALA D 452 -24.97 7.03 -50.08
N VAL D 453 -24.34 6.18 -50.89
CA VAL D 453 -22.96 6.37 -51.34
C VAL D 453 -22.92 6.29 -52.85
N ALA D 454 -22.31 7.30 -53.47
CA ALA D 454 -22.15 7.40 -54.92
C ALA D 454 -20.83 8.06 -55.23
N SER D 455 -20.26 7.73 -56.41
CA SER D 455 -18.92 8.18 -56.76
C SER D 455 -18.83 9.69 -56.79
N ASN D 456 -19.74 10.35 -57.51
CA ASN D 456 -19.75 11.79 -57.65
C ASN D 456 -21.05 12.36 -57.10
N TRP D 457 -21.04 13.65 -56.79
CA TRP D 457 -22.19 14.25 -56.12
C TRP D 457 -23.44 14.21 -57.00
N SER D 458 -23.27 14.44 -58.31
CA SER D 458 -24.42 14.41 -59.21
C SER D 458 -25.10 13.04 -59.18
N ASN D 459 -24.31 11.97 -59.05
CA ASN D 459 -24.88 10.62 -59.01
C ASN D 459 -25.67 10.36 -57.74
N ILE D 460 -25.38 11.09 -56.65
CA ILE D 460 -26.05 10.85 -55.38
C ILE D 460 -27.56 11.08 -55.52
N HIS D 461 -27.93 12.20 -56.16
CA HIS D 461 -29.33 12.49 -56.41
C HIS D 461 -30.01 11.32 -57.13
N TRP D 462 -29.30 10.71 -58.08
CA TRP D 462 -29.85 9.59 -58.83
C TRP D 462 -30.02 8.35 -57.96
N THR D 463 -29.04 8.04 -57.11
CA THR D 463 -29.16 6.90 -56.21
C THR D 463 -30.34 7.07 -55.27
N ILE D 464 -30.37 8.18 -54.55
CA ILE D 464 -31.48 8.45 -53.62
C ILE D 464 -32.82 8.32 -54.33
N ARG D 465 -32.92 8.92 -55.52
CA ARG D 465 -34.20 8.86 -56.24
C ARG D 465 -34.57 7.43 -56.62
N ARG D 466 -33.59 6.61 -56.98
CA ARG D 466 -33.90 5.22 -57.30
C ARG D 466 -34.44 4.48 -56.08
N PHE D 467 -33.83 4.69 -54.91
CA PHE D 467 -34.30 3.98 -53.73
C PHE D 467 -35.67 4.47 -53.29
N ASN D 468 -35.96 5.77 -53.44
CA ASN D 468 -37.32 6.23 -53.22
C ASN D 468 -38.27 5.71 -54.29
N ALA D 469 -37.75 5.35 -55.47
CA ALA D 469 -38.59 4.81 -56.52
C ALA D 469 -39.02 3.39 -56.23
N VAL D 470 -38.12 2.56 -55.69
CA VAL D 470 -38.53 1.22 -55.29
C VAL D 470 -39.40 1.27 -54.04
N CYS D 471 -39.05 2.14 -53.09
CA CYS D 471 -39.90 2.32 -51.91
C CYS D 471 -41.32 2.64 -52.32
N LYS D 472 -41.51 3.69 -53.13
CA LYS D 472 -42.85 3.98 -53.64
C LYS D 472 -43.35 2.91 -54.61
N LEU D 473 -42.47 2.02 -55.07
CA LEU D 473 -42.92 0.96 -55.96
C LEU D 473 -43.73 -0.09 -55.20
N ILE D 474 -43.29 -0.46 -54.00
CA ILE D 474 -44.08 -1.39 -53.20
C ILE D 474 -44.99 -0.70 -52.20
N GLY D 475 -45.06 0.62 -52.21
CA GLY D 475 -45.97 1.34 -51.34
C GLY D 475 -45.37 1.99 -50.11
N ILE D 476 -44.04 2.10 -50.03
CA ILE D 476 -43.38 2.83 -48.96
C ILE D 476 -43.16 4.26 -49.46
N ASN D 477 -43.87 5.21 -48.87
CA ASN D 477 -43.87 6.59 -49.35
C ASN D 477 -43.10 7.45 -48.36
N MET D 478 -41.92 7.90 -48.76
CA MET D 478 -41.19 8.87 -47.97
C MET D 478 -41.97 10.17 -47.93
N SER D 479 -41.91 10.87 -46.81
CA SER D 479 -42.58 12.16 -46.67
C SER D 479 -41.66 13.24 -47.19
N LEU D 480 -42.10 13.91 -48.25
CA LEU D 480 -41.24 14.88 -48.91
C LEU D 480 -41.16 16.15 -48.08
N GLU D 481 -42.17 16.39 -47.25
CA GLU D 481 -42.18 17.53 -46.35
C GLU D 481 -41.31 17.28 -45.12
N LYS D 482 -41.44 16.11 -44.50
CA LYS D 482 -40.78 15.85 -43.22
C LYS D 482 -39.32 15.45 -43.37
N SER D 483 -38.96 14.72 -44.43
CA SER D 483 -37.62 14.15 -44.54
C SER D 483 -36.60 15.21 -44.91
N TYR D 484 -35.34 14.96 -44.53
CA TYR D 484 -34.26 15.88 -44.86
C TYR D 484 -32.95 15.12 -44.79
N GLY D 485 -31.91 15.66 -45.42
CA GLY D 485 -30.62 14.97 -45.44
C GLY D 485 -29.44 15.90 -45.55
N SER D 486 -28.27 15.38 -45.19
CA SER D 486 -27.04 16.17 -45.15
C SER D 486 -25.83 15.23 -45.17
N LEU D 487 -24.64 15.81 -45.00
CA LEU D 487 -23.42 15.03 -44.85
C LEU D 487 -23.55 14.11 -43.63
N PRO D 488 -22.79 12.99 -43.60
CA PRO D 488 -23.06 11.92 -42.62
C PRO D 488 -23.21 12.32 -41.15
N GLU D 489 -22.70 13.48 -40.73
CA GLU D 489 -22.63 13.76 -39.30
C GLU D 489 -24.00 14.00 -38.67
N LEU D 490 -24.94 14.60 -39.40
CA LEU D 490 -26.23 15.01 -38.84
C LEU D 490 -27.36 14.13 -39.36
N PHE D 491 -28.18 13.62 -38.43
CA PHE D 491 -29.44 12.96 -38.72
C PHE D 491 -30.11 12.58 -37.41
N GLU D 492 -31.42 12.27 -37.49
CA GLU D 492 -32.24 11.94 -36.33
C GLU D 492 -32.97 10.62 -36.56
N PHE D 493 -33.05 9.80 -35.52
CA PHE D 493 -33.83 8.56 -35.56
C PHE D 493 -34.66 8.45 -34.29
N THR D 494 -35.98 8.54 -34.42
CA THR D 494 -36.92 8.35 -33.32
C THR D 494 -36.53 9.19 -32.10
N SER D 495 -36.40 10.50 -32.33
CA SER D 495 -35.99 11.47 -31.33
C SER D 495 -34.56 11.23 -30.85
N MET D 496 -33.74 10.57 -31.65
CA MET D 496 -32.31 10.41 -31.36
C MET D 496 -31.51 11.15 -32.42
N PHE D 497 -30.90 12.27 -32.02
CA PHE D 497 -30.14 13.14 -32.92
C PHE D 497 -28.66 12.83 -32.81
N PHE D 498 -27.99 12.74 -33.96
CA PHE D 498 -26.63 12.24 -34.00
C PHE D 498 -25.65 13.31 -34.44
N ASP D 499 -24.42 13.16 -33.95
CA ASP D 499 -23.27 14.00 -34.23
C ASP D 499 -22.05 13.15 -33.95
N GLY D 500 -20.87 13.78 -33.83
CA GLY D 500 -19.78 13.12 -33.15
C GLY D 500 -20.19 12.61 -31.78
N GLU D 501 -21.08 13.35 -31.10
CA GLU D 501 -21.65 12.95 -29.83
C GLU D 501 -22.95 12.16 -30.05
N PHE D 502 -23.59 11.76 -28.96
CA PHE D 502 -24.80 10.94 -29.04
C PHE D 502 -25.90 11.52 -28.17
N VAL D 503 -26.85 12.22 -28.82
CA VAL D 503 -28.25 12.43 -28.43
C VAL D 503 -28.50 12.52 -26.92
N SER D 504 -27.96 13.53 -26.25
CA SER D 504 -28.22 13.58 -24.81
C SER D 504 -29.56 14.26 -24.63
N ASN D 505 -30.58 13.48 -24.25
CA ASN D 505 -31.91 14.02 -23.99
C ASN D 505 -32.60 13.20 -22.92
N LEU D 506 -33.21 13.87 -21.95
CA LEU D 506 -34.06 13.24 -20.96
C LEU D 506 -35.55 13.38 -21.31
N ALA D 507 -35.87 14.09 -22.40
CA ALA D 507 -37.25 14.41 -22.73
C ALA D 507 -38.12 13.19 -22.95
N MET D 508 -37.52 12.05 -23.31
CA MET D 508 -38.30 10.85 -23.57
C MET D 508 -38.92 10.29 -22.29
N GLU D 509 -38.12 10.19 -21.23
CA GLU D 509 -38.47 9.44 -20.04
C GLU D 509 -39.07 10.29 -18.93
N LEU D 510 -39.34 11.57 -19.18
CA LEU D 510 -39.81 12.50 -18.15
C LEU D 510 -41.00 11.98 -17.33
N PRO D 511 -42.14 11.66 -17.95
CA PRO D 511 -43.34 11.39 -17.13
C PRO D 511 -43.22 10.19 -16.22
N ALA D 512 -42.30 9.27 -16.50
CA ALA D 512 -42.13 8.09 -15.66
C ALA D 512 -41.38 8.38 -14.36
N PHE D 513 -40.75 9.56 -14.24
CA PHE D 513 -40.01 9.86 -13.02
C PHE D 513 -40.94 9.98 -11.81
N THR D 514 -42.16 10.44 -12.03
CA THR D 514 -43.11 10.62 -10.94
C THR D 514 -43.52 9.27 -10.34
N THR D 515 -44.10 9.34 -9.15
CA THR D 515 -44.40 8.17 -8.32
C THR D 515 -45.11 7.08 -9.12
N ALA D 516 -44.73 5.82 -8.87
CA ALA D 516 -45.31 4.71 -9.62
C ALA D 516 -46.73 4.39 -9.18
N GLY D 517 -47.05 4.61 -7.90
CA GLY D 517 -48.43 4.57 -7.44
C GLY D 517 -48.95 3.25 -6.93
N VAL D 518 -48.09 2.30 -6.60
CA VAL D 518 -48.55 1.02 -6.07
C VAL D 518 -48.62 1.09 -4.55
N ASN D 519 -47.47 1.20 -3.90
CA ASN D 519 -47.42 1.49 -2.48
C ASN D 519 -46.08 2.16 -2.18
N GLU D 520 -45.89 2.55 -0.91
CA GLU D 520 -44.88 3.55 -0.58
C GLU D 520 -43.47 3.07 -0.87
N GLY D 521 -43.08 1.94 -0.25
CA GLY D 521 -41.73 1.44 -0.44
C GLY D 521 -41.43 1.12 -1.89
N VAL D 522 -42.37 0.44 -2.56
CA VAL D 522 -42.20 0.11 -3.97
C VAL D 522 -42.15 1.37 -4.82
N ASP D 523 -42.93 2.39 -4.44
CA ASP D 523 -42.93 3.63 -5.19
C ASP D 523 -41.57 4.31 -5.14
N PHE D 524 -41.03 4.50 -3.93
CA PHE D 524 -39.78 5.25 -3.83
C PHE D 524 -38.60 4.43 -4.36
N THR D 525 -38.48 3.16 -3.95
CA THR D 525 -37.36 2.35 -4.43
C THR D 525 -37.42 2.19 -5.94
N ALA D 526 -38.62 1.96 -6.50
CA ALA D 526 -38.76 1.86 -7.94
C ALA D 526 -38.38 3.16 -8.63
N ALA D 527 -38.77 4.30 -8.04
CA ALA D 527 -38.37 5.59 -8.61
C ALA D 527 -36.85 5.73 -8.59
N MET D 528 -36.20 5.31 -7.52
CA MET D 528 -34.75 5.36 -7.44
C MET D 528 -34.11 4.54 -8.56
N SER D 529 -34.53 3.28 -8.70
CA SER D 529 -33.98 2.44 -9.76
C SER D 529 -34.27 3.02 -11.15
N ILE D 530 -35.40 3.72 -11.29
CA ILE D 530 -35.67 4.42 -12.56
C ILE D 530 -34.64 5.51 -12.80
N ILE D 531 -34.32 6.29 -11.77
CA ILE D 531 -33.30 7.33 -11.90
C ILE D 531 -31.96 6.70 -12.27
N LYS D 532 -31.64 5.55 -11.67
CA LYS D 532 -30.42 4.83 -12.03
C LYS D 532 -30.41 4.46 -13.51
N THR D 533 -31.38 3.64 -13.94
CA THR D 533 -31.41 3.16 -15.32
C THR D 533 -31.39 4.29 -16.32
N ASN D 534 -32.18 5.34 -16.07
CA ASN D 534 -32.13 6.52 -16.93
C ASN D 534 -30.74 7.13 -16.93
N MET D 535 -30.07 7.15 -15.77
CA MET D 535 -28.75 7.76 -15.67
C MET D 535 -27.73 6.99 -16.51
N ILE D 536 -27.86 5.66 -16.57
CA ILE D 536 -26.93 4.86 -17.35
C ILE D 536 -27.23 4.96 -18.84
N ASN D 537 -28.50 4.80 -19.22
CA ASN D 537 -28.87 4.72 -20.63
C ASN D 537 -29.03 6.11 -21.26
N ASN D 538 -30.02 6.87 -20.79
CA ASN D 538 -30.30 8.19 -21.35
C ASN D 538 -29.17 9.18 -21.11
N SER D 539 -28.21 8.84 -20.26
CA SER D 539 -26.98 9.63 -20.09
C SER D 539 -27.27 11.02 -19.53
N LEU D 540 -28.12 11.09 -18.51
CA LEU D 540 -28.24 12.32 -17.74
C LEU D 540 -27.12 12.42 -16.71
N SER D 541 -26.81 13.65 -16.34
CA SER D 541 -25.69 13.97 -15.47
C SER D 541 -26.08 13.79 -14.00
N PRO D 542 -25.09 13.68 -13.10
CA PRO D 542 -25.42 13.28 -11.72
C PRO D 542 -26.23 14.30 -10.94
N SER D 543 -25.93 15.59 -11.06
CA SER D 543 -26.71 16.59 -10.35
C SER D 543 -28.15 16.63 -10.84
N THR D 544 -28.36 16.33 -12.12
CA THR D 544 -29.72 16.15 -12.64
C THR D 544 -30.44 15.04 -11.91
N ALA D 545 -29.76 13.92 -11.69
CA ALA D 545 -30.37 12.79 -11.00
C ALA D 545 -30.55 13.08 -9.52
N LEU D 546 -29.72 13.94 -8.94
CA LEU D 546 -29.89 14.32 -7.54
C LEU D 546 -31.12 15.19 -7.37
N MET D 547 -31.27 16.22 -8.21
CA MET D 547 -32.49 17.02 -8.19
C MET D 547 -33.71 16.16 -8.52
N ALA D 548 -33.53 15.14 -9.37
CA ALA D 548 -34.62 14.20 -9.62
C ALA D 548 -34.96 13.41 -8.36
N LEU D 549 -33.95 13.04 -7.58
CA LEU D 549 -34.21 12.36 -6.31
C LEU D 549 -35.00 13.24 -5.36
N ARG D 550 -34.58 14.51 -5.22
CA ARG D 550 -35.28 15.40 -4.32
C ARG D 550 -36.71 15.68 -4.79
N ILE D 551 -36.90 15.81 -6.10
CA ILE D 551 -38.23 16.06 -6.64
C ILE D 551 -39.13 14.85 -6.38
N CYS D 552 -38.65 13.65 -6.73
CA CYS D 552 -39.42 12.44 -6.48
C CYS D 552 -39.70 12.26 -5.00
N LEU D 553 -38.81 12.75 -4.14
CA LEU D 553 -39.04 12.66 -2.70
C LEU D 553 -40.12 13.63 -2.24
N GLN D 554 -40.12 14.85 -2.79
CA GLN D 554 -41.12 15.83 -2.39
C GLN D 554 -42.50 15.42 -2.89
N GLU D 555 -42.60 15.01 -4.16
CA GLU D 555 -43.86 14.53 -4.70
C GLU D 555 -44.29 13.22 -4.05
N PHE D 556 -43.33 12.42 -3.59
CA PHE D 556 -43.65 11.24 -2.81
C PHE D 556 -44.29 11.62 -1.49
N ARG D 557 -43.67 12.56 -0.76
CA ARG D 557 -44.18 12.99 0.53
C ARG D 557 -45.55 13.63 0.40
N ALA D 558 -45.76 14.43 -0.65
CA ALA D 558 -47.07 15.04 -0.85
C ALA D 558 -48.11 14.01 -1.28
N THR D 559 -47.74 13.11 -2.19
CA THR D 559 -48.66 12.08 -2.64
C THR D 559 -49.14 11.21 -1.49
N TYR D 560 -48.23 10.80 -0.61
CA TYR D 560 -48.57 9.95 0.52
C TYR D 560 -48.79 10.75 1.81
N ARG D 561 -48.71 12.08 1.75
CA ARG D 561 -49.10 12.95 2.86
C ARG D 561 -48.25 12.68 4.11
N VAL D 562 -46.94 12.63 3.92
CA VAL D 562 -45.99 12.45 5.01
C VAL D 562 -44.93 13.53 4.91
N HIS D 563 -44.34 13.90 6.05
CA HIS D 563 -43.32 14.93 6.08
C HIS D 563 -42.32 14.59 7.18
N PRO D 564 -41.08 15.10 7.09
CA PRO D 564 -40.06 14.76 8.08
C PRO D 564 -40.45 15.17 9.49
N TRP D 565 -39.77 14.55 10.47
CA TRP D 565 -40.06 14.83 11.88
C TRP D 565 -39.68 16.25 12.25
N ASP D 566 -38.54 16.74 11.73
CA ASP D 566 -38.12 18.10 12.03
C ASP D 566 -38.91 19.16 11.27
N SER D 567 -39.75 18.75 10.33
CA SER D 567 -40.61 19.69 9.62
C SER D 567 -41.68 20.24 10.56
N ARG D 568 -41.88 21.56 10.50
CA ARG D 568 -42.93 22.20 11.29
C ARG D 568 -44.33 21.78 10.87
N VAL D 569 -44.46 21.15 9.69
CA VAL D 569 -45.79 20.87 9.14
C VAL D 569 -46.57 19.97 10.08
N LYS D 570 -47.78 20.40 10.41
CA LYS D 570 -48.68 19.66 11.28
C LYS D 570 -49.83 19.07 10.46
N GLY D 571 -50.20 17.85 10.78
CA GLY D 571 -51.28 17.19 10.06
C GLY D 571 -51.73 15.95 10.79
N GLY D 572 -52.51 15.13 10.07
CA GLY D 572 -53.00 13.90 10.63
C GLY D 572 -51.92 12.89 10.94
N ARG D 573 -51.11 12.55 9.93
CA ARG D 573 -50.04 11.58 10.14
C ARG D 573 -48.90 12.17 10.95
N MET D 574 -48.73 13.49 10.90
CA MET D 574 -47.66 14.13 11.65
C MET D 574 -47.95 14.21 13.14
N LYS D 575 -49.24 14.30 13.51
CA LYS D 575 -49.60 14.39 14.92
C LYS D 575 -49.12 13.18 15.70
N ILE D 576 -49.13 12.01 15.07
CA ILE D 576 -48.53 10.82 15.70
C ILE D 576 -47.03 11.00 15.83
N ILE D 577 -46.39 11.56 14.80
CA ILE D 577 -44.95 11.74 14.82
C ILE D 577 -44.53 12.68 15.94
N ASN D 578 -45.43 13.58 16.36
CA ASN D 578 -45.11 14.48 17.46
C ASN D 578 -44.79 13.69 18.74
N GLU D 579 -45.55 12.64 19.03
CA GLU D 579 -45.20 11.76 20.15
C GLU D 579 -44.16 10.72 19.77
N PHE D 580 -44.01 10.43 18.48
CA PHE D 580 -43.03 9.43 18.03
C PHE D 580 -41.60 9.89 18.26
N ILE D 581 -41.34 11.19 18.13
CA ILE D 581 -39.97 11.69 17.99
C ILE D 581 -39.14 11.39 19.23
N LYS D 582 -39.69 11.68 20.41
CA LYS D 582 -38.88 11.64 21.63
C LYS D 582 -38.35 10.24 21.93
N THR D 583 -39.05 9.20 21.48
CA THR D 583 -38.66 7.83 21.84
C THR D 583 -37.41 7.38 21.10
N ILE D 584 -37.39 7.55 19.78
CA ILE D 584 -36.35 6.97 18.95
C ILE D 584 -35.06 7.76 19.09
N GLU D 585 -33.94 7.06 19.29
CA GLU D 585 -32.65 7.72 19.46
C GLU D 585 -32.10 8.24 18.13
N ASN D 586 -32.10 7.39 17.10
CA ASN D 586 -31.58 7.78 15.78
C ASN D 586 -32.78 8.12 14.91
N LYS D 587 -32.98 9.42 14.69
CA LYS D 587 -34.15 9.89 13.97
C LYS D 587 -33.88 10.08 12.48
N ASP D 588 -32.62 9.97 12.05
CA ASP D 588 -32.29 9.97 10.64
C ASP D 588 -32.54 8.60 10.02
N GLY D 589 -32.27 7.53 10.76
CA GLY D 589 -32.51 6.18 10.28
C GLY D 589 -33.95 5.79 10.11
N LEU D 590 -34.88 6.67 10.48
CA LEU D 590 -36.29 6.39 10.29
C LEU D 590 -36.64 6.35 8.81
N LEU D 591 -37.58 5.48 8.45
CA LEU D 591 -38.07 5.42 7.09
C LEU D 591 -38.76 6.73 6.71
N ILE D 592 -38.74 7.05 5.42
CA ILE D 592 -39.32 8.30 4.94
C ILE D 592 -40.82 8.32 5.21
N ALA D 593 -41.50 7.19 4.98
CA ALA D 593 -42.95 7.15 5.16
C ALA D 593 -43.35 7.21 6.63
N ASP D 594 -42.44 6.92 7.55
CA ASP D 594 -42.67 7.12 8.97
C ASP D 594 -42.19 8.48 9.44
N GLY D 595 -41.76 9.35 8.52
CA GLY D 595 -41.27 10.66 8.87
C GLY D 595 -39.78 10.86 8.84
N GLY D 596 -39.02 9.95 8.22
CA GLY D 596 -37.58 10.07 8.23
C GLY D 596 -37.06 10.91 7.07
N LYS D 597 -35.91 11.54 7.31
CA LYS D 597 -35.21 12.32 6.30
C LYS D 597 -34.46 11.41 5.33
N LEU D 598 -34.16 11.95 4.15
CA LEU D 598 -33.59 11.16 3.07
C LEU D 598 -32.16 10.73 3.38
N MET D 599 -31.92 9.42 3.44
CA MET D 599 -30.57 8.89 3.59
C MET D 599 -29.95 8.42 2.27
N ASN D 600 -30.75 8.25 1.21
CA ASN D 600 -30.23 7.72 -0.04
C ASN D 600 -29.61 8.81 -0.91
N ASN D 601 -28.69 8.41 -1.76
CA ASN D 601 -28.05 9.36 -2.67
C ASN D 601 -27.68 8.64 -3.97
N ILE D 602 -26.91 9.32 -4.83
CA ILE D 602 -26.58 8.78 -6.14
C ILE D 602 -25.80 7.47 -6.00
N SER D 603 -24.90 7.40 -5.02
CA SER D 603 -24.13 6.18 -4.81
C SER D 603 -25.01 5.05 -4.29
N THR D 604 -26.06 5.38 -3.55
CA THR D 604 -26.91 4.38 -2.90
C THR D 604 -28.15 4.03 -3.71
N LEU D 605 -28.27 4.55 -4.95
CA LEU D 605 -29.51 4.38 -5.71
C LEU D 605 -29.87 2.91 -5.90
N HIS D 606 -28.88 2.05 -6.10
CA HIS D 606 -29.16 0.63 -6.21
C HIS D 606 -29.71 0.04 -4.92
N ILE D 607 -29.43 0.67 -3.79
CA ILE D 607 -29.78 0.15 -2.48
C ILE D 607 -31.14 0.70 -2.08
N PRO D 608 -32.14 -0.14 -1.81
CA PRO D 608 -33.42 0.36 -1.33
C PRO D 608 -33.27 1.06 0.02
N GLU D 609 -34.15 2.04 0.26
CA GLU D 609 -34.03 2.86 1.47
C GLU D 609 -34.11 2.03 2.73
N GLU D 610 -34.90 0.94 2.72
CA GLU D 610 -35.01 0.11 3.91
C GLU D 610 -33.68 -0.53 4.27
N VAL D 611 -32.91 -0.95 3.27
CA VAL D 611 -31.61 -1.56 3.53
C VAL D 611 -30.63 -0.54 4.09
N LEU D 612 -30.51 0.61 3.42
CA LEU D 612 -29.54 1.62 3.84
C LEU D 612 -29.87 2.17 5.22
N LYS D 613 -31.15 2.32 5.53
CA LYS D 613 -31.53 2.79 6.85
C LYS D 613 -31.55 1.68 7.90
N PHE D 614 -31.52 0.42 7.48
CA PHE D 614 -31.80 -0.69 8.40
C PHE D 614 -30.78 -0.78 9.52
N GLU D 615 -29.49 -0.64 9.19
CA GLU D 615 -28.46 -0.82 10.20
C GLU D 615 -28.54 0.25 11.28
N LYS D 616 -28.88 1.48 10.90
CA LYS D 616 -28.95 2.59 11.82
C LYS D 616 -30.31 2.73 12.52
N MET D 617 -31.26 1.86 12.20
CA MET D 617 -32.56 1.91 12.85
C MET D 617 -32.45 1.57 14.33
N ASP D 618 -33.38 2.09 15.12
CA ASP D 618 -33.52 1.65 16.49
C ASP D 618 -34.12 0.25 16.53
N GLU D 619 -33.69 -0.54 17.51
CA GLU D 619 -34.08 -1.94 17.55
C GLU D 619 -35.59 -2.10 17.69
N GLN D 620 -36.20 -1.32 18.59
CA GLN D 620 -37.66 -1.32 18.70
C GLN D 620 -38.31 -1.01 17.37
N TYR D 621 -37.86 0.07 16.73
CA TYR D 621 -38.39 0.45 15.42
C TYR D 621 -38.29 -0.70 14.42
N ARG D 622 -37.07 -1.14 14.12
CA ARG D 622 -36.87 -2.15 13.09
C ARG D 622 -37.65 -3.43 13.39
N ASN D 623 -37.77 -3.79 14.67
CA ASN D 623 -38.51 -5.00 15.01
C ASN D 623 -40.00 -4.82 14.78
N ARG D 624 -40.56 -3.68 15.21
CA ARG D 624 -41.99 -3.47 15.10
C ARG D 624 -42.44 -3.26 13.66
N VAL D 625 -41.60 -2.62 12.84
CA VAL D 625 -42.05 -2.20 11.52
C VAL D 625 -42.06 -3.36 10.52
N PHE D 626 -41.14 -4.31 10.64
CA PHE D 626 -40.93 -5.30 9.59
C PHE D 626 -41.68 -6.62 9.82
N ASN D 627 -42.52 -6.71 10.85
CA ASN D 627 -43.18 -7.97 11.15
C ASN D 627 -44.08 -8.43 10.01
N PRO D 628 -43.97 -9.68 9.56
CA PRO D 628 -44.81 -10.14 8.44
C PRO D 628 -46.28 -10.29 8.78
N LYS D 629 -46.64 -10.44 10.06
CA LYS D 629 -48.02 -10.66 10.46
C LYS D 629 -48.89 -9.41 10.31
N ASN D 630 -48.31 -8.30 9.88
CA ASN D 630 -49.00 -7.02 9.86
C ASN D 630 -50.34 -7.13 9.13
N PRO D 631 -51.38 -6.44 9.60
CA PRO D 631 -52.65 -6.44 8.86
C PRO D 631 -52.60 -5.65 7.56
N PHE D 632 -51.65 -4.72 7.41
CA PHE D 632 -51.66 -3.81 6.29
C PHE D 632 -51.10 -4.45 5.02
N GLU D 654 -36.86 -4.31 -8.23
CA GLU D 654 -36.58 -4.69 -6.86
C GLU D 654 -37.54 -4.00 -5.91
N ALA D 655 -38.18 -4.77 -5.03
CA ALA D 655 -39.20 -4.22 -4.12
C ALA D 655 -39.00 -4.80 -2.72
N VAL D 656 -39.06 -3.92 -1.73
CA VAL D 656 -39.03 -4.32 -0.32
C VAL D 656 -40.45 -4.27 0.22
N VAL D 657 -40.86 -5.34 0.89
CA VAL D 657 -42.25 -5.44 1.34
C VAL D 657 -42.48 -4.61 2.60
N SER D 658 -41.59 -4.74 3.58
CA SER D 658 -41.65 -3.96 4.85
C SER D 658 -43.01 -4.21 5.51
N THR D 659 -43.65 -3.19 6.07
CA THR D 659 -45.07 -3.23 6.41
C THR D 659 -45.96 -2.40 5.49
N HIS D 660 -45.40 -1.65 4.53
CA HIS D 660 -46.11 -0.53 3.93
C HIS D 660 -46.93 -0.88 2.70
N SER D 661 -46.85 -2.10 2.18
CA SER D 661 -47.53 -2.43 0.94
C SER D 661 -48.99 -2.77 1.19
N PHE D 662 -49.88 -2.14 0.42
CA PHE D 662 -51.32 -2.35 0.53
C PHE D 662 -51.95 -2.33 -0.87
N ARG D 663 -53.23 -2.71 -0.92
CA ARG D 663 -53.98 -2.73 -2.17
C ARG D 663 -54.92 -1.53 -2.24
N THR D 664 -55.09 -0.99 -3.44
CA THR D 664 -55.93 0.18 -3.65
C THR D 664 -57.34 -0.24 -4.06
N ARG D 665 -58.33 0.40 -3.45
CA ARG D 665 -59.71 0.09 -3.79
C ARG D 665 -60.08 0.66 -5.15
N ALA D 666 -60.84 -0.10 -5.93
CA ALA D 666 -61.35 0.40 -7.19
C ALA D 666 -62.47 1.39 -6.94
N ASN D 667 -62.62 2.35 -7.85
CA ASN D 667 -63.75 3.28 -7.82
C ASN D 667 -65.09 2.56 -7.89
N ARG D 668 -66.14 3.27 -7.49
CA ARG D 668 -67.47 2.89 -7.92
C ARG D 668 -67.74 3.63 -9.22
N THR D 669 -67.52 2.93 -10.35
CA THR D 669 -67.92 3.36 -11.67
C THR D 669 -68.46 2.16 -12.44
N LEU D 670 -67.55 1.21 -12.71
CA LEU D 670 -67.90 0.00 -13.46
C LEU D 670 -68.95 -0.83 -12.74
N LEU D 671 -69.03 -0.72 -11.42
CA LEU D 671 -69.98 -1.52 -10.65
C LEU D 671 -71.41 -1.01 -10.80
N ASN D 672 -71.61 0.26 -11.13
CA ASN D 672 -72.95 0.82 -11.21
C ASN D 672 -73.65 0.48 -12.52
N THR D 673 -72.91 0.45 -13.63
CA THR D 673 -73.47 0.13 -14.93
C THR D 673 -73.71 -1.38 -15.05
N ASP D 674 -74.14 -1.84 -16.23
CA ASP D 674 -74.35 -3.27 -16.44
C ASP D 674 -73.05 -4.04 -16.40
N MET D 675 -71.91 -3.33 -16.54
CA MET D 675 -70.63 -4.01 -16.57
C MET D 675 -70.49 -4.95 -15.40
N ARG D 676 -71.04 -4.59 -14.23
CA ARG D 676 -71.09 -5.49 -13.10
C ARG D 676 -72.00 -6.69 -13.36
N ALA D 677 -73.18 -6.45 -13.94
CA ALA D 677 -74.07 -7.55 -14.29
C ALA D 677 -73.39 -8.53 -15.23
N MET D 678 -72.38 -8.08 -15.98
CA MET D 678 -71.51 -9.00 -16.70
C MET D 678 -70.46 -9.60 -15.77
N MET D 679 -69.94 -8.80 -14.83
CA MET D 679 -68.90 -9.25 -13.91
C MET D 679 -69.37 -10.36 -12.99
N ALA D 680 -70.68 -10.61 -12.92
CA ALA D 680 -71.19 -11.69 -12.08
C ALA D 680 -70.56 -13.02 -12.43
N GLU D 681 -70.06 -13.16 -13.67
CA GLU D 681 -69.29 -14.34 -14.04
C GLU D 681 -67.88 -14.28 -13.49
N GLU D 682 -67.23 -13.11 -13.64
CA GLU D 682 -65.84 -12.97 -13.22
C GLU D 682 -65.69 -13.20 -11.71
N LYS D 683 -66.67 -12.74 -10.93
CA LYS D 683 -66.64 -13.02 -9.49
C LYS D 683 -66.77 -14.52 -9.22
N ARG D 684 -67.56 -15.21 -10.04
CA ARG D 684 -67.68 -16.65 -9.89
C ARG D 684 -66.36 -17.34 -10.20
N TYR D 685 -65.56 -16.79 -11.11
CA TYR D 685 -64.17 -17.24 -11.21
C TYR D 685 -63.38 -16.87 -9.96
N GLN D 686 -63.72 -15.74 -9.35
CA GLN D 686 -62.95 -15.19 -8.23
C GLN D 686 -62.93 -16.16 -7.06
N MET D 687 -64.11 -16.42 -6.48
CA MET D 687 -64.14 -17.28 -5.30
C MET D 687 -63.53 -18.65 -5.59
N VAL D 688 -63.56 -19.09 -6.85
CA VAL D 688 -62.92 -20.35 -7.24
C VAL D 688 -61.41 -20.24 -7.11
N CYS D 689 -60.81 -19.25 -7.77
CA CYS D 689 -59.35 -19.11 -7.72
C CYS D 689 -58.86 -18.85 -6.30
N ASP D 690 -59.58 -18.00 -5.56
CA ASP D 690 -59.22 -17.75 -4.17
C ASP D 690 -59.29 -19.03 -3.35
N MET D 691 -60.31 -19.86 -3.60
CA MET D 691 -60.43 -21.13 -2.89
C MET D 691 -59.24 -22.04 -3.17
N PHE D 692 -58.92 -22.22 -4.46
CA PHE D 692 -57.80 -23.08 -4.81
C PHE D 692 -56.48 -22.53 -4.28
N LYS D 693 -56.33 -21.21 -4.20
CA LYS D 693 -55.12 -20.64 -3.62
C LYS D 693 -55.07 -20.87 -2.12
N SER D 694 -56.23 -20.91 -1.46
CA SER D 694 -56.23 -21.26 -0.04
C SER D 694 -55.87 -22.73 0.17
N VAL D 695 -56.25 -23.60 -0.76
CA VAL D 695 -55.90 -25.01 -0.63
C VAL D 695 -54.45 -25.25 -1.04
N PHE D 696 -54.04 -24.69 -2.19
CA PHE D 696 -52.69 -24.86 -2.71
C PHE D 696 -51.94 -23.54 -2.56
N GLU D 697 -50.90 -23.55 -1.73
CA GLU D 697 -50.20 -22.30 -1.42
C GLU D 697 -49.30 -21.82 -2.56
N SER D 698 -48.73 -22.75 -3.32
CA SER D 698 -47.82 -22.40 -4.42
C SER D 698 -48.55 -22.20 -5.74
N ALA D 699 -49.88 -22.21 -5.73
CA ALA D 699 -50.65 -22.11 -6.97
C ALA D 699 -50.25 -20.87 -7.78
N ASP D 700 -50.11 -19.73 -7.11
CA ASP D 700 -49.79 -18.50 -7.84
C ASP D 700 -48.35 -18.50 -8.33
N ILE D 701 -47.44 -19.08 -7.55
CA ILE D 701 -46.01 -19.04 -7.87
C ILE D 701 -45.69 -20.06 -8.95
N ASN D 702 -45.85 -21.35 -8.65
CA ASN D 702 -45.69 -22.39 -9.65
C ASN D 702 -47.03 -22.68 -10.29
N PRO D 703 -47.19 -22.52 -11.60
CA PRO D 703 -48.46 -22.82 -12.25
C PRO D 703 -48.85 -24.27 -12.03
N PRO D 704 -50.08 -24.53 -11.61
CA PRO D 704 -50.49 -25.90 -11.32
C PRO D 704 -50.44 -26.77 -12.58
N ILE D 705 -50.02 -28.03 -12.38
CA ILE D 705 -49.83 -28.98 -13.48
C ILE D 705 -50.34 -30.35 -13.05
N GLY D 706 -50.06 -31.37 -13.86
CA GLY D 706 -50.63 -32.68 -13.65
C GLY D 706 -51.96 -32.83 -14.37
N ALA D 707 -52.35 -34.07 -14.60
CA ALA D 707 -53.64 -34.35 -15.24
C ALA D 707 -54.60 -34.74 -14.13
N MET D 708 -55.43 -33.80 -13.71
CA MET D 708 -56.44 -33.94 -12.69
C MET D 708 -57.41 -32.78 -12.84
N SER D 709 -58.60 -32.94 -12.29
CA SER D 709 -59.50 -31.79 -12.20
C SER D 709 -59.11 -30.92 -11.00
N ILE D 710 -59.49 -29.65 -11.09
CA ILE D 710 -59.27 -28.73 -9.97
C ILE D 710 -59.96 -29.26 -8.72
N GLY D 711 -61.23 -29.65 -8.85
CA GLY D 711 -61.97 -30.14 -7.70
C GLY D 711 -61.39 -31.41 -7.12
N GLU D 712 -60.95 -32.33 -7.99
CA GLU D 712 -60.39 -33.60 -7.51
C GLU D 712 -59.14 -33.35 -6.68
N ALA D 713 -58.22 -32.53 -7.18
CA ALA D 713 -57.01 -32.20 -6.44
C ALA D 713 -57.34 -31.49 -5.13
N ILE D 714 -58.33 -30.59 -5.16
CA ILE D 714 -58.73 -29.90 -3.93
C ILE D 714 -59.23 -30.90 -2.91
N GLU D 715 -60.07 -31.84 -3.33
CA GLU D 715 -60.64 -32.82 -2.41
C GLU D 715 -59.56 -33.72 -1.81
N GLU D 716 -58.75 -34.35 -2.66
CA GLU D 716 -57.74 -35.27 -2.15
C GLU D 716 -56.71 -34.54 -1.28
N LYS D 717 -56.38 -33.29 -1.65
CA LYS D 717 -55.45 -32.52 -0.84
C LYS D 717 -56.04 -32.17 0.51
N LEU D 718 -57.34 -31.82 0.53
CA LEU D 718 -58.01 -31.58 1.81
C LEU D 718 -58.02 -32.83 2.68
N LEU D 719 -58.20 -34.00 2.05
CA LEU D 719 -58.15 -35.25 2.80
C LEU D 719 -56.75 -35.49 3.37
N GLU D 720 -55.71 -35.16 2.60
CA GLU D 720 -54.36 -35.35 3.09
C GLU D 720 -54.03 -34.41 4.24
N ARG D 721 -54.47 -33.15 4.16
CA ARG D 721 -54.23 -32.24 5.27
C ARG D 721 -55.04 -32.62 6.50
N ALA D 722 -56.25 -33.16 6.30
CA ALA D 722 -57.05 -33.63 7.42
C ALA D 722 -56.38 -34.81 8.12
N LYS D 723 -55.88 -35.77 7.33
CA LYS D 723 -55.15 -36.89 7.91
C LYS D 723 -53.88 -36.41 8.62
N MET D 724 -53.18 -35.45 8.03
CA MET D 724 -52.00 -34.87 8.66
C MET D 724 -52.32 -34.31 10.04
N LYS D 725 -53.33 -33.43 10.11
CA LYS D 725 -53.63 -32.78 11.38
C LYS D 725 -54.24 -33.75 12.38
N ARG D 726 -54.91 -34.81 11.90
CA ARG D 726 -55.53 -35.75 12.84
C ARG D 726 -54.52 -36.72 13.43
N ASP D 727 -53.64 -37.28 12.59
CA ASP D 727 -52.79 -38.38 13.05
C ASP D 727 -51.85 -37.94 14.17
N ILE D 728 -51.12 -36.84 13.96
CA ILE D 728 -50.09 -36.38 14.89
C ILE D 728 -50.51 -35.09 15.59
N GLY D 729 -50.77 -34.03 14.83
CA GLY D 729 -51.18 -32.76 15.40
C GLY D 729 -52.54 -32.85 16.08
N ALA D 730 -53.01 -31.71 16.56
CA ALA D 730 -54.17 -31.68 17.45
C ALA D 730 -55.42 -31.30 16.65
N ILE D 731 -56.28 -32.29 16.43
CA ILE D 731 -57.66 -32.06 15.99
C ILE D 731 -58.42 -33.34 16.33
N GLU D 732 -59.74 -33.22 16.45
CA GLU D 732 -60.55 -34.34 16.90
C GLU D 732 -60.82 -35.33 15.77
N ASP D 733 -61.07 -36.59 16.15
CA ASP D 733 -61.37 -37.62 15.17
C ASP D 733 -62.77 -37.43 14.58
N SER D 734 -63.76 -37.20 15.43
CA SER D 734 -65.11 -36.94 14.94
C SER D 734 -65.16 -35.69 14.08
N GLU D 735 -64.28 -34.72 14.35
CA GLU D 735 -64.19 -33.54 13.50
C GLU D 735 -63.59 -33.89 12.15
N TYR D 736 -62.58 -34.76 12.14
CA TYR D 736 -62.07 -35.34 10.89
C TYR D 736 -63.17 -35.98 10.07
N GLU D 737 -63.99 -36.81 10.70
CA GLU D 737 -65.07 -37.47 10.00
C GLU D 737 -66.11 -36.45 9.54
N GLU D 738 -66.27 -35.34 10.27
CA GLU D 738 -67.13 -34.26 9.81
C GLU D 738 -66.57 -33.63 8.54
N ILE D 739 -65.25 -33.42 8.48
CA ILE D 739 -64.63 -32.90 7.27
C ILE D 739 -64.82 -33.88 6.10
N LYS D 740 -64.61 -35.17 6.36
CA LYS D 740 -64.85 -36.18 5.32
C LYS D 740 -66.29 -36.13 4.84
N ASP D 741 -67.24 -35.96 5.76
CA ASP D 741 -68.65 -35.85 5.38
C ASP D 741 -68.88 -34.65 4.48
N ILE D 742 -68.29 -33.49 4.82
CA ILE D 742 -68.43 -32.32 3.97
C ILE D 742 -67.81 -32.57 2.60
N ILE D 743 -66.71 -33.32 2.56
CA ILE D 743 -66.04 -33.59 1.29
C ILE D 743 -66.91 -34.46 0.38
N ARG D 744 -67.47 -35.54 0.92
CA ARG D 744 -68.30 -36.41 0.10
C ARG D 744 -69.60 -35.74 -0.30
N ASP D 745 -70.23 -35.03 0.65
CA ASP D 745 -71.42 -34.26 0.32
C ASP D 745 -71.14 -33.23 -0.76
N ALA D 746 -69.91 -32.69 -0.80
CA ALA D 746 -69.52 -31.82 -1.90
C ALA D 746 -69.34 -32.61 -3.18
N LYS D 747 -68.85 -33.84 -3.08
CA LYS D 747 -68.70 -34.68 -4.27
C LYS D 747 -70.05 -34.99 -4.90
N LYS D 748 -71.11 -35.06 -4.10
CA LYS D 748 -72.45 -35.30 -4.65
C LYS D 748 -72.87 -34.14 -5.57
N ALA D 749 -72.86 -32.91 -5.03
CA ALA D 749 -73.26 -31.76 -5.83
C ALA D 749 -72.31 -31.52 -6.99
N ARG D 750 -71.04 -31.92 -6.84
CA ARG D 750 -70.11 -31.83 -7.96
C ARG D 750 -70.45 -32.83 -9.05
N LEU D 751 -70.91 -34.02 -8.66
CA LEU D 751 -71.27 -35.05 -9.64
C LEU D 751 -72.55 -34.69 -10.37
N GLU D 752 -73.53 -34.12 -9.65
CA GLU D 752 -74.83 -33.83 -10.26
C GLU D 752 -74.70 -32.88 -11.45
N SER D 753 -73.69 -32.02 -11.44
CA SER D 753 -73.46 -31.09 -12.55
C SER D 753 -72.80 -31.79 -13.74
N MET E 1 56.78 -8.64 -16.45
CA MET E 1 57.48 -7.67 -17.28
C MET E 1 56.54 -6.58 -17.76
N SER E 2 55.35 -6.96 -18.20
CA SER E 2 54.32 -5.98 -18.57
C SER E 2 53.68 -5.34 -17.36
N LEU E 3 54.00 -5.80 -16.15
CA LEU E 3 53.44 -5.20 -14.94
C LEU E 3 53.93 -3.77 -14.74
N LEU E 4 55.17 -3.48 -15.13
CA LEU E 4 55.66 -2.10 -15.13
C LEU E 4 55.16 -1.33 -16.35
N LEU E 5 55.14 -2.00 -17.51
CA LEU E 5 54.73 -1.35 -18.75
C LEU E 5 53.31 -0.80 -18.64
N THR E 6 52.36 -1.64 -18.20
CA THR E 6 50.98 -1.19 -18.10
C THR E 6 50.82 -0.07 -17.08
N ILE E 7 51.67 -0.03 -16.07
CA ILE E 7 51.65 1.10 -15.14
C ILE E 7 52.12 2.37 -15.84
N ALA E 8 53.18 2.27 -16.64
CA ALA E 8 53.66 3.43 -17.40
C ALA E 8 52.58 3.93 -18.36
N LYS E 9 51.94 3.02 -19.09
CA LYS E 9 50.88 3.41 -20.01
C LYS E 9 49.70 4.02 -19.26
N GLU E 10 49.38 3.48 -18.08
CA GLU E 10 48.33 4.06 -17.26
C GLU E 10 48.67 5.49 -16.87
N TYR E 11 49.93 5.74 -16.50
CA TYR E 11 50.36 7.11 -16.21
C TYR E 11 50.22 8.00 -17.43
N LYS E 12 50.57 7.48 -18.61
CA LYS E 12 50.38 8.24 -19.84
C LYS E 12 48.92 8.65 -20.01
N ARG E 13 48.00 7.69 -19.86
CA ARG E 13 46.58 7.99 -20.00
C ARG E 13 46.14 9.03 -18.97
N LEU E 14 46.64 8.93 -17.73
CA LEU E 14 46.19 9.83 -16.68
C LEU E 14 46.68 11.25 -16.93
N CYS E 15 47.96 11.42 -17.27
CA CYS E 15 48.47 12.75 -17.53
C CYS E 15 47.97 13.31 -18.86
N GLN E 16 47.44 12.46 -19.74
CA GLN E 16 46.78 12.99 -20.94
C GLN E 16 45.50 13.72 -20.60
N ASP E 17 44.85 13.35 -19.49
CA ASP E 17 43.72 14.10 -18.98
C ASP E 17 44.24 15.30 -18.21
N ALA E 18 43.88 16.51 -18.67
CA ALA E 18 44.48 17.72 -18.10
C ALA E 18 44.00 17.96 -16.67
N LYS E 19 42.72 17.67 -16.39
CA LYS E 19 42.19 17.84 -15.05
C LYS E 19 43.00 17.05 -14.03
N ALA E 20 43.34 15.80 -14.35
CA ALA E 20 44.19 15.00 -13.48
C ALA E 20 45.65 15.39 -13.59
N ALA E 21 46.06 15.91 -14.75
CA ALA E 21 47.47 16.26 -14.95
C ALA E 21 47.89 17.40 -14.03
N GLN E 22 47.09 18.48 -13.99
CA GLN E 22 47.48 19.63 -13.18
C GLN E 22 47.47 19.29 -11.69
N MET E 23 46.43 18.60 -11.23
CA MET E 23 46.40 18.19 -9.82
C MET E 23 47.49 17.17 -9.50
N MET E 24 48.01 16.46 -10.50
CA MET E 24 49.19 15.62 -10.28
C MET E 24 50.46 16.46 -10.19
N THR E 25 50.53 17.57 -10.94
CA THR E 25 51.75 18.37 -10.95
C THR E 25 51.85 19.33 -9.76
N VAL E 26 50.75 19.99 -9.39
CA VAL E 26 50.82 21.08 -8.44
C VAL E 26 50.93 20.53 -7.02
N GLY E 27 51.92 21.03 -6.28
CA GLY E 27 52.04 20.75 -4.86
C GLY E 27 53.03 19.64 -4.55
N THR E 28 53.18 19.40 -3.26
CA THR E 28 54.06 18.35 -2.77
C THR E 28 53.41 16.98 -2.97
N VAL E 29 54.14 15.94 -2.58
CA VAL E 29 53.56 14.59 -2.61
C VAL E 29 52.61 14.38 -1.45
N SER E 30 52.74 15.18 -0.38
CA SER E 30 51.87 15.06 0.78
C SER E 30 50.39 15.16 0.43
N ASN E 31 50.07 15.78 -0.72
CA ASN E 31 48.68 15.89 -1.15
C ASN E 31 48.02 14.52 -1.29
N TYR E 32 48.81 13.47 -1.53
CA TYR E 32 48.25 12.12 -1.56
C TYR E 32 47.49 11.83 -0.27
N THR E 33 48.09 12.17 0.88
CA THR E 33 47.42 11.97 2.16
C THR E 33 46.06 12.64 2.20
N THR E 34 45.93 13.79 1.52
CA THR E 34 44.62 14.44 1.42
C THR E 34 43.76 13.76 0.35
N PHE E 35 44.37 13.42 -0.78
CA PHE E 35 43.61 12.84 -1.89
C PHE E 35 42.89 11.56 -1.46
N LYS E 36 43.62 10.67 -0.78
CA LYS E 36 43.01 9.44 -0.29
C LYS E 36 41.85 9.73 0.65
N LYS E 37 41.94 10.82 1.44
CA LYS E 37 40.87 11.18 2.36
C LYS E 37 39.61 11.66 1.65
N TRP E 38 39.66 11.86 0.34
CA TRP E 38 38.53 12.35 -0.43
C TRP E 38 37.67 11.23 -1.01
N THR E 39 37.93 9.98 -0.65
CA THR E 39 37.22 8.86 -1.24
C THR E 39 36.61 7.91 -0.21
N THR E 40 35.53 7.24 -0.63
CA THR E 40 34.91 6.15 0.11
C THR E 40 34.50 6.62 1.48
N SER E 41 34.21 7.92 1.58
CA SER E 41 33.71 8.48 2.82
C SER E 41 32.34 7.93 3.16
N ARG E 42 31.55 7.59 2.15
CA ARG E 42 30.22 7.04 2.40
C ARG E 42 30.35 5.71 3.15
N LYS E 43 29.71 5.63 4.29
CA LYS E 43 29.60 4.40 5.05
C LYS E 43 28.12 4.12 5.30
N GLU E 44 27.78 2.85 5.39
CA GLU E 44 26.39 2.48 5.59
C GLU E 44 25.95 2.77 7.01
N LYS E 45 24.69 3.15 7.16
CA LYS E 45 24.16 3.55 8.46
C LYS E 45 24.12 2.39 9.45
N ASN E 46 23.97 1.16 8.97
CA ASN E 46 23.69 0.01 9.82
C ASN E 46 24.91 -0.90 9.90
N PRO E 47 25.49 -1.11 11.08
CA PRO E 47 26.72 -1.92 11.16
C PRO E 47 26.54 -3.40 10.82
N SER E 48 25.66 -4.10 11.54
CA SER E 48 25.34 -5.50 11.27
C SER E 48 24.22 -5.64 10.25
N LEU E 49 23.16 -4.84 10.42
CA LEU E 49 21.95 -4.99 9.62
C LEU E 49 22.23 -4.83 8.14
N ARG E 50 23.02 -3.82 7.79
CA ARG E 50 23.47 -3.67 6.41
C ARG E 50 24.22 -4.90 5.94
N MET E 51 25.09 -5.45 6.80
CA MET E 51 25.86 -6.62 6.40
C MET E 51 24.98 -7.84 6.22
N ARG E 52 23.93 -7.97 7.04
CA ARG E 52 22.95 -9.02 6.82
C ARG E 52 22.28 -8.86 5.47
N TRP E 53 21.85 -7.63 5.16
CA TRP E 53 21.30 -7.34 3.83
C TRP E 53 22.29 -7.66 2.72
N ALA E 54 23.60 -7.53 3.00
CA ALA E 54 24.60 -7.82 1.98
C ALA E 54 24.74 -9.32 1.76
N MET E 55 24.93 -10.09 2.84
CA MET E 55 25.08 -11.53 2.70
C MET E 55 23.79 -12.24 2.33
N SER E 56 22.65 -11.54 2.35
CA SER E 56 21.41 -12.14 1.87
C SER E 56 21.53 -12.56 0.41
N SER E 57 22.09 -11.68 -0.42
CA SER E 57 22.28 -11.99 -1.83
C SER E 57 23.28 -13.13 -2.00
N LYS E 58 23.12 -13.89 -3.08
CA LYS E 58 23.99 -15.05 -3.30
C LYS E 58 25.35 -14.67 -3.86
N PHE E 59 25.46 -13.55 -4.59
CA PHE E 59 26.74 -13.12 -5.16
C PHE E 59 27.02 -11.66 -4.80
N PRO E 60 27.04 -11.32 -3.51
CA PRO E 60 27.36 -9.94 -3.11
C PRO E 60 28.83 -9.59 -3.15
N ILE E 61 29.74 -10.55 -3.02
CA ILE E 61 31.10 -10.29 -2.59
C ILE E 61 31.99 -9.92 -3.77
N ILE E 62 32.86 -8.92 -3.57
CA ILE E 62 33.89 -8.56 -4.52
C ILE E 62 35.14 -9.39 -4.22
N ALA E 63 35.61 -10.14 -5.21
CA ALA E 63 36.78 -10.99 -5.05
C ALA E 63 37.62 -10.93 -6.31
N ASN E 64 38.89 -11.29 -6.17
CA ASN E 64 39.83 -11.26 -7.28
C ASN E 64 39.55 -12.42 -8.26
N LYS E 65 40.09 -12.25 -9.47
CA LYS E 65 39.85 -13.17 -10.57
C LYS E 65 41.08 -14.01 -10.90
N ARG E 66 42.19 -13.36 -11.26
CA ARG E 66 43.35 -14.05 -11.82
C ARG E 66 43.79 -15.24 -10.97
N MET E 67 43.90 -15.04 -9.64
CA MET E 67 44.43 -16.10 -8.79
C MET E 67 43.56 -17.35 -8.82
N LEU E 68 42.24 -17.17 -8.87
CA LEU E 68 41.35 -18.33 -8.87
C LEU E 68 41.49 -19.12 -10.16
N GLU E 69 41.48 -18.45 -11.32
CA GLU E 69 41.71 -19.13 -12.58
C GLU E 69 43.06 -19.84 -12.58
N GLU E 70 44.06 -19.23 -11.96
CA GLU E 70 45.39 -19.84 -11.93
C GLU E 70 45.39 -21.12 -11.10
N ALA E 71 44.83 -21.07 -9.90
CA ALA E 71 44.90 -22.23 -9.01
C ALA E 71 43.82 -23.27 -9.28
N GLN E 72 42.57 -22.84 -9.47
CA GLN E 72 41.43 -23.72 -9.22
C GLN E 72 40.34 -23.51 -10.27
N ILE E 73 39.42 -24.47 -10.33
CA ILE E 73 38.31 -24.44 -11.28
C ILE E 73 37.28 -23.41 -10.83
N PRO E 74 36.82 -22.52 -11.71
CA PRO E 74 35.74 -21.60 -11.33
C PRO E 74 34.38 -22.28 -11.18
N LYS E 75 34.13 -23.37 -11.90
CA LYS E 75 32.84 -24.03 -11.86
C LYS E 75 32.64 -24.78 -10.55
N GLU E 76 31.39 -25.10 -10.23
CA GLU E 76 31.04 -25.69 -8.96
C GLU E 76 30.98 -27.22 -9.03
N HIS E 77 30.81 -27.84 -7.86
CA HIS E 77 30.60 -29.28 -7.75
C HIS E 77 29.13 -29.66 -7.92
N ASN E 78 28.23 -28.92 -7.28
CA ASN E 78 26.79 -29.19 -7.21
C ASN E 78 25.97 -28.51 -8.28
N ASN E 79 26.63 -27.86 -9.25
CA ASN E 79 25.96 -27.19 -10.36
C ASN E 79 25.13 -25.99 -9.90
N VAL E 80 25.63 -25.25 -8.92
CA VAL E 80 25.15 -23.92 -8.61
C VAL E 80 26.18 -22.94 -9.17
N ALA E 81 25.74 -22.05 -10.05
CA ALA E 81 26.66 -21.20 -10.79
C ALA E 81 27.58 -20.45 -9.85
N LEU E 82 28.84 -20.28 -10.27
CA LEU E 82 29.83 -19.59 -9.47
C LEU E 82 30.34 -18.33 -10.16
N TRP E 83 30.92 -18.46 -11.35
CA TRP E 83 31.63 -17.36 -11.99
C TRP E 83 30.93 -16.89 -13.27
N GLU E 84 31.14 -15.62 -13.57
CA GLU E 84 30.71 -14.99 -14.81
C GLU E 84 31.86 -14.15 -15.34
N ASP E 85 31.65 -13.57 -16.54
CA ASP E 85 32.59 -12.61 -17.09
C ASP E 85 32.17 -11.17 -16.88
N THR E 86 31.02 -10.94 -16.23
CA THR E 86 30.48 -9.59 -16.08
C THR E 86 30.97 -8.95 -14.79
N GLU E 87 31.46 -7.72 -14.91
CA GLU E 87 31.78 -6.88 -13.76
C GLU E 87 30.61 -5.92 -13.54
N ASP E 88 29.98 -6.03 -12.38
CA ASP E 88 28.79 -5.23 -12.10
C ASP E 88 28.98 -4.48 -10.79
N VAL E 89 28.00 -3.64 -10.46
CA VAL E 89 28.07 -2.65 -9.39
C VAL E 89 29.26 -1.72 -9.70
N SER E 90 30.15 -1.54 -8.73
CA SER E 90 31.33 -0.73 -8.98
C SER E 90 32.17 -1.38 -10.07
N LYS E 91 32.80 -0.56 -10.91
CA LYS E 91 33.62 -1.06 -11.99
C LYS E 91 35.07 -1.01 -11.56
N ARG E 92 35.62 -2.18 -11.25
CA ARG E 92 37.02 -2.38 -10.92
C ARG E 92 37.40 -3.74 -11.48
N ASP E 93 38.71 -3.96 -11.61
CA ASP E 93 39.18 -5.14 -12.33
C ASP E 93 38.72 -6.46 -11.70
N HIS E 94 38.18 -6.43 -10.48
CA HIS E 94 37.66 -7.63 -9.84
C HIS E 94 36.28 -7.98 -10.39
N VAL E 95 36.05 -9.25 -10.66
CA VAL E 95 34.76 -9.77 -11.10
C VAL E 95 34.08 -10.44 -9.93
N LEU E 96 32.77 -10.26 -9.82
CA LEU E 96 32.02 -10.73 -8.65
C LEU E 96 31.91 -12.24 -8.63
N ALA E 97 31.73 -12.80 -7.43
CA ALA E 97 31.65 -14.24 -7.25
C ALA E 97 30.89 -14.54 -5.96
N SER E 98 30.43 -15.79 -5.86
CA SER E 98 29.65 -16.25 -4.72
C SER E 98 30.53 -16.45 -3.49
N ALA E 99 29.86 -16.51 -2.33
CA ALA E 99 30.58 -16.62 -1.06
C ALA E 99 31.17 -18.01 -0.84
N SER E 100 30.46 -19.06 -1.28
CA SER E 100 30.85 -20.42 -0.94
C SER E 100 32.15 -20.86 -1.62
N CYS E 101 32.54 -20.23 -2.72
CA CYS E 101 33.78 -20.58 -3.39
C CYS E 101 34.98 -20.42 -2.46
N ILE E 102 34.94 -19.40 -1.59
CA ILE E 102 35.98 -19.24 -0.58
C ILE E 102 36.11 -20.51 0.26
N ASN E 103 34.98 -21.03 0.74
CA ASN E 103 34.99 -22.27 1.50
C ASN E 103 35.56 -23.41 0.68
N TYR E 104 35.23 -23.46 -0.61
CA TYR E 104 35.75 -24.56 -1.44
C TYR E 104 37.26 -24.51 -1.53
N TRP E 105 37.83 -23.33 -1.84
CA TRP E 105 39.30 -23.26 -1.92
C TRP E 105 39.94 -23.47 -0.56
N ASN E 106 39.23 -23.14 0.52
CA ASN E 106 39.72 -23.51 1.85
C ASN E 106 39.71 -25.02 2.04
N PHE E 107 38.85 -25.72 1.33
CA PHE E 107 38.80 -27.19 1.44
C PHE E 107 39.83 -27.86 0.54
N CYS E 108 39.61 -27.82 -0.77
CA CYS E 108 40.38 -28.62 -1.72
C CYS E 108 41.56 -27.87 -2.33
N GLY E 109 41.83 -26.64 -1.89
CA GLY E 109 42.90 -25.84 -2.46
C GLY E 109 44.27 -26.47 -2.35
N PRO E 110 45.13 -26.28 -3.40
CA PRO E 110 46.51 -26.83 -3.41
C PRO E 110 47.58 -25.91 -2.82
N CYS E 111 47.70 -25.91 -1.50
CA CYS E 111 48.70 -25.11 -0.80
C CYS E 111 49.42 -25.96 0.25
N VAL E 112 50.70 -25.67 0.44
CA VAL E 112 51.58 -26.45 1.32
C VAL E 112 52.52 -25.52 2.08
N ASN E 113 52.80 -25.89 3.34
CA ASN E 113 53.97 -25.41 4.09
C ASN E 113 53.96 -23.89 4.30
N ASN E 114 52.83 -23.37 4.76
CA ASN E 114 52.72 -21.98 5.18
C ASN E 114 52.82 -21.80 6.69
N SER E 115 53.03 -22.89 7.45
CA SER E 115 52.83 -22.86 8.89
C SER E 115 53.80 -21.92 9.59
N GLU E 116 55.11 -22.10 9.36
CA GLU E 116 56.10 -21.33 10.11
C GLU E 116 56.03 -19.84 9.78
N VAL E 117 55.63 -19.49 8.56
CA VAL E 117 55.60 -18.09 8.15
C VAL E 117 54.59 -17.30 8.96
N ILE E 118 53.49 -17.94 9.39
CA ILE E 118 52.37 -17.21 9.97
C ILE E 118 52.73 -16.66 11.35
N LYS E 119 53.23 -17.53 12.23
CA LYS E 119 53.20 -17.23 13.66
C LYS E 119 54.08 -16.04 14.02
N GLU E 120 55.33 -16.03 13.56
CA GLU E 120 56.23 -14.95 13.96
C GLU E 120 55.83 -13.60 13.38
N VAL E 121 54.87 -13.56 12.46
CA VAL E 121 54.27 -12.29 12.05
C VAL E 121 53.34 -11.79 13.15
N TYR E 122 52.51 -12.68 13.68
CA TYR E 122 51.51 -12.39 14.68
C TYR E 122 51.98 -12.69 16.10
N LYS E 123 53.29 -12.92 16.29
CA LYS E 123 53.83 -13.34 17.59
C LYS E 123 53.30 -12.52 18.75
N SER E 124 52.83 -11.30 18.51
CA SER E 124 52.04 -10.61 19.53
C SER E 124 50.86 -11.48 19.97
N ARG E 125 49.98 -11.84 19.02
CA ARG E 125 48.79 -12.61 19.37
C ARG E 125 49.17 -14.03 19.79
N PHE E 126 49.96 -14.72 18.97
CA PHE E 126 50.37 -16.09 19.27
C PHE E 126 51.03 -16.18 20.64
N GLY E 127 51.79 -15.15 21.02
CA GLY E 127 52.39 -15.13 22.34
C GLY E 127 51.37 -14.91 23.43
N ARG E 128 50.42 -13.98 23.20
CA ARG E 128 49.33 -13.79 24.16
C ARG E 128 48.53 -15.06 24.39
N LEU E 129 48.57 -16.01 23.44
CA LEU E 129 47.99 -17.34 23.67
C LEU E 129 48.97 -18.25 24.44
N GLU E 130 50.24 -18.22 24.01
CA GLU E 130 51.26 -19.05 24.65
C GLU E 130 51.28 -18.83 26.15
N ARG E 131 51.08 -17.59 26.59
CA ARG E 131 51.12 -17.30 28.02
C ARG E 131 49.94 -17.91 28.76
N ARG E 132 48.77 -17.97 28.11
CA ARG E 132 47.62 -18.59 28.77
C ARG E 132 47.81 -20.08 28.94
N LYS E 133 48.62 -20.72 28.08
CA LYS E 133 48.86 -22.15 28.27
C LYS E 133 49.33 -22.49 29.69
N GLU E 134 50.40 -21.84 30.15
CA GLU E 134 50.93 -22.16 31.48
C GLU E 134 50.35 -21.19 32.50
N ILE E 135 49.33 -21.66 33.22
CA ILE E 135 48.85 -21.05 34.45
C ILE E 135 47.98 -22.11 35.13
N MET E 136 47.72 -21.94 36.42
CA MET E 136 46.81 -22.83 37.13
C MET E 136 45.61 -22.02 37.62
N TRP E 137 44.66 -22.71 38.26
CA TRP E 137 43.35 -22.11 38.49
C TRP E 137 42.80 -22.44 39.88
N LYS E 138 42.08 -21.49 40.45
CA LYS E 138 41.23 -21.69 41.62
C LYS E 138 40.13 -20.65 41.60
N GLU E 139 38.95 -21.02 42.11
CA GLU E 139 37.77 -20.17 42.07
C GLU E 139 37.19 -19.97 43.46
N LEU E 140 36.73 -18.75 43.72
CA LEU E 140 36.08 -18.38 44.97
C LEU E 140 35.20 -17.16 44.69
N ARG E 141 34.69 -16.53 45.75
CA ARG E 141 33.89 -15.33 45.61
C ARG E 141 34.08 -14.43 46.82
N PHE E 142 34.04 -13.12 46.59
CA PHE E 142 34.20 -12.12 47.63
C PHE E 142 33.60 -10.81 47.12
N THR E 143 33.38 -9.87 48.05
CA THR E 143 33.11 -8.49 47.67
C THR E 143 34.46 -7.80 47.58
N LEU E 144 34.90 -7.51 46.36
CA LEU E 144 36.28 -7.11 46.13
C LEU E 144 36.33 -5.62 45.81
N VAL E 145 37.22 -4.91 46.48
CA VAL E 145 37.49 -3.53 46.15
C VAL E 145 38.68 -3.52 45.20
N ASP E 146 38.42 -3.24 43.93
CA ASP E 146 39.46 -3.07 42.94
C ASP E 146 40.00 -1.65 42.99
N ARG E 147 41.24 -1.48 42.50
CA ARG E 147 41.83 -0.16 42.37
C ARG E 147 41.30 0.42 41.06
N GLN E 148 40.51 1.49 41.16
CA GLN E 148 39.59 1.83 40.07
C GLN E 148 40.33 2.32 38.83
N ARG E 149 41.22 3.29 38.99
CA ARG E 149 41.95 3.83 37.84
C ARG E 149 43.43 3.63 38.05
N ARG E 150 44.02 2.75 37.24
CA ARG E 150 45.46 2.73 37.04
C ARG E 150 45.70 2.83 35.54
N ARG E 151 46.62 3.72 35.15
CA ARG E 151 47.09 3.75 33.76
C ARG E 151 48.32 2.86 33.71
N VAL E 152 48.17 1.70 33.10
CA VAL E 152 49.14 0.61 33.22
C VAL E 152 49.28 -0.07 31.87
N ASP E 153 50.53 -0.36 31.48
CA ASP E 153 50.78 -1.04 30.23
C ASP E 153 50.02 -2.35 30.17
N THR E 154 49.23 -2.53 29.12
CA THR E 154 48.58 -3.79 28.82
C THR E 154 49.15 -4.33 27.51
N GLN E 155 49.14 -5.65 27.38
CA GLN E 155 49.75 -6.33 26.23
C GLN E 155 51.21 -5.93 26.09
N PRO E 156 52.03 -6.12 27.12
CA PRO E 156 53.42 -5.67 27.05
C PRO E 156 54.28 -6.62 26.22
N VAL E 157 55.25 -6.03 25.51
CA VAL E 157 56.17 -6.78 24.68
C VAL E 157 57.56 -6.20 24.86
N GLU E 158 58.57 -7.06 24.75
CA GLU E 158 59.97 -6.65 24.88
C GLU E 158 60.33 -5.63 23.80
N GLN E 159 61.22 -4.70 24.17
CA GLN E 159 61.71 -3.67 23.25
C GLN E 159 60.57 -2.78 22.77
N ARG E 160 59.77 -2.29 23.71
CA ARG E 160 58.68 -1.37 23.39
C ARG E 160 59.23 0.03 23.13
N LEU E 161 58.61 0.74 22.20
CA LEU E 161 59.18 1.98 21.70
C LEU E 161 58.06 2.94 21.29
N ARG E 162 58.44 4.21 21.10
CA ARG E 162 57.52 5.27 20.74
C ARG E 162 56.97 5.09 19.33
N THR E 163 55.88 5.81 19.05
CA THR E 163 55.16 5.64 17.79
C THR E 163 55.99 6.08 16.59
N GLY E 164 56.74 7.18 16.71
CA GLY E 164 57.52 7.65 15.57
C GLY E 164 58.61 6.68 15.18
N GLU E 165 59.41 6.25 16.16
CA GLU E 165 60.50 5.32 15.89
C GLU E 165 59.98 3.99 15.37
N ILE E 166 58.83 3.53 15.87
CA ILE E 166 58.28 2.28 15.37
C ILE E 166 57.76 2.48 13.95
N LYS E 167 57.37 3.71 13.60
CA LYS E 167 57.08 3.99 12.20
C LYS E 167 58.34 3.88 11.36
N ASP E 168 59.48 4.34 11.89
CA ASP E 168 60.75 4.16 11.19
C ASP E 168 61.05 2.68 10.95
N LEU E 169 60.98 1.88 12.02
CA LEU E 169 61.13 0.43 11.88
C LEU E 169 60.20 -0.13 10.81
N GLN E 170 58.94 0.32 10.84
CA GLN E 170 57.97 -0.11 9.83
C GLN E 170 58.49 0.15 8.42
N MET E 171 58.93 1.39 8.17
CA MET E 171 59.40 1.74 6.82
C MET E 171 60.61 0.93 6.41
N TRP E 172 61.55 0.71 7.33
CA TRP E 172 62.78 0.01 6.96
C TRP E 172 62.52 -1.47 6.70
N THR E 173 61.69 -2.11 7.53
CA THR E 173 61.48 -3.55 7.36
C THR E 173 60.53 -3.85 6.20
N LEU E 174 59.53 -2.98 5.96
CA LEU E 174 58.59 -3.26 4.88
C LEU E 174 59.27 -3.23 3.52
N PHE E 175 59.85 -2.09 3.15
CA PHE E 175 60.47 -1.98 1.83
C PHE E 175 61.64 -1.02 1.88
N GLU E 176 62.70 -1.40 1.16
CA GLU E 176 63.88 -0.54 1.01
C GLU E 176 63.69 0.50 -0.10
N ASP E 177 62.95 0.15 -1.16
CA ASP E 177 62.95 0.97 -2.38
C ASP E 177 62.59 2.42 -2.10
N GLU E 178 61.46 2.66 -1.44
CA GLU E 178 61.15 3.99 -0.92
C GLU E 178 61.30 3.92 0.59
N ALA E 179 62.39 4.48 1.10
CA ALA E 179 62.58 4.71 2.52
C ALA E 179 63.47 5.92 2.69
N PRO E 180 63.26 6.72 3.72
CA PRO E 180 64.25 7.74 4.07
C PRO E 180 65.41 7.09 4.80
N LEU E 181 66.57 7.74 4.75
CA LEU E 181 67.72 7.29 5.51
C LEU E 181 67.64 7.98 6.86
N ALA E 182 67.31 7.21 7.89
CA ALA E 182 66.92 7.72 9.20
C ALA E 182 68.00 7.35 10.19
N SER E 183 68.74 8.37 10.68
CA SER E 183 69.96 8.12 11.43
C SER E 183 69.68 7.64 12.85
N LYS E 184 69.01 8.47 13.65
CA LYS E 184 68.95 8.29 15.09
C LYS E 184 68.56 6.86 15.49
N PHE E 185 67.49 6.34 14.91
CA PHE E 185 67.02 5.03 15.35
C PHE E 185 67.84 3.89 14.73
N ILE E 186 68.18 4.01 13.45
CA ILE E 186 68.83 2.90 12.76
C ILE E 186 70.25 2.69 13.27
N LEU E 187 71.00 3.78 13.46
CA LEU E 187 72.37 3.65 13.94
C LEU E 187 72.42 2.98 15.32
N ASP E 188 71.66 3.52 16.27
CA ASP E 188 71.76 3.07 17.65
C ASP E 188 71.08 1.72 17.87
N ASN E 189 69.87 1.54 17.34
CA ASN E 189 69.04 0.39 17.65
C ASN E 189 69.21 -0.76 16.65
N TYR E 190 70.17 -0.66 15.74
CA TYR E 190 70.41 -1.74 14.78
C TYR E 190 70.63 -3.07 15.50
N GLY E 191 70.23 -4.15 14.83
CA GLY E 191 70.24 -5.49 15.35
C GLY E 191 68.87 -6.00 15.72
N LEU E 192 67.95 -5.10 16.04
CA LEU E 192 66.53 -5.40 15.88
C LEU E 192 66.10 -5.19 14.44
N VAL E 193 66.69 -4.18 13.79
CA VAL E 193 66.52 -3.97 12.36
C VAL E 193 66.93 -5.22 11.60
N LYS E 194 68.08 -5.80 11.97
CA LYS E 194 68.56 -7.00 11.28
C LYS E 194 67.58 -8.15 11.45
N GLU E 195 67.09 -8.38 12.66
CA GLU E 195 66.17 -9.48 12.90
C GLU E 195 64.87 -9.29 12.14
N MET E 196 64.17 -8.19 12.39
CA MET E 196 62.86 -7.98 11.79
C MET E 196 62.96 -7.92 10.26
N ARG E 197 63.86 -7.08 9.74
CA ARG E 197 64.04 -7.00 8.30
C ARG E 197 64.44 -8.35 7.71
N SER E 198 65.21 -9.14 8.46
CA SER E 198 65.66 -10.44 7.96
C SER E 198 64.49 -11.41 7.81
N LYS E 199 63.65 -11.51 8.84
CA LYS E 199 62.57 -12.50 8.78
C LYS E 199 61.45 -12.05 7.86
N PHE E 200 61.12 -10.76 7.84
CA PHE E 200 59.98 -10.30 7.05
C PHE E 200 60.31 -9.86 5.64
N ALA E 201 61.58 -9.61 5.30
CA ALA E 201 61.87 -9.01 4.01
C ALA E 201 61.97 -10.03 2.87
N ASN E 202 62.25 -11.29 3.18
CA ASN E 202 62.58 -12.27 2.14
C ASN E 202 61.36 -12.85 1.44
N LYS E 203 60.21 -12.89 2.12
CA LYS E 203 59.01 -13.57 1.64
C LYS E 203 57.90 -12.55 1.48
N PRO E 204 57.77 -11.93 0.30
CA PRO E 204 56.90 -10.75 0.16
C PRO E 204 55.42 -11.09 0.19
N LEU E 205 54.85 -11.23 1.38
CA LEU E 205 53.44 -11.56 1.56
C LEU E 205 52.80 -10.59 2.54
N ASN E 206 51.64 -10.04 2.17
CA ASN E 206 50.82 -9.20 3.06
C ASN E 206 51.60 -8.01 3.62
N LYS E 207 52.21 -7.23 2.72
CA LYS E 207 53.10 -6.16 3.13
C LYS E 207 52.40 -5.19 4.09
N GLU E 208 51.27 -4.62 3.66
CA GLU E 208 50.52 -3.68 4.49
C GLU E 208 50.12 -4.31 5.81
N VAL E 209 49.58 -5.53 5.75
CA VAL E 209 49.13 -6.23 6.96
C VAL E 209 50.26 -6.34 7.97
N VAL E 210 51.35 -7.02 7.59
CA VAL E 210 52.49 -7.20 8.49
C VAL E 210 52.93 -5.87 9.07
N ALA E 211 52.96 -4.81 8.26
CA ALA E 211 53.29 -3.50 8.78
C ALA E 211 52.37 -3.12 9.95
N HIS E 212 51.07 -2.99 9.65
CA HIS E 212 50.15 -2.47 10.67
C HIS E 212 50.01 -3.39 11.87
N MET E 213 50.38 -4.67 11.74
CA MET E 213 50.38 -5.55 12.91
C MET E 213 51.64 -5.36 13.75
N LEU E 214 52.79 -5.14 13.10
CA LEU E 214 53.99 -4.84 13.85
C LEU E 214 53.87 -3.52 14.59
N GLU E 215 53.07 -2.58 14.06
CA GLU E 215 52.81 -1.35 14.81
C GLU E 215 52.21 -1.65 16.18
N LYS E 216 51.26 -2.58 16.24
CA LYS E 216 50.65 -2.96 17.50
C LYS E 216 51.48 -3.94 18.30
N GLN E 217 52.43 -4.63 17.66
CA GLN E 217 53.24 -5.63 18.36
C GLN E 217 54.07 -4.99 19.46
N PHE E 218 54.69 -3.84 19.18
CA PHE E 218 55.55 -3.16 20.14
C PHE E 218 54.85 -2.07 20.92
N ASN E 219 53.53 -1.93 20.79
CA ASN E 219 52.82 -0.83 21.41
C ASN E 219 51.99 -1.35 22.59
N PRO E 220 52.45 -1.17 23.82
CA PRO E 220 51.61 -1.52 24.96
C PRO E 220 50.47 -0.52 25.07
N GLU E 221 49.27 -1.02 25.31
CA GLU E 221 48.11 -0.14 25.43
C GLU E 221 47.94 0.20 26.91
N SER E 222 48.24 1.44 27.26
CA SER E 222 48.10 1.91 28.63
C SER E 222 46.80 2.69 28.70
N ARG E 223 45.80 2.09 29.31
CA ARG E 223 44.48 2.69 29.45
C ARG E 223 44.20 2.89 30.93
N PHE E 224 43.05 3.48 31.23
CA PHE E 224 42.64 3.74 32.59
C PHE E 224 41.75 2.58 33.03
N LEU E 225 42.26 1.72 33.90
CA LEU E 225 41.59 0.45 34.09
C LEU E 225 41.47 0.11 35.56
N PRO E 226 40.39 -0.58 35.94
CA PRO E 226 40.31 -1.15 37.29
C PRO E 226 41.21 -2.38 37.41
N VAL E 227 41.97 -2.43 38.50
CA VAL E 227 42.80 -3.57 38.84
C VAL E 227 42.55 -3.91 40.30
N PHE E 228 42.65 -5.20 40.61
CA PHE E 228 42.43 -5.70 41.96
C PHE E 228 43.71 -5.80 42.78
N GLY E 229 44.82 -5.27 42.27
CA GLY E 229 46.06 -5.20 43.03
C GLY E 229 47.20 -6.08 42.56
N ALA E 230 47.06 -6.79 41.45
CA ALA E 230 48.21 -7.41 40.79
C ALA E 230 48.56 -6.53 39.59
N ILE E 231 49.65 -5.78 39.71
CA ILE E 231 49.94 -4.68 38.79
C ILE E 231 50.91 -5.08 37.69
N ARG E 232 51.35 -6.33 37.65
CA ARG E 232 52.26 -6.76 36.59
C ARG E 232 51.55 -6.64 35.24
N PRO E 233 52.20 -6.04 34.24
CA PRO E 233 51.52 -5.83 32.95
C PRO E 233 51.08 -7.10 32.25
N GLU E 234 51.60 -8.27 32.66
CA GLU E 234 51.18 -9.51 32.02
C GLU E 234 49.76 -9.89 32.43
N ARG E 235 49.41 -9.68 33.70
CA ARG E 235 48.06 -9.95 34.17
C ARG E 235 47.05 -8.99 33.56
N MET E 236 47.50 -7.83 33.08
CA MET E 236 46.59 -6.83 32.52
C MET E 236 45.99 -7.29 31.20
N GLU E 237 46.69 -8.15 30.46
CA GLU E 237 46.17 -8.63 29.18
C GLU E 237 44.80 -9.28 29.35
N LEU E 238 44.71 -10.30 30.20
CA LEU E 238 43.43 -10.87 30.57
C LEU E 238 43.22 -10.56 32.04
N ILE E 239 42.50 -9.48 32.32
CA ILE E 239 41.95 -9.23 33.65
C ILE E 239 40.57 -9.85 33.81
N HIS E 240 39.76 -9.75 32.75
CA HIS E 240 38.35 -10.13 32.81
C HIS E 240 38.15 -11.54 33.34
N ALA E 241 38.92 -12.50 32.80
CA ALA E 241 38.80 -13.88 33.28
C ALA E 241 39.32 -14.04 34.69
N LEU E 242 40.11 -13.08 35.17
CA LEU E 242 40.84 -13.16 36.42
C LEU E 242 40.10 -12.44 37.55
N GLY E 243 39.83 -11.15 37.39
CA GLY E 243 39.28 -10.37 38.48
C GLY E 243 38.28 -9.33 38.01
N GLY E 244 37.54 -8.85 38.99
CA GLY E 244 36.44 -7.93 38.76
C GLY E 244 35.86 -7.57 40.11
N GLU E 245 34.63 -7.08 40.14
CA GLU E 245 34.07 -6.70 41.43
C GLU E 245 33.77 -7.92 42.29
N THR E 246 33.16 -8.96 41.72
CA THR E 246 32.91 -10.21 42.43
C THR E 246 33.89 -11.33 42.09
N TRP E 247 34.81 -11.12 41.16
CA TRP E 247 35.68 -12.18 40.64
C TRP E 247 36.90 -12.43 41.52
N ILE E 248 37.43 -13.66 41.41
CA ILE E 248 38.75 -13.98 41.95
C ILE E 248 39.31 -15.17 41.16
N GLN E 249 40.64 -15.18 40.99
CA GLN E 249 41.39 -16.27 40.37
C GLN E 249 42.80 -16.29 40.97
N GLU E 250 43.52 -17.40 40.80
CA GLU E 250 44.84 -17.52 41.42
C GLU E 250 45.80 -18.31 40.52
N ALA E 251 47.04 -18.43 41.02
CA ALA E 251 48.16 -19.11 40.35
C ALA E 251 48.59 -18.41 39.05
N ASN E 252 48.87 -17.10 39.15
CA ASN E 252 49.11 -16.25 37.99
C ASN E 252 50.54 -15.72 37.91
N THR E 253 50.98 -14.98 38.93
CA THR E 253 52.16 -14.12 38.83
C THR E 253 53.36 -14.80 38.19
N ALA E 254 53.50 -16.12 38.37
CA ALA E 254 54.65 -16.88 37.91
C ALA E 254 55.03 -16.59 36.46
N GLY E 255 54.21 -17.05 35.52
CA GLY E 255 54.51 -16.85 34.11
C GLY E 255 54.41 -15.38 33.71
N ILE E 256 55.50 -14.81 33.22
CA ILE E 256 55.54 -13.43 32.75
C ILE E 256 56.62 -13.33 31.68
N SER E 257 56.50 -12.32 30.82
CA SER E 257 57.56 -12.03 29.87
C SER E 257 58.77 -11.43 30.59
N ASN E 258 59.92 -11.51 29.92
CA ASN E 258 61.18 -11.06 30.51
C ASN E 258 61.28 -9.55 30.68
N VAL E 259 60.30 -8.79 30.22
CA VAL E 259 60.36 -7.33 30.29
C VAL E 259 60.22 -6.86 31.73
N ASP E 260 59.31 -7.47 32.49
CA ASP E 260 58.90 -6.93 33.78
C ASP E 260 60.07 -6.75 34.73
N GLN E 261 60.98 -7.74 34.77
CA GLN E 261 62.16 -7.62 35.60
C GLN E 261 63.23 -6.76 34.95
N ARG E 262 63.31 -6.76 33.61
CA ARG E 262 64.31 -5.96 32.92
C ARG E 262 64.12 -4.47 33.20
N LYS E 263 62.87 -4.02 33.27
CA LYS E 263 62.61 -2.62 33.63
C LYS E 263 63.20 -2.29 34.99
N ASN E 264 62.99 -3.16 35.98
CA ASN E 264 63.55 -2.94 37.31
C ASN E 264 65.07 -2.91 37.26
N ASP E 265 65.67 -3.79 36.44
CA ASP E 265 67.11 -3.75 36.24
C ASP E 265 67.54 -2.38 35.71
N ILE E 266 66.77 -1.80 34.80
CA ILE E 266 67.07 -0.46 34.31
C ILE E 266 66.95 0.57 35.43
N ARG E 267 66.00 0.37 36.35
CA ARG E 267 65.90 1.26 37.50
C ARG E 267 67.17 1.21 38.35
N ALA E 268 67.70 0.01 38.59
CA ALA E 268 68.95 -0.10 39.33
C ALA E 268 70.11 0.53 38.57
N VAL E 269 70.11 0.38 37.24
CA VAL E 269 71.13 1.03 36.41
C VAL E 269 71.11 2.54 36.63
N CYS E 270 69.93 3.15 36.52
CA CYS E 270 69.83 4.58 36.77
C CYS E 270 70.23 4.94 38.19
N ARG E 271 69.97 4.04 39.15
CA ARG E 271 70.47 4.25 40.51
C ARG E 271 71.98 4.43 40.51
N LYS E 272 72.70 3.45 39.96
CA LYS E 272 74.16 3.50 39.99
C LYS E 272 74.69 4.71 39.23
N VAL E 273 74.09 5.03 38.07
CA VAL E 273 74.56 6.17 37.29
C VAL E 273 74.39 7.47 38.09
N CYS E 274 73.22 7.64 38.71
CA CYS E 274 72.98 8.83 39.51
C CYS E 274 73.91 8.89 40.72
N LEU E 275 74.31 7.73 41.26
CA LEU E 275 75.32 7.73 42.31
C LEU E 275 76.67 8.20 41.76
N ALA E 276 77.02 7.77 40.54
CA ALA E 276 78.25 8.24 39.92
C ALA E 276 78.25 9.74 39.77
N ALA E 277 77.11 10.32 39.37
CA ALA E 277 77.03 11.78 39.34
C ALA E 277 77.03 12.38 40.73
N ASN E 278 76.60 11.63 41.74
CA ASN E 278 76.59 12.13 43.11
C ASN E 278 77.98 12.16 43.73
N ALA E 279 78.91 11.33 43.23
CA ALA E 279 80.23 11.25 43.84
C ALA E 279 81.00 12.57 43.71
N SER E 280 80.88 13.24 42.57
CA SER E 280 81.61 14.48 42.32
C SER E 280 80.61 15.60 42.09
N ILE E 281 80.59 16.57 43.01
CA ILE E 281 79.68 17.70 42.95
C ILE E 281 80.32 18.92 42.28
N MET E 282 81.53 18.77 41.73
CA MET E 282 82.10 19.84 40.92
C MET E 282 81.11 20.30 39.86
N ASN E 283 80.62 19.37 39.05
CA ASN E 283 79.48 19.60 38.17
C ASN E 283 78.66 18.32 38.11
N ALA E 284 77.35 18.41 38.33
CA ALA E 284 76.48 17.27 38.12
C ALA E 284 75.81 17.26 36.76
N LYS E 285 75.85 18.37 36.01
CA LYS E 285 75.15 18.44 34.74
C LYS E 285 75.94 17.79 33.62
N SER E 286 77.25 18.04 33.57
CA SER E 286 78.06 17.57 32.46
C SER E 286 78.47 16.10 32.60
N LYS E 287 78.56 15.60 33.83
CA LYS E 287 79.05 14.23 34.02
C LYS E 287 77.94 13.19 33.79
N LEU E 288 76.75 13.43 34.33
CA LEU E 288 75.70 12.41 34.27
C LEU E 288 75.30 12.13 32.83
N VAL E 289 75.29 13.16 31.97
CA VAL E 289 74.96 12.96 30.57
C VAL E 289 75.99 12.05 29.91
N GLU E 290 77.26 12.19 30.29
CA GLU E 290 78.29 11.27 29.81
C GLU E 290 78.00 9.85 30.28
N TYR E 291 77.71 9.69 31.58
CA TYR E 291 77.40 8.37 32.11
C TYR E 291 76.17 7.76 31.43
N ILE E 292 75.27 8.60 30.92
CA ILE E 292 74.09 8.09 30.22
C ILE E 292 74.46 7.64 28.81
N LYS E 293 74.94 8.56 27.98
CA LYS E 293 75.21 8.24 26.58
C LYS E 293 76.28 7.17 26.44
N SER E 294 77.15 6.98 27.44
CA SER E 294 78.20 5.98 27.34
C SER E 294 77.68 4.57 27.59
N THR E 295 76.81 4.42 28.59
CA THR E 295 76.35 3.09 28.99
C THR E 295 75.52 2.44 27.89
N SER E 296 75.75 1.14 27.68
CA SER E 296 75.04 0.35 26.68
C SER E 296 74.33 -0.80 27.38
N MET E 297 73.02 -0.88 27.22
CA MET E 297 72.22 -1.94 27.81
C MET E 297 72.12 -3.13 26.86
N ARG E 298 72.15 -4.34 27.43
CA ARG E 298 71.87 -5.55 26.68
C ARG E 298 70.49 -6.05 27.11
N ILE E 299 69.51 -5.85 26.24
CA ILE E 299 68.22 -6.52 26.32
C ILE E 299 68.38 -7.95 25.84
N GLY E 300 67.48 -8.83 26.32
CA GLY E 300 67.69 -10.26 26.15
C GLY E 300 68.07 -10.67 24.74
N GLU E 301 67.32 -10.20 23.74
CA GLU E 301 67.64 -10.51 22.36
C GLU E 301 68.34 -9.39 21.59
N THR E 302 68.57 -8.22 22.20
CA THR E 302 69.06 -7.09 21.40
C THR E 302 69.92 -6.17 22.25
N GLU E 303 70.94 -5.58 21.64
CA GLU E 303 71.75 -4.55 22.28
C GLU E 303 71.17 -3.18 21.96
N ARG E 304 70.93 -2.37 22.99
CA ARG E 304 70.32 -1.06 22.81
C ARG E 304 70.96 -0.07 23.78
N LYS E 305 71.01 1.20 23.36
CA LYS E 305 71.66 2.22 24.16
C LYS E 305 70.81 2.59 25.37
N LEU E 306 71.47 3.12 26.40
CA LEU E 306 70.77 3.54 27.60
C LEU E 306 69.96 4.80 27.37
N GLU E 307 70.42 5.68 26.47
CA GLU E 307 69.70 6.91 26.19
C GLU E 307 68.29 6.63 25.69
N GLU E 308 68.17 5.81 24.64
CA GLU E 308 66.88 5.56 24.03
C GLU E 308 65.97 4.70 24.90
N LEU E 309 66.53 3.98 25.86
CA LEU E 309 65.68 3.31 26.86
C LEU E 309 65.16 4.31 27.89
N ILE E 310 66.06 5.11 28.47
CA ILE E 310 65.66 6.08 29.49
C ILE E 310 64.61 7.04 28.94
N LEU E 311 64.97 7.79 27.90
CA LEU E 311 64.06 8.80 27.35
C LEU E 311 62.68 8.23 27.08
N GLU E 312 62.63 7.06 26.45
CA GLU E 312 61.40 6.50 25.92
C GLU E 312 60.75 5.43 26.81
N THR E 313 61.27 5.19 28.01
CA THR E 313 60.66 4.19 28.88
C THR E 313 59.32 4.68 29.42
N ASP E 314 58.41 3.72 29.67
CA ASP E 314 57.08 4.06 30.14
C ASP E 314 57.06 4.38 31.62
N ASP E 315 57.65 3.51 32.45
CA ASP E 315 57.52 3.64 33.90
C ASP E 315 58.45 4.73 34.42
N VAL E 316 57.88 5.68 35.17
CA VAL E 316 58.63 6.79 35.72
C VAL E 316 58.84 6.51 37.21
N SER E 317 60.06 6.13 37.57
CA SER E 317 60.55 5.97 38.92
C SER E 317 61.21 7.26 39.40
N PRO E 318 61.33 7.46 40.73
CA PRO E 318 62.12 8.60 41.22
C PRO E 318 63.51 8.68 40.61
N GLU E 319 64.17 7.55 40.38
CA GLU E 319 65.45 7.57 39.69
C GLU E 319 65.28 7.93 38.22
N VAL E 320 64.36 7.24 37.54
CA VAL E 320 64.16 7.43 36.10
C VAL E 320 63.84 8.88 35.78
N THR E 321 63.14 9.58 36.68
CA THR E 321 62.92 11.01 36.49
C THR E 321 64.26 11.75 36.44
N LEU E 322 65.17 11.43 37.37
CA LEU E 322 66.47 12.06 37.38
C LEU E 322 67.26 11.76 36.11
N CYS E 323 67.22 10.50 35.65
CA CYS E 323 67.96 10.13 34.46
C CYS E 323 67.38 10.80 33.22
N LYS E 324 66.06 11.01 33.18
CA LYS E 324 65.46 11.72 32.06
C LYS E 324 65.75 13.22 32.10
N SER E 325 65.84 13.79 33.30
CA SER E 325 66.03 15.23 33.43
C SER E 325 67.32 15.70 32.73
N ALA E 326 68.34 14.84 32.67
CA ALA E 326 69.56 15.20 31.96
C ALA E 326 69.32 15.31 30.46
N LEU E 327 68.38 14.54 29.93
CA LEU E 327 68.05 14.55 28.52
C LEU E 327 66.84 15.44 28.26
N GLY E 328 66.40 15.48 27.00
CA GLY E 328 65.31 16.33 26.61
C GLY E 328 63.95 15.64 26.63
N GLY E 329 63.86 14.49 27.29
CA GLY E 329 62.59 13.80 27.39
C GLY E 329 61.65 14.51 28.35
N GLN E 330 60.41 14.74 27.90
CA GLN E 330 59.39 15.37 28.73
C GLN E 330 58.48 14.29 29.27
N LEU E 331 58.59 14.00 30.57
CA LEU E 331 57.61 13.16 31.26
C LEU E 331 57.19 13.89 32.53
N GLY E 332 55.93 14.34 32.55
CA GLY E 332 55.37 15.03 33.68
C GLY E 332 54.35 14.20 34.43
N LYS E 333 53.47 14.90 35.14
CA LYS E 333 52.36 14.29 35.88
C LYS E 333 52.86 13.27 36.90
N THR E 334 54.10 13.41 37.35
CA THR E 334 54.71 12.50 38.29
C THR E 334 55.36 13.30 39.41
N LEU E 335 55.03 12.97 40.65
CA LEU E 335 55.71 13.53 41.81
C LEU E 335 56.44 12.39 42.52
N SER E 336 57.72 12.61 42.82
CA SER E 336 58.54 11.62 43.52
C SER E 336 59.09 12.27 44.78
N PHE E 337 58.77 11.68 45.94
CA PHE E 337 59.39 12.08 47.19
C PHE E 337 59.80 10.82 47.95
N GLY E 338 61.10 10.64 48.14
CA GLY E 338 61.64 9.44 48.74
C GLY E 338 61.13 8.19 48.04
N PRO E 339 60.76 7.17 48.81
CA PRO E 339 60.11 6.00 48.21
C PRO E 339 58.70 6.29 47.71
N MET E 340 58.06 7.33 48.23
CA MET E 340 56.66 7.62 47.95
C MET E 340 56.48 8.37 46.64
N LEU E 341 55.34 8.13 45.98
CA LEU E 341 54.94 8.85 44.78
C LEU E 341 53.69 9.66 45.07
N LEU E 342 53.57 10.83 44.43
CA LEU E 342 52.51 11.77 44.73
C LEU E 342 51.99 12.43 43.45
N LYS E 343 50.73 12.88 43.50
CA LYS E 343 50.13 13.65 42.40
C LYS E 343 49.32 14.81 42.96
N LYS E 344 49.40 15.98 42.32
CA LYS E 344 48.79 17.21 42.84
C LYS E 344 47.50 17.51 42.08
N ILE E 345 46.36 17.43 42.79
CA ILE E 345 45.05 17.60 42.18
C ILE E 345 44.42 18.98 42.39
N SER E 346 45.02 19.85 43.20
CA SER E 346 44.28 21.07 43.56
C SER E 346 45.22 22.17 44.03
N GLY E 347 44.69 23.40 43.98
CA GLY E 347 45.28 24.59 44.56
C GLY E 347 46.62 25.00 43.96
N SER E 348 47.23 25.96 44.63
CA SER E 348 48.52 26.52 44.25
C SER E 348 48.95 27.54 45.31
N GLY E 349 50.22 27.89 45.25
CA GLY E 349 50.80 28.80 46.21
C GLY E 349 52.30 28.89 46.00
N VAL E 350 52.92 29.78 46.76
CA VAL E 350 54.32 30.14 46.55
C VAL E 350 55.18 29.53 47.65
N LYS E 351 56.42 29.19 47.27
CA LYS E 351 57.41 28.75 48.25
C LYS E 351 57.84 29.92 49.12
N VAL E 352 57.81 29.73 50.44
CA VAL E 352 58.21 30.76 51.38
C VAL E 352 59.27 30.18 52.31
N LYS E 353 60.06 31.06 52.90
CA LYS E 353 61.16 30.67 53.78
C LYS E 353 60.82 31.04 55.23
N ASP E 354 60.92 30.06 56.13
CA ASP E 354 60.64 30.24 57.54
C ASP E 354 61.72 29.55 58.36
N THR E 355 62.41 30.32 59.20
CA THR E 355 63.45 29.77 60.06
C THR E 355 62.83 29.37 61.40
N VAL E 356 62.88 28.08 61.73
CA VAL E 356 62.28 27.58 62.96
C VAL E 356 63.33 26.76 63.72
N TYR E 357 63.13 26.67 65.03
CA TYR E 357 64.14 26.18 65.96
C TYR E 357 64.15 24.66 66.07
N ILE E 358 65.34 24.12 66.31
CA ILE E 358 65.54 22.72 66.67
C ILE E 358 65.72 22.64 68.17
N GLN E 359 65.96 21.43 68.70
CA GLN E 359 66.20 21.27 70.12
C GLN E 359 67.64 21.51 70.52
N GLY E 360 68.54 21.66 69.55
CA GLY E 360 69.94 21.95 69.84
C GLY E 360 70.23 23.43 69.95
N VAL E 361 69.18 24.24 70.11
CA VAL E 361 69.27 25.69 70.21
C VAL E 361 70.04 26.24 69.01
N ARG E 362 69.62 25.86 67.80
CA ARG E 362 70.19 26.37 66.57
C ARG E 362 69.09 26.59 65.56
N ALA E 363 69.25 27.62 64.74
CA ALA E 363 68.24 28.03 63.77
C ALA E 363 68.70 27.64 62.37
N VAL E 364 67.79 27.05 61.60
CA VAL E 364 68.04 26.67 60.21
C VAL E 364 66.81 27.01 59.39
N GLN E 365 67.03 27.50 58.18
CA GLN E 365 65.92 27.91 57.32
C GLN E 365 65.18 26.70 56.78
N PHE E 366 63.85 26.80 56.74
CA PHE E 366 63.00 25.75 56.19
C PHE E 366 62.12 26.37 55.12
N GLU E 367 62.18 25.84 53.91
CA GLU E 367 61.32 26.30 52.82
C GLU E 367 60.03 25.51 52.86
N TYR E 368 58.92 26.20 53.10
CA TYR E 368 57.60 25.58 53.18
C TYR E 368 56.69 26.17 52.12
N TRP E 369 55.47 25.64 52.05
CA TRP E 369 54.48 26.01 51.06
C TRP E 369 53.21 26.44 51.77
N SER E 370 52.64 27.56 51.36
CA SER E 370 51.32 27.97 51.81
C SER E 370 50.38 27.85 50.61
N GLU E 371 49.56 26.80 50.62
CA GLU E 371 48.53 26.58 49.63
C GLU E 371 47.44 25.76 50.29
N GLN E 372 46.22 25.87 49.76
CA GLN E 372 45.20 24.86 50.02
C GLN E 372 45.30 23.87 48.86
N GLU E 373 45.82 22.69 49.13
CA GLU E 373 46.26 21.79 48.07
C GLU E 373 45.86 20.37 48.39
N GLU E 374 45.26 19.70 47.41
CA GLU E 374 44.75 18.34 47.57
C GLU E 374 45.55 17.42 46.65
N PHE E 375 46.36 16.55 47.23
CA PHE E 375 47.20 15.63 46.50
C PHE E 375 46.90 14.18 46.90
N TYR E 376 47.25 13.26 46.01
CA TYR E 376 47.04 11.83 46.17
C TYR E 376 48.38 11.17 46.48
N GLY E 377 48.45 10.48 47.62
CA GLY E 377 49.62 9.72 48.00
C GLY E 377 49.59 8.28 47.53
N GLU E 378 50.77 7.78 47.19
CA GLU E 378 50.97 6.45 46.63
C GLU E 378 52.19 5.82 47.29
N TYR E 379 51.98 4.69 47.98
CA TYR E 379 53.05 3.95 48.62
C TYR E 379 52.79 2.46 48.44
N LYS E 380 53.82 1.65 48.73
CA LYS E 380 53.70 0.22 48.54
C LYS E 380 52.52 -0.34 49.32
N SER E 381 51.61 -1.01 48.61
CA SER E 381 50.42 -1.64 49.18
C SER E 381 49.53 -0.66 49.93
N ALA E 382 49.67 0.64 49.67
CA ALA E 382 48.82 1.60 50.35
C ALA E 382 48.63 2.85 49.49
N THR E 383 47.41 3.37 49.47
CA THR E 383 47.08 4.60 48.78
C THR E 383 46.34 5.51 49.73
N ALA E 384 46.42 6.82 49.49
CA ALA E 384 45.70 7.73 50.36
C ALA E 384 45.47 9.05 49.65
N LEU E 385 44.74 9.93 50.33
CA LEU E 385 44.40 11.26 49.83
C LEU E 385 44.64 12.26 50.95
N PHE E 386 45.43 13.29 50.66
CA PHE E 386 45.79 14.30 51.64
C PHE E 386 45.51 15.68 51.07
N SER E 387 45.29 16.64 51.97
CA SER E 387 45.17 18.04 51.61
C SER E 387 45.82 18.85 52.71
N ARG E 388 46.77 19.70 52.31
CA ARG E 388 47.52 20.55 53.22
C ARG E 388 47.11 22.00 52.99
N LYS E 389 47.04 22.76 54.09
CA LYS E 389 46.78 24.20 54.02
C LYS E 389 47.69 24.89 55.00
N GLU E 390 48.49 25.85 54.51
CA GLU E 390 49.34 26.68 55.35
C GLU E 390 50.28 25.83 56.21
N ARG E 391 51.09 25.02 55.52
CA ARG E 391 52.16 24.20 56.10
C ARG E 391 51.67 23.19 57.13
N SER E 392 50.38 22.84 57.08
CA SER E 392 49.85 21.83 57.99
C SER E 392 48.75 21.07 57.29
N LEU E 393 48.68 19.76 57.54
CA LEU E 393 47.69 18.92 56.89
C LEU E 393 46.28 19.35 57.29
N GLU E 394 45.43 19.54 56.29
CA GLU E 394 44.04 19.91 56.54
C GLU E 394 43.15 18.67 56.61
N TRP E 395 43.06 17.91 55.51
CA TRP E 395 42.21 16.74 55.47
C TRP E 395 43.02 15.52 55.06
N ILE E 396 42.71 14.35 55.63
CA ILE E 396 43.46 13.13 55.38
C ILE E 396 42.51 11.94 55.35
N THR E 397 42.74 11.04 54.41
CA THR E 397 42.04 9.75 54.41
C THR E 397 42.96 8.69 53.83
N ILE E 398 42.95 7.50 54.42
CA ILE E 398 43.88 6.42 54.09
C ILE E 398 43.09 5.26 53.48
N GLY E 399 43.50 4.83 52.30
CA GLY E 399 42.91 3.67 51.64
C GLY E 399 43.81 2.45 51.61
N GLY E 400 44.81 2.40 52.48
CA GLY E 400 45.85 1.40 52.38
C GLY E 400 45.42 0.01 52.80
N GLY E 401 46.07 -1.00 52.22
CA GLY E 401 45.83 -2.39 52.53
C GLY E 401 46.46 -2.92 53.82
N ILE E 402 47.74 -2.64 54.03
CA ILE E 402 48.52 -3.22 55.12
C ILE E 402 48.79 -2.15 56.17
N ASN E 403 48.76 -2.56 57.45
CA ASN E 403 48.86 -1.60 58.55
C ASN E 403 50.20 -0.86 58.51
N GLU E 404 51.31 -1.60 58.40
CA GLU E 404 52.62 -0.96 58.38
C GLU E 404 52.73 0.05 57.24
N ASP E 405 52.28 -0.35 56.05
CA ASP E 405 52.32 0.56 54.91
C ASP E 405 51.43 1.78 55.13
N ARG E 406 50.32 1.60 55.85
CA ARG E 406 49.50 2.75 56.24
C ARG E 406 50.30 3.71 57.11
N LYS E 407 50.99 3.17 58.13
CA LYS E 407 51.82 4.02 58.99
C LYS E 407 52.89 4.74 58.18
N ARG E 408 53.49 4.05 57.21
CA ARG E 408 54.52 4.69 56.38
C ARG E 408 53.93 5.83 55.56
N LEU E 409 52.76 5.59 54.95
CA LEU E 409 52.04 6.68 54.27
C LEU E 409 51.85 7.87 55.18
N LEU E 410 51.24 7.63 56.36
CA LEU E 410 51.01 8.71 57.33
C LEU E 410 52.29 9.48 57.61
N ALA E 411 53.36 8.76 57.97
CA ALA E 411 54.65 9.38 58.26
C ALA E 411 55.12 10.24 57.10
N MET E 412 55.48 9.61 55.99
CA MET E 412 56.05 10.34 54.85
C MET E 412 55.23 11.57 54.49
N CYS E 413 53.90 11.42 54.44
CA CYS E 413 53.06 12.56 54.10
C CYS E 413 53.09 13.63 55.19
N MET E 414 53.34 13.23 56.43
CA MET E 414 53.61 14.22 57.47
C MET E 414 54.93 14.93 57.21
N ILE E 415 55.94 14.20 56.72
CA ILE E 415 57.22 14.84 56.39
C ILE E 415 57.01 15.89 55.31
N PHE E 416 56.31 15.54 54.23
CA PHE E 416 56.01 16.53 53.22
C PHE E 416 55.09 17.63 53.74
N CYS E 417 54.34 17.35 54.80
CA CYS E 417 53.43 18.34 55.38
C CYS E 417 54.19 19.37 56.22
N ARG E 418 55.17 18.92 57.00
CA ARG E 418 56.06 19.79 57.78
C ARG E 418 55.28 20.65 58.77
N ASP E 419 54.76 20.00 59.81
CA ASP E 419 54.08 20.72 60.88
C ASP E 419 55.10 21.34 61.82
N GLY E 420 54.62 21.96 62.90
CA GLY E 420 55.52 22.53 63.89
C GLY E 420 56.23 21.47 64.71
N ASP E 421 55.55 20.36 65.00
CA ASP E 421 56.19 19.27 65.73
C ASP E 421 57.39 18.71 64.99
N TYR E 422 57.44 18.90 63.67
CA TYR E 422 58.62 18.55 62.88
C TYR E 422 59.90 19.13 63.47
N PHE E 423 59.81 20.34 64.05
CA PHE E 423 60.98 20.96 64.66
C PHE E 423 61.24 20.45 66.07
N LYS E 424 60.21 19.99 66.77
CA LYS E 424 60.36 19.70 68.20
C LYS E 424 61.24 18.48 68.44
N ASP E 425 61.20 17.49 67.53
CA ASP E 425 62.01 16.30 67.67
C ASP E 425 63.36 16.54 67.00
N ALA E 426 64.43 16.56 67.81
CA ALA E 426 65.78 16.57 67.27
C ALA E 426 66.73 15.74 68.13
N PRO E 427 66.53 14.42 68.22
CA PRO E 427 67.47 13.57 68.98
C PRO E 427 68.75 13.27 68.22
N ALA E 428 69.76 14.13 68.35
CA ALA E 428 71.08 13.95 67.75
C ALA E 428 71.02 14.06 66.22
N THR E 429 70.16 14.93 65.72
CA THR E 429 70.07 15.15 64.28
C THR E 429 71.30 15.85 63.74
N ILE E 430 71.85 16.80 64.50
CA ILE E 430 72.90 17.66 63.96
C ILE E 430 74.21 16.91 63.74
N THR E 431 74.52 15.95 64.61
CA THR E 431 75.83 15.30 64.54
C THR E 431 76.08 14.67 63.17
N MET E 432 75.03 14.18 62.52
CA MET E 432 75.18 13.46 61.26
C MET E 432 74.23 14.02 60.19
N ALA E 433 72.92 13.90 60.43
CA ALA E 433 71.93 14.21 59.41
C ALA E 433 72.00 15.66 58.94
N ASP E 434 72.47 16.57 59.80
CA ASP E 434 72.54 17.98 59.42
C ASP E 434 73.42 18.17 58.20
N LEU E 435 74.68 17.75 58.28
CA LEU E 435 75.63 17.89 57.20
C LEU E 435 75.82 16.53 56.56
N SER E 436 75.30 16.34 55.35
CA SER E 436 75.64 15.17 54.57
C SER E 436 77.09 15.28 54.12
N THR E 437 77.83 14.18 54.18
CA THR E 437 79.22 14.26 53.75
C THR E 437 79.24 13.91 52.27
N LYS E 438 79.19 14.95 51.45
CA LYS E 438 79.57 14.91 50.05
C LYS E 438 80.22 16.25 49.74
N LEU E 439 81.54 16.28 49.58
CA LEU E 439 82.26 17.53 49.36
C LEU E 439 81.75 18.65 50.27
N GLY E 440 81.38 18.31 51.51
CA GLY E 440 80.80 19.28 52.43
C GLY E 440 79.52 19.94 51.95
N ARG E 441 78.51 19.15 51.59
CA ARG E 441 77.24 19.67 51.10
C ARG E 441 76.16 19.52 52.17
N GLU E 442 75.48 20.62 52.48
CA GLU E 442 74.34 20.60 53.38
C GLU E 442 73.13 20.04 52.65
N ILE E 443 72.54 18.98 53.19
CA ILE E 443 71.43 18.30 52.54
C ILE E 443 70.12 18.92 53.00
N PRO E 444 69.14 19.11 52.11
CA PRO E 444 67.88 19.75 52.50
C PRO E 444 67.19 19.04 53.66
N TYR E 445 66.40 19.81 54.39
CA TYR E 445 65.96 19.49 55.75
C TYR E 445 64.79 18.52 55.76
N GLN E 446 63.84 18.69 54.85
CA GLN E 446 62.75 17.73 54.69
C GLN E 446 63.30 16.32 54.52
N TYR E 447 64.26 16.16 53.60
CA TYR E 447 64.95 14.88 53.44
C TYR E 447 65.83 14.54 54.65
N VAL E 448 66.27 15.55 55.41
CA VAL E 448 67.04 15.27 56.62
C VAL E 448 66.20 14.47 57.62
N MET E 449 65.05 15.02 58.01
CA MET E 449 64.22 14.31 58.97
C MET E 449 63.55 13.09 58.34
N MET E 450 63.34 13.12 57.03
CA MET E 450 62.95 11.90 56.32
C MET E 450 63.95 10.78 56.59
N ASN E 451 65.24 11.08 56.44
CA ASN E 451 66.27 10.08 56.70
C ASN E 451 66.33 9.71 58.18
N TRP E 452 66.09 10.69 59.06
CA TRP E 452 66.05 10.38 60.49
C TRP E 452 64.95 9.39 60.81
N ILE E 453 63.83 9.46 60.08
CA ILE E 453 62.75 8.50 60.29
C ILE E 453 63.08 7.16 59.66
N GLN E 454 63.73 7.17 58.48
CA GLN E 454 64.16 5.92 57.87
C GLN E 454 65.24 5.22 58.71
N LYS E 455 65.90 5.94 59.61
CA LYS E 455 66.98 5.38 60.43
C LYS E 455 66.54 4.18 61.25
N SER E 456 65.71 4.40 62.26
CA SER E 456 65.39 3.37 63.24
C SER E 456 63.87 3.23 63.39
N GLU E 457 63.47 2.31 64.26
CA GLU E 457 62.06 2.01 64.45
C GLU E 457 61.37 3.03 65.36
N ASP E 458 62.05 3.46 66.42
CA ASP E 458 61.43 4.39 67.37
C ASP E 458 61.26 5.79 66.77
N ASN E 459 62.07 6.14 65.76
CA ASN E 459 61.91 7.45 65.14
C ASN E 459 60.56 7.57 64.44
N LEU E 460 60.03 6.46 63.91
CA LEU E 460 58.67 6.46 63.38
C LEU E 460 57.66 6.71 64.49
N GLU E 461 57.82 6.02 65.63
CA GLU E 461 56.91 6.20 66.75
C GLU E 461 56.93 7.64 67.27
N ALA E 462 58.09 8.32 67.17
CA ALA E 462 58.20 9.68 67.66
C ALA E 462 57.24 10.62 66.93
N LEU E 463 57.36 10.72 65.61
CA LEU E 463 56.50 11.64 64.88
C LEU E 463 55.08 11.10 64.76
N LEU E 464 54.91 9.78 64.75
CA LEU E 464 53.57 9.22 64.81
C LEU E 464 52.85 9.71 66.05
N TYR E 465 53.55 9.79 67.18
CA TYR E 465 52.99 10.36 68.41
C TYR E 465 52.96 11.88 68.35
N SER E 466 53.74 12.51 67.46
CA SER E 466 53.76 13.96 67.36
C SER E 466 52.42 14.52 66.89
N ARG E 467 51.61 13.72 66.19
CA ARG E 467 50.27 14.14 65.85
C ARG E 467 49.36 14.04 67.06
N GLY E 468 48.30 14.85 67.06
CA GLY E 468 47.33 14.79 68.13
C GLY E 468 46.66 13.44 68.20
N ILE E 469 46.56 12.88 69.41
CA ILE E 469 45.93 11.59 69.63
C ILE E 469 44.69 11.81 70.51
N VAL E 470 43.57 11.25 70.08
CA VAL E 470 42.31 11.36 70.81
C VAL E 470 41.56 10.04 70.69
N GLU E 471 40.80 9.71 71.72
CA GLU E 471 39.87 8.59 71.63
C GLU E 471 38.74 8.99 70.70
N THR E 472 38.55 8.22 69.64
CA THR E 472 37.59 8.59 68.61
C THR E 472 36.15 8.32 69.02
N ASN E 473 35.25 9.14 68.50
CA ASN E 473 33.83 9.05 68.80
C ASN E 473 33.20 7.87 68.07
N PRO E 474 32.06 7.39 68.54
CA PRO E 474 31.32 6.38 67.78
C PRO E 474 30.94 6.89 66.41
N GLY E 475 30.90 5.99 65.45
CA GLY E 475 30.74 6.33 64.05
C GLY E 475 32.05 6.50 63.30
N LYS E 476 33.13 6.79 64.01
CA LYS E 476 34.47 6.77 63.45
C LYS E 476 35.21 5.46 63.74
N MET E 477 34.53 4.49 64.33
CA MET E 477 35.16 3.23 64.72
C MET E 477 35.89 2.59 63.55
N GLY E 478 35.23 2.48 62.40
CA GLY E 478 35.87 1.88 61.24
C GLY E 478 36.91 2.76 60.59
N SER E 479 36.72 4.08 60.67
CA SER E 479 37.64 5.01 60.03
C SER E 479 38.87 5.32 60.88
N SER E 480 38.84 5.06 62.18
CA SER E 480 39.92 5.49 63.06
C SER E 480 41.17 4.66 62.83
N MET E 481 42.33 5.30 63.05
CA MET E 481 43.64 4.72 62.79
C MET E 481 44.44 4.67 64.08
N GLY E 482 44.81 3.47 64.51
CA GLY E 482 45.66 3.32 65.66
C GLY E 482 47.10 3.71 65.38
N ILE E 483 47.89 3.80 66.45
CA ILE E 483 49.30 4.17 66.30
C ILE E 483 50.04 3.09 65.52
N ASP E 484 49.67 1.83 65.71
CA ASP E 484 50.30 0.72 65.01
C ASP E 484 49.61 0.38 63.70
N GLY E 485 48.60 1.14 63.29
CA GLY E 485 47.99 0.97 62.00
C GLY E 485 46.73 0.14 61.95
N SER E 486 46.02 -0.02 63.06
CA SER E 486 44.86 -0.91 63.09
C SER E 486 43.57 -0.12 63.27
N LYS E 487 42.45 -0.84 63.18
CA LYS E 487 41.12 -0.27 63.17
C LYS E 487 40.39 -0.38 64.50
N ARG E 488 41.03 -0.93 65.54
CA ARG E 488 40.32 -1.17 66.81
C ARG E 488 39.70 0.12 67.36
N ALA E 489 40.29 1.27 67.05
CA ALA E 489 39.71 2.59 67.31
C ALA E 489 39.54 2.90 68.80
N ILE E 490 40.37 2.30 69.66
CA ILE E 490 40.40 2.71 71.05
C ILE E 490 41.05 4.09 71.18
N LYS E 491 42.26 4.22 70.66
CA LYS E 491 42.98 5.48 70.57
C LYS E 491 43.38 5.69 69.13
N SER E 492 43.22 6.92 68.62
CA SER E 492 43.47 7.18 67.22
C SER E 492 44.06 8.57 67.03
N LEU E 493 44.72 8.76 65.89
CA LEU E 493 45.35 10.00 65.53
C LEU E 493 44.30 11.03 65.09
N ARG E 494 44.68 12.31 65.16
CA ARG E 494 43.78 13.40 64.84
C ARG E 494 43.95 13.83 63.39
N ALA E 495 42.84 14.22 62.76
CA ALA E 495 42.81 14.69 61.38
C ALA E 495 43.21 13.59 60.41
N VAL E 496 42.80 12.36 60.71
CA VAL E 496 43.01 11.22 59.82
C VAL E 496 41.87 10.25 60.02
N THR E 497 41.41 9.65 58.92
CA THR E 497 40.40 8.61 58.96
C THR E 497 40.72 7.58 57.88
N ILE E 498 40.63 6.30 58.25
CA ILE E 498 40.81 5.24 57.26
C ILE E 498 39.52 5.06 56.48
N GLN E 499 39.66 4.70 55.21
CA GLN E 499 38.53 4.31 54.38
C GLN E 499 38.61 2.81 54.13
N SER E 500 37.45 2.16 54.10
CA SER E 500 37.43 0.73 53.81
C SER E 500 37.29 0.61 52.30
N GLY E 501 38.40 0.29 51.66
CA GLY E 501 38.53 0.26 50.22
C GLY E 501 39.88 0.78 49.83
N LYS E 502 40.09 0.95 48.53
CA LYS E 502 41.26 1.65 48.03
C LYS E 502 40.87 3.07 47.64
N ILE E 503 41.82 3.82 47.11
CA ILE E 503 41.59 5.20 46.71
C ILE E 503 42.07 5.38 45.27
N ASP E 504 41.25 6.04 44.46
CA ASP E 504 41.51 6.15 43.03
C ASP E 504 42.66 7.08 42.74
N MET E 505 43.42 6.76 41.69
CA MET E 505 44.60 7.51 41.28
C MET E 505 44.27 8.45 40.14
N PRO E 506 44.63 9.73 40.23
CA PRO E 506 44.37 10.65 39.13
C PRO E 506 45.34 10.43 37.97
N GLU E 507 44.95 10.95 36.81
CA GLU E 507 45.73 10.87 35.59
C GLU E 507 45.59 12.16 34.81
N SER E 508 46.68 12.62 34.20
CA SER E 508 46.67 13.76 33.32
C SER E 508 47.64 13.49 32.18
N LYS E 509 47.25 13.87 30.97
CA LYS E 509 48.14 13.76 29.82
C LYS E 509 48.85 15.11 29.69
N GLU E 510 50.13 15.13 30.05
CA GLU E 510 50.89 16.38 30.13
C GLU E 510 52.36 16.05 29.95
N LYS E 511 53.10 17.02 29.38
CA LYS E 511 54.54 16.92 29.21
C LYS E 511 55.17 18.20 29.70
N ILE E 512 56.04 18.10 30.71
CA ILE E 512 56.76 19.25 31.25
C ILE E 512 58.22 18.85 31.46
N HIS E 513 59.13 19.75 31.08
CA HIS E 513 60.55 19.49 31.23
C HIS E 513 61.29 20.79 31.50
N LEU E 514 62.26 20.74 32.40
CA LEU E 514 63.15 21.85 32.68
C LEU E 514 64.48 21.30 33.18
N GLU E 515 65.51 22.14 33.11
CA GLU E 515 66.85 21.73 33.49
C GLU E 515 66.94 21.49 35.00
N LEU E 516 67.98 20.75 35.40
CA LEU E 516 68.17 20.33 36.77
C LEU E 516 69.27 21.15 37.45
N SER E 517 69.10 21.36 38.76
CA SER E 517 70.11 22.03 39.56
C SER E 517 71.30 21.12 39.81
N ASP E 518 72.42 21.74 40.18
CA ASP E 518 73.69 21.03 40.31
C ASP E 518 73.70 19.97 41.41
N ASN E 519 72.72 20.00 42.31
CA ASN E 519 72.66 19.04 43.41
C ASN E 519 71.77 17.84 43.11
N LEU E 520 71.42 17.63 41.84
CA LEU E 520 70.44 16.62 41.40
C LEU E 520 69.03 16.99 41.84
N GLU E 521 68.71 18.28 41.73
CA GLU E 521 67.39 18.81 41.99
C GLU E 521 66.77 19.28 40.68
N ALA E 522 65.50 18.95 40.47
CA ALA E 522 64.77 19.34 39.27
C ALA E 522 63.68 20.32 39.69
N PHE E 523 63.83 21.58 39.28
CA PHE E 523 62.93 22.66 39.62
C PHE E 523 61.80 22.81 38.60
N ASP E 524 61.57 21.78 37.76
CA ASP E 524 60.67 21.86 36.62
C ASP E 524 59.31 22.40 37.03
N SER E 525 58.68 23.12 36.09
CA SER E 525 57.47 23.90 36.32
C SER E 525 57.71 25.07 37.27
N SER E 526 58.93 25.61 37.26
CA SER E 526 59.30 26.78 38.05
C SER E 526 59.09 26.54 39.54
N GLY E 527 59.46 25.37 39.99
CA GLY E 527 59.25 24.98 41.38
C GLY E 527 59.09 23.47 41.49
N ARG E 528 58.35 23.06 42.51
CA ARG E 528 57.71 21.75 42.68
C ARG E 528 58.65 20.67 43.20
N ILE E 529 59.97 20.89 43.22
CA ILE E 529 60.97 20.02 43.86
C ILE E 529 60.72 18.54 43.58
N VAL E 530 60.56 18.19 42.30
CA VAL E 530 60.15 16.83 41.94
C VAL E 530 61.28 15.81 42.03
N ALA E 531 62.54 16.24 42.09
CA ALA E 531 63.66 15.31 41.94
C ALA E 531 64.03 14.57 43.23
N THR E 532 63.56 15.05 44.38
CA THR E 532 63.70 14.40 45.70
C THR E 532 65.15 14.00 46.00
N ILE E 533 66.11 14.71 45.39
CA ILE E 533 67.53 14.41 45.53
C ILE E 533 67.76 12.91 45.34
N LEU E 534 68.38 12.27 46.34
CA LEU E 534 68.62 10.84 46.30
C LEU E 534 67.47 10.11 46.99
N ASP E 535 66.77 9.27 46.23
CA ASP E 535 65.61 8.56 46.78
C ASP E 535 66.03 7.54 47.83
N LEU E 536 66.95 6.63 47.46
CA LEU E 536 67.35 5.54 48.33
C LEU E 536 68.86 5.45 48.37
N PRO E 537 69.45 5.23 49.56
CA PRO E 537 70.91 5.12 49.64
C PRO E 537 71.42 3.70 49.61
N SER E 538 71.16 2.98 48.52
CA SER E 538 71.70 1.63 48.37
C SER E 538 73.14 1.73 47.90
N ASP E 539 74.07 1.22 48.71
CA ASP E 539 75.45 1.06 48.26
C ASP E 539 75.65 -0.42 47.95
N LYS E 540 75.58 -0.74 46.66
CA LYS E 540 75.78 -2.09 46.15
C LYS E 540 76.21 -1.95 44.70
N LYS E 541 77.04 -2.88 44.24
CA LYS E 541 77.34 -3.00 42.81
C LYS E 541 77.13 -4.44 42.41
N VAL E 542 76.06 -4.69 41.65
CA VAL E 542 75.79 -5.98 41.03
C VAL E 542 75.16 -5.72 39.67
N THR E 543 75.73 -6.30 38.63
CA THR E 543 75.22 -6.12 37.27
C THR E 543 75.37 -7.42 36.51
N PHE E 544 74.47 -7.63 35.55
CA PHE E 544 74.49 -8.82 34.70
C PHE E 544 74.28 -8.39 33.26
N GLN E 545 75.28 -8.67 32.41
CA GLN E 545 75.22 -8.38 30.97
C GLN E 545 75.01 -6.90 30.72
N ASP E 546 75.81 -6.07 31.41
CA ASP E 546 75.71 -4.62 31.31
C ASP E 546 77.06 -4.04 30.91
N VAL E 547 77.02 -2.93 30.19
CA VAL E 547 78.21 -2.30 29.62
C VAL E 547 78.38 -0.92 30.22
N SER E 548 79.63 -0.52 30.45
CA SER E 548 79.97 0.83 30.88
C SER E 548 81.25 1.25 30.15
N PHE E 549 81.66 2.49 30.32
CA PHE E 549 82.76 3.04 29.52
C PHE E 549 83.23 4.36 30.14
N GLN E 550 84.30 4.92 29.54
CA GLN E 550 84.83 6.26 29.77
C GLN E 550 84.99 6.64 31.24
N HIS E 551 86.03 6.11 31.87
CA HIS E 551 86.37 6.39 33.26
C HIS E 551 85.16 6.24 34.18
N PRO E 552 84.54 5.05 34.21
CA PRO E 552 83.25 4.91 34.90
C PRO E 552 83.30 5.18 36.40
N ASP E 553 84.49 5.27 37.00
CA ASP E 553 84.72 5.43 38.44
C ASP E 553 84.47 4.12 39.18
N LEU E 554 83.93 3.12 38.47
CA LEU E 554 83.96 1.73 38.91
C LEU E 554 85.09 1.05 38.16
N ALA E 555 85.95 0.33 38.88
CA ALA E 555 87.11 -0.27 38.24
C ALA E 555 86.77 -1.70 37.84
N VAL E 556 86.46 -1.90 36.57
CA VAL E 556 86.51 -3.21 35.93
C VAL E 556 87.73 -3.38 35.04
N LEU E 557 88.53 -2.32 34.88
CA LEU E 557 89.50 -2.22 33.80
C LEU E 557 90.90 -2.55 34.32
N ARG E 558 91.41 -3.71 33.92
CA ARG E 558 92.80 -4.08 34.15
C ARG E 558 93.72 -3.35 33.17
N ASP E 559 95.00 -3.28 33.52
CA ASP E 559 95.98 -2.66 32.64
C ASP E 559 96.16 -3.45 31.35
N GLU E 560 96.42 -4.75 31.47
CA GLU E 560 96.64 -5.58 30.29
C GLU E 560 95.38 -5.66 29.42
N LYS E 561 94.21 -5.79 30.06
CA LYS E 561 92.97 -5.89 29.30
C LYS E 561 92.61 -4.56 28.64
N THR E 562 92.92 -3.42 29.26
CA THR E 562 92.71 -2.16 28.57
C THR E 562 93.72 -1.97 27.44
N ALA E 563 94.91 -2.54 27.57
CA ALA E 563 95.86 -2.52 26.47
C ALA E 563 95.34 -3.31 25.28
N ILE E 564 94.82 -4.51 25.53
CA ILE E 564 94.29 -5.35 24.46
C ILE E 564 93.04 -4.70 23.84
N THR E 565 92.07 -4.34 24.68
CA THR E 565 90.80 -3.86 24.17
C THR E 565 90.92 -2.50 23.50
N LYS E 566 91.69 -1.58 24.11
CA LYS E 566 91.91 -0.28 23.48
C LYS E 566 92.75 -0.44 22.22
N GLY E 567 93.75 -1.33 22.24
CA GLY E 567 94.51 -1.62 21.03
C GLY E 567 93.63 -2.10 19.90
N TYR E 568 92.62 -2.92 20.21
CA TYR E 568 91.66 -3.31 19.18
C TYR E 568 90.78 -2.14 18.76
N GLU E 569 90.38 -1.30 19.72
CA GLU E 569 89.46 -0.20 19.42
C GLU E 569 90.11 0.83 18.50
N ALA E 570 91.42 1.01 18.57
CA ALA E 570 92.10 1.88 17.62
C ALA E 570 91.87 1.39 16.20
N LEU E 571 92.17 0.11 15.94
CA LEU E 571 91.98 -0.47 14.62
C LEU E 571 90.52 -0.39 14.18
N ILE E 572 89.61 -0.95 14.98
CA ILE E 572 88.21 -1.03 14.58
C ILE E 572 87.65 0.36 14.31
N LYS E 573 87.88 1.30 15.25
CA LYS E 573 87.21 2.59 15.16
C LYS E 573 87.84 3.48 14.09
N ARG E 574 89.17 3.51 14.01
CA ARG E 574 89.82 4.49 13.14
C ARG E 574 89.69 4.18 11.65
N LEU E 575 89.13 3.03 11.28
CA LEU E 575 89.10 2.60 9.89
C LEU E 575 87.68 2.59 9.37
N GLY E 576 87.55 2.78 8.06
CA GLY E 576 86.25 2.94 7.41
C GLY E 576 85.97 4.31 6.83
N THR E 577 86.84 5.31 7.05
CA THR E 577 86.56 6.64 6.53
C THR E 577 86.89 6.78 5.05
N GLY E 578 88.02 6.26 4.61
CA GLY E 578 88.49 6.55 3.27
C GLY E 578 89.65 5.68 2.85
N ASP E 579 90.36 6.14 1.83
CA ASP E 579 91.52 5.42 1.33
C ASP E 579 92.60 5.31 2.40
N ASN E 580 93.43 4.27 2.27
CA ASN E 580 94.41 3.86 3.28
C ASN E 580 93.74 3.45 4.58
N ASP E 581 92.48 3.04 4.51
CA ASP E 581 91.77 2.41 5.61
C ASP E 581 91.25 1.06 5.13
N ILE E 582 90.86 0.21 6.11
CA ILE E 582 90.49 -1.17 5.79
C ILE E 582 89.55 -1.30 4.59
N PRO E 583 88.44 -0.56 4.49
CA PRO E 583 87.51 -0.81 3.38
C PRO E 583 88.11 -0.60 2.01
N SER E 584 88.86 0.48 1.79
CA SER E 584 89.47 0.70 0.49
C SER E 584 90.53 -0.35 0.19
N LEU E 585 91.26 -0.79 1.21
CA LEU E 585 92.24 -1.85 1.01
C LEU E 585 91.57 -3.16 0.63
N ILE E 586 90.44 -3.48 1.27
CA ILE E 586 89.71 -4.71 0.95
C ILE E 586 89.12 -4.63 -0.46
N ALA E 587 88.63 -3.45 -0.85
CA ALA E 587 88.12 -3.29 -2.21
C ALA E 587 89.24 -3.35 -3.24
N LYS E 588 90.45 -2.95 -2.88
CA LYS E 588 91.61 -3.08 -3.75
C LYS E 588 92.20 -4.49 -3.74
N LYS E 589 91.75 -5.36 -2.84
CA LYS E 589 92.24 -6.71 -2.62
C LYS E 589 93.64 -6.74 -2.04
N ASP E 590 94.27 -5.58 -1.81
CA ASP E 590 95.65 -5.52 -1.34
C ASP E 590 95.65 -5.58 0.19
N TYR E 591 96.20 -6.67 0.72
CA TYR E 591 96.28 -6.88 2.16
C TYR E 591 97.64 -6.53 2.75
N LEU E 592 98.61 -6.11 1.93
CA LEU E 592 99.93 -5.77 2.46
C LEU E 592 99.90 -4.46 3.22
N SER E 593 99.25 -3.43 2.64
CA SER E 593 99.06 -2.18 3.37
C SER E 593 98.28 -2.41 4.66
N LEU E 594 97.38 -3.39 4.67
CA LEU E 594 96.60 -3.70 5.86
C LEU E 594 97.47 -4.28 6.96
N TYR E 595 98.52 -5.03 6.61
CA TYR E 595 99.45 -5.52 7.61
C TYR E 595 100.26 -4.38 8.22
N ASN E 596 100.81 -3.52 7.37
CA ASN E 596 101.70 -2.43 7.75
C ASN E 596 101.00 -1.28 8.47
N LEU E 597 99.68 -1.36 8.65
CA LEU E 597 98.91 -0.25 9.20
C LEU E 597 99.55 0.26 10.50
N PRO E 598 99.54 1.58 10.74
CA PRO E 598 100.18 2.10 11.96
C PRO E 598 99.47 1.73 13.24
N GLU E 599 98.17 1.41 13.18
CA GLU E 599 97.44 0.97 14.36
C GLU E 599 97.77 -0.46 14.75
N VAL E 600 98.35 -1.25 13.84
CA VAL E 600 98.79 -2.59 14.19
C VAL E 600 100.12 -2.54 14.95
N LYS E 601 100.98 -1.57 14.60
CA LYS E 601 102.23 -1.40 15.33
C LYS E 601 101.98 -1.03 16.78
N LEU E 602 100.86 -0.37 17.07
CA LEU E 602 100.50 -0.11 18.46
C LEU E 602 100.22 -1.39 19.22
N MET E 603 99.58 -2.36 18.56
CA MET E 603 99.24 -3.63 19.20
C MET E 603 100.40 -4.61 19.23
N ALA E 604 101.40 -4.43 18.38
CA ALA E 604 102.50 -5.41 18.25
C ALA E 604 103.18 -5.77 19.57
N PRO E 605 103.59 -4.82 20.43
CA PRO E 605 104.40 -5.22 21.60
C PRO E 605 103.66 -6.08 22.61
N LEU E 606 102.33 -6.17 22.56
CA LEU E 606 101.57 -6.89 23.57
C LEU E 606 101.50 -8.39 23.34
N ILE E 607 101.92 -8.88 22.17
CA ILE E 607 101.85 -10.31 21.89
C ILE E 607 102.93 -11.05 22.66
N ARG E 608 102.72 -12.36 22.84
CA ARG E 608 103.73 -13.21 23.44
C ARG E 608 104.93 -13.31 22.51
N PRO E 609 106.15 -13.03 22.99
CA PRO E 609 107.31 -13.02 22.09
C PRO E 609 107.73 -14.41 21.61
N ASN E 610 107.46 -15.45 22.40
CA ASN E 610 107.97 -16.79 22.07
C ASN E 610 107.50 -17.24 20.69
N ARG E 611 106.19 -17.25 20.48
CA ARG E 611 105.57 -17.72 19.25
C ARG E 611 105.28 -16.61 18.25
N LYS E 612 105.75 -15.39 18.50
CA LYS E 612 105.32 -14.21 17.75
C LYS E 612 105.31 -14.47 16.24
N GLY E 613 106.41 -15.00 15.70
CA GLY E 613 106.43 -15.35 14.29
C GLY E 613 105.51 -16.51 13.95
N VAL E 614 105.48 -17.52 14.83
CA VAL E 614 104.62 -18.68 14.61
C VAL E 614 103.16 -18.25 14.55
N TYR E 615 102.77 -17.29 15.39
CA TYR E 615 101.43 -16.71 15.31
C TYR E 615 101.25 -15.95 14.00
N SER E 616 102.23 -15.10 13.67
CA SER E 616 102.11 -14.23 12.50
C SER E 616 101.94 -15.02 11.21
N ARG E 617 102.54 -16.21 11.12
CA ARG E 617 102.42 -17.00 9.89
C ARG E 617 100.98 -17.42 9.65
N VAL E 618 100.35 -18.05 10.65
CA VAL E 618 98.97 -18.50 10.49
C VAL E 618 98.04 -17.31 10.34
N ALA E 619 98.33 -16.20 11.03
CA ALA E 619 97.49 -15.02 10.92
C ALA E 619 97.51 -14.46 9.50
N ARG E 620 98.71 -14.19 8.98
CA ARG E 620 98.87 -13.74 7.60
C ARG E 620 98.22 -14.71 6.62
N LYS E 621 98.33 -16.02 6.90
CA LYS E 621 97.67 -17.02 6.08
C LYS E 621 96.16 -16.80 6.02
N LEU E 622 95.53 -16.69 7.20
CA LEU E 622 94.08 -16.52 7.24
C LEU E 622 93.64 -15.24 6.54
N VAL E 623 94.36 -14.13 6.78
CA VAL E 623 93.98 -12.87 6.14
C VAL E 623 94.12 -12.99 4.63
N SER E 624 95.17 -13.66 4.15
CA SER E 624 95.39 -13.76 2.72
C SER E 624 94.35 -14.65 2.04
N THR E 625 94.00 -15.77 2.68
CA THR E 625 93.04 -16.69 2.07
C THR E 625 91.63 -16.12 2.01
N GLN E 626 91.32 -15.10 2.81
CA GLN E 626 90.02 -14.46 2.77
C GLN E 626 89.98 -13.28 1.80
N VAL E 627 91.08 -12.98 1.11
CA VAL E 627 91.09 -11.86 0.18
C VAL E 627 90.15 -12.12 -0.99
N THR E 628 89.95 -13.38 -1.35
CA THR E 628 88.93 -13.71 -2.35
C THR E 628 87.55 -13.34 -1.82
N THR E 629 86.78 -12.62 -2.64
CA THR E 629 85.52 -12.07 -2.18
C THR E 629 84.47 -13.15 -1.96
N GLY E 630 83.56 -12.89 -1.03
CA GLY E 630 82.51 -13.81 -0.68
C GLY E 630 82.89 -14.89 0.31
N HIS E 631 84.19 -15.16 0.47
CA HIS E 631 84.68 -16.15 1.42
C HIS E 631 85.18 -15.53 2.73
N TYR E 632 85.18 -14.22 2.87
CA TYR E 632 85.84 -13.55 3.99
C TYR E 632 84.85 -13.20 5.08
N SER E 633 85.21 -13.52 6.32
CA SER E 633 84.47 -13.11 7.50
C SER E 633 85.07 -11.80 8.02
N LEU E 634 84.26 -10.75 8.09
CA LEU E 634 84.79 -9.42 8.39
C LEU E 634 85.10 -9.22 9.86
N HIS E 635 84.53 -10.04 10.75
CA HIS E 635 84.94 -10.00 12.15
C HIS E 635 86.26 -10.73 12.37
N GLU E 636 86.42 -11.89 11.71
CA GLU E 636 87.64 -12.67 11.82
C GLU E 636 88.85 -11.88 11.36
N LEU E 637 88.66 -10.93 10.43
CA LEU E 637 89.78 -10.10 9.98
C LEU E 637 90.28 -9.20 11.11
N ILE E 638 89.36 -8.60 11.86
CA ILE E 638 89.74 -7.79 13.01
C ILE E 638 90.38 -8.66 14.08
N LYS E 639 89.81 -9.84 14.33
CA LYS E 639 90.35 -10.72 15.36
C LYS E 639 91.78 -11.17 15.03
N VAL E 640 92.00 -11.57 13.78
CA VAL E 640 93.28 -12.17 13.38
C VAL E 640 94.34 -11.10 13.09
N LEU E 641 93.95 -9.92 12.61
CA LEU E 641 94.89 -8.95 12.04
C LEU E 641 96.07 -8.59 12.95
N PRO E 642 95.90 -8.20 14.21
CA PRO E 642 97.02 -7.59 14.96
C PRO E 642 98.28 -8.45 15.05
N PHE E 643 98.17 -9.77 14.87
CA PHE E 643 99.32 -10.64 15.00
C PHE E 643 100.14 -10.77 13.73
N THR E 644 99.65 -10.23 12.61
CA THR E 644 100.32 -10.38 11.31
C THR E 644 101.55 -9.51 11.16
N TYR E 645 101.74 -8.51 12.04
CA TYR E 645 102.75 -7.49 11.78
C TYR E 645 104.16 -8.07 11.75
N PHE E 646 104.44 -9.05 12.60
CA PHE E 646 105.80 -9.56 12.73
C PHE E 646 106.15 -10.49 11.57
N ALA E 647 107.44 -10.56 11.27
CA ALA E 647 107.94 -11.35 10.16
C ALA E 647 107.53 -12.80 10.30
N PRO E 648 106.76 -13.35 9.37
CA PRO E 648 106.31 -14.74 9.50
C PRO E 648 107.49 -15.71 9.48
N LYS E 649 107.53 -16.59 10.46
CA LYS E 649 108.47 -17.68 10.54
C LYS E 649 107.69 -18.98 10.39
N GLN E 650 108.37 -20.04 9.96
CA GLN E 650 107.68 -21.29 9.74
C GLN E 650 107.70 -22.01 11.08
N GLY E 651 106.56 -21.98 11.79
CA GLY E 651 106.49 -22.52 13.12
C GLY E 651 106.26 -24.01 13.16
N MET E 652 105.32 -24.48 12.33
CA MET E 652 104.87 -25.86 12.31
C MET E 652 104.19 -26.23 13.63
N PHE E 653 104.23 -25.34 14.60
CA PHE E 653 103.51 -25.49 15.86
C PHE E 653 102.19 -24.73 15.78
N GLU E 654 101.14 -25.31 16.36
CA GLU E 654 99.80 -24.74 16.21
C GLU E 654 99.72 -23.39 16.88
N GLY E 655 99.11 -22.43 16.18
CA GLY E 655 98.98 -21.07 16.68
C GLY E 655 97.59 -20.72 17.16
N ARG E 656 96.78 -21.72 17.51
CA ARG E 656 95.37 -21.47 17.83
C ARG E 656 95.22 -20.45 18.96
N LEU E 657 95.88 -20.66 20.08
CA LEU E 657 95.80 -19.75 21.22
C LEU E 657 96.89 -18.68 21.08
N PHE E 658 96.48 -17.43 20.93
CA PHE E 658 97.40 -16.31 20.77
C PHE E 658 97.53 -15.61 22.10
N PHE E 659 98.67 -15.76 22.76
CA PHE E 659 98.88 -15.09 24.04
C PHE E 659 99.21 -13.63 23.79
N SER E 660 98.34 -12.73 24.26
CA SER E 660 98.62 -11.31 24.31
C SER E 660 98.67 -10.97 25.80
N ASN E 661 99.88 -10.76 26.32
CA ASN E 661 100.12 -10.63 27.75
C ASN E 661 99.36 -11.70 28.54
N ASP E 662 99.57 -12.95 28.12
CA ASP E 662 99.06 -14.15 28.81
C ASP E 662 97.54 -14.26 28.75
N SER E 663 96.94 -13.89 27.61
CA SER E 663 95.52 -14.16 27.36
C SER E 663 95.34 -14.50 25.89
N PHE E 664 94.61 -15.58 25.62
CA PHE E 664 94.51 -16.15 24.28
C PHE E 664 93.27 -15.65 23.55
N VAL E 665 93.42 -15.46 22.23
CA VAL E 665 92.32 -15.08 21.35
C VAL E 665 92.31 -16.09 20.19
N GLU E 666 91.27 -16.97 20.16
CA GLU E 666 91.17 -18.03 19.15
C GLU E 666 90.35 -17.58 17.95
N PRO E 667 90.64 -18.13 16.76
CA PRO E 667 89.77 -17.88 15.60
C PRO E 667 88.40 -18.53 15.81
N GLY E 668 87.35 -17.76 15.53
CA GLY E 668 86.04 -18.17 16.01
C GLY E 668 86.06 -18.17 17.52
N VAL E 669 85.39 -19.16 18.12
CA VAL E 669 85.57 -19.51 19.53
C VAL E 669 85.49 -18.27 20.42
N ASN E 670 84.36 -17.57 20.37
CA ASN E 670 84.19 -16.36 21.18
C ASN E 670 84.52 -16.65 22.64
N ASN E 671 85.30 -15.75 23.24
CA ASN E 671 85.89 -15.97 24.55
C ASN E 671 85.81 -14.67 25.35
N ASN E 672 86.49 -14.66 26.50
CA ASN E 672 86.46 -13.48 27.37
C ASN E 672 87.01 -12.25 26.66
N VAL E 673 88.16 -12.38 26.00
CA VAL E 673 88.79 -11.22 25.37
C VAL E 673 88.02 -10.82 24.11
N PHE E 674 87.78 -11.76 23.21
CA PHE E 674 87.12 -11.50 21.94
C PHE E 674 85.83 -12.29 21.88
N SER E 675 84.69 -11.58 21.83
CA SER E 675 83.40 -12.19 21.63
C SER E 675 82.97 -11.95 20.19
N TRP E 676 82.78 -13.04 19.45
CA TRP E 676 82.37 -12.98 18.05
C TRP E 676 80.88 -13.28 17.99
N SER E 677 80.08 -12.26 17.70
CA SER E 677 78.62 -12.38 17.73
C SER E 677 78.09 -12.83 16.39
N LYS E 678 77.11 -13.74 16.43
CA LYS E 678 76.52 -14.28 15.22
C LYS E 678 75.32 -13.46 14.78
N ALA E 679 75.22 -13.23 13.47
CA ALA E 679 74.05 -12.66 12.81
C ALA E 679 73.70 -11.25 13.29
N ASP E 680 74.67 -10.52 13.86
CA ASP E 680 74.52 -9.08 14.04
C ASP E 680 75.91 -8.47 14.22
N SER E 681 76.00 -7.17 13.98
CA SER E 681 77.27 -6.47 14.03
C SER E 681 77.46 -5.87 15.42
N SER E 682 78.39 -6.44 16.16
CA SER E 682 78.82 -5.95 17.48
C SER E 682 80.05 -6.76 17.86
N LYS E 683 80.64 -6.41 19.00
CA LYS E 683 81.54 -7.33 19.68
C LYS E 683 81.73 -6.89 21.11
N ILE E 684 82.10 -7.84 21.97
CA ILE E 684 82.24 -7.63 23.40
C ILE E 684 83.66 -7.97 23.80
N TYR E 685 84.34 -7.02 24.44
CA TYR E 685 85.62 -7.23 25.08
C TYR E 685 85.39 -7.13 26.58
N CYS E 686 85.43 -8.28 27.25
CA CYS E 686 85.08 -8.35 28.67
C CYS E 686 83.77 -7.60 28.91
N HIS E 687 83.81 -6.58 29.76
CA HIS E 687 82.62 -5.89 30.22
C HIS E 687 82.18 -4.74 29.32
N GLY E 688 82.74 -4.60 28.12
CA GLY E 688 82.40 -3.49 27.27
C GLY E 688 82.29 -3.94 25.81
N ILE E 689 81.69 -3.08 25.00
CA ILE E 689 81.22 -3.46 23.67
C ILE E 689 81.56 -2.35 22.66
N ALA E 690 81.90 -2.74 21.44
CA ALA E 690 82.13 -1.78 20.37
C ALA E 690 81.73 -2.39 19.03
N ILE E 691 81.45 -1.52 18.07
CA ILE E 691 81.11 -1.93 16.71
C ILE E 691 81.34 -0.75 15.77
N ARG E 692 81.51 -1.03 14.48
CA ARG E 692 81.67 -0.01 13.46
C ARG E 692 80.65 -0.27 12.35
N VAL E 693 79.68 0.63 12.21
CA VAL E 693 78.54 0.46 11.29
C VAL E 693 78.88 0.56 9.80
N PRO E 694 79.61 1.59 9.35
CA PRO E 694 79.41 2.03 7.95
C PRO E 694 79.72 0.99 6.89
N LEU E 695 80.86 0.32 6.94
CA LEU E 695 81.20 -0.64 5.90
C LEU E 695 81.35 -2.03 6.52
N VAL E 696 80.33 -2.87 6.36
CA VAL E 696 80.43 -4.29 6.68
C VAL E 696 79.75 -5.05 5.54
N VAL E 697 80.53 -5.79 4.76
CA VAL E 697 80.00 -6.68 3.73
C VAL E 697 80.00 -8.13 4.19
N GLY E 698 80.36 -8.40 5.45
CA GLY E 698 80.46 -9.76 5.96
C GLY E 698 79.27 -10.61 5.60
N ASP E 699 79.55 -11.85 5.16
CA ASP E 699 78.59 -12.61 4.36
C ASP E 699 77.25 -12.81 5.07
N GLU E 700 77.24 -12.86 6.40
CA GLU E 700 76.01 -13.11 7.14
C GLU E 700 75.10 -11.90 7.21
N HIS E 701 75.55 -10.74 6.72
CA HIS E 701 74.81 -9.49 6.80
C HIS E 701 73.95 -9.21 5.58
N MET E 702 73.77 -10.20 4.69
CA MET E 702 73.05 -10.06 3.43
C MET E 702 71.73 -9.29 3.54
N ASP E 703 70.97 -9.51 4.63
CA ASP E 703 69.64 -8.94 4.72
C ASP E 703 69.69 -7.42 4.78
N THR E 704 70.53 -6.85 5.64
CA THR E 704 70.89 -5.45 5.46
C THR E 704 72.36 -5.43 5.05
N SER E 705 72.59 -5.44 3.74
CA SER E 705 73.77 -4.84 3.16
C SER E 705 73.48 -3.47 2.56
N LEU E 706 72.20 -3.14 2.39
CA LEU E 706 71.79 -1.83 1.92
C LEU E 706 71.72 -0.83 3.07
N ALA E 707 71.28 -1.29 4.24
CA ALA E 707 71.18 -0.42 5.41
C ALA E 707 72.54 -0.22 6.07
N LEU E 708 73.30 -1.30 6.23
CA LEU E 708 74.56 -1.22 6.96
C LEU E 708 75.62 -0.44 6.20
N LEU E 709 75.59 -0.46 4.87
CA LEU E 709 76.67 0.10 4.07
C LEU E 709 76.82 1.61 4.20
N GLU E 710 75.93 2.29 4.92
CA GLU E 710 75.89 3.75 4.87
C GLU E 710 76.80 4.34 5.95
N GLY E 711 77.92 4.92 5.51
CA GLY E 711 78.61 5.98 6.21
C GLY E 711 78.50 7.30 5.48
N PHE E 712 77.62 7.41 4.49
CA PHE E 712 77.58 8.53 3.57
C PHE E 712 77.00 9.77 4.24
N SER E 713 76.92 10.84 3.46
CA SER E 713 76.23 12.06 3.87
C SER E 713 75.92 12.87 2.60
N VAL E 714 75.18 13.96 2.78
CA VAL E 714 74.71 14.76 1.67
C VAL E 714 75.69 15.90 1.43
N CYS E 715 75.96 16.22 0.16
CA CYS E 715 76.87 17.31 -0.13
C CYS E 715 76.22 18.39 -0.99
N GLU E 716 76.12 18.13 -2.29
CA GLU E 716 75.60 19.09 -3.26
C GLU E 716 75.02 18.32 -4.44
N ASN E 717 74.14 18.97 -5.18
CA ASN E 717 73.46 18.35 -6.30
C ASN E 717 74.12 18.63 -7.65
N ASP E 718 75.27 19.32 -7.66
CA ASP E 718 75.79 19.87 -8.92
C ASP E 718 76.13 18.82 -9.97
N PRO E 719 76.92 17.77 -9.69
CA PRO E 719 77.31 16.88 -10.78
C PRO E 719 76.13 16.09 -11.28
N ARG E 720 76.20 15.67 -12.53
CA ARG E 720 75.22 14.71 -13.03
C ARG E 720 75.83 13.35 -12.73
N ALA E 721 75.29 12.71 -11.71
CA ALA E 721 75.77 11.44 -11.23
C ALA E 721 74.75 10.38 -11.60
N PRO E 722 75.16 9.29 -12.25
CA PRO E 722 74.19 8.31 -12.72
C PRO E 722 73.25 7.90 -11.59
N MET E 723 71.97 7.79 -11.91
CA MET E 723 71.01 7.47 -10.86
C MET E 723 71.17 6.00 -10.53
N VAL E 724 71.60 5.73 -9.29
CA VAL E 724 71.99 4.39 -8.88
C VAL E 724 70.94 3.89 -7.90
N THR E 725 70.50 2.67 -8.12
CA THR E 725 69.63 2.03 -7.16
C THR E 725 70.40 1.71 -5.89
N ARG E 726 69.68 1.52 -4.79
CA ARG E 726 70.33 1.34 -3.50
C ARG E 726 71.27 0.15 -3.49
N GLN E 727 70.96 -0.90 -4.26
CA GLN E 727 71.87 -2.03 -4.38
C GLN E 727 73.08 -1.71 -5.23
N ASP E 728 73.01 -0.69 -6.09
CA ASP E 728 74.15 -0.23 -6.86
C ASP E 728 75.03 0.73 -6.08
N LEU E 729 74.66 1.09 -4.85
CA LEU E 729 75.44 2.02 -4.05
C LEU E 729 76.67 1.36 -3.43
N ILE E 730 76.65 0.04 -3.26
CA ILE E 730 77.81 -0.64 -2.67
C ILE E 730 79.01 -0.56 -3.59
N ASP E 731 78.79 -0.40 -4.90
CA ASP E 731 79.90 -0.46 -5.86
C ASP E 731 80.67 0.86 -5.94
N VAL E 732 79.99 2.00 -5.81
CA VAL E 732 80.66 3.28 -6.00
C VAL E 732 81.62 3.52 -4.84
N GLY E 733 82.89 3.77 -5.17
CA GLY E 733 83.93 3.84 -4.17
C GLY E 733 83.95 5.16 -3.42
N PHE E 734 85.06 5.40 -2.73
CA PHE E 734 85.19 6.53 -1.83
C PHE E 734 85.42 7.82 -2.60
N GLY E 735 84.94 8.93 -2.01
CA GLY E 735 85.05 10.22 -2.65
C GLY E 735 84.21 10.36 -3.91
N GLN E 736 83.24 9.48 -4.11
CA GLN E 736 82.42 9.46 -5.32
C GLN E 736 81.06 10.07 -5.00
N LYS E 737 80.79 11.23 -5.58
CA LYS E 737 79.47 11.86 -5.44
C LYS E 737 78.49 11.17 -6.37
N VAL E 738 77.40 10.64 -5.81
CA VAL E 738 76.41 9.90 -6.58
C VAL E 738 75.02 10.42 -6.24
N ARG E 739 74.10 10.23 -7.18
CA ARG E 739 72.73 10.72 -7.05
C ARG E 739 71.79 9.56 -6.73
N LEU E 740 70.89 9.79 -5.78
CA LEU E 740 70.03 8.73 -5.26
C LEU E 740 68.64 9.27 -4.95
N PHE E 741 67.65 8.42 -5.22
CA PHE E 741 66.26 8.65 -4.87
C PHE E 741 66.04 8.36 -3.39
N VAL E 742 65.43 9.31 -2.68
CA VAL E 742 65.26 9.21 -1.23
C VAL E 742 63.77 9.22 -0.89
N GLY E 743 63.36 8.18 -0.17
CA GLY E 743 62.10 8.19 0.56
C GLY E 743 60.89 8.23 -0.35
N GLN E 744 60.05 9.23 -0.12
CA GLN E 744 58.76 9.39 -0.75
C GLN E 744 58.85 10.15 -2.06
N GLY E 745 60.04 10.26 -2.64
CA GLY E 745 60.24 11.00 -3.88
C GLY E 745 61.21 12.15 -3.85
N SER E 746 61.83 12.54 -2.73
CA SER E 746 62.81 13.62 -2.78
C SER E 746 64.18 13.02 -3.08
N VAL E 747 64.88 13.58 -4.06
CA VAL E 747 66.11 13.01 -4.60
C VAL E 747 67.29 13.90 -4.21
N ARG E 748 68.36 13.28 -3.69
CA ARG E 748 69.52 14.03 -3.23
C ARG E 748 70.79 13.31 -3.68
N THR E 749 71.94 13.86 -3.28
CA THR E 749 73.24 13.36 -3.72
C THR E 749 74.17 13.24 -2.52
N PHE E 750 75.13 12.31 -2.62
CA PHE E 750 76.00 11.97 -1.52
C PHE E 750 77.43 11.76 -2.02
N LYS E 751 78.31 11.43 -1.08
CA LYS E 751 79.60 10.82 -1.39
C LYS E 751 79.95 9.90 -0.22
N ARG E 752 81.06 9.18 -0.34
CA ARG E 752 81.55 8.37 0.77
C ARG E 752 82.19 9.30 1.79
N THR E 753 81.67 9.29 3.01
CA THR E 753 81.84 10.39 3.95
C THR E 753 82.41 9.89 5.27
N ALA E 754 83.10 10.78 5.96
CA ALA E 754 83.28 10.64 7.40
C ALA E 754 81.95 10.90 8.07
N SER E 755 81.52 9.99 8.94
CA SER E 755 80.15 9.99 9.44
C SER E 755 79.87 11.25 10.25
N GLN E 756 78.59 11.56 10.39
CA GLN E 756 78.14 12.65 11.25
C GLN E 756 78.71 12.46 12.65
N ARG E 757 79.31 13.52 13.19
CA ARG E 757 80.00 13.46 14.46
C ARG E 757 79.55 14.62 15.35
N ALA E 758 79.57 14.38 16.66
CA ALA E 758 79.29 15.39 17.68
C ALA E 758 77.93 16.05 17.45
N ALA E 759 76.90 15.22 17.39
CA ALA E 759 75.54 15.75 17.28
C ALA E 759 75.20 16.62 18.49
N SER E 760 75.57 16.18 19.69
CA SER E 760 75.28 16.90 20.92
C SER E 760 76.45 17.79 21.35
N SER E 761 77.61 17.18 21.60
CA SER E 761 78.74 17.88 22.20
C SER E 761 79.13 19.15 21.44
N ASP E 762 78.97 19.15 20.11
CA ASP E 762 79.33 20.32 19.33
C ASP E 762 78.61 21.57 19.83
N VAL E 763 77.31 21.44 20.14
CA VAL E 763 76.58 22.56 20.69
C VAL E 763 76.90 22.73 22.18
N ASN E 764 76.97 21.62 22.91
CA ASN E 764 77.10 21.67 24.37
C ASN E 764 78.35 22.44 24.79
N LYS E 765 79.47 22.22 24.09
CA LYS E 765 80.71 22.87 24.49
C LYS E 765 80.66 24.37 24.26
N ASN E 766 80.09 24.81 23.13
CA ASN E 766 79.96 26.24 22.87
C ASN E 766 78.99 26.89 23.85
N VAL E 767 77.88 26.21 24.16
CA VAL E 767 76.94 26.72 25.14
C VAL E 767 77.61 26.86 26.49
N LYS E 768 78.50 25.93 26.84
CA LYS E 768 79.27 26.08 28.07
C LYS E 768 80.24 27.25 27.97
N LYS E 769 80.82 27.48 26.80
CA LYS E 769 81.79 28.57 26.65
C LYS E 769 81.13 29.93 26.81
N ILE E 770 79.93 30.11 26.22
CA ILE E 770 79.26 31.41 26.32
C ILE E 770 78.74 31.68 27.72
N LYS E 771 78.61 30.65 28.55
CA LYS E 771 78.10 30.78 29.91
C LYS E 771 76.71 31.41 29.94
N MET F 1 -58.24 -24.69 13.90
CA MET F 1 -58.97 -25.92 13.64
C MET F 1 -60.13 -25.69 12.68
N SER F 2 -60.88 -24.60 12.91
CA SER F 2 -61.94 -24.23 11.99
C SER F 2 -61.41 -23.61 10.70
N LEU F 3 -60.10 -23.38 10.62
CA LEU F 3 -59.52 -22.81 9.40
C LEU F 3 -59.62 -23.78 8.23
N LEU F 4 -59.53 -25.09 8.48
CA LEU F 4 -59.79 -26.08 7.44
C LEU F 4 -61.29 -26.29 7.24
N LEU F 5 -62.05 -26.31 8.34
CA LEU F 5 -63.49 -26.55 8.26
C LEU F 5 -64.17 -25.51 7.37
N THR F 6 -63.91 -24.22 7.62
CA THR F 6 -64.56 -23.17 6.84
C THR F 6 -64.15 -23.23 5.37
N ILE F 7 -62.95 -23.74 5.09
CA ILE F 7 -62.55 -23.93 3.70
C ILE F 7 -63.37 -25.05 3.07
N ALA F 8 -63.57 -26.15 3.81
CA ALA F 8 -64.40 -27.24 3.30
C ALA F 8 -65.83 -26.77 3.04
N LYS F 9 -66.41 -26.02 3.99
CA LYS F 9 -67.75 -25.51 3.80
C LYS F 9 -67.82 -24.54 2.63
N GLU F 10 -66.78 -23.72 2.46
CA GLU F 10 -66.72 -22.83 1.30
C GLU F 10 -66.73 -23.63 0.00
N TYR F 11 -65.97 -24.72 -0.04
CA TYR F 11 -66.00 -25.59 -1.22
C TYR F 11 -67.39 -26.16 -1.44
N LYS F 12 -68.07 -26.57 -0.36
CA LYS F 12 -69.45 -27.04 -0.47
C LYS F 12 -70.34 -25.99 -1.12
N ARG F 13 -70.27 -24.75 -0.62
CA ARG F 13 -71.07 -23.67 -1.20
C ARG F 13 -70.74 -23.44 -2.66
N LEU F 14 -69.46 -23.51 -3.03
CA LEU F 14 -69.06 -23.22 -4.40
C LEU F 14 -69.55 -24.30 -5.35
N CYS F 15 -69.35 -25.57 -5.00
CA CYS F 15 -69.81 -26.65 -5.87
C CYS F 15 -71.33 -26.79 -5.85
N GLN F 16 -72.00 -26.21 -4.87
CA GLN F 16 -73.47 -26.17 -4.92
C GLN F 16 -73.96 -25.26 -6.03
N ASP F 17 -73.17 -24.25 -6.41
CA ASP F 17 -73.47 -23.45 -7.58
C ASP F 17 -73.00 -24.21 -8.82
N ALA F 18 -73.93 -24.51 -9.72
CA ALA F 18 -73.62 -25.38 -10.85
C ALA F 18 -72.69 -24.69 -11.84
N LYS F 19 -72.89 -23.38 -12.06
CA LYS F 19 -72.04 -22.64 -12.98
C LYS F 19 -70.57 -22.74 -12.57
N ALA F 20 -70.29 -22.60 -11.28
CA ALA F 20 -68.92 -22.78 -10.78
C ALA F 20 -68.54 -24.24 -10.68
N ALA F 21 -69.51 -25.13 -10.47
CA ALA F 21 -69.22 -26.55 -10.31
C ALA F 21 -68.66 -27.15 -11.59
N GLN F 22 -69.31 -26.89 -12.72
CA GLN F 22 -68.85 -27.49 -13.96
C GLN F 22 -67.48 -26.95 -14.38
N MET F 23 -67.30 -25.63 -14.29
CA MET F 23 -65.98 -25.06 -14.60
C MET F 23 -64.92 -25.50 -13.60
N MET F 24 -65.30 -25.92 -12.40
CA MET F 24 -64.34 -26.55 -11.49
C MET F 24 -64.02 -27.97 -11.91
N THR F 25 -64.99 -28.69 -12.48
CA THR F 25 -64.77 -30.10 -12.83
C THR F 25 -64.04 -30.26 -14.15
N VAL F 26 -64.41 -29.49 -15.17
CA VAL F 26 -63.94 -29.74 -16.53
C VAL F 26 -62.51 -29.24 -16.69
N GLY F 27 -61.65 -30.11 -17.21
CA GLY F 27 -60.30 -29.72 -17.60
C GLY F 27 -59.26 -30.04 -16.54
N THR F 28 -58.02 -29.74 -16.90
CA THR F 28 -56.88 -29.93 -16.01
C THR F 28 -56.87 -28.85 -14.93
N VAL F 29 -55.88 -28.95 -14.04
CA VAL F 29 -55.70 -27.89 -13.04
C VAL F 29 -55.04 -26.67 -13.65
N SER F 30 -54.35 -26.83 -14.79
CA SER F 30 -53.69 -25.70 -15.46
C SER F 30 -54.65 -24.56 -15.76
N ASN F 31 -55.96 -24.85 -15.84
CA ASN F 31 -56.94 -23.80 -16.10
C ASN F 31 -56.88 -22.69 -15.05
N TYR F 32 -56.39 -23.00 -13.85
CA TYR F 32 -56.20 -21.96 -12.84
C TYR F 32 -55.33 -20.84 -13.39
N THR F 33 -54.22 -21.20 -14.05
CA THR F 33 -53.35 -20.19 -14.65
C THR F 33 -54.11 -19.29 -15.60
N THR F 34 -55.12 -19.82 -16.30
CA THR F 34 -55.97 -18.98 -17.13
C THR F 34 -57.00 -18.24 -16.30
N PHE F 35 -57.60 -18.92 -15.32
CA PHE F 35 -58.66 -18.31 -14.52
C PHE F 35 -58.16 -17.04 -13.82
N LYS F 36 -56.99 -17.13 -13.18
CA LYS F 36 -56.41 -15.95 -12.54
C LYS F 36 -56.20 -14.82 -13.53
N LYS F 37 -55.86 -15.15 -14.78
CA LYS F 37 -55.65 -14.13 -15.80
C LYS F 37 -56.93 -13.41 -16.21
N TRP F 38 -58.09 -13.88 -15.74
CA TRP F 38 -59.37 -13.29 -16.10
C TRP F 38 -59.85 -12.23 -15.10
N THR F 39 -59.02 -11.85 -14.13
CA THR F 39 -59.45 -10.94 -13.09
C THR F 39 -58.52 -9.75 -12.92
N THR F 40 -59.10 -8.64 -12.44
CA THR F 40 -58.36 -7.44 -12.05
C THR F 40 -57.52 -6.92 -13.21
N SER F 41 -58.00 -7.18 -14.42
CA SER F 41 -57.34 -6.65 -15.60
C SER F 41 -57.43 -5.13 -15.66
N ARG F 42 -58.51 -4.56 -15.10
CA ARG F 42 -58.67 -3.11 -15.11
C ARG F 42 -57.55 -2.49 -14.30
N LYS F 43 -56.81 -1.59 -14.94
CA LYS F 43 -55.81 -0.77 -14.27
C LYS F 43 -56.11 0.69 -14.56
N GLU F 44 -55.76 1.54 -13.60
CA GLU F 44 -56.04 2.95 -13.75
C GLU F 44 -55.12 3.59 -14.78
N LYS F 45 -55.65 4.58 -15.49
CA LYS F 45 -54.90 5.20 -16.57
C LYS F 45 -53.69 5.98 -16.06
N ASN F 46 -53.76 6.50 -14.84
CA ASN F 46 -52.77 7.45 -14.34
C ASN F 46 -51.89 6.79 -13.29
N PRO F 47 -50.57 6.68 -13.51
CA PRO F 47 -49.73 5.97 -12.53
C PRO F 47 -49.59 6.66 -11.17
N SER F 48 -49.11 7.90 -11.15
CA SER F 48 -49.00 8.69 -9.93
C SER F 48 -50.29 9.45 -9.63
N LEU F 49 -50.85 10.07 -10.66
CA LEU F 49 -51.97 11.00 -10.47
C LEU F 49 -53.16 10.29 -9.84
N ARG F 50 -53.48 9.08 -10.30
CA ARG F 50 -54.54 8.32 -9.68
C ARG F 50 -54.20 7.98 -8.23
N MET F 51 -52.93 7.71 -7.95
CA MET F 51 -52.53 7.40 -6.58
C MET F 51 -52.64 8.64 -5.69
N ARG F 52 -52.33 9.82 -6.24
CA ARG F 52 -52.57 11.05 -5.50
C ARG F 52 -54.05 11.21 -5.19
N TRP F 53 -54.91 10.99 -6.19
CA TRP F 53 -56.35 11.01 -5.97
C TRP F 53 -56.77 9.98 -4.91
N ALA F 54 -56.04 8.86 -4.82
CA ALA F 54 -56.37 7.84 -3.84
C ALA F 54 -56.00 8.28 -2.43
N MET F 55 -54.76 8.73 -2.23
CA MET F 55 -54.32 9.15 -0.91
C MET F 55 -54.94 10.47 -0.48
N SER F 56 -55.62 11.18 -1.37
CA SER F 56 -56.34 12.38 -0.97
C SER F 56 -57.39 12.06 0.09
N SER F 57 -58.16 11.00 -0.11
CA SER F 57 -59.16 10.59 0.87
C SER F 57 -58.50 10.13 2.16
N LYS F 58 -59.22 10.31 3.27
CA LYS F 58 -58.66 9.98 4.57
C LYS F 58 -58.69 8.49 4.88
N PHE F 59 -59.64 7.74 4.30
CA PHE F 59 -59.74 6.30 4.54
C PHE F 59 -59.80 5.54 3.21
N PRO F 60 -58.81 5.72 2.33
CA PRO F 60 -58.82 4.98 1.05
C PRO F 60 -58.35 3.53 1.16
N ILE F 61 -57.55 3.18 2.15
CA ILE F 61 -56.69 2.00 2.09
C ILE F 61 -57.45 0.77 2.56
N ILE F 62 -57.25 -0.35 1.85
CA ILE F 62 -57.74 -1.65 2.26
C ILE F 62 -56.69 -2.31 3.14
N ALA F 63 -57.08 -2.67 4.37
CA ALA F 63 -56.17 -3.30 5.32
C ALA F 63 -56.90 -4.38 6.09
N ASN F 64 -56.12 -5.32 6.65
CA ASN F 64 -56.70 -6.43 7.39
C ASN F 64 -57.24 -5.97 8.74
N LYS F 65 -58.10 -6.82 9.31
CA LYS F 65 -58.82 -6.52 10.54
C LYS F 65 -58.31 -7.33 11.72
N ARG F 66 -58.36 -8.67 11.63
CA ARG F 66 -58.11 -9.54 12.78
C ARG F 66 -56.81 -9.20 13.50
N MET F 67 -55.72 -9.02 12.75
CA MET F 67 -54.42 -8.83 13.37
C MET F 67 -54.39 -7.56 14.22
N LEU F 68 -55.04 -6.49 13.75
CA LEU F 68 -55.02 -5.24 14.50
C LEU F 68 -55.78 -5.37 15.81
N GLU F 69 -57.00 -5.95 15.76
CA GLU F 69 -57.73 -6.18 17.00
C GLU F 69 -56.93 -7.07 17.95
N GLU F 70 -56.20 -8.04 17.41
CA GLU F 70 -55.41 -8.93 18.25
C GLU F 70 -54.29 -8.18 18.96
N ALA F 71 -53.51 -7.40 18.20
CA ALA F 71 -52.34 -6.74 18.78
C ALA F 71 -52.68 -5.43 19.52
N GLN F 72 -53.51 -4.58 18.90
CA GLN F 72 -53.47 -3.15 19.23
C GLN F 72 -54.88 -2.57 19.27
N ILE F 73 -55.00 -1.39 19.86
CA ILE F 73 -56.28 -0.68 19.99
C ILE F 73 -56.67 -0.10 18.63
N PRO F 74 -57.91 -0.30 18.18
CA PRO F 74 -58.34 0.37 16.93
C PRO F 74 -58.55 1.86 17.08
N LYS F 75 -58.90 2.34 18.28
CA LYS F 75 -59.18 3.76 18.48
C LYS F 75 -57.89 4.58 18.45
N GLU F 76 -58.05 5.89 18.23
CA GLU F 76 -56.91 6.78 18.05
C GLU F 76 -56.51 7.43 19.37
N HIS F 77 -55.38 8.14 19.33
CA HIS F 77 -54.88 8.95 20.43
C HIS F 77 -55.52 10.34 20.44
N ASN F 78 -55.63 10.94 19.25
CA ASN F 78 -55.99 12.33 19.09
C ASN F 78 -57.49 12.52 18.81
N ASN F 79 -58.27 11.44 18.87
CA ASN F 79 -59.71 11.45 18.64
C ASN F 79 -60.09 11.81 17.20
N VAL F 80 -59.29 11.32 16.25
CA VAL F 80 -59.68 11.26 14.85
C VAL F 80 -60.05 9.81 14.55
N ALA F 81 -61.29 9.59 14.10
CA ALA F 81 -61.82 8.23 13.96
C ALA F 81 -60.88 7.37 13.14
N LEU F 82 -60.77 6.10 13.52
CA LEU F 82 -59.90 5.14 12.82
C LEU F 82 -60.70 4.00 12.21
N TRP F 83 -61.43 3.23 13.03
CA TRP F 83 -62.04 2.01 12.58
C TRP F 83 -63.56 2.07 12.59
N GLU F 84 -64.16 1.28 11.71
CA GLU F 84 -65.60 1.07 11.65
C GLU F 84 -65.86 -0.42 11.48
N ASP F 85 -67.13 -0.81 11.50
CA ASP F 85 -67.54 -2.17 11.20
C ASP F 85 -68.02 -2.34 9.76
N THR F 86 -68.02 -1.26 8.97
CA THR F 86 -68.57 -1.30 7.62
C THR F 86 -67.50 -1.67 6.61
N GLU F 87 -67.81 -2.64 5.76
CA GLU F 87 -66.99 -2.97 4.59
C GLU F 87 -67.62 -2.28 3.38
N ASP F 88 -66.86 -1.40 2.73
CA ASP F 88 -67.38 -0.60 1.63
C ASP F 88 -66.43 -0.72 0.45
N VAL F 89 -66.89 -0.17 -0.68
CA VAL F 89 -66.28 -0.35 -1.99
C VAL F 89 -66.35 -1.83 -2.33
N SER F 90 -65.22 -2.44 -2.69
CA SER F 90 -65.20 -3.87 -2.95
C SER F 90 -65.56 -4.61 -1.67
N LYS F 91 -66.28 -5.72 -1.82
CA LYS F 91 -66.69 -6.51 -0.66
C LYS F 91 -65.72 -7.68 -0.54
N ARG F 92 -64.85 -7.58 0.45
CA ARG F 92 -63.93 -8.64 0.83
C ARG F 92 -63.77 -8.55 2.34
N ASP F 93 -63.27 -9.62 2.94
CA ASP F 93 -63.28 -9.74 4.39
C ASP F 93 -62.49 -8.63 5.09
N HIS F 94 -61.70 -7.85 4.36
CA HIS F 94 -60.98 -6.73 4.94
C HIS F 94 -61.91 -5.53 5.13
N VAL F 95 -61.79 -4.87 6.27
CA VAL F 95 -62.53 -3.65 6.58
C VAL F 95 -61.60 -2.46 6.42
N LEU F 96 -62.12 -1.37 5.86
CA LEU F 96 -61.29 -0.23 5.52
C LEU F 96 -60.80 0.51 6.77
N ALA F 97 -59.68 1.21 6.63
CA ALA F 97 -59.07 1.93 7.73
C ALA F 97 -58.20 3.06 7.20
N SER F 98 -57.89 4.00 8.09
CA SER F 98 -57.10 5.18 7.74
C SER F 98 -55.62 4.82 7.56
N ALA F 99 -54.90 5.74 6.91
CA ALA F 99 -53.50 5.49 6.59
C ALA F 99 -52.60 5.61 7.81
N SER F 100 -52.91 6.55 8.72
CA SER F 100 -52.01 6.87 9.82
C SER F 100 -51.88 5.75 10.84
N CYS F 101 -52.87 4.85 10.91
CA CYS F 101 -52.80 3.74 11.86
C CYS F 101 -51.56 2.88 11.62
N ILE F 102 -51.19 2.71 10.34
CA ILE F 102 -49.95 2.01 10.00
C ILE F 102 -48.77 2.64 10.71
N ASN F 103 -48.67 3.97 10.63
CA ASN F 103 -47.59 4.67 11.32
C ASN F 103 -47.66 4.45 12.82
N TYR F 104 -48.88 4.41 13.39
CA TYR F 104 -48.99 4.20 14.82
C TYR F 104 -48.45 2.84 15.23
N TRP F 105 -48.86 1.77 14.53
CA TRP F 105 -48.36 0.44 14.89
C TRP F 105 -46.87 0.33 14.61
N ASN F 106 -46.36 1.09 13.64
CA ASN F 106 -44.91 1.17 13.46
C ASN F 106 -44.24 1.86 14.63
N PHE F 107 -44.97 2.71 15.35
CA PHE F 107 -44.40 3.40 16.52
C PHE F 107 -44.50 2.53 17.77
N CYS F 108 -45.73 2.36 18.30
CA CYS F 108 -45.94 1.77 19.61
C CYS F 108 -46.22 0.27 19.56
N GLY F 109 -46.14 -0.36 18.40
CA GLY F 109 -46.44 -1.77 18.26
C GLY F 109 -45.57 -2.67 19.12
N PRO F 110 -46.16 -3.77 19.66
CA PRO F 110 -45.41 -4.75 20.48
C PRO F 110 -44.76 -5.91 19.73
N CYS F 111 -43.59 -5.65 19.14
CA CYS F 111 -42.86 -6.68 18.40
C CYS F 111 -41.39 -6.68 18.82
N VAL F 112 -40.78 -7.86 18.82
CA VAL F 112 -39.42 -8.06 19.30
C VAL F 112 -38.70 -9.07 18.41
N ASN F 113 -37.40 -8.83 18.20
CA ASN F 113 -36.44 -9.85 17.75
C ASN F 113 -36.78 -10.41 16.37
N ASN F 114 -37.04 -9.52 15.42
CA ASN F 114 -37.19 -9.89 14.02
C ASN F 114 -35.92 -9.65 13.19
N SER F 115 -34.84 -9.19 13.81
CA SER F 115 -33.71 -8.64 13.07
C SER F 115 -33.03 -9.69 12.20
N GLU F 116 -32.61 -10.81 12.80
CA GLU F 116 -31.83 -11.79 12.06
C GLU F 116 -32.63 -12.44 10.94
N VAL F 117 -33.95 -12.57 11.11
CA VAL F 117 -34.78 -13.23 10.11
C VAL F 117 -34.77 -12.47 8.79
N ILE F 118 -34.67 -11.14 8.85
CA ILE F 118 -34.89 -10.31 7.67
C ILE F 118 -33.76 -10.49 6.66
N LYS F 119 -32.51 -10.33 7.11
CA LYS F 119 -31.42 -10.05 6.19
C LYS F 119 -31.14 -11.20 5.24
N GLU F 120 -31.02 -12.43 5.77
CA GLU F 120 -30.67 -13.54 4.91
C GLU F 120 -31.78 -13.91 3.93
N VAL F 121 -32.98 -13.35 4.08
CA VAL F 121 -33.99 -13.46 3.04
C VAL F 121 -33.62 -12.56 1.86
N TYR F 122 -33.23 -11.33 2.16
CA TYR F 122 -32.89 -10.32 1.17
C TYR F 122 -31.39 -10.22 0.89
N LYS F 123 -30.61 -11.21 1.33
CA LYS F 123 -29.15 -11.18 1.23
C LYS F 123 -28.65 -10.74 -0.14
N SER F 124 -29.47 -10.90 -1.19
CA SER F 124 -29.16 -10.23 -2.45
C SER F 124 -28.99 -8.73 -2.23
N ARG F 125 -30.04 -8.07 -1.72
CA ARG F 125 -29.98 -6.62 -1.53
C ARG F 125 -29.00 -6.24 -0.43
N PHE F 126 -29.13 -6.86 0.75
CA PHE F 126 -28.25 -6.57 1.86
C PHE F 126 -26.79 -6.75 1.47
N GLY F 127 -26.50 -7.74 0.63
CA GLY F 127 -25.13 -7.91 0.15
C GLY F 127 -24.71 -6.83 -0.82
N ARG F 128 -25.61 -6.46 -1.74
CA ARG F 128 -25.33 -5.34 -2.63
C ARG F 128 -25.05 -4.05 -1.87
N LEU F 129 -25.51 -3.93 -0.62
CA LEU F 129 -25.11 -2.82 0.25
C LEU F 129 -23.75 -3.09 0.91
N GLU F 130 -23.57 -4.32 1.41
CA GLU F 130 -22.34 -4.69 2.09
C GLU F 130 -21.13 -4.41 1.22
N ARG F 131 -21.26 -4.63 -0.10
CA ARG F 131 -20.14 -4.41 -0.99
C ARG F 131 -19.81 -2.93 -1.13
N ARG F 132 -20.82 -2.06 -1.08
CA ARG F 132 -20.54 -0.63 -1.16
C ARG F 132 -19.80 -0.14 0.06
N LYS F 133 -19.97 -0.79 1.21
CA LYS F 133 -19.23 -0.35 2.39
C LYS F 133 -17.73 -0.25 2.14
N GLU F 134 -17.10 -1.33 1.66
CA GLU F 134 -15.65 -1.31 1.46
C GLU F 134 -15.37 -0.93 0.01
N ILE F 135 -15.03 0.34 -0.20
CA ILE F 135 -14.39 0.84 -1.42
C ILE F 135 -13.83 2.21 -1.06
N MET F 136 -12.91 2.71 -1.88
CA MET F 136 -12.38 4.05 -1.69
C MET F 136 -12.74 4.89 -2.92
N TRP F 137 -12.36 6.17 -2.90
CA TRP F 137 -12.93 7.13 -3.84
C TRP F 137 -11.87 8.10 -4.34
N LYS F 138 -12.01 8.49 -5.62
CA LYS F 138 -11.30 9.61 -6.21
C LYS F 138 -12.14 10.14 -7.37
N GLU F 139 -12.06 11.45 -7.60
CA GLU F 139 -12.88 12.12 -8.60
C GLU F 139 -12.02 12.91 -9.57
N LEU F 140 -12.39 12.87 -10.85
CA LEU F 140 -11.74 13.62 -11.92
C LEU F 140 -12.75 13.81 -13.04
N ARG F 141 -12.28 14.25 -14.21
CA ARG F 141 -13.14 14.41 -15.37
C ARG F 141 -12.34 14.19 -16.64
N PHE F 142 -13.00 13.64 -17.65
CA PHE F 142 -12.38 13.35 -18.93
C PHE F 142 -13.49 13.19 -19.96
N THR F 143 -13.12 13.24 -21.24
CA THR F 143 -14.02 12.80 -22.31
C THR F 143 -13.76 11.32 -22.50
N LEU F 144 -14.69 10.49 -22.07
CA LEU F 144 -14.46 9.06 -21.93
C LEU F 144 -15.21 8.32 -23.02
N VAL F 145 -14.50 7.42 -23.71
CA VAL F 145 -15.14 6.52 -24.65
C VAL F 145 -15.45 5.24 -23.91
N ASP F 146 -16.72 5.01 -23.61
CA ASP F 146 -17.18 3.77 -23.03
C ASP F 146 -17.40 2.71 -24.11
N ARG F 147 -17.34 1.46 -23.70
CA ARG F 147 -17.66 0.34 -24.59
C ARG F 147 -19.18 0.22 -24.62
N GLN F 148 -19.78 0.48 -25.78
CA GLN F 148 -21.19 0.85 -25.80
C GLN F 148 -22.10 -0.32 -25.44
N ARG F 149 -21.92 -1.46 -26.10
CA ARG F 149 -22.77 -2.62 -25.83
C ARG F 149 -21.91 -3.78 -25.37
N ARG F 150 -22.05 -4.13 -24.11
CA ARG F 150 -21.61 -5.43 -23.60
C ARG F 150 -22.80 -6.08 -22.93
N ARG F 151 -23.06 -7.34 -23.25
CA ARG F 151 -24.04 -8.13 -22.51
C ARG F 151 -23.27 -8.85 -21.42
N VAL F 152 -23.46 -8.40 -20.18
CA VAL F 152 -22.59 -8.76 -19.08
C VAL F 152 -23.45 -8.96 -17.83
N ASP F 153 -23.15 -10.02 -17.08
CA ASP F 153 -23.88 -10.29 -15.85
C ASP F 153 -23.80 -9.09 -14.91
N THR F 154 -24.96 -8.61 -14.48
CA THR F 154 -25.06 -7.61 -13.44
C THR F 154 -25.74 -8.22 -12.24
N GLN F 155 -25.42 -7.70 -11.06
CA GLN F 155 -25.91 -8.25 -9.80
C GLN F 155 -25.55 -9.72 -9.69
N PRO F 156 -24.27 -10.09 -9.80
CA PRO F 156 -23.90 -11.50 -9.76
C PRO F 156 -23.92 -12.08 -8.36
N VAL F 157 -24.31 -13.34 -8.27
CA VAL F 157 -24.39 -14.06 -7.00
C VAL F 157 -23.85 -15.47 -7.21
N GLU F 158 -23.23 -16.01 -6.16
CA GLU F 158 -22.68 -17.36 -6.21
C GLU F 158 -23.78 -18.38 -6.48
N GLN F 159 -23.41 -19.45 -7.19
CA GLN F 159 -24.33 -20.55 -7.51
C GLN F 159 -25.52 -20.06 -8.34
N ARG F 160 -25.22 -19.31 -9.40
CA ARG F 160 -26.25 -18.83 -10.32
C ARG F 160 -26.70 -19.96 -11.23
N LEU F 161 -27.99 -19.97 -11.56
CA LEU F 161 -28.60 -21.10 -12.24
C LEU F 161 -29.73 -20.65 -13.14
N ARG F 162 -30.15 -21.56 -14.02
CA ARG F 162 -31.20 -21.29 -15.00
C ARG F 162 -32.56 -21.10 -14.34
N THR F 163 -33.49 -20.54 -15.10
CA THR F 163 -34.80 -20.17 -14.55
C THR F 163 -35.62 -21.39 -14.15
N GLY F 164 -35.58 -22.46 -14.94
CA GLY F 164 -36.37 -23.64 -14.61
C GLY F 164 -35.90 -24.29 -13.31
N GLU F 165 -34.60 -24.54 -13.20
CA GLU F 165 -34.07 -25.18 -12.01
C GLU F 165 -34.28 -24.31 -10.77
N ILE F 166 -34.17 -22.99 -10.92
CA ILE F 166 -34.42 -22.12 -9.77
C ILE F 166 -35.89 -22.12 -9.42
N LYS F 167 -36.77 -22.39 -10.40
CA LYS F 167 -38.17 -22.63 -10.06
C LYS F 167 -38.32 -23.90 -9.25
N ASP F 168 -37.54 -24.95 -9.57
CA ASP F 168 -37.55 -26.16 -8.77
C ASP F 168 -37.11 -25.87 -7.33
N LEU F 169 -35.98 -25.19 -7.16
CA LEU F 169 -35.55 -24.76 -5.83
C LEU F 169 -36.65 -24.00 -5.11
N GLN F 170 -37.31 -23.08 -5.83
CA GLN F 170 -38.42 -22.33 -5.26
C GLN F 170 -39.48 -23.26 -4.68
N MET F 171 -39.93 -24.22 -5.49
CA MET F 171 -40.99 -25.13 -5.05
C MET F 171 -40.55 -25.96 -3.85
N TRP F 172 -39.31 -26.44 -3.85
CA TRP F 172 -38.88 -27.32 -2.76
C TRP F 172 -38.70 -26.55 -1.45
N THR F 173 -38.12 -25.35 -1.51
CA THR F 173 -37.89 -24.60 -0.28
C THR F 173 -39.16 -23.97 0.26
N LEU F 174 -40.06 -23.51 -0.61
CA LEU F 174 -41.28 -22.87 -0.12
C LEU F 174 -42.15 -23.82 0.67
N PHE F 175 -42.61 -24.91 0.03
CA PHE F 175 -43.51 -25.84 0.71
C PHE F 175 -43.31 -27.25 0.19
N GLU F 176 -43.33 -28.21 1.11
CA GLU F 176 -43.26 -29.62 0.77
C GLU F 176 -44.62 -30.18 0.35
N ASP F 177 -45.71 -29.67 0.95
CA ASP F 177 -47.01 -30.33 0.83
C ASP F 177 -47.41 -30.55 -0.63
N GLU F 178 -47.40 -29.49 -1.43
CA GLU F 178 -47.55 -29.65 -2.87
C GLU F 178 -46.18 -29.35 -3.48
N ALA F 179 -45.49 -30.40 -3.91
CA ALA F 179 -44.28 -30.28 -4.71
C ALA F 179 -44.18 -31.52 -5.58
N PRO F 180 -43.67 -31.39 -6.80
CA PRO F 180 -43.29 -32.58 -7.55
C PRO F 180 -41.98 -33.13 -7.03
N LEU F 181 -41.77 -34.41 -7.26
CA LEU F 181 -40.48 -35.03 -6.94
C LEU F 181 -39.61 -34.88 -8.17
N ALA F 182 -38.61 -34.00 -8.08
CA ALA F 182 -37.84 -33.54 -9.23
C ALA F 182 -36.42 -34.07 -9.10
N SER F 183 -36.06 -34.99 -9.98
CA SER F 183 -34.83 -35.76 -9.82
C SER F 183 -33.58 -34.93 -10.13
N LYS F 184 -33.48 -34.49 -11.39
CA LYS F 184 -32.21 -33.97 -11.93
C LYS F 184 -31.56 -32.94 -11.00
N PHE F 185 -32.32 -31.95 -10.58
CA PHE F 185 -31.72 -30.88 -9.79
C PHE F 185 -31.51 -31.28 -8.34
N ILE F 186 -32.49 -31.97 -7.74
CA ILE F 186 -32.42 -32.25 -6.31
C ILE F 186 -31.33 -33.27 -6.00
N LEU F 187 -31.22 -34.32 -6.81
CA LEU F 187 -30.20 -35.34 -6.56
C LEU F 187 -28.79 -34.74 -6.64
N ASP F 188 -28.49 -34.04 -7.73
CA ASP F 188 -27.13 -33.57 -7.97
C ASP F 188 -26.78 -32.36 -7.11
N ASN F 189 -27.67 -31.39 -7.04
CA ASN F 189 -27.36 -30.10 -6.41
C ASN F 189 -27.75 -30.03 -4.94
N TYR F 190 -28.15 -31.14 -4.33
CA TYR F 190 -28.50 -31.16 -2.92
C TYR F 190 -27.36 -30.60 -2.07
N GLY F 191 -27.73 -29.99 -0.95
CA GLY F 191 -26.83 -29.31 -0.05
C GLY F 191 -26.91 -27.80 -0.16
N LEU F 192 -27.34 -27.28 -1.31
CA LEU F 192 -27.95 -25.97 -1.36
C LEU F 192 -29.42 -26.08 -0.98
N VAL F 193 -30.06 -27.18 -1.37
CA VAL F 193 -31.41 -27.48 -0.93
C VAL F 193 -31.47 -27.53 0.59
N LYS F 194 -30.48 -28.19 1.21
CA LYS F 194 -30.46 -28.29 2.66
C LYS F 194 -30.35 -26.92 3.31
N GLU F 195 -29.44 -26.07 2.81
CA GLU F 195 -29.25 -24.76 3.39
C GLU F 195 -30.51 -23.91 3.24
N MET F 196 -30.96 -23.69 2.00
CA MET F 196 -32.09 -22.79 1.76
C MET F 196 -33.35 -23.30 2.46
N ARG F 197 -33.69 -24.57 2.23
CA ARG F 197 -34.87 -25.15 2.88
C ARG F 197 -34.74 -25.09 4.40
N SER F 198 -33.52 -25.24 4.92
CA SER F 198 -33.32 -25.21 6.36
C SER F 198 -33.60 -23.84 6.94
N LYS F 199 -33.05 -22.79 6.34
CA LYS F 199 -33.22 -21.46 6.92
C LYS F 199 -34.63 -20.92 6.68
N PHE F 200 -35.21 -21.17 5.50
CA PHE F 200 -36.50 -20.57 5.19
C PHE F 200 -37.72 -21.42 5.55
N ALA F 201 -37.54 -22.71 5.83
CA ALA F 201 -38.72 -23.56 6.01
C ALA F 201 -39.29 -23.53 7.42
N ASN F 202 -38.49 -23.15 8.42
CA ASN F 202 -38.91 -23.32 9.81
C ASN F 202 -39.81 -22.20 10.31
N LYS F 203 -39.70 -21.01 9.72
CA LYS F 203 -40.37 -19.81 10.21
C LYS F 203 -41.31 -19.30 9.13
N PRO F 204 -42.57 -19.75 9.13
CA PRO F 204 -43.45 -19.53 7.97
C PRO F 204 -43.94 -18.09 7.84
N LEU F 205 -43.12 -17.22 7.25
CA LEU F 205 -43.44 -15.81 7.09
C LEU F 205 -43.21 -15.40 5.64
N ASN F 206 -44.19 -14.72 5.05
CA ASN F 206 -44.07 -14.12 3.71
C ASN F 206 -43.66 -15.15 2.66
N LYS F 207 -44.43 -16.23 2.57
CA LYS F 207 -44.07 -17.34 1.69
C LYS F 207 -43.88 -16.89 0.25
N GLU F 208 -44.91 -16.25 -0.32
CA GLU F 208 -44.84 -15.78 -1.70
C GLU F 208 -43.67 -14.81 -1.89
N VAL F 209 -43.54 -13.85 -0.97
CA VAL F 209 -42.48 -12.85 -1.06
C VAL F 209 -41.11 -13.53 -1.14
N VAL F 210 -40.75 -14.28 -0.11
CA VAL F 210 -39.46 -14.96 -0.07
C VAL F 210 -39.22 -15.74 -1.36
N ALA F 211 -40.26 -16.42 -1.86
CA ALA F 211 -40.11 -17.12 -3.13
C ALA F 211 -39.64 -16.17 -4.24
N HIS F 212 -40.47 -15.17 -4.56
CA HIS F 212 -40.18 -14.32 -5.70
C HIS F 212 -38.91 -13.50 -5.52
N MET F 213 -38.44 -13.31 -4.28
CA MET F 213 -37.16 -12.65 -4.08
C MET F 213 -35.99 -13.60 -4.30
N LEU F 214 -36.13 -14.86 -3.88
CA LEU F 214 -35.10 -15.85 -4.17
C LEU F 214 -34.96 -16.08 -5.67
N GLU F 215 -36.06 -15.92 -6.42
CA GLU F 215 -35.95 -16.01 -7.87
C GLU F 215 -34.93 -15.00 -8.42
N LYS F 216 -34.96 -13.76 -7.90
CA LYS F 216 -34.03 -12.74 -8.34
C LYS F 216 -32.68 -12.85 -7.66
N GLN F 217 -32.59 -13.55 -6.53
CA GLN F 217 -31.33 -13.66 -5.80
C GLN F 217 -30.27 -14.36 -6.64
N PHE F 218 -30.63 -15.44 -7.32
CA PHE F 218 -29.70 -16.24 -8.10
C PHE F 218 -29.68 -15.87 -9.59
N ASN F 219 -30.33 -14.78 -9.98
CA ASN F 219 -30.54 -14.48 -11.40
C ASN F 219 -29.75 -13.22 -11.76
N PRO F 220 -28.53 -13.36 -12.27
CA PRO F 220 -27.80 -12.19 -12.77
C PRO F 220 -28.53 -11.61 -13.98
N GLU F 221 -28.68 -10.29 -13.97
CA GLU F 221 -29.35 -9.60 -15.08
C GLU F 221 -28.28 -9.22 -16.09
N SER F 222 -28.28 -9.90 -17.23
CA SER F 222 -27.34 -9.61 -18.31
C SER F 222 -28.09 -8.79 -19.34
N ARG F 223 -27.79 -7.50 -19.38
CA ARG F 223 -28.42 -6.57 -20.29
C ARG F 223 -27.35 -6.01 -21.22
N PHE F 224 -27.78 -5.17 -22.15
CA PHE F 224 -26.88 -4.57 -23.13
C PHE F 224 -26.51 -3.20 -22.59
N LEU F 225 -25.26 -3.06 -22.13
CA LEU F 225 -24.94 -1.89 -21.32
C LEU F 225 -23.64 -1.25 -21.75
N PRO F 226 -23.55 0.08 -21.63
CA PRO F 226 -22.24 0.74 -21.78
C PRO F 226 -21.36 0.50 -20.58
N VAL F 227 -20.10 0.14 -20.85
CA VAL F 227 -19.09 -0.02 -19.82
C VAL F 227 -17.83 0.73 -20.28
N PHE F 228 -17.10 1.27 -19.30
CA PHE F 228 -15.89 2.03 -19.58
C PHE F 228 -14.63 1.16 -19.53
N GLY F 229 -14.77 -0.16 -19.45
CA GLY F 229 -13.64 -1.05 -19.54
C GLY F 229 -13.26 -1.81 -18.28
N ALA F 230 -14.02 -1.69 -17.20
CA ALA F 230 -13.88 -2.61 -16.08
C ALA F 230 -15.05 -3.59 -16.16
N ILE F 231 -14.75 -4.82 -16.56
CA ILE F 231 -15.77 -5.78 -16.99
C ILE F 231 -16.17 -6.75 -15.88
N ARG F 232 -15.60 -6.62 -14.69
CA ARG F 232 -15.97 -7.51 -13.59
C ARG F 232 -17.44 -7.30 -13.25
N PRO F 233 -18.22 -8.38 -13.12
CA PRO F 233 -19.67 -8.22 -12.88
C PRO F 233 -20.00 -7.49 -11.59
N GLU F 234 -19.06 -7.36 -10.65
CA GLU F 234 -19.35 -6.63 -9.42
C GLU F 234 -19.47 -5.14 -9.68
N ARG F 235 -18.61 -4.59 -10.54
CA ARG F 235 -18.68 -3.17 -10.87
C ARG F 235 -19.94 -2.85 -11.66
N MET F 236 -20.56 -3.86 -12.30
CA MET F 236 -21.73 -3.63 -13.12
C MET F 236 -22.95 -3.26 -12.28
N GLU F 237 -23.01 -3.71 -11.02
CA GLU F 237 -24.14 -3.40 -10.16
C GLU F 237 -24.35 -1.90 -10.05
N LEU F 238 -23.32 -1.17 -9.61
CA LEU F 238 -23.36 0.28 -9.63
C LEU F 238 -22.31 0.72 -10.63
N ILE F 239 -22.73 0.98 -11.86
CA ILE F 239 -21.92 1.70 -12.84
C ILE F 239 -22.16 3.21 -12.75
N HIS F 240 -23.42 3.59 -12.56
CA HIS F 240 -23.83 4.98 -12.64
C HIS F 240 -22.99 5.89 -11.73
N ALA F 241 -22.81 5.48 -10.48
CA ALA F 241 -21.99 6.29 -9.56
C ALA F 241 -20.52 6.27 -9.95
N LEU F 242 -20.12 5.31 -10.77
CA LEU F 242 -18.72 5.05 -11.09
C LEU F 242 -18.32 5.68 -12.43
N GLY F 243 -19.00 5.34 -13.52
CA GLY F 243 -18.58 5.78 -14.83
C GLY F 243 -19.74 6.09 -15.75
N GLY F 244 -19.39 6.80 -16.81
CA GLY F 244 -20.35 7.32 -17.76
C GLY F 244 -19.57 8.02 -18.84
N GLU F 245 -20.22 8.90 -19.59
CA GLU F 245 -19.49 9.58 -20.67
C GLU F 245 -18.47 10.57 -20.11
N THR F 246 -18.86 11.38 -19.13
CA THR F 246 -17.95 12.30 -18.48
C THR F 246 -17.45 11.83 -17.11
N TRP F 247 -17.93 10.68 -16.61
CA TRP F 247 -17.65 10.23 -15.25
C TRP F 247 -16.30 9.52 -15.13
N ILE F 248 -15.76 9.53 -13.91
CA ILE F 248 -14.66 8.65 -13.53
C ILE F 248 -14.68 8.45 -12.03
N GLN F 249 -14.27 7.26 -11.58
CA GLN F 249 -14.12 6.91 -10.17
C GLN F 249 -13.03 5.85 -10.04
N GLU F 250 -12.54 5.67 -8.81
CA GLU F 250 -11.33 4.86 -8.58
C GLU F 250 -11.45 4.02 -7.31
N ALA F 251 -10.48 3.09 -7.15
CA ALA F 251 -10.35 2.20 -5.99
C ALA F 251 -11.50 1.18 -5.87
N ASN F 252 -11.74 0.43 -6.95
CA ASN F 252 -12.91 -0.45 -7.04
C ASN F 252 -12.55 -1.94 -7.08
N THR F 253 -11.76 -2.37 -8.07
CA THR F 253 -11.65 -3.77 -8.44
C THR F 253 -11.44 -4.71 -7.25
N ALA F 254 -10.80 -4.23 -6.19
CA ALA F 254 -10.45 -5.05 -5.03
C ALA F 254 -11.62 -5.87 -4.50
N GLY F 255 -12.61 -5.22 -3.89
CA GLY F 255 -13.74 -5.93 -3.32
C GLY F 255 -14.60 -6.55 -4.40
N ILE F 256 -14.75 -7.88 -4.37
CA ILE F 256 -15.61 -8.61 -5.31
C ILE F 256 -16.09 -9.88 -4.61
N SER F 257 -17.20 -10.42 -5.10
CA SER F 257 -17.66 -11.72 -4.62
C SER F 257 -16.75 -12.83 -5.14
N ASN F 258 -16.80 -13.97 -4.47
CA ASN F 258 -15.92 -15.09 -4.78
C ASN F 258 -16.25 -15.77 -6.11
N VAL F 259 -17.31 -15.35 -6.80
CA VAL F 259 -17.71 -16.00 -8.05
C VAL F 259 -16.71 -15.69 -9.15
N ASP F 260 -16.25 -14.44 -9.23
CA ASP F 260 -15.52 -13.96 -10.40
C ASP F 260 -14.28 -14.80 -10.68
N GLN F 261 -13.55 -15.18 -9.63
CA GLN F 261 -12.38 -16.04 -9.81
C GLN F 261 -12.77 -17.51 -9.96
N ARG F 262 -13.86 -17.92 -9.30
CA ARG F 262 -14.31 -19.31 -9.40
C ARG F 262 -14.65 -19.68 -10.84
N LYS F 263 -15.27 -18.76 -11.58
CA LYS F 263 -15.54 -19.03 -13.00
C LYS F 263 -14.25 -19.32 -13.76
N ASN F 264 -13.21 -18.51 -13.54
CA ASN F 264 -11.93 -18.73 -14.20
C ASN F 264 -11.35 -20.08 -13.80
N ASP F 265 -11.49 -20.45 -12.52
CA ASP F 265 -11.08 -21.78 -12.09
C ASP F 265 -11.79 -22.87 -12.88
N ILE F 266 -13.09 -22.68 -13.15
CA ILE F 266 -13.83 -23.63 -13.97
C ILE F 266 -13.28 -23.66 -15.40
N ARG F 267 -12.83 -22.50 -15.90
CA ARG F 267 -12.20 -22.48 -17.22
C ARG F 267 -10.94 -23.34 -17.24
N ALA F 268 -10.11 -23.23 -16.20
CA ALA F 268 -8.93 -24.08 -16.12
C ALA F 268 -9.30 -25.56 -15.99
N VAL F 269 -10.37 -25.84 -15.26
CA VAL F 269 -10.87 -27.22 -15.14
C VAL F 269 -11.20 -27.78 -16.52
N CYS F 270 -11.98 -27.03 -17.30
CA CYS F 270 -12.31 -27.47 -18.65
C CYS F 270 -11.05 -27.59 -19.51
N ARG F 271 -10.05 -26.74 -19.27
CA ARG F 271 -8.76 -26.90 -19.95
C ARG F 271 -8.19 -28.29 -19.71
N LYS F 272 -8.03 -28.65 -18.43
CA LYS F 272 -7.42 -29.94 -18.10
C LYS F 272 -8.24 -31.11 -18.64
N VAL F 273 -9.57 -31.02 -18.52
CA VAL F 273 -10.42 -32.10 -19.01
C VAL F 273 -10.26 -32.28 -20.51
N CYS F 274 -10.27 -31.17 -21.25
CA CYS F 274 -10.09 -31.26 -22.70
C CYS F 274 -8.71 -31.77 -23.07
N LEU F 275 -7.70 -31.49 -22.24
CA LEU F 275 -6.39 -32.10 -22.45
C LEU F 275 -6.45 -33.61 -22.25
N ALA F 276 -7.18 -34.06 -21.23
CA ALA F 276 -7.35 -35.48 -21.00
C ALA F 276 -7.99 -36.15 -22.20
N ALA F 277 -9.00 -35.52 -22.80
CA ALA F 277 -9.54 -36.05 -24.04
C ALA F 277 -8.56 -35.94 -25.20
N ASN F 278 -7.64 -34.97 -25.15
CA ASN F 278 -6.66 -34.81 -26.21
C ASN F 278 -5.57 -35.89 -26.16
N ALA F 279 -5.32 -36.47 -24.99
CA ALA F 279 -4.23 -37.42 -24.85
C ALA F 279 -4.46 -38.67 -25.71
N SER F 280 -5.69 -39.15 -25.78
CA SER F 280 -6.03 -40.37 -26.51
C SER F 280 -7.01 -40.03 -27.62
N ILE F 281 -6.56 -40.17 -28.87
CA ILE F 281 -7.38 -39.86 -30.04
C ILE F 281 -8.08 -41.10 -30.59
N MET F 282 -8.00 -42.24 -29.89
CA MET F 282 -8.80 -43.40 -30.26
C MET F 282 -10.26 -43.01 -30.43
N ASN F 283 -10.84 -42.41 -29.39
CA ASN F 283 -12.13 -41.75 -29.48
C ASN F 283 -12.09 -40.52 -28.57
N ALA F 284 -12.48 -39.36 -29.10
CA ALA F 284 -12.64 -38.18 -28.26
C ALA F 284 -14.07 -37.94 -27.79
N LYS F 285 -15.05 -38.64 -28.38
CA LYS F 285 -16.44 -38.39 -28.03
C LYS F 285 -16.84 -39.11 -26.75
N SER F 286 -16.43 -40.37 -26.59
CA SER F 286 -16.87 -41.18 -25.46
C SER F 286 -16.09 -40.88 -24.19
N LYS F 287 -14.83 -40.43 -24.30
CA LYS F 287 -14.02 -40.23 -23.11
C LYS F 287 -14.33 -38.91 -22.42
N LEU F 288 -14.43 -37.81 -23.19
CA LEU F 288 -14.59 -36.50 -22.58
C LEU F 288 -15.88 -36.42 -21.78
N VAL F 289 -16.95 -37.07 -22.25
CA VAL F 289 -18.20 -37.06 -21.50
C VAL F 289 -18.03 -37.75 -20.16
N GLU F 290 -17.23 -38.81 -20.12
CA GLU F 290 -16.90 -39.45 -18.84
C GLU F 290 -16.13 -38.49 -17.93
N TYR F 291 -15.10 -37.83 -18.48
CA TYR F 291 -14.34 -36.86 -17.70
C TYR F 291 -15.22 -35.73 -17.18
N ILE F 292 -16.32 -35.42 -17.89
CA ILE F 292 -17.23 -34.37 -17.45
C ILE F 292 -18.11 -34.87 -16.32
N LYS F 293 -18.93 -35.90 -16.59
CA LYS F 293 -19.88 -36.37 -15.59
C LYS F 293 -19.20 -36.89 -14.34
N SER F 294 -17.93 -37.29 -14.42
CA SER F 294 -17.24 -37.83 -13.24
C SER F 294 -16.76 -36.72 -12.32
N THR F 295 -16.23 -35.64 -12.87
CA THR F 295 -15.64 -34.59 -12.07
C THR F 295 -16.70 -33.88 -11.21
N SER F 296 -16.34 -33.59 -9.96
CA SER F 296 -17.22 -32.91 -9.02
C SER F 296 -16.54 -31.64 -8.55
N MET F 297 -17.21 -30.50 -8.75
CA MET F 297 -16.67 -29.20 -8.34
C MET F 297 -17.11 -28.88 -6.92
N ARG F 298 -16.22 -28.25 -6.16
CA ARG F 298 -16.56 -27.69 -4.86
C ARG F 298 -16.60 -26.18 -5.00
N ILE F 299 -17.82 -25.65 -5.02
CA ILE F 299 -18.06 -24.22 -4.84
C ILE F 299 -17.91 -23.89 -3.35
N GLY F 300 -17.59 -22.62 -3.07
CA GLY F 300 -17.17 -22.24 -1.73
C GLY F 300 -18.06 -22.78 -0.63
N GLU F 301 -19.38 -22.59 -0.75
CA GLU F 301 -20.31 -23.10 0.23
C GLU F 301 -21.04 -24.38 -0.17
N THR F 302 -20.83 -24.91 -1.37
CA THR F 302 -21.66 -26.01 -1.83
C THR F 302 -20.90 -26.92 -2.78
N GLU F 303 -21.19 -28.22 -2.73
CA GLU F 303 -20.66 -29.17 -3.70
C GLU F 303 -21.65 -29.32 -4.85
N ARG F 304 -21.14 -29.19 -6.08
CA ARG F 304 -21.99 -29.25 -7.26
C ARG F 304 -21.24 -29.96 -8.38
N LYS F 305 -21.99 -30.65 -9.23
CA LYS F 305 -21.38 -31.42 -10.31
C LYS F 305 -20.84 -30.50 -11.40
N LEU F 306 -19.88 -31.03 -12.16
CA LEU F 306 -19.29 -30.28 -13.26
C LEU F 306 -20.25 -30.16 -14.43
N GLU F 307 -21.11 -31.16 -14.63
CA GLU F 307 -22.07 -31.13 -15.73
C GLU F 307 -22.99 -29.92 -15.63
N GLU F 308 -23.65 -29.75 -14.48
CA GLU F 308 -24.62 -28.68 -14.32
C GLU F 308 -23.97 -27.30 -14.24
N LEU F 309 -22.67 -27.23 -13.93
CA LEU F 309 -21.96 -25.96 -14.05
C LEU F 309 -21.65 -25.65 -15.51
N ILE F 310 -21.06 -26.60 -16.23
CA ILE F 310 -20.68 -26.40 -17.62
C ILE F 310 -21.90 -26.02 -18.45
N LEU F 311 -22.89 -26.93 -18.51
CA LEU F 311 -24.07 -26.70 -19.35
C LEU F 311 -24.69 -25.33 -19.10
N GLU F 312 -24.83 -24.96 -17.83
CA GLU F 312 -25.62 -23.80 -17.43
C GLU F 312 -24.78 -22.56 -17.12
N THR F 313 -23.46 -22.59 -17.34
CA THR F 313 -22.65 -21.42 -17.05
C THR F 313 -22.91 -20.30 -18.07
N ASP F 314 -22.77 -19.06 -17.61
CA ASP F 314 -23.04 -17.90 -18.46
C ASP F 314 -21.90 -17.63 -19.43
N ASP F 315 -20.67 -17.56 -18.94
CA ASP F 315 -19.54 -17.13 -19.75
C ASP F 315 -19.08 -18.25 -20.67
N VAL F 316 -19.01 -17.96 -21.97
CA VAL F 316 -18.59 -18.93 -22.97
C VAL F 316 -17.15 -18.60 -23.37
N SER F 317 -16.22 -19.41 -22.90
CA SER F 317 -14.81 -19.40 -23.27
C SER F 317 -14.57 -20.38 -24.41
N PRO F 318 -13.48 -20.22 -25.16
CA PRO F 318 -13.10 -21.26 -26.14
C PRO F 318 -13.07 -22.66 -25.56
N GLU F 319 -12.61 -22.83 -24.33
CA GLU F 319 -12.66 -24.14 -23.69
C GLU F 319 -14.10 -24.52 -23.35
N VAL F 320 -14.82 -23.61 -22.70
CA VAL F 320 -16.18 -23.90 -22.23
C VAL F 320 -17.08 -24.31 -23.40
N THR F 321 -16.85 -23.75 -24.59
CA THR F 321 -17.57 -24.21 -25.77
C THR F 321 -17.30 -25.69 -26.03
N LEU F 322 -16.03 -26.10 -25.94
CA LEU F 322 -15.69 -27.50 -26.14
C LEU F 322 -16.34 -28.39 -25.09
N CYS F 323 -16.30 -27.95 -23.82
CA CYS F 323 -16.89 -28.77 -22.75
C CYS F 323 -18.41 -28.87 -22.90
N LYS F 324 -19.06 -27.82 -23.40
CA LYS F 324 -20.50 -27.88 -23.63
C LYS F 324 -20.84 -28.75 -24.85
N SER F 325 -19.98 -28.75 -25.86
CA SER F 325 -20.28 -29.48 -27.09
C SER F 325 -20.49 -30.97 -26.84
N ALA F 326 -19.83 -31.52 -25.82
CA ALA F 326 -20.03 -32.92 -25.46
C ALA F 326 -21.43 -33.16 -24.93
N LEU F 327 -22.02 -32.16 -24.27
CA LEU F 327 -23.36 -32.26 -23.71
C LEU F 327 -24.37 -31.64 -24.66
N GLY F 328 -25.64 -31.61 -24.22
CA GLY F 328 -26.71 -31.10 -25.05
C GLY F 328 -27.03 -29.64 -24.83
N GLY F 329 -26.13 -28.91 -24.18
CA GLY F 329 -26.33 -27.49 -23.97
C GLY F 329 -26.16 -26.71 -25.26
N GLN F 330 -27.12 -25.85 -25.58
CA GLN F 330 -27.07 -25.01 -26.76
C GLN F 330 -26.62 -23.61 -26.34
N LEU F 331 -25.39 -23.25 -26.68
CA LEU F 331 -24.93 -21.87 -26.54
C LEU F 331 -24.28 -21.46 -27.85
N GLY F 332 -24.94 -20.54 -28.57
CA GLY F 332 -24.46 -20.06 -29.84
C GLY F 332 -23.97 -18.62 -29.75
N LYS F 333 -23.96 -17.95 -30.91
CA LYS F 333 -23.60 -16.54 -31.02
C LYS F 333 -22.19 -16.28 -30.51
N THR F 334 -21.33 -17.30 -30.51
CA THR F 334 -19.97 -17.21 -30.02
C THR F 334 -19.03 -17.80 -31.05
N LEU F 335 -18.01 -17.05 -31.44
CA LEU F 335 -16.94 -17.57 -32.26
C LEU F 335 -15.65 -17.55 -31.44
N SER F 336 -14.94 -18.67 -31.44
CA SER F 336 -13.67 -18.79 -30.72
C SER F 336 -12.60 -19.20 -31.70
N PHE F 337 -11.55 -18.38 -31.83
CA PHE F 337 -10.36 -18.75 -32.58
C PHE F 337 -9.13 -18.38 -31.77
N GLY F 338 -8.37 -19.40 -31.35
CA GLY F 338 -7.23 -19.20 -30.49
C GLY F 338 -7.62 -18.43 -29.24
N PRO F 339 -6.77 -17.47 -28.83
CA PRO F 339 -7.17 -16.58 -27.73
C PRO F 339 -8.27 -15.60 -28.12
N MET F 340 -8.45 -15.33 -29.40
CA MET F 340 -9.37 -14.31 -29.89
C MET F 340 -10.81 -14.82 -29.95
N LEU F 341 -11.75 -13.90 -29.74
CA LEU F 341 -13.17 -14.18 -29.89
C LEU F 341 -13.73 -13.35 -31.05
N LEU F 342 -14.71 -13.90 -31.77
CA LEU F 342 -15.22 -13.28 -32.98
C LEU F 342 -16.73 -13.44 -33.09
N LYS F 343 -17.37 -12.51 -33.81
CA LYS F 343 -18.80 -12.62 -34.10
C LYS F 343 -19.06 -12.25 -35.56
N LYS F 344 -19.96 -12.96 -36.23
CA LYS F 344 -20.19 -12.82 -37.67
C LYS F 344 -21.46 -12.01 -37.92
N ILE F 345 -21.31 -10.79 -38.47
CA ILE F 345 -22.44 -9.89 -38.68
C ILE F 345 -22.99 -9.87 -40.11
N SER F 346 -22.34 -10.53 -41.07
CA SER F 346 -22.76 -10.29 -42.45
C SER F 346 -22.35 -11.44 -43.36
N GLY F 347 -23.02 -11.51 -44.51
CA GLY F 347 -22.68 -12.37 -45.62
C GLY F 347 -22.77 -13.86 -45.34
N SER F 348 -22.26 -14.62 -46.31
CA SER F 348 -22.24 -16.08 -46.27
C SER F 348 -21.51 -16.58 -47.50
N GLY F 349 -21.14 -17.86 -47.45
CA GLY F 349 -20.39 -18.49 -48.52
C GLY F 349 -19.98 -19.88 -48.10
N VAL F 350 -19.38 -20.60 -49.04
CA VAL F 350 -19.10 -22.02 -48.88
C VAL F 350 -17.60 -22.22 -48.66
N LYS F 351 -17.29 -23.25 -47.86
CA LYS F 351 -15.90 -23.67 -47.68
C LYS F 351 -15.38 -24.32 -48.96
N VAL F 352 -14.22 -23.85 -49.44
CA VAL F 352 -13.59 -24.37 -50.64
C VAL F 352 -12.18 -24.81 -50.30
N LYS F 353 -11.64 -25.71 -51.11
CA LYS F 353 -10.31 -26.27 -50.90
C LYS F 353 -9.36 -25.75 -51.98
N ASP F 354 -8.23 -25.20 -51.55
CA ASP F 354 -7.21 -24.65 -52.44
C ASP F 354 -5.84 -25.09 -51.95
N THR F 355 -5.09 -25.78 -52.80
CA THR F 355 -3.75 -26.24 -52.47
C THR F 355 -2.74 -25.17 -52.91
N VAL F 356 -2.01 -24.59 -51.96
CA VAL F 356 -1.06 -23.54 -52.26
C VAL F 356 0.30 -23.91 -51.66
N TYR F 357 1.35 -23.35 -52.25
CA TYR F 357 2.72 -23.78 -51.99
C TYR F 357 3.33 -23.12 -50.76
N ILE F 358 4.21 -23.88 -50.11
CA ILE F 358 5.06 -23.37 -49.03
C ILE F 358 6.45 -23.10 -49.62
N GLN F 359 7.39 -22.66 -48.78
CA GLN F 359 8.75 -22.42 -49.25
C GLN F 359 9.61 -23.69 -49.25
N GLY F 360 9.12 -24.79 -48.69
CA GLY F 360 9.85 -26.04 -48.71
C GLY F 360 9.56 -26.89 -49.94
N VAL F 361 8.98 -26.26 -50.96
CA VAL F 361 8.62 -26.92 -52.22
C VAL F 361 7.75 -28.13 -51.92
N ARG F 362 6.68 -27.93 -51.14
CA ARG F 362 5.71 -28.96 -50.86
C ARG F 362 4.31 -28.36 -50.86
N ALA F 363 3.34 -29.14 -51.31
CA ALA F 363 1.96 -28.70 -51.47
C ALA F 363 1.11 -29.31 -50.37
N VAL F 364 0.27 -28.47 -49.75
CA VAL F 364 -0.66 -28.90 -48.71
C VAL F 364 -1.98 -28.19 -48.94
N GLN F 365 -3.08 -28.91 -48.73
CA GLN F 365 -4.40 -28.34 -48.97
C GLN F 365 -4.77 -27.34 -47.89
N PHE F 366 -5.38 -26.22 -48.29
CA PHE F 366 -5.86 -25.19 -47.39
C PHE F 366 -7.34 -24.96 -47.65
N GLU F 367 -8.16 -25.12 -46.60
CA GLU F 367 -9.58 -24.86 -46.72
C GLU F 367 -9.83 -23.38 -46.41
N TYR F 368 -10.32 -22.65 -47.39
CA TYR F 368 -10.59 -21.23 -47.26
C TYR F 368 -12.07 -20.95 -47.49
N TRP F 369 -12.45 -19.69 -47.33
CA TRP F 369 -13.83 -19.25 -47.45
C TRP F 369 -13.90 -18.14 -48.47
N SER F 370 -14.87 -18.21 -49.38
CA SER F 370 -15.17 -17.10 -50.28
C SER F 370 -16.53 -16.55 -49.87
N GLU F 371 -16.51 -15.41 -49.20
CA GLU F 371 -17.72 -14.68 -48.83
C GLU F 371 -17.33 -13.21 -48.72
N GLN F 372 -18.32 -12.33 -48.90
CA GLN F 372 -18.19 -10.96 -48.42
C GLN F 372 -18.80 -10.95 -47.02
N GLU F 373 -17.95 -10.84 -46.01
CA GLU F 373 -18.37 -11.13 -44.65
C GLU F 373 -17.78 -10.10 -43.70
N GLU F 374 -18.63 -9.56 -42.83
CA GLU F 374 -18.26 -8.51 -41.89
C GLU F 374 -18.40 -9.07 -40.47
N PHE F 375 -17.27 -9.26 -39.79
CA PHE F 375 -17.24 -9.80 -38.45
C PHE F 375 -16.53 -8.83 -37.50
N TYR F 376 -16.84 -8.99 -36.22
CA TYR F 376 -16.29 -8.17 -35.14
C TYR F 376 -15.26 -8.99 -34.37
N GLY F 377 -14.03 -8.45 -34.31
CA GLY F 377 -12.97 -9.06 -33.54
C GLY F 377 -12.89 -8.55 -32.10
N GLU F 378 -12.52 -9.46 -31.21
CA GLU F 378 -12.46 -9.23 -29.77
C GLU F 378 -11.18 -9.86 -29.23
N TYR F 379 -10.32 -9.03 -28.65
CA TYR F 379 -9.07 -9.47 -28.04
C TYR F 379 -8.83 -8.67 -26.77
N LYS F 380 -7.90 -9.16 -25.95
CA LYS F 380 -7.62 -8.50 -24.67
C LYS F 380 -7.26 -7.05 -24.88
N SER F 381 -8.01 -6.16 -24.22
CA SER F 381 -7.82 -4.72 -24.26
C SER F 381 -7.88 -4.16 -25.67
N ALA F 382 -8.49 -4.88 -26.62
CA ALA F 382 -8.59 -4.36 -27.98
C ALA F 382 -9.81 -4.95 -28.67
N THR F 383 -10.51 -4.10 -29.42
CA THR F 383 -11.66 -4.51 -30.23
C THR F 383 -11.46 -4.00 -31.64
N ALA F 384 -12.06 -4.67 -32.61
CA ALA F 384 -11.95 -4.18 -33.97
C ALA F 384 -13.08 -4.73 -34.83
N LEU F 385 -13.11 -4.28 -36.07
CA LEU F 385 -14.12 -4.67 -37.05
C LEU F 385 -13.40 -4.99 -38.36
N PHE F 386 -13.66 -6.18 -38.89
CA PHE F 386 -13.03 -6.66 -40.11
C PHE F 386 -14.09 -7.14 -41.07
N SER F 387 -13.75 -7.10 -42.36
CA SER F 387 -14.57 -7.68 -43.41
C SER F 387 -13.64 -8.30 -44.44
N ARG F 388 -13.86 -9.58 -44.71
CA ARG F 388 -13.08 -10.36 -45.66
C ARG F 388 -13.92 -10.66 -46.90
N LYS F 389 -13.30 -10.62 -48.06
CA LYS F 389 -13.94 -11.01 -49.30
C LYS F 389 -12.96 -11.83 -50.12
N GLU F 390 -13.37 -13.05 -50.49
CA GLU F 390 -12.58 -13.92 -51.36
C GLU F 390 -11.18 -14.15 -50.79
N ARG F 391 -11.14 -14.69 -49.57
CA ARG F 391 -9.93 -15.14 -48.88
C ARG F 391 -8.93 -14.02 -48.62
N SER F 392 -9.39 -12.77 -48.65
CA SER F 392 -8.51 -11.64 -48.36
C SER F 392 -9.31 -10.55 -47.68
N LEU F 393 -8.68 -9.89 -46.71
CA LEU F 393 -9.36 -8.84 -45.95
C LEU F 393 -9.75 -7.70 -46.87
N GLU F 394 -11.01 -7.29 -46.79
CA GLU F 394 -11.50 -6.17 -47.58
C GLU F 394 -11.41 -4.87 -46.80
N TRP F 395 -12.11 -4.77 -45.68
CA TRP F 395 -12.11 -3.54 -44.88
C TRP F 395 -11.72 -3.86 -43.45
N ILE F 396 -10.97 -2.95 -42.82
CA ILE F 396 -10.45 -3.16 -41.47
C ILE F 396 -10.47 -1.85 -40.70
N THR F 397 -10.88 -1.91 -39.43
CA THR F 397 -10.73 -0.77 -38.53
C THR F 397 -10.48 -1.29 -37.12
N ILE F 398 -9.58 -0.63 -36.39
CA ILE F 398 -9.11 -1.07 -35.08
C ILE F 398 -9.56 -0.07 -34.03
N GLY F 399 -10.25 -0.56 -33.00
CA GLY F 399 -10.65 0.27 -31.87
C GLY F 399 -9.89 0.00 -30.59
N GLY F 400 -8.72 -0.65 -30.70
CA GLY F 400 -8.04 -1.16 -29.52
C GLY F 400 -7.40 -0.08 -28.65
N GLY F 401 -7.28 -0.40 -27.37
CA GLY F 401 -6.64 0.48 -26.40
C GLY F 401 -5.13 0.49 -26.39
N ILE F 402 -4.50 -0.69 -26.38
CA ILE F 402 -3.06 -0.82 -26.20
C ILE F 402 -2.42 -1.23 -27.52
N ASN F 403 -1.23 -0.70 -27.78
CA ASN F 403 -0.57 -0.90 -29.07
C ASN F 403 -0.30 -2.38 -29.33
N GLU F 404 0.32 -3.07 -28.37
CA GLU F 404 0.64 -4.48 -28.55
C GLU F 404 -0.62 -5.29 -28.85
N ASP F 405 -1.68 -5.06 -28.07
CA ASP F 405 -2.93 -5.77 -28.30
C ASP F 405 -3.53 -5.44 -29.66
N ARG F 406 -3.33 -4.21 -30.14
CA ARG F 406 -3.72 -3.87 -31.50
C ARG F 406 -2.97 -4.73 -32.52
N LYS F 407 -1.65 -4.85 -32.35
CA LYS F 407 -0.86 -5.69 -33.24
C LYS F 407 -1.33 -7.13 -33.20
N ARG F 408 -1.66 -7.63 -32.01
CA ARG F 408 -2.16 -9.00 -31.88
C ARG F 408 -3.47 -9.18 -32.63
N LEU F 409 -4.40 -8.23 -32.46
CA LEU F 409 -5.64 -8.24 -33.23
C LEU F 409 -5.36 -8.33 -34.73
N LEU F 410 -4.54 -7.39 -35.23
CA LEU F 410 -4.17 -7.38 -36.64
C LEU F 410 -3.65 -8.73 -37.10
N ALA F 411 -2.67 -9.27 -36.39
CA ALA F 411 -2.09 -10.57 -36.70
C ALA F 411 -3.16 -11.64 -36.77
N MET F 412 -3.75 -11.99 -35.62
CA MET F 412 -4.71 -13.09 -35.56
C MET F 412 -5.78 -12.98 -36.65
N CYS F 413 -6.31 -11.78 -36.84
CA CYS F 413 -7.34 -11.62 -37.87
C CYS F 413 -6.77 -11.79 -39.27
N MET F 414 -5.47 -11.52 -39.45
CA MET F 414 -4.81 -11.89 -40.69
C MET F 414 -4.71 -13.40 -40.83
N ILE F 415 -4.48 -14.11 -39.72
CA ILE F 415 -4.43 -15.58 -39.77
C ILE F 415 -5.78 -16.12 -40.21
N PHE F 416 -6.87 -15.65 -39.60
CA PHE F 416 -8.20 -16.07 -40.04
C PHE F 416 -8.50 -15.58 -41.45
N CYS F 417 -7.82 -14.52 -41.90
CA CYS F 417 -8.04 -14.00 -43.25
C CYS F 417 -7.37 -14.87 -44.31
N ARG F 418 -6.14 -15.33 -44.04
CA ARG F 418 -5.40 -16.26 -44.90
C ARG F 418 -5.18 -15.67 -46.31
N ASP F 419 -4.32 -14.67 -46.37
CA ASP F 419 -3.93 -14.10 -47.66
C ASP F 419 -2.92 -15.00 -48.36
N GLY F 420 -2.41 -14.55 -49.51
CA GLY F 420 -1.38 -15.31 -50.20
C GLY F 420 -0.04 -15.27 -49.52
N ASP F 421 0.29 -14.14 -48.89
CA ASP F 421 1.54 -14.05 -48.14
C ASP F 421 1.60 -15.06 -47.00
N TYR F 422 0.44 -15.54 -46.53
CA TYR F 422 0.39 -16.62 -45.55
C TYR F 422 1.22 -17.81 -46.00
N PHE F 423 1.27 -18.08 -47.31
CA PHE F 423 2.06 -19.20 -47.81
C PHE F 423 3.53 -18.86 -47.97
N LYS F 424 3.85 -17.57 -48.18
CA LYS F 424 5.21 -17.21 -48.55
C LYS F 424 6.19 -17.40 -47.40
N ASP F 425 5.75 -17.19 -46.17
CA ASP F 425 6.60 -17.37 -45.00
C ASP F 425 6.53 -18.81 -44.53
N ALA F 426 7.65 -19.54 -44.65
CA ALA F 426 7.75 -20.87 -44.05
C ALA F 426 9.16 -21.11 -43.50
N PRO F 427 9.59 -20.37 -42.48
CA PRO F 427 10.90 -20.64 -41.87
C PRO F 427 10.89 -21.83 -40.93
N ALA F 428 11.15 -23.02 -41.46
CA ALA F 428 11.24 -24.26 -40.68
C ALA F 428 9.90 -24.66 -40.08
N THR F 429 8.83 -24.44 -40.83
CA THR F 429 7.50 -24.78 -40.36
C THR F 429 7.30 -26.30 -40.35
N ILE F 430 7.86 -26.97 -41.36
CA ILE F 430 7.55 -28.39 -41.57
C ILE F 430 8.15 -29.27 -40.49
N THR F 431 9.35 -28.91 -39.99
CA THR F 431 10.06 -29.80 -39.07
C THR F 431 9.22 -30.12 -37.84
N MET F 432 8.40 -29.18 -37.39
CA MET F 432 7.63 -29.34 -36.17
C MET F 432 6.15 -29.03 -36.38
N ALA F 433 5.85 -27.78 -36.74
CA ALA F 433 4.47 -27.31 -36.78
C ALA F 433 3.62 -28.11 -37.77
N ASP F 434 4.22 -28.66 -38.81
CA ASP F 434 3.46 -29.40 -39.82
C ASP F 434 2.73 -30.58 -39.18
N LEU F 435 3.47 -31.48 -38.54
CA LEU F 435 2.90 -32.65 -37.90
C LEU F 435 2.90 -32.42 -36.39
N SER F 436 1.72 -32.21 -35.82
CA SER F 436 1.60 -32.23 -34.37
C SER F 436 1.80 -33.65 -33.88
N THR F 437 2.52 -33.82 -32.77
CA THR F 437 2.71 -35.18 -32.27
C THR F 437 1.58 -35.44 -31.29
N LYS F 438 0.52 -36.05 -31.80
CA LYS F 438 -0.49 -36.73 -31.00
C LYS F 438 -0.93 -37.93 -31.84
N LEU F 439 -0.52 -39.13 -31.44
CA LEU F 439 -0.82 -40.34 -32.21
C LEU F 439 -0.64 -40.13 -33.71
N GLY F 440 0.36 -39.34 -34.10
CA GLY F 440 0.57 -38.99 -35.49
C GLY F 440 -0.60 -38.27 -36.16
N ARG F 441 -1.04 -37.16 -35.60
CA ARG F 441 -2.17 -36.40 -36.14
C ARG F 441 -1.67 -35.11 -36.79
N GLU F 442 -2.06 -34.90 -38.05
CA GLU F 442 -1.76 -33.66 -38.75
C GLU F 442 -2.71 -32.57 -38.26
N ILE F 443 -2.13 -31.47 -37.76
CA ILE F 443 -2.92 -30.39 -37.16
C ILE F 443 -3.29 -29.39 -38.26
N PRO F 444 -4.51 -28.86 -38.26
CA PRO F 444 -4.92 -27.92 -39.31
C PRO F 444 -4.00 -26.72 -39.43
N TYR F 445 -3.96 -26.16 -40.64
CA TYR F 445 -2.89 -25.29 -41.11
C TYR F 445 -3.04 -23.85 -40.60
N GLN F 446 -4.27 -23.35 -40.57
CA GLN F 446 -4.54 -22.05 -39.96
C GLN F 446 -3.98 -21.98 -38.55
N TYR F 447 -4.29 -22.99 -37.74
CA TYR F 447 -3.71 -23.11 -36.41
C TYR F 447 -2.22 -23.41 -36.45
N VAL F 448 -1.72 -23.99 -37.54
CA VAL F 448 -0.28 -24.24 -37.67
C VAL F 448 0.47 -22.92 -37.67
N MET F 449 0.14 -22.04 -38.62
CA MET F 449 0.85 -20.76 -38.68
C MET F 449 0.45 -19.84 -37.54
N MET F 450 -0.76 -20.01 -37.00
CA MET F 450 -1.11 -19.36 -35.75
C MET F 450 -0.10 -19.69 -34.66
N ASN F 451 0.22 -20.98 -34.51
CA ASN F 451 1.21 -21.40 -33.52
C ASN F 451 2.60 -20.90 -33.89
N TRP F 452 2.93 -20.87 -35.17
CA TRP F 452 4.21 -20.32 -35.60
C TRP F 452 4.35 -18.86 -35.20
N ILE F 453 3.25 -18.12 -35.21
CA ILE F 453 3.30 -16.72 -34.78
C ILE F 453 3.36 -16.61 -33.26
N GLN F 454 2.63 -17.49 -32.56
CA GLN F 454 2.72 -17.51 -31.10
C GLN F 454 4.10 -17.95 -30.62
N LYS F 455 4.90 -18.58 -31.47
CA LYS F 455 6.22 -19.07 -31.10
C LYS F 455 7.14 -17.97 -30.58
N SER F 456 7.58 -17.06 -31.46
CA SER F 456 8.61 -16.10 -31.13
C SER F 456 8.15 -14.69 -31.47
N GLU F 457 9.03 -13.72 -31.21
CA GLU F 457 8.70 -12.32 -31.41
C GLU F 457 8.84 -11.90 -32.87
N ASP F 458 9.88 -12.39 -33.56
CA ASP F 458 10.11 -12.00 -34.94
C ASP F 458 9.07 -12.59 -35.90
N ASN F 459 8.42 -13.69 -35.51
CA ASN F 459 7.39 -14.27 -36.36
C ASN F 459 6.20 -13.34 -36.49
N LEU F 460 5.91 -12.54 -35.45
CA LEU F 460 4.90 -11.51 -35.56
C LEU F 460 5.33 -10.43 -36.55
N GLU F 461 6.59 -9.99 -36.47
CA GLU F 461 7.09 -8.97 -37.39
C GLU F 461 7.05 -9.46 -38.83
N ALA F 462 7.24 -10.76 -39.05
CA ALA F 462 7.23 -11.31 -40.40
C ALA F 462 5.90 -11.03 -41.09
N LEU F 463 4.80 -11.57 -40.55
CA LEU F 463 3.51 -11.39 -41.22
C LEU F 463 3.00 -9.96 -41.07
N LEU F 464 3.37 -9.26 -39.99
CA LEU F 464 3.05 -7.84 -39.90
C LEU F 464 3.63 -7.08 -41.09
N TYR F 465 4.86 -7.42 -41.48
CA TYR F 465 5.46 -6.86 -42.69
C TYR F 465 4.88 -7.47 -43.96
N SER F 466 4.26 -8.65 -43.86
CA SER F 466 3.69 -9.29 -45.05
C SER F 466 2.54 -8.49 -45.65
N ARG F 467 1.89 -7.64 -44.87
CA ARG F 467 0.89 -6.73 -45.41
C ARG F 467 1.57 -5.58 -46.12
N GLY F 468 0.86 -5.00 -47.09
CA GLY F 468 1.37 -3.84 -47.79
C GLY F 468 1.62 -2.68 -46.85
N ILE F 469 2.77 -2.04 -46.97
CA ILE F 469 3.12 -0.89 -46.15
C ILE F 469 3.28 0.32 -47.07
N VAL F 470 2.64 1.42 -46.69
CA VAL F 470 2.70 2.66 -47.45
C VAL F 470 2.72 3.83 -46.48
N GLU F 471 3.39 4.90 -46.88
CA GLU F 471 3.30 6.16 -46.14
C GLU F 471 1.90 6.73 -46.33
N THR F 472 1.20 6.97 -45.22
CA THR F 472 -0.21 7.33 -45.33
C THR F 472 -0.36 8.81 -45.68
N ASN F 473 -1.46 9.10 -46.35
CA ASN F 473 -1.77 10.46 -46.78
C ASN F 473 -2.26 11.30 -45.61
N PRO F 474 -2.16 12.63 -45.73
CA PRO F 474 -2.77 13.50 -44.72
C PRO F 474 -4.27 13.24 -44.62
N GLY F 475 -4.79 13.41 -43.40
CA GLY F 475 -6.15 13.03 -43.09
C GLY F 475 -6.29 11.63 -42.54
N LYS F 476 -5.34 10.74 -42.83
CA LYS F 476 -5.25 9.43 -42.20
C LYS F 476 -4.26 9.42 -41.04
N MET F 477 -3.71 10.58 -40.67
CA MET F 477 -2.70 10.65 -39.63
C MET F 477 -3.16 9.98 -38.34
N GLY F 478 -4.38 10.28 -37.89
CA GLY F 478 -4.89 9.68 -36.67
C GLY F 478 -5.30 8.24 -36.85
N SER F 479 -5.75 7.87 -38.05
CA SER F 479 -6.22 6.51 -38.31
C SER F 479 -5.09 5.53 -38.62
N SER F 480 -3.92 6.02 -39.02
CA SER F 480 -2.88 5.14 -39.51
C SER F 480 -2.26 4.33 -38.38
N MET F 481 -1.82 3.11 -38.72
CA MET F 481 -1.29 2.15 -37.76
C MET F 481 0.15 1.81 -38.11
N GLY F 482 1.07 2.10 -37.19
CA GLY F 482 2.45 1.72 -37.38
C GLY F 482 2.68 0.23 -37.21
N ILE F 483 3.88 -0.21 -37.57
CA ILE F 483 4.22 -1.62 -37.44
C ILE F 483 4.23 -2.04 -35.98
N ASP F 484 4.66 -1.13 -35.10
CA ASP F 484 4.70 -1.40 -33.67
C ASP F 484 3.43 -1.00 -32.94
N GLY F 485 2.41 -0.56 -33.67
CA GLY F 485 1.11 -0.30 -33.08
C GLY F 485 0.82 1.14 -32.68
N SER F 486 1.52 2.12 -33.26
CA SER F 486 1.36 3.50 -32.83
C SER F 486 0.71 4.34 -33.91
N LYS F 487 0.40 5.59 -33.55
CA LYS F 487 -0.35 6.51 -34.39
C LYS F 487 0.51 7.54 -35.10
N ARG F 488 1.84 7.50 -34.95
CA ARG F 488 2.69 8.54 -35.53
C ARG F 488 2.48 8.69 -37.03
N ALA F 489 2.08 7.62 -37.71
CA ALA F 489 1.60 7.65 -39.09
C ALA F 489 2.69 8.05 -40.09
N ILE F 490 3.95 7.81 -39.76
CA ILE F 490 5.01 7.99 -40.76
C ILE F 490 4.93 6.88 -41.81
N LYS F 491 4.95 5.63 -41.35
CA LYS F 491 4.75 4.46 -42.20
C LYS F 491 3.62 3.64 -41.59
N SER F 492 2.72 3.13 -42.44
CA SER F 492 1.55 2.43 -41.95
C SER F 492 1.17 1.30 -42.88
N LEU F 493 0.42 0.35 -42.33
CA LEU F 493 -0.05 -0.82 -43.05
C LEU F 493 -1.20 -0.45 -43.99
N ARG F 494 -1.40 -1.28 -45.01
CA ARG F 494 -2.42 -1.05 -46.01
C ARG F 494 -3.72 -1.76 -45.65
N ALA F 495 -4.84 -1.12 -45.99
CA ALA F 495 -6.18 -1.66 -45.75
C ALA F 495 -6.47 -1.80 -44.26
N VAL F 496 -5.97 -0.86 -43.47
CA VAL F 496 -6.24 -0.80 -42.04
C VAL F 496 -6.22 0.65 -41.61
N THR F 497 -7.14 1.01 -40.71
CA THR F 497 -7.19 2.34 -40.12
C THR F 497 -7.62 2.20 -38.66
N ILE F 498 -6.92 2.90 -37.77
CA ILE F 498 -7.31 2.93 -36.37
C ILE F 498 -8.45 3.91 -36.19
N GLN F 499 -9.35 3.61 -35.26
CA GLN F 499 -10.39 4.53 -34.83
C GLN F 499 -10.07 5.02 -33.44
N SER F 500 -10.35 6.30 -33.17
CA SER F 500 -10.13 6.84 -31.83
C SER F 500 -11.42 6.59 -31.06
N GLY F 501 -11.39 5.60 -30.21
CA GLY F 501 -12.55 5.13 -29.47
C GLY F 501 -12.48 3.62 -29.37
N LYS F 502 -13.55 3.03 -28.87
CA LYS F 502 -13.72 1.59 -28.91
C LYS F 502 -14.69 1.24 -30.04
N ILE F 503 -14.99 -0.05 -30.17
CA ILE F 503 -15.89 -0.53 -31.21
C ILE F 503 -16.96 -1.40 -30.58
N ASP F 504 -18.21 -1.17 -30.96
CA ASP F 504 -19.35 -1.81 -30.31
C ASP F 504 -19.42 -3.29 -30.67
N MET F 505 -19.90 -4.10 -29.72
CA MET F 505 -19.99 -5.55 -29.84
C MET F 505 -21.42 -5.95 -30.20
N PRO F 506 -21.61 -6.77 -31.22
CA PRO F 506 -22.96 -7.22 -31.56
C PRO F 506 -23.47 -8.27 -30.59
N GLU F 507 -24.79 -8.46 -30.59
CA GLU F 507 -25.46 -9.43 -29.74
C GLU F 507 -26.63 -10.04 -30.50
N SER F 508 -26.82 -11.35 -30.31
CA SER F 508 -27.96 -12.05 -30.88
C SER F 508 -28.43 -13.08 -29.87
N LYS F 509 -29.75 -13.21 -29.72
CA LYS F 509 -30.31 -14.26 -28.87
C LYS F 509 -30.58 -15.46 -29.75
N GLU F 510 -29.73 -16.49 -29.62
CA GLU F 510 -29.77 -17.65 -30.49
C GLU F 510 -29.20 -18.85 -29.76
N LYS F 511 -29.69 -20.03 -30.11
CA LYS F 511 -29.20 -21.30 -29.57
C LYS F 511 -28.95 -22.25 -30.72
N ILE F 512 -27.71 -22.70 -30.87
CA ILE F 512 -27.34 -23.66 -31.91
C ILE F 512 -26.42 -24.70 -31.29
N HIS F 513 -26.66 -25.97 -31.62
CA HIS F 513 -25.85 -27.06 -31.10
C HIS F 513 -25.76 -28.17 -32.14
N LEU F 514 -24.57 -28.76 -32.25
CA LEU F 514 -24.34 -29.93 -33.10
C LEU F 514 -23.18 -30.72 -32.51
N GLU F 515 -23.09 -31.98 -32.92
CA GLU F 515 -22.06 -32.88 -32.40
C GLU F 515 -20.67 -32.45 -32.87
N LEU F 516 -19.66 -32.95 -32.17
CA LEU F 516 -18.27 -32.57 -32.40
C LEU F 516 -17.52 -33.69 -33.12
N SER F 517 -16.56 -33.28 -33.95
CA SER F 517 -15.69 -34.23 -34.63
C SER F 517 -14.67 -34.82 -33.66
N ASP F 518 -14.09 -35.96 -34.06
CA ASP F 518 -13.22 -36.74 -33.19
C ASP F 518 -11.94 -36.01 -32.81
N ASN F 519 -11.59 -34.94 -33.51
CA ASN F 519 -10.36 -34.19 -33.24
C ASN F 519 -10.59 -33.00 -32.30
N LEU F 520 -11.74 -32.94 -31.63
CA LEU F 520 -12.17 -31.78 -30.82
C LEU F 520 -12.52 -30.60 -31.72
N GLU F 521 -13.17 -30.89 -32.84
CA GLU F 521 -13.69 -29.88 -33.75
C GLU F 521 -15.21 -29.89 -33.70
N ALA F 522 -15.80 -28.71 -33.66
CA ALA F 522 -17.25 -28.54 -33.62
C ALA F 522 -17.68 -27.89 -34.94
N PHE F 523 -18.38 -28.65 -35.76
CA PHE F 523 -18.85 -28.23 -37.07
C PHE F 523 -20.22 -27.57 -37.02
N ASP F 524 -20.67 -27.18 -35.82
CA ASP F 524 -22.05 -26.73 -35.59
C ASP F 524 -22.45 -25.65 -36.60
N SER F 525 -23.75 -25.65 -36.93
CA SER F 525 -24.32 -24.86 -38.02
C SER F 525 -23.80 -25.30 -39.39
N SER F 526 -23.50 -26.60 -39.51
CA SER F 526 -23.07 -27.20 -40.77
C SER F 526 -21.82 -26.52 -41.32
N GLY F 527 -20.88 -26.23 -40.44
CA GLY F 527 -19.67 -25.52 -40.82
C GLY F 527 -19.14 -24.73 -39.64
N ARG F 528 -18.44 -23.64 -39.96
CA ARG F 528 -18.12 -22.51 -39.11
C ARG F 528 -16.93 -22.74 -38.17
N ILE F 529 -16.43 -23.97 -38.03
CA ILE F 529 -15.18 -24.30 -37.33
C ILE F 529 -15.03 -23.55 -36.01
N VAL F 530 -16.07 -23.60 -35.17
CA VAL F 530 -16.08 -22.77 -33.96
C VAL F 530 -15.19 -23.31 -32.84
N ALA F 531 -14.76 -24.57 -32.90
CA ALA F 531 -14.10 -25.20 -31.76
C ALA F 531 -12.62 -24.87 -31.64
N THR F 532 -12.00 -24.34 -32.70
CA THR F 532 -10.61 -23.86 -32.72
C THR F 532 -9.62 -24.88 -32.14
N ILE F 533 -9.97 -26.17 -32.21
CA ILE F 533 -9.16 -27.25 -31.64
C ILE F 533 -8.72 -26.86 -30.24
N LEU F 534 -7.41 -26.88 -29.99
CA LEU F 534 -6.85 -26.50 -28.69
C LEU F 534 -6.52 -25.02 -28.71
N ASP F 535 -7.15 -24.26 -27.82
CA ASP F 535 -6.94 -22.82 -27.79
C ASP F 535 -5.53 -22.47 -27.29
N LEU F 536 -5.16 -22.98 -26.12
CA LEU F 536 -3.89 -22.65 -25.51
C LEU F 536 -3.18 -23.93 -25.05
N PRO F 537 -1.87 -24.04 -25.26
CA PRO F 537 -1.16 -25.24 -24.82
C PRO F 537 -0.49 -25.10 -23.47
N SER F 538 -1.28 -24.86 -22.41
CA SER F 538 -0.73 -24.80 -21.07
C SER F 538 -0.55 -26.22 -20.55
N ASP F 539 0.68 -26.60 -20.26
CA ASP F 539 0.94 -27.86 -19.56
C ASP F 539 1.25 -27.49 -18.12
N LYS F 540 0.25 -27.65 -17.26
CA LYS F 540 0.34 -27.40 -15.83
C LYS F 540 -0.75 -28.21 -15.15
N LYS F 541 -0.47 -28.68 -13.94
CA LYS F 541 -1.51 -29.26 -13.10
C LYS F 541 -1.46 -28.58 -11.73
N VAL F 542 -2.46 -27.74 -11.46
CA VAL F 542 -2.67 -27.15 -10.15
C VAL F 542 -4.17 -27.06 -9.90
N THR F 543 -4.62 -27.59 -8.78
CA THR F 543 -6.03 -27.59 -8.43
C THR F 543 -6.17 -27.37 -6.93
N PHE F 544 -7.29 -26.76 -6.54
CA PHE F 544 -7.60 -26.50 -5.14
C PHE F 544 -9.05 -26.89 -4.89
N GLN F 545 -9.25 -27.86 -3.99
CA GLN F 545 -10.58 -28.30 -3.59
C GLN F 545 -11.39 -28.81 -4.78
N ASP F 546 -10.76 -29.66 -5.58
CA ASP F 546 -11.36 -30.21 -6.79
C ASP F 546 -11.33 -31.73 -6.73
N VAL F 547 -12.33 -32.35 -7.35
CA VAL F 547 -12.53 -33.79 -7.31
C VAL F 547 -12.42 -34.35 -8.72
N SER F 548 -11.84 -35.55 -8.83
CA SER F 548 -11.77 -36.30 -10.07
C SER F 548 -11.98 -37.78 -9.75
N PHE F 549 -12.13 -38.59 -10.79
CA PHE F 549 -12.52 -39.99 -10.58
C PHE F 549 -12.23 -40.79 -11.86
N GLN F 550 -12.48 -42.11 -11.78
CA GLN F 550 -12.52 -43.07 -12.87
C GLN F 550 -11.33 -42.98 -13.84
N HIS F 551 -10.18 -43.50 -13.41
CA HIS F 551 -8.97 -43.55 -14.22
C HIS F 551 -8.64 -42.19 -14.84
N PRO F 552 -8.48 -41.15 -14.00
CA PRO F 552 -8.37 -39.78 -14.54
C PRO F 552 -7.18 -39.54 -15.45
N ASP F 553 -6.21 -40.46 -15.49
CA ASP F 553 -4.96 -40.33 -16.24
C ASP F 553 -4.00 -39.38 -15.54
N LEU F 554 -4.49 -38.68 -14.51
CA LEU F 554 -3.64 -38.03 -13.53
C LEU F 554 -3.57 -38.92 -12.31
N ALA F 555 -2.36 -39.17 -11.82
CA ALA F 555 -2.22 -40.11 -10.71
C ALA F 555 -2.21 -39.31 -9.41
N VAL F 556 -3.35 -39.30 -8.72
CA VAL F 556 -3.43 -38.96 -7.31
C VAL F 556 -3.63 -40.20 -6.43
N LEU F 557 -3.77 -41.38 -7.04
CA LEU F 557 -4.31 -42.55 -6.37
C LEU F 557 -3.18 -43.48 -5.96
N ARG F 558 -2.92 -43.57 -4.66
CA ARG F 558 -2.01 -44.55 -4.09
C ARG F 558 -2.71 -45.91 -4.01
N ASP F 559 -1.90 -46.96 -3.89
CA ASP F 559 -2.45 -48.31 -3.75
C ASP F 559 -3.20 -48.47 -2.43
N GLU F 560 -2.54 -48.14 -1.32
CA GLU F 560 -3.17 -48.29 -0.01
C GLU F 560 -4.39 -47.39 0.12
N LYS F 561 -4.31 -46.16 -0.37
CA LYS F 561 -5.43 -45.23 -0.27
C LYS F 561 -6.59 -45.63 -1.17
N THR F 562 -6.31 -46.22 -2.34
CA THR F 562 -7.40 -46.75 -3.14
C THR F 562 -8.00 -47.99 -2.51
N ALA F 563 -7.20 -48.77 -1.77
CA ALA F 563 -7.75 -49.90 -1.03
C ALA F 563 -8.71 -49.42 0.06
N ILE F 564 -8.30 -48.40 0.82
CA ILE F 564 -9.16 -47.88 1.89
C ILE F 564 -10.41 -47.24 1.31
N THR F 565 -10.23 -46.31 0.35
CA THR F 565 -11.35 -45.53 -0.16
C THR F 565 -12.31 -46.40 -0.96
N LYS F 566 -11.79 -47.27 -1.81
CA LYS F 566 -12.67 -48.19 -2.55
C LYS F 566 -13.34 -49.18 -1.61
N GLY F 567 -12.60 -49.67 -0.61
CA GLY F 567 -13.21 -50.53 0.38
C GLY F 567 -14.38 -49.87 1.09
N TYR F 568 -14.26 -48.58 1.38
CA TYR F 568 -15.39 -47.83 1.93
C TYR F 568 -16.51 -47.68 0.90
N GLU F 569 -16.14 -47.42 -0.35
CA GLU F 569 -17.15 -47.17 -1.38
C GLU F 569 -18.01 -48.38 -1.65
N ALA F 570 -17.45 -49.59 -1.50
CA ALA F 570 -18.27 -50.80 -1.61
C ALA F 570 -19.40 -50.77 -0.59
N LEU F 571 -19.06 -50.56 0.69
CA LEU F 571 -20.07 -50.51 1.75
C LEU F 571 -21.07 -49.39 1.49
N ILE F 572 -20.58 -48.16 1.36
CA ILE F 572 -21.48 -47.00 1.24
C ILE F 572 -22.41 -47.17 0.04
N LYS F 573 -21.84 -47.51 -1.11
CA LYS F 573 -22.63 -47.48 -2.34
C LYS F 573 -23.57 -48.68 -2.44
N ARG F 574 -23.10 -49.88 -2.08
CA ARG F 574 -23.88 -51.08 -2.33
C ARG F 574 -25.09 -51.23 -1.41
N LEU F 575 -25.24 -50.37 -0.42
CA LEU F 575 -26.28 -50.52 0.59
C LEU F 575 -27.32 -49.42 0.47
N GLY F 576 -28.55 -49.73 0.89
CA GLY F 576 -29.69 -48.84 0.72
C GLY F 576 -30.75 -49.32 -0.25
N THR F 577 -30.55 -50.43 -0.96
CA THR F 577 -31.54 -50.89 -1.93
C THR F 577 -32.70 -51.61 -1.27
N GLY F 578 -32.43 -52.50 -0.32
CA GLY F 578 -33.47 -53.38 0.19
C GLY F 578 -33.04 -54.15 1.41
N ASP F 579 -33.76 -55.23 1.69
CA ASP F 579 -33.46 -56.06 2.84
C ASP F 579 -32.06 -56.68 2.72
N ASN F 580 -31.48 -57.00 3.87
CA ASN F 580 -30.08 -57.42 4.00
C ASN F 580 -29.12 -56.32 3.56
N ASP F 581 -29.57 -55.07 3.62
CA ASP F 581 -28.73 -53.90 3.45
C ASP F 581 -28.89 -53.01 4.67
N ILE F 582 -27.96 -52.07 4.83
CA ILE F 582 -27.91 -51.25 6.06
C ILE F 582 -29.27 -50.70 6.48
N PRO F 583 -30.07 -50.06 5.60
CA PRO F 583 -31.31 -49.45 6.09
C PRO F 583 -32.29 -50.42 6.72
N SER F 584 -32.51 -51.57 6.09
CA SER F 584 -33.44 -52.55 6.67
C SER F 584 -32.90 -53.10 7.98
N LEU F 585 -31.58 -53.29 8.07
CA LEU F 585 -30.98 -53.75 9.31
C LEU F 585 -31.15 -52.73 10.43
N ILE F 586 -30.97 -51.45 10.10
CA ILE F 586 -31.13 -50.39 11.10
C ILE F 586 -32.59 -50.29 11.53
N ALA F 587 -33.52 -50.45 10.59
CA ALA F 587 -34.93 -50.42 10.95
C ALA F 587 -35.32 -51.65 11.77
N LYS F 588 -34.64 -52.77 11.58
CA LYS F 588 -34.86 -53.95 12.41
C LYS F 588 -34.12 -53.88 13.74
N LYS F 589 -33.26 -52.89 13.94
CA LYS F 589 -32.42 -52.69 15.11
C LYS F 589 -31.33 -53.76 15.23
N ASP F 590 -31.27 -54.71 14.31
CA ASP F 590 -30.32 -55.82 14.39
C ASP F 590 -29.01 -55.39 13.74
N TYR F 591 -27.95 -55.28 14.55
CA TYR F 591 -26.63 -54.88 14.09
C TYR F 591 -25.68 -56.05 13.87
N LEU F 592 -26.11 -57.28 14.16
CA LEU F 592 -25.23 -58.43 13.97
C LEU F 592 -25.05 -58.74 12.49
N SER F 593 -26.14 -58.77 11.74
CA SER F 593 -26.03 -58.92 10.28
C SER F 593 -25.19 -57.81 9.67
N LEU F 594 -25.24 -56.62 10.26
CA LEU F 594 -24.45 -55.49 9.77
C LEU F 594 -22.96 -55.72 9.97
N TYR F 595 -22.58 -56.42 11.04
CA TYR F 595 -21.16 -56.76 11.24
C TYR F 595 -20.70 -57.78 10.20
N ASN F 596 -21.48 -58.84 10.01
CA ASN F 596 -21.15 -59.97 9.14
C ASN F 596 -21.22 -59.64 7.66
N LEU F 597 -21.59 -58.41 7.28
CA LEU F 597 -21.82 -58.06 5.89
C LEU F 597 -20.63 -58.49 5.03
N PRO F 598 -20.87 -58.96 3.81
CA PRO F 598 -19.75 -59.42 2.96
C PRO F 598 -18.84 -58.29 2.49
N GLU F 599 -19.33 -57.05 2.45
CA GLU F 599 -18.49 -55.93 2.07
C GLU F 599 -17.54 -55.50 3.20
N VAL F 600 -17.80 -55.92 4.43
CA VAL F 600 -16.87 -55.66 5.52
C VAL F 600 -15.70 -56.63 5.46
N LYS F 601 -15.96 -57.88 5.05
CA LYS F 601 -14.88 -58.85 4.89
C LYS F 601 -13.88 -58.40 3.83
N LEU F 602 -14.32 -57.61 2.85
CA LEU F 602 -13.39 -57.06 1.87
C LEU F 602 -12.43 -56.07 2.54
N MET F 603 -12.93 -55.29 3.50
CA MET F 603 -12.11 -54.30 4.18
C MET F 603 -11.26 -54.89 5.30
N ALA F 604 -11.63 -56.06 5.82
CA ALA F 604 -10.95 -56.65 6.97
C ALA F 604 -9.44 -56.74 6.85
N PRO F 605 -8.85 -57.26 5.76
CA PRO F 605 -7.39 -57.48 5.76
C PRO F 605 -6.55 -56.22 5.83
N LEU F 606 -7.13 -55.05 5.58
CA LEU F 606 -6.35 -53.82 5.51
C LEU F 606 -6.06 -53.19 6.87
N ILE F 607 -6.72 -53.66 7.93
CA ILE F 607 -6.50 -53.07 9.26
C ILE F 607 -5.14 -53.51 9.81
N ARG F 608 -4.64 -52.73 10.77
CA ARG F 608 -3.43 -53.09 11.48
C ARG F 608 -3.68 -54.34 12.31
N PRO F 609 -2.87 -55.39 12.17
CA PRO F 609 -3.15 -56.65 12.89
C PRO F 609 -2.91 -56.57 14.38
N ASN F 610 -2.00 -55.69 14.84
CA ASN F 610 -1.62 -55.67 16.25
C ASN F 610 -2.83 -55.44 17.15
N ARG F 611 -3.55 -54.35 16.92
CA ARG F 611 -4.69 -53.94 17.74
C ARG F 611 -6.03 -54.41 17.18
N LYS F 612 -6.03 -55.27 16.16
CA LYS F 612 -7.24 -55.58 15.40
C LYS F 612 -8.43 -55.85 16.32
N GLY F 613 -8.26 -56.73 17.31
CA GLY F 613 -9.32 -56.98 18.25
C GLY F 613 -9.59 -55.79 19.16
N VAL F 614 -8.53 -55.11 19.60
CA VAL F 614 -8.67 -53.93 20.45
C VAL F 614 -9.49 -52.86 19.74
N TYR F 615 -9.25 -52.70 18.43
CA TYR F 615 -10.09 -51.79 17.63
C TYR F 615 -11.52 -52.31 17.54
N SER F 616 -11.68 -53.59 17.23
CA SER F 616 -13.00 -54.15 17.01
C SER F 616 -13.90 -54.02 18.24
N ARG F 617 -13.32 -54.07 19.44
CA ARG F 617 -14.14 -53.97 20.65
C ARG F 617 -14.81 -52.60 20.74
N VAL F 618 -14.02 -51.53 20.65
CA VAL F 618 -14.57 -50.18 20.73
C VAL F 618 -15.50 -49.90 19.56
N ALA F 619 -15.17 -50.44 18.38
CA ALA F 619 -16.01 -50.22 17.20
C ALA F 619 -17.39 -50.85 17.40
N ARG F 620 -17.41 -52.15 17.73
CA ARG F 620 -18.67 -52.84 18.03
C ARG F 620 -19.44 -52.13 19.14
N LYS F 621 -18.71 -51.60 20.13
CA LYS F 621 -19.34 -50.84 21.20
C LYS F 621 -20.09 -49.63 20.65
N LEU F 622 -19.40 -48.80 19.84
CA LEU F 622 -20.03 -47.61 19.29
C LEU F 622 -21.24 -47.95 18.42
N VAL F 623 -21.10 -48.97 17.56
CA VAL F 623 -22.22 -49.34 16.70
C VAL F 623 -23.41 -49.80 17.53
N SER F 624 -23.14 -50.57 18.59
CA SER F 624 -24.23 -51.10 19.42
C SER F 624 -24.93 -49.99 20.21
N THR F 625 -24.16 -49.06 20.77
CA THR F 625 -24.77 -48.00 21.58
C THR F 625 -25.59 -47.02 20.75
N GLN F 626 -25.39 -46.97 19.44
CA GLN F 626 -26.19 -46.12 18.56
C GLN F 626 -27.42 -46.83 18.02
N VAL F 627 -27.64 -48.10 18.37
CA VAL F 627 -28.79 -48.82 17.86
C VAL F 627 -30.09 -48.20 18.38
N THR F 628 -30.06 -47.59 19.56
CA THR F 628 -31.22 -46.84 20.04
C THR F 628 -31.47 -45.64 19.12
N THR F 629 -32.72 -45.49 18.69
CA THR F 629 -33.05 -44.50 17.67
C THR F 629 -32.93 -43.08 18.21
N GLY F 630 -32.61 -42.15 17.31
CA GLY F 630 -32.45 -40.76 17.65
C GLY F 630 -31.10 -40.40 18.22
N HIS F 631 -30.33 -41.37 18.71
CA HIS F 631 -28.99 -41.12 19.22
C HIS F 631 -27.89 -41.47 18.23
N TYR F 632 -28.21 -41.99 17.05
CA TYR F 632 -27.22 -42.54 16.14
C TYR F 632 -26.82 -41.53 15.07
N SER F 633 -25.51 -41.38 14.86
CA SER F 633 -24.97 -40.60 13.77
C SER F 633 -24.71 -41.53 12.58
N LEU F 634 -25.35 -41.24 11.45
CA LEU F 634 -25.32 -42.17 10.33
C LEU F 634 -24.01 -42.14 9.55
N HIS F 635 -23.22 -41.08 9.67
CA HIS F 635 -21.88 -41.08 9.09
C HIS F 635 -20.90 -41.86 9.97
N GLU F 636 -21.00 -41.68 11.29
CA GLU F 636 -20.14 -42.40 12.21
C GLU F 636 -20.29 -43.91 12.08
N LEU F 637 -21.47 -44.37 11.66
CA LEU F 637 -21.66 -45.81 11.47
C LEU F 637 -20.81 -46.32 10.31
N ILE F 638 -20.76 -45.57 9.22
CA ILE F 638 -19.89 -45.95 8.09
C ILE F 638 -18.44 -45.85 8.50
N LYS F 639 -18.07 -44.79 9.23
CA LYS F 639 -16.68 -44.63 9.63
C LYS F 639 -16.21 -45.77 10.53
N VAL F 640 -17.04 -46.13 11.52
CA VAL F 640 -16.64 -47.09 12.54
C VAL F 640 -16.79 -48.54 12.06
N LEU F 641 -17.77 -48.81 11.18
CA LEU F 641 -18.17 -50.19 10.87
C LEU F 641 -17.04 -51.13 10.45
N PRO F 642 -16.18 -50.80 9.49
CA PRO F 642 -15.28 -51.84 8.93
C PRO F 642 -14.41 -52.55 9.95
N PHE F 643 -14.14 -51.96 11.11
CA PHE F 643 -13.25 -52.57 12.09
C PHE F 643 -13.96 -53.56 13.00
N THR F 644 -15.28 -53.65 12.94
CA THR F 644 -16.05 -54.51 13.85
C THR F 644 -15.96 -55.99 13.50
N TYR F 645 -15.48 -56.34 12.30
CA TYR F 645 -15.61 -57.71 11.82
C TYR F 645 -14.85 -58.70 12.70
N PHE F 646 -13.68 -58.31 13.20
CA PHE F 646 -12.85 -59.25 13.93
C PHE F 646 -13.36 -59.47 15.34
N ALA F 647 -13.05 -60.64 15.89
CA ALA F 647 -13.52 -61.05 17.19
C ALA F 647 -13.08 -60.05 18.25
N PRO F 648 -14.01 -59.40 18.95
CA PRO F 648 -13.61 -58.39 19.95
C PRO F 648 -12.82 -59.03 21.08
N LYS F 649 -11.67 -58.43 21.37
CA LYS F 649 -10.85 -58.78 22.51
C LYS F 649 -10.86 -57.60 23.47
N GLN F 650 -10.59 -57.87 24.75
CA GLN F 650 -10.64 -56.78 25.72
C GLN F 650 -9.26 -56.16 25.71
N GLY F 651 -9.15 -55.01 25.05
CA GLY F 651 -7.88 -54.35 24.87
C GLY F 651 -7.44 -53.53 26.07
N MET F 652 -8.37 -52.73 26.59
CA MET F 652 -8.11 -51.76 27.65
C MET F 652 -7.16 -50.67 27.18
N PHE F 653 -6.61 -50.82 25.98
CA PHE F 653 -5.80 -49.80 25.33
C PHE F 653 -6.67 -49.00 24.38
N GLU F 654 -6.43 -47.69 24.33
CA GLU F 654 -7.30 -46.80 23.58
C GLU F 654 -7.23 -47.10 22.08
N GLY F 655 -8.39 -47.17 21.44
CA GLY F 655 -8.47 -47.48 20.03
C GLY F 655 -8.78 -46.29 19.13
N ARG F 656 -8.48 -45.08 19.61
CA ARG F 656 -8.88 -43.87 18.88
C ARG F 656 -8.34 -43.87 17.45
N LEU F 657 -7.04 -44.06 17.29
CA LEU F 657 -6.43 -44.07 15.96
C LEU F 657 -6.44 -45.49 15.41
N PHE F 658 -7.16 -45.70 14.31
CA PHE F 658 -7.30 -47.01 13.68
C PHE F 658 -6.34 -47.06 12.50
N PHE F 659 -5.26 -47.83 12.62
CA PHE F 659 -4.32 -47.93 11.53
C PHE F 659 -4.89 -48.90 10.49
N SER F 660 -5.15 -48.39 9.28
CA SER F 660 -5.46 -49.21 8.13
C SER F 660 -4.31 -49.01 7.16
N ASN F 661 -3.43 -50.00 7.06
CA ASN F 661 -2.17 -49.89 6.34
C ASN F 661 -1.46 -48.58 6.69
N ASP F 662 -1.31 -48.34 8.00
CA ASP F 662 -0.53 -47.22 8.55
C ASP F 662 -1.18 -45.87 8.28
N SER F 663 -2.51 -45.81 8.33
CA SER F 663 -3.23 -44.52 8.30
C SER F 663 -4.43 -44.61 9.24
N PHE F 664 -4.60 -43.59 10.08
CA PHE F 664 -5.58 -43.62 11.16
C PHE F 664 -6.88 -42.96 10.76
N VAL F 665 -8.00 -43.51 11.24
CA VAL F 665 -9.33 -42.94 11.05
C VAL F 665 -9.97 -42.82 12.43
N GLU F 666 -10.14 -41.56 12.93
CA GLU F 666 -10.67 -41.30 14.26
C GLU F 666 -12.18 -41.09 14.23
N PRO F 667 -12.88 -41.44 15.32
CA PRO F 667 -14.31 -41.08 15.42
C PRO F 667 -14.49 -39.57 15.51
N GLY F 668 -15.41 -39.04 14.72
CA GLY F 668 -15.42 -37.61 14.49
C GLY F 668 -14.13 -37.23 13.79
N VAL F 669 -13.57 -36.07 14.17
CA VAL F 669 -12.19 -35.72 13.87
C VAL F 669 -11.89 -35.93 12.39
N ASN F 670 -12.64 -35.24 11.52
CA ASN F 670 -12.43 -35.38 10.08
C ASN F 670 -10.97 -35.16 9.72
N ASN F 671 -10.44 -36.05 8.89
CA ASN F 671 -9.01 -36.14 8.62
C ASN F 671 -8.81 -36.39 7.13
N ASN F 672 -7.57 -36.69 6.75
CA ASN F 672 -7.23 -36.92 5.35
C ASN F 672 -8.02 -38.09 4.78
N VAL F 673 -8.04 -39.22 5.50
CA VAL F 673 -8.70 -40.40 4.98
C VAL F 673 -10.22 -40.24 5.02
N PHE F 674 -10.76 -39.88 6.18
CA PHE F 674 -12.21 -39.75 6.37
C PHE F 674 -12.54 -38.31 6.74
N SER F 675 -13.28 -37.64 5.86
CA SER F 675 -13.79 -36.30 6.13
C SER F 675 -15.26 -36.41 6.49
N TRP F 676 -15.60 -36.00 7.70
CA TRP F 676 -16.97 -36.03 8.19
C TRP F 676 -17.55 -34.62 8.09
N SER F 677 -18.47 -34.43 7.14
CA SER F 677 -19.00 -33.11 6.85
C SER F 677 -20.22 -32.81 7.72
N LYS F 678 -20.29 -31.58 8.21
CA LYS F 678 -21.36 -31.15 9.08
C LYS F 678 -22.51 -30.57 8.27
N ALA F 679 -23.74 -30.92 8.66
CA ALA F 679 -24.97 -30.31 8.18
C ALA F 679 -25.18 -30.48 6.67
N ASP F 680 -24.56 -31.47 6.05
CA ASP F 680 -24.94 -31.88 4.71
C ASP F 680 -24.42 -33.29 4.48
N SER F 681 -25.02 -33.98 3.51
CA SER F 681 -24.69 -35.37 3.22
C SER F 681 -23.64 -35.41 2.12
N SER F 682 -22.43 -35.81 2.50
CA SER F 682 -21.31 -36.03 1.59
C SER F 682 -20.20 -36.66 2.42
N LYS F 683 -19.07 -36.91 1.77
CA LYS F 683 -17.82 -37.17 2.47
C LYS F 683 -16.69 -37.20 1.47
N ILE F 684 -15.49 -36.92 1.96
CA ILE F 684 -14.31 -36.74 1.14
C ILE F 684 -13.25 -37.72 1.60
N TYR F 685 -12.75 -38.52 0.68
CA TYR F 685 -11.61 -39.39 0.91
C TYR F 685 -10.46 -38.84 0.08
N CYS F 686 -9.49 -38.23 0.75
CA CYS F 686 -8.43 -37.51 0.05
C CYS F 686 -9.04 -36.62 -1.04
N HIS F 687 -8.64 -36.85 -2.30
CA HIS F 687 -8.97 -35.97 -3.41
C HIS F 687 -10.30 -36.30 -4.08
N GLY F 688 -11.13 -37.16 -3.48
CA GLY F 688 -12.37 -37.56 -4.10
C GLY F 688 -13.49 -37.67 -3.07
N ILE F 689 -14.71 -37.73 -3.58
CA ILE F 689 -15.91 -37.51 -2.77
C ILE F 689 -16.98 -38.54 -3.16
N ALA F 690 -17.75 -38.99 -2.17
CA ALA F 690 -18.88 -39.88 -2.43
C ALA F 690 -19.97 -39.64 -1.39
N ILE F 691 -21.20 -40.00 -1.75
CA ILE F 691 -22.35 -39.89 -0.85
C ILE F 691 -23.43 -40.83 -1.36
N ARG F 692 -24.36 -41.19 -0.47
CA ARG F 692 -25.51 -42.03 -0.82
C ARG F 692 -26.77 -41.33 -0.34
N VAL F 693 -27.61 -40.89 -1.29
CA VAL F 693 -28.79 -40.08 -1.03
C VAL F 693 -29.94 -40.80 -0.33
N PRO F 694 -30.37 -42.00 -0.78
CA PRO F 694 -31.78 -42.37 -0.56
C PRO F 694 -32.20 -42.49 0.89
N LEU F 695 -31.46 -43.19 1.73
CA LEU F 695 -31.87 -43.36 3.12
C LEU F 695 -30.82 -42.75 4.04
N VAL F 696 -31.09 -41.56 4.56
CA VAL F 696 -30.31 -40.97 5.64
C VAL F 696 -31.28 -40.36 6.63
N VAL F 697 -31.37 -40.93 7.82
CA VAL F 697 -32.17 -40.38 8.91
C VAL F 697 -31.29 -39.65 9.94
N GLY F 698 -29.99 -39.51 9.66
CA GLY F 698 -29.06 -38.92 10.60
C GLY F 698 -29.57 -37.61 11.18
N ASP F 699 -29.41 -37.45 12.51
CA ASP F 699 -30.23 -36.51 13.27
C ASP F 699 -30.13 -35.08 12.76
N GLU F 700 -28.99 -34.70 12.18
CA GLU F 700 -28.80 -33.33 11.72
C GLU F 700 -29.53 -33.02 10.42
N HIS F 701 -30.14 -34.02 9.79
CA HIS F 701 -30.80 -33.88 8.50
C HIS F 701 -32.29 -33.58 8.61
N MET F 702 -32.76 -33.24 9.82
CA MET F 702 -34.19 -33.00 10.09
C MET F 702 -34.90 -32.14 9.05
N ASP F 703 -34.23 -31.11 8.53
CA ASP F 703 -34.91 -30.16 7.65
C ASP F 703 -35.34 -30.82 6.36
N THR F 704 -34.46 -31.56 5.70
CA THR F 704 -34.92 -32.50 4.68
C THR F 704 -34.67 -33.90 5.25
N SER F 705 -35.68 -34.44 5.91
CA SER F 705 -35.87 -35.87 6.01
C SER F 705 -36.95 -36.34 5.04
N LEU F 706 -37.75 -35.42 4.51
CA LEU F 706 -38.75 -35.73 3.51
C LEU F 706 -38.14 -35.77 2.11
N ALA F 707 -37.19 -34.89 1.83
CA ALA F 707 -36.53 -34.86 0.54
C ALA F 707 -35.47 -35.95 0.42
N LEU F 708 -34.66 -36.12 1.45
CA LEU F 708 -33.54 -37.06 1.36
C LEU F 708 -34.00 -38.52 1.35
N LEU F 709 -35.14 -38.82 1.98
CA LEU F 709 -35.55 -40.21 2.16
C LEU F 709 -35.89 -40.93 0.87
N GLU F 710 -35.87 -40.26 -0.29
CA GLU F 710 -36.43 -40.84 -1.50
C GLU F 710 -35.33 -41.59 -2.27
N GLY F 711 -35.44 -42.91 -2.26
CA GLY F 711 -34.91 -43.77 -3.30
C GLY F 711 -36.01 -44.42 -4.10
N PHE F 712 -37.25 -43.95 -3.97
CA PHE F 712 -38.42 -44.64 -4.49
C PHE F 712 -38.52 -44.47 -6.01
N SER F 713 -39.57 -45.06 -6.57
CA SER F 713 -39.92 -44.86 -7.97
C SER F 713 -41.39 -45.24 -8.14
N VAL F 714 -41.91 -45.01 -9.34
CA VAL F 714 -43.32 -45.23 -9.63
C VAL F 714 -43.49 -46.63 -10.22
N CYS F 715 -44.56 -47.33 -9.83
CA CYS F 715 -44.79 -48.65 -10.39
C CYS F 715 -46.15 -48.76 -11.06
N GLU F 716 -47.21 -48.91 -10.26
CA GLU F 716 -48.57 -49.11 -10.75
C GLU F 716 -49.54 -48.60 -9.71
N ASN F 717 -50.76 -48.30 -10.15
CA ASN F 717 -51.79 -47.74 -9.28
C ASN F 717 -52.73 -48.79 -8.72
N ASP F 718 -52.50 -50.08 -8.99
CA ASP F 718 -53.52 -51.09 -8.73
C ASP F 718 -53.92 -51.23 -7.27
N PRO F 719 -53.00 -51.40 -6.30
CA PRO F 719 -53.47 -51.68 -4.94
C PRO F 719 -54.11 -50.44 -4.36
N ARG F 720 -55.00 -50.67 -3.39
CA ARG F 720 -55.51 -49.54 -2.61
C ARG F 720 -54.54 -49.42 -1.44
N ALA F 721 -53.68 -48.42 -1.52
CA ALA F 721 -52.65 -48.18 -0.53
C ALA F 721 -53.03 -46.95 0.26
N PRO F 722 -53.04 -47.03 1.59
CA PRO F 722 -53.52 -45.90 2.39
C PRO F 722 -52.82 -44.61 1.96
N MET F 723 -53.58 -43.54 1.87
CA MET F 723 -53.00 -42.30 1.39
C MET F 723 -52.15 -41.73 2.52
N VAL F 724 -50.85 -41.68 2.30
CA VAL F 724 -49.89 -41.35 3.33
C VAL F 724 -49.33 -39.97 3.03
N THR F 725 -49.27 -39.13 4.04
CA THR F 725 -48.61 -37.85 3.90
C THR F 725 -47.11 -38.06 3.79
N ARG F 726 -46.42 -37.06 3.25
CA ARG F 726 -45.00 -37.20 2.96
C ARG F 726 -44.20 -37.53 4.22
N GLN F 727 -44.64 -37.02 5.38
CA GLN F 727 -43.97 -37.37 6.63
C GLN F 727 -44.29 -38.80 7.08
N ASP F 728 -45.40 -39.38 6.59
CA ASP F 728 -45.72 -40.77 6.86
C ASP F 728 -45.02 -41.73 5.92
N LEU F 729 -44.25 -41.22 4.95
CA LEU F 729 -43.56 -42.07 3.99
C LEU F 729 -42.31 -42.71 4.58
N ILE F 730 -41.72 -42.10 5.61
CA ILE F 730 -40.52 -42.66 6.22
C ILE F 730 -40.82 -44.00 6.90
N ASP F 731 -42.07 -44.22 7.31
CA ASP F 731 -42.41 -45.41 8.10
C ASP F 731 -42.59 -46.65 7.23
N VAL F 732 -43.16 -46.50 6.03
CA VAL F 732 -43.45 -47.67 5.21
C VAL F 732 -42.16 -48.29 4.72
N GLY F 733 -41.99 -49.58 4.98
CA GLY F 733 -40.74 -50.27 4.74
C GLY F 733 -40.54 -50.63 3.28
N PHE F 734 -39.57 -51.52 3.05
CA PHE F 734 -39.14 -51.85 1.70
C PHE F 734 -40.13 -52.80 1.02
N GLY F 735 -40.20 -52.69 -0.30
CA GLY F 735 -41.13 -53.49 -1.06
C GLY F 735 -42.59 -53.15 -0.83
N GLN F 736 -42.86 -51.99 -0.24
CA GLN F 736 -44.23 -51.59 0.13
C GLN F 736 -44.73 -50.57 -0.89
N LYS F 737 -45.72 -50.97 -1.68
CA LYS F 737 -46.37 -50.06 -2.62
C LYS F 737 -47.33 -49.15 -1.85
N VAL F 738 -47.13 -47.84 -1.96
CA VAL F 738 -47.95 -46.88 -1.24
C VAL F 738 -48.40 -45.79 -2.19
N ARG F 739 -49.52 -45.16 -1.85
CA ARG F 739 -50.16 -44.14 -2.67
C ARG F 739 -49.89 -42.75 -2.09
N LEU F 740 -49.54 -41.81 -2.96
CA LEU F 740 -49.11 -40.49 -2.53
C LEU F 740 -49.60 -39.41 -3.49
N PHE F 741 -49.95 -38.28 -2.91
CA PHE F 741 -50.32 -37.07 -3.64
C PHE F 741 -49.06 -36.36 -4.15
N VAL F 742 -49.03 -36.03 -5.43
CA VAL F 742 -47.85 -35.46 -6.07
C VAL F 742 -48.19 -34.09 -6.62
N GLY F 743 -47.40 -33.11 -6.18
CA GLY F 743 -47.31 -31.82 -6.86
C GLY F 743 -48.60 -31.04 -6.79
N GLN F 744 -49.08 -30.66 -7.96
CA GLN F 744 -50.21 -29.76 -8.14
C GLN F 744 -51.54 -30.51 -8.16
N GLY F 745 -51.56 -31.74 -7.67
CA GLY F 745 -52.77 -32.54 -7.67
C GLY F 745 -52.73 -33.86 -8.40
N SER F 746 -51.66 -34.26 -9.09
CA SER F 746 -51.66 -35.58 -9.71
C SER F 746 -51.13 -36.60 -8.71
N VAL F 747 -51.86 -37.71 -8.54
CA VAL F 747 -51.60 -38.67 -7.48
C VAL F 747 -51.09 -39.97 -8.10
N ARG F 748 -50.00 -40.50 -7.54
CA ARG F 748 -49.38 -41.70 -8.08
C ARG F 748 -48.98 -42.63 -6.94
N THR F 749 -48.35 -43.75 -7.28
CA THR F 749 -48.00 -44.79 -6.32
C THR F 749 -46.58 -45.25 -6.53
N PHE F 750 -45.95 -45.72 -5.44
CA PHE F 750 -44.53 -46.04 -5.44
C PHE F 750 -44.30 -47.31 -4.65
N LYS F 751 -43.02 -47.71 -4.58
CA LYS F 751 -42.53 -48.66 -3.59
C LYS F 751 -41.10 -48.27 -3.27
N ARG F 752 -40.50 -48.97 -2.30
CA ARG F 752 -39.07 -48.76 -2.02
C ARG F 752 -38.26 -49.44 -3.11
N THR F 753 -37.44 -48.66 -3.80
CA THR F 753 -36.95 -49.02 -5.12
C THR F 753 -35.43 -48.96 -5.17
N ALA F 754 -34.86 -49.75 -6.07
CA ALA F 754 -33.52 -49.46 -6.57
C ALA F 754 -33.60 -48.23 -7.46
N SER F 755 -32.74 -47.25 -7.19
CA SER F 755 -32.89 -45.94 -7.79
C SER F 755 -32.74 -46.00 -9.31
N GLN F 756 -33.26 -44.97 -9.97
CA GLN F 756 -33.08 -44.81 -11.40
C GLN F 756 -31.60 -44.85 -11.76
N ARG F 757 -31.26 -45.68 -12.75
CA ARG F 757 -29.87 -45.91 -13.11
C ARG F 757 -29.70 -45.78 -14.61
N ALA F 758 -28.49 -45.34 -15.01
CA ALA F 758 -28.10 -45.26 -16.41
C ALA F 758 -29.08 -44.40 -17.22
N ALA F 759 -29.29 -43.17 -16.76
CA ALA F 759 -30.12 -42.23 -17.52
C ALA F 759 -29.54 -41.99 -18.91
N SER F 760 -28.22 -41.81 -19.00
CA SER F 760 -27.54 -41.53 -20.25
C SER F 760 -27.00 -42.80 -20.90
N SER F 761 -26.09 -43.50 -20.20
CA SER F 761 -25.35 -44.61 -20.77
C SER F 761 -26.25 -45.68 -21.39
N ASP F 762 -27.44 -45.89 -20.81
CA ASP F 762 -28.35 -46.90 -21.35
C ASP F 762 -28.64 -46.65 -22.82
N VAL F 763 -28.89 -45.40 -23.19
CA VAL F 763 -29.09 -45.08 -24.59
C VAL F 763 -27.76 -45.03 -25.34
N ASN F 764 -26.74 -44.43 -24.72
CA ASN F 764 -25.48 -44.19 -25.41
C ASN F 764 -24.86 -45.48 -25.92
N LYS F 765 -24.91 -46.54 -25.13
CA LYS F 765 -24.27 -47.79 -25.54
C LYS F 765 -24.99 -48.44 -26.71
N ASN F 766 -26.33 -48.41 -26.70
CA ASN F 766 -27.08 -48.97 -27.82
C ASN F 766 -26.89 -48.14 -29.08
N VAL F 767 -26.85 -46.81 -28.94
CA VAL F 767 -26.58 -45.94 -30.08
C VAL F 767 -25.22 -46.23 -30.65
N LYS F 768 -24.24 -46.52 -29.79
CA LYS F 768 -22.92 -46.93 -30.29
C LYS F 768 -22.98 -48.28 -30.98
N LYS F 769 -23.82 -49.19 -30.48
CA LYS F 769 -23.91 -50.53 -31.07
C LYS F 769 -24.51 -50.47 -32.48
N ILE F 770 -25.56 -49.67 -32.67
CA ILE F 770 -26.20 -49.61 -33.98
C ILE F 770 -25.34 -48.89 -35.00
N LYS F 771 -24.33 -48.13 -34.55
CA LYS F 771 -23.44 -47.37 -35.43
C LYS F 771 -24.21 -46.41 -36.35
N THR G 4 13.07 33.01 54.99
CA THR G 4 11.68 32.81 55.36
C THR G 4 11.18 31.51 54.73
N SEP G 5 12.12 30.63 54.38
CA SEP G 5 11.76 29.36 53.78
CB SEP G 5 12.57 29.10 52.50
OG SEP G 5 11.72 28.77 51.44
C SEP G 5 11.91 28.20 54.76
O SEP G 5 13.01 27.96 55.27
P SEP G 5 11.51 30.04 50.47
O1P SEP G 5 10.02 30.00 49.85
O2P SEP G 5 12.57 29.94 49.25
O3P SEP G 5 11.73 31.41 51.27
N PRO G 6 10.81 27.48 55.02
CA PRO G 6 10.75 26.44 56.05
C PRO G 6 11.62 25.23 55.77
N SER G 7 11.75 24.38 56.77
CA SER G 7 12.62 23.20 56.75
C SER G 7 11.82 21.97 57.15
N TYR G 8 12.41 20.81 56.92
CA TYR G 8 11.82 19.54 57.33
C TYR G 8 12.89 18.68 57.99
N SER G 9 12.64 18.28 59.24
CA SER G 9 13.51 17.35 59.92
C SER G 9 12.86 15.98 59.94
N PRO G 10 13.42 14.99 59.27
CA PRO G 10 12.78 13.66 59.18
C PRO G 10 12.83 12.87 60.47
N THR G 11 11.84 13.01 61.34
CA THR G 11 11.82 12.17 62.54
C THR G 11 11.98 10.71 62.11
N SEP G 12 13.07 10.11 62.58
CA SEP G 12 13.34 8.68 62.41
CB SEP G 12 12.40 7.86 63.28
OG SEP G 12 11.75 8.64 64.29
C SEP G 12 13.41 8.23 60.93
O SEP G 12 13.89 9.00 60.08
P SEP G 12 12.66 9.24 65.49
O1P SEP G 12 11.95 10.63 65.84
O2P SEP G 12 12.62 8.27 66.77
O3P SEP G 12 14.18 9.52 65.09
N PRO G 13 12.99 6.98 60.59
CA PRO G 13 12.78 6.72 59.16
C PRO G 13 11.34 6.27 58.91
N SER G 14 11.05 5.64 57.76
CA SER G 14 9.71 5.09 57.54
C SER G 14 9.61 3.57 57.59
N TYR G 15 10.72 2.83 57.66
CA TYR G 15 10.66 1.36 57.72
C TYR G 15 11.99 0.77 58.18
N ALA H 1 -6.78 -24.23 28.82
CA ALA H 1 -7.06 -25.63 29.10
C ALA H 1 -5.79 -26.47 29.07
N ALA H 2 -4.65 -25.77 29.05
CA ALA H 2 -3.32 -26.39 29.02
C ALA H 2 -3.11 -27.33 27.83
N ALA H 3 -3.67 -26.97 26.68
CA ALA H 3 -3.47 -27.75 25.43
C ALA H 3 -3.13 -27.20 24.08
N ALA H 4 -1.83 -27.09 23.74
CA ALA H 4 -1.29 -26.13 22.77
C ALA H 4 -1.01 -26.55 21.35
N ALA H 5 -0.24 -27.61 21.15
CA ALA H 5 0.15 -27.99 19.79
C ALA H 5 -0.93 -28.42 18.78
N ALA H 6 -1.84 -29.28 19.22
CA ALA H 6 -2.93 -29.76 18.37
C ALA H 6 -2.66 -30.57 17.11
N ALA H 7 -3.23 -30.09 16.00
CA ALA H 7 -3.16 -30.69 14.66
C ALA H 7 -1.88 -31.37 14.15
N ALA H 8 -2.02 -32.63 13.77
CA ALA H 8 -0.90 -33.40 13.23
C ALA H 8 -1.22 -33.82 11.80
N ALA H 9 -0.27 -33.58 10.90
CA ALA H 9 -0.47 -33.93 9.50
C ALA H 9 -0.65 -35.43 9.32
N ALA H 10 0.15 -36.20 10.06
CA ALA H 10 0.09 -37.67 10.01
C ALA H 10 0.15 -38.20 8.59
MG MG I . 71.49 35.37 10.20
MG MG J . 71.59 37.51 12.68
MG MG K . -44.09 -49.11 -31.50
MG MG L . -42.65 -49.43 -34.45
#